data_4D8U
#
_entry.id   4D8U
#
_cell.length_a   181.463
_cell.length_b   158.140
_cell.length_c   181.925
_cell.angle_alpha   90.00
_cell.angle_beta   94.10
_cell.angle_gamma   90.00
#
_symmetry.space_group_name_H-M   'C 1 2 1'
#
loop_
_entity.id
_entity.type
_entity.pdbx_description
1 polymer 'D-cysteine desulfhydrase'
2 non-polymer 'PHOSPHATE ION'
3 water water
#
_entity_poly.entity_id   1
_entity_poly.type   'polypeptide(L)'
_entity_poly.pdbx_seq_one_letter_code
;MRGSHHHHHHGMASMPLHHLTRFPRLEFIGAPTPLEYLPRLSDYLGREIYIKRDDVTPIAMGGN(LLP)LRKLEFLVADA
LREGADTLITAGAIQSNHVRQTAAVAAKLGLHCVALLENPIGTTAENYLTNGNRLLLDLFNTQIEMCDALTDPDAQLQTL
ATRIEAQGFRPYVIPVGGSSALGAMGYVESALEIAQQCEEVVGLSSVVVASGSAGTHAGLAVGLEHLMPDVELIGVTVSR
SVAEQKPKVIALQQAIAGQLALTATADIHLWDDYFAPGYGVPNDAGMEAVKLLASLEGVLLDPVYTGKAMAGLIDGISQK
RFNDDGPILFIHTGGAPALFAYHPHV
;
_entity_poly.pdbx_strand_id   A,B,C,D,E,F,G,H
#
loop_
_chem_comp.id
_chem_comp.type
_chem_comp.name
_chem_comp.formula
PO4 non-polymer 'PHOSPHATE ION' 'O4 P -3'
#
# COMPACT_ATOMS: atom_id res chain seq x y z
N ALA A 13 -32.52 4.50 -11.08
CA ALA A 13 -32.82 4.67 -9.60
C ALA A 13 -32.80 3.37 -8.68
N SER A 14 -32.01 2.36 -9.12
CA SER A 14 -31.39 1.36 -8.21
C SER A 14 -30.02 1.96 -7.81
N MET A 15 -30.09 3.15 -7.22
CA MET A 15 -29.03 4.19 -7.26
C MET A 15 -28.25 4.33 -5.99
N PRO A 16 -28.94 4.19 -4.85
CA PRO A 16 -28.21 4.54 -3.67
C PRO A 16 -27.13 3.46 -3.57
N LEU A 17 -27.25 2.42 -4.36
CA LEU A 17 -26.17 1.47 -4.39
C LEU A 17 -25.00 2.02 -5.18
N HIS A 18 -25.28 2.55 -6.36
CA HIS A 18 -24.28 3.15 -7.23
C HIS A 18 -22.85 3.20 -6.79
N HIS A 19 -22.63 3.77 -5.62
CA HIS A 19 -21.31 3.86 -5.03
C HIS A 19 -20.74 2.59 -4.60
N LEU A 20 -21.38 1.58 -5.10
CA LEU A 20 -21.35 0.33 -4.59
C LEU A 20 -20.60 -0.60 -5.67
N THR A 21 -20.00 0.19 -6.55
CA THR A 21 -19.38 -0.38 -7.73
C THR A 21 -17.94 0.05 -7.90
N ARG A 22 -17.20 0.12 -6.79
CA ARG A 22 -15.87 0.45 -6.92
C ARG A 22 -15.21 -0.84 -6.59
N PHE A 23 -15.96 -1.93 -6.37
CA PHE A 23 -15.33 -3.22 -5.99
C PHE A 23 -15.31 -4.22 -7.15
N PRO A 24 -14.12 -4.55 -7.66
CA PRO A 24 -14.04 -5.49 -8.78
C PRO A 24 -14.64 -6.82 -8.36
N ARG A 25 -15.50 -7.39 -9.20
CA ARG A 25 -16.18 -8.65 -8.94
C ARG A 25 -15.87 -9.56 -10.09
N LEU A 26 -15.63 -10.84 -9.82
CA LEU A 26 -15.46 -11.81 -10.89
C LEU A 26 -16.79 -12.35 -11.38
N GLU A 27 -16.83 -12.91 -12.59
CA GLU A 27 -18.08 -13.50 -13.05
C GLU A 27 -18.18 -15.02 -12.99
N PHE A 28 -18.81 -15.50 -11.93
CA PHE A 28 -18.94 -16.93 -11.68
C PHE A 28 -20.36 -17.37 -11.91
N ILE A 29 -21.31 -16.47 -11.69
CA ILE A 29 -22.73 -16.80 -11.68
C ILE A 29 -23.44 -16.66 -13.05
N GLY A 30 -23.02 -15.71 -13.87
CA GLY A 30 -23.62 -15.51 -15.18
C GLY A 30 -24.95 -14.75 -15.07
N ALA A 31 -26.04 -15.41 -15.47
CA ALA A 31 -27.40 -14.85 -15.42
C ALA A 31 -27.95 -14.84 -14.00
N PRO A 32 -28.88 -13.92 -13.67
CA PRO A 32 -29.43 -13.91 -12.32
C PRO A 32 -30.12 -15.23 -12.02
N THR A 33 -29.92 -15.78 -10.82
CA THR A 33 -30.55 -17.03 -10.43
C THR A 33 -32.07 -16.86 -10.40
N PRO A 34 -32.79 -17.95 -10.71
CA PRO A 34 -34.25 -17.88 -10.78
C PRO A 34 -34.94 -17.64 -9.45
N LEU A 35 -35.95 -16.78 -9.48
CA LEU A 35 -36.88 -16.67 -8.37
C LEU A 35 -38.16 -17.36 -8.83
N GLU A 36 -38.70 -18.25 -7.99
CA GLU A 36 -39.81 -19.14 -8.32
C GLU A 36 -40.89 -19.07 -7.25
N TYR A 37 -42.14 -19.22 -7.65
CA TYR A 37 -43.22 -19.44 -6.69
C TYR A 37 -43.32 -20.94 -6.35
N LEU A 38 -43.62 -21.25 -5.08
CA LEU A 38 -43.77 -22.63 -4.62
C LEU A 38 -45.21 -23.02 -4.36
N PRO A 39 -45.98 -23.26 -5.43
CA PRO A 39 -47.44 -23.35 -5.36
C PRO A 39 -47.94 -24.40 -4.38
N ARG A 40 -47.31 -25.59 -4.39
CA ARG A 40 -47.78 -26.73 -3.61
C ARG A 40 -47.50 -26.50 -2.15
N LEU A 41 -46.29 -26.05 -1.87
CA LEU A 41 -45.93 -25.72 -0.52
C LEU A 41 -46.80 -24.60 -0.05
N SER A 42 -46.96 -23.57 -0.88
CA SER A 42 -47.77 -22.41 -0.49
C SER A 42 -49.15 -22.85 -0.04
N ASP A 43 -49.83 -23.55 -0.95
CA ASP A 43 -51.15 -24.05 -0.73
C ASP A 43 -51.19 -24.93 0.52
N TYR A 44 -50.15 -25.74 0.72
CA TYR A 44 -50.07 -26.57 1.92
C TYR A 44 -49.93 -25.75 3.22
N LEU A 45 -49.09 -24.73 3.21
CA LEU A 45 -48.82 -23.96 4.42
C LEU A 45 -49.84 -22.85 4.62
N GLY A 46 -50.56 -22.50 3.56
CA GLY A 46 -51.59 -21.46 3.64
C GLY A 46 -51.03 -20.06 3.62
N ARG A 47 -50.04 -19.85 2.77
CA ARG A 47 -49.30 -18.58 2.65
C ARG A 47 -48.61 -18.55 1.30
N GLU A 48 -48.52 -17.36 0.71
CA GLU A 48 -47.74 -17.18 -0.51
C GLU A 48 -46.22 -17.37 -0.21
N ILE A 49 -45.61 -18.42 -0.76
CA ILE A 49 -44.17 -18.63 -0.52
C ILE A 49 -43.35 -18.72 -1.79
N TYR A 50 -42.32 -17.88 -1.85
CA TYR A 50 -41.45 -17.79 -3.01
C TYR A 50 -40.03 -18.22 -2.63
N ILE A 51 -39.26 -18.66 -3.61
CA ILE A 51 -37.93 -19.16 -3.34
C ILE A 51 -36.94 -18.51 -4.29
N LYS A 52 -35.83 -18.01 -3.73
CA LYS A 52 -34.67 -17.47 -4.47
C LYS A 52 -33.63 -18.57 -4.56
N ARG A 53 -33.35 -18.98 -5.79
CA ARG A 53 -32.65 -20.22 -6.00
C ARG A 53 -31.16 -19.99 -6.15
N ASP A 54 -30.52 -19.61 -5.07
CA ASP A 54 -29.10 -19.37 -5.17
C ASP A 54 -28.27 -20.63 -5.12
N ASP A 55 -28.94 -21.79 -5.09
CA ASP A 55 -28.28 -23.11 -5.16
C ASP A 55 -27.96 -23.51 -6.58
N VAL A 56 -28.71 -22.93 -7.53
CA VAL A 56 -28.52 -23.16 -8.96
C VAL A 56 -27.41 -22.26 -9.53
N THR A 57 -26.19 -22.78 -9.53
CA THR A 57 -25.00 -22.03 -9.89
C THR A 57 -24.08 -22.98 -10.66
N PRO A 58 -23.53 -22.50 -11.77
CA PRO A 58 -22.69 -23.33 -12.61
C PRO A 58 -21.53 -24.00 -11.88
N ILE A 59 -21.04 -23.41 -10.78
CA ILE A 59 -19.76 -23.88 -10.19
C ILE A 59 -19.99 -24.98 -9.16
N ALA A 60 -19.42 -26.16 -9.39
CA ALA A 60 -19.45 -27.28 -8.45
C ALA A 60 -20.65 -27.34 -7.50
N MET A 61 -21.85 -27.52 -8.06
CA MET A 61 -23.10 -27.68 -7.27
C MET A 61 -23.67 -26.42 -6.59
N GLY A 62 -22.88 -25.35 -6.59
CA GLY A 62 -23.37 -24.02 -6.26
C GLY A 62 -23.77 -23.75 -4.82
N GLY A 63 -24.01 -22.48 -4.53
CA GLY A 63 -24.40 -22.05 -3.21
C GLY A 63 -24.28 -20.55 -3.05
N ASN A 64 -24.72 -20.05 -1.90
CA ASN A 64 -24.58 -18.65 -1.56
C ASN A 64 -23.13 -18.21 -1.48
N1 LLP A 65 -26.48 -21.38 4.07
C2 LLP A 65 -25.81 -22.27 3.25
C2' LLP A 65 -26.58 -23.23 2.41
C3 LLP A 65 -24.44 -22.29 3.21
O3 LLP A 65 -23.86 -23.08 2.46
C4 LLP A 65 -23.71 -21.39 3.99
C4' LLP A 65 -22.19 -21.48 3.89
C5 LLP A 65 -24.39 -20.51 4.83
C6 LLP A 65 -25.77 -20.50 4.85
C5' LLP A 65 -23.69 -19.51 5.69
OP4 LLP A 65 -24.29 -18.22 5.53
P LLP A 65 -23.73 -16.87 6.12
OP1 LLP A 65 -22.93 -17.38 7.22
OP2 LLP A 65 -22.96 -16.31 5.00
OP3 LLP A 65 -24.95 -16.09 6.43
N LLP A 65 -22.28 -19.13 -1.05
CA LLP A 65 -20.89 -18.80 -0.82
CB LLP A 65 -20.11 -20.00 -0.28
CG LLP A 65 -20.45 -20.38 1.15
CD LLP A 65 -20.52 -19.18 2.09
CE LLP A 65 -21.69 -19.31 3.06
NZ LLP A 65 -21.45 -20.37 4.06
C LLP A 65 -20.20 -18.28 -2.02
O LLP A 65 -19.15 -17.66 -1.91
N LEU A 66 -20.77 -18.54 -3.19
CA LEU A 66 -20.10 -18.19 -4.43
C LEU A 66 -20.24 -16.73 -4.74
N ARG A 67 -21.41 -16.14 -4.49
CA ARG A 67 -21.64 -14.74 -4.72
C ARG A 67 -20.63 -13.94 -3.96
N LYS A 68 -20.24 -14.46 -2.79
CA LYS A 68 -19.18 -13.88 -1.96
C LYS A 68 -17.85 -14.01 -2.66
N LEU A 69 -17.46 -15.23 -2.98
CA LEU A 69 -16.20 -15.45 -3.67
C LEU A 69 -16.02 -14.59 -4.91
N GLU A 70 -17.12 -14.22 -5.55
CA GLU A 70 -17.04 -13.35 -6.71
C GLU A 70 -16.26 -12.08 -6.45
N PHE A 71 -16.40 -11.51 -5.26
CA PHE A 71 -15.66 -10.31 -4.84
C PHE A 71 -14.32 -10.66 -4.22
N LEU A 72 -14.34 -11.70 -3.40
CA LEU A 72 -13.19 -12.13 -2.64
C LEU A 72 -12.09 -12.58 -3.55
N VAL A 73 -12.38 -13.52 -4.45
CA VAL A 73 -11.34 -14.00 -5.36
C VAL A 73 -10.89 -12.93 -6.35
N ALA A 74 -11.79 -12.02 -6.68
CA ALA A 74 -11.43 -10.92 -7.57
C ALA A 74 -10.35 -10.11 -6.94
N ASP A 75 -10.51 -9.87 -5.65
CA ASP A 75 -9.55 -9.15 -4.84
C ASP A 75 -8.27 -9.97 -4.71
N ALA A 76 -8.40 -11.23 -4.32
CA ALA A 76 -7.26 -12.13 -4.23
C ALA A 76 -6.34 -12.07 -5.45
N LEU A 77 -6.93 -11.85 -6.62
CA LEU A 77 -6.17 -11.78 -7.85
C LEU A 77 -5.46 -10.45 -7.96
N ARG A 78 -6.13 -9.37 -7.54
CA ARG A 78 -5.54 -8.04 -7.51
C ARG A 78 -4.26 -8.09 -6.66
N GLU A 79 -4.31 -8.79 -5.53
CA GLU A 79 -3.12 -8.98 -4.69
C GLU A 79 -2.07 -9.86 -5.36
N GLY A 80 -2.39 -10.43 -6.51
CA GLY A 80 -1.48 -11.32 -7.21
C GLY A 80 -1.26 -12.64 -6.50
N ALA A 81 -2.14 -12.98 -5.57
CA ALA A 81 -2.07 -14.26 -4.89
C ALA A 81 -2.07 -15.44 -5.87
N ASP A 82 -1.40 -16.53 -5.48
CA ASP A 82 -1.40 -17.74 -6.29
C ASP A 82 -2.00 -18.88 -5.48
N THR A 83 -2.48 -18.54 -4.28
CA THR A 83 -3.09 -19.51 -3.37
C THR A 83 -4.21 -18.89 -2.55
N LEU A 84 -5.29 -19.63 -2.38
CA LEU A 84 -6.35 -19.24 -1.49
C LEU A 84 -6.31 -20.13 -0.25
N ILE A 85 -6.35 -19.52 0.93
CA ILE A 85 -6.44 -20.26 2.17
C ILE A 85 -7.80 -20.00 2.80
N THR A 86 -8.42 -21.02 3.38
CA THR A 86 -9.67 -20.82 4.12
C THR A 86 -9.96 -21.93 5.12
N ALA A 87 -10.99 -21.77 5.93
CA ALA A 87 -11.30 -22.71 6.98
C ALA A 87 -12.78 -22.93 7.18
N GLY A 88 -13.11 -24.03 7.82
CA GLY A 88 -14.51 -24.37 8.13
C GLY A 88 -14.69 -25.82 8.59
N ALA A 89 -15.95 -26.21 8.83
CA ALA A 89 -16.29 -27.61 9.10
C ALA A 89 -15.78 -28.56 8.00
N ILE A 90 -15.65 -29.86 8.31
CA ILE A 90 -15.29 -30.84 7.27
C ILE A 90 -16.25 -30.76 6.07
N GLN A 91 -17.54 -30.64 6.35
CA GLN A 91 -18.55 -30.55 5.32
C GLN A 91 -18.94 -29.11 5.02
N SER A 92 -17.94 -28.23 5.03
CA SER A 92 -18.16 -26.83 4.74
C SER A 92 -18.52 -26.62 3.30
N ASN A 93 -19.60 -25.90 3.06
CA ASN A 93 -19.97 -25.55 1.71
C ASN A 93 -18.99 -24.53 1.14
N HIS A 94 -18.52 -23.65 2.01
CA HIS A 94 -17.62 -22.58 1.62
C HIS A 94 -16.30 -23.12 1.13
N VAL A 95 -15.75 -24.11 1.81
CA VAL A 95 -14.49 -24.71 1.39
C VAL A 95 -14.67 -25.42 0.03
N ARG A 96 -15.71 -26.22 -0.13
CA ARG A 96 -16.01 -26.80 -1.44
C ARG A 96 -16.00 -25.79 -2.56
N GLN A 97 -16.72 -24.68 -2.38
CA GLN A 97 -16.84 -23.67 -3.43
C GLN A 97 -15.52 -22.95 -3.62
N THR A 98 -14.88 -22.57 -2.53
CA THR A 98 -13.55 -21.95 -2.61
C THR A 98 -12.54 -22.79 -3.40
N ALA A 99 -12.44 -24.07 -3.05
CA ALA A 99 -11.52 -25.01 -3.68
C ALA A 99 -11.76 -25.23 -5.15
N ALA A 100 -13.04 -25.19 -5.54
CA ALA A 100 -13.50 -25.29 -6.92
C ALA A 100 -13.06 -24.07 -7.71
N VAL A 101 -13.51 -22.90 -7.29
CA VAL A 101 -13.07 -21.66 -7.89
C VAL A 101 -11.55 -21.65 -8.06
N ALA A 102 -10.82 -22.00 -7.00
CA ALA A 102 -9.37 -22.18 -7.05
C ALA A 102 -8.92 -22.99 -8.26
N ALA A 103 -9.39 -24.23 -8.35
CA ALA A 103 -9.00 -25.14 -9.41
C ALA A 103 -9.36 -24.60 -10.77
N LYS A 104 -10.54 -24.00 -10.88
CA LYS A 104 -11.00 -23.41 -12.14
C LYS A 104 -10.03 -22.33 -12.58
N LEU A 105 -9.60 -21.50 -11.62
CA LEU A 105 -8.72 -20.38 -11.90
C LEU A 105 -7.24 -20.73 -11.94
N GLY A 106 -6.84 -21.78 -11.23
CA GLY A 106 -5.46 -22.24 -11.30
C GLY A 106 -4.69 -21.77 -10.10
N LEU A 107 -5.41 -21.42 -9.05
CA LEU A 107 -4.84 -21.09 -7.76
C LEU A 107 -4.79 -22.36 -6.91
N HIS A 108 -3.83 -22.45 -5.98
CA HIS A 108 -3.81 -23.54 -5.01
C HIS A 108 -4.83 -23.23 -3.97
N CYS A 109 -5.28 -24.24 -3.25
CA CYS A 109 -6.26 -24.02 -2.19
C CYS A 109 -5.89 -24.80 -0.93
N VAL A 110 -5.62 -24.09 0.16
CA VAL A 110 -5.29 -24.75 1.40
C VAL A 110 -6.51 -24.60 2.26
N ALA A 111 -6.94 -25.69 2.85
CA ALA A 111 -8.13 -25.69 3.68
C ALA A 111 -7.88 -26.16 5.10
N LEU A 112 -8.31 -25.39 6.08
CA LEU A 112 -8.17 -25.78 7.47
C LEU A 112 -9.53 -26.28 7.94
N LEU A 113 -9.61 -27.56 8.28
CA LEU A 113 -10.89 -28.16 8.65
C LEU A 113 -10.94 -28.68 10.08
N GLU A 114 -12.12 -28.56 10.67
CA GLU A 114 -12.40 -29.10 12.00
C GLU A 114 -13.58 -30.09 11.91
N ASN A 115 -13.57 -31.11 12.77
CA ASN A 115 -14.73 -31.95 12.96
C ASN A 115 -15.55 -31.37 14.11
N PRO A 116 -16.57 -30.57 13.79
CA PRO A 116 -17.23 -29.78 14.82
C PRO A 116 -18.33 -30.52 15.59
N ILE A 117 -18.71 -31.71 15.16
CA ILE A 117 -19.76 -32.45 15.86
C ILE A 117 -19.22 -33.68 16.56
N GLY A 118 -17.92 -33.89 16.43
CA GLY A 118 -17.22 -35.04 16.99
C GLY A 118 -17.81 -36.39 16.63
N THR A 119 -18.06 -36.61 15.33
CA THR A 119 -18.61 -37.87 14.89
C THR A 119 -17.52 -38.70 14.25
N THR A 120 -17.75 -40.00 14.19
CA THR A 120 -16.81 -40.91 13.58
C THR A 120 -17.38 -41.56 12.31
N ALA A 121 -18.62 -41.18 11.98
CA ALA A 121 -19.35 -41.75 10.84
C ALA A 121 -18.63 -41.53 9.51
N GLU A 122 -18.26 -42.65 8.89
CA GLU A 122 -17.57 -42.66 7.58
C GLU A 122 -17.99 -41.53 6.60
N ASN A 123 -19.28 -41.45 6.36
CA ASN A 123 -19.78 -40.58 5.35
C ASN A 123 -19.54 -39.13 5.64
N TYR A 124 -19.65 -38.71 6.89
CA TYR A 124 -19.27 -37.34 7.23
C TYR A 124 -17.79 -37.15 6.97
N LEU A 125 -16.98 -38.12 7.35
CA LEU A 125 -15.54 -37.94 7.33
C LEU A 125 -14.95 -37.92 5.94
N THR A 126 -15.55 -38.66 5.01
CA THR A 126 -14.94 -38.85 3.69
C THR A 126 -15.85 -38.46 2.55
N ASN A 127 -17.15 -38.49 2.78
CA ASN A 127 -18.10 -38.33 1.68
C ASN A 127 -18.54 -36.87 1.54
N GLY A 128 -19.67 -36.66 0.87
CA GLY A 128 -20.23 -35.32 0.66
C GLY A 128 -19.18 -34.33 0.21
N ASN A 129 -19.27 -33.11 0.70
CA ASN A 129 -18.36 -32.06 0.33
C ASN A 129 -16.92 -32.51 0.42
N ARG A 130 -16.57 -33.13 1.54
CA ARG A 130 -15.19 -33.52 1.78
C ARG A 130 -14.62 -34.34 0.64
N LEU A 131 -15.44 -35.18 0.04
CA LEU A 131 -15.03 -35.98 -1.10
C LEU A 131 -14.58 -35.11 -2.25
N LEU A 132 -15.38 -34.10 -2.58
CA LEU A 132 -15.08 -33.22 -3.69
C LEU A 132 -13.77 -32.49 -3.48
N LEU A 133 -13.51 -32.06 -2.25
CA LEU A 133 -12.25 -31.41 -1.96
C LEU A 133 -11.05 -32.16 -2.50
N ASP A 134 -11.09 -33.50 -2.39
CA ASP A 134 -10.00 -34.36 -2.91
C ASP A 134 -9.90 -34.34 -4.42
N LEU A 135 -11.06 -34.29 -5.07
CA LEU A 135 -11.12 -34.19 -6.52
C LEU A 135 -10.52 -32.88 -6.97
N PHE A 136 -10.79 -31.82 -6.20
CA PHE A 136 -10.24 -30.50 -6.48
C PHE A 136 -8.76 -30.36 -6.09
N ASN A 137 -8.14 -31.45 -5.64
CA ASN A 137 -6.77 -31.43 -5.17
C ASN A 137 -6.41 -30.38 -4.12
N THR A 138 -7.31 -30.18 -3.17
CA THR A 138 -7.14 -29.24 -2.07
C THR A 138 -6.09 -29.74 -1.10
N GLN A 139 -5.13 -28.89 -0.73
CA GLN A 139 -4.21 -29.18 0.37
C GLN A 139 -5.02 -29.06 1.66
N ILE A 140 -5.12 -30.14 2.43
CA ILE A 140 -5.99 -30.15 3.58
C ILE A 140 -5.22 -30.30 4.86
N GLU A 141 -5.54 -29.48 5.85
CA GLU A 141 -4.93 -29.57 7.15
C GLU A 141 -6.02 -29.65 8.19
N MET A 142 -5.85 -30.56 9.15
CA MET A 142 -6.80 -30.78 10.24
C MET A 142 -6.44 -29.99 11.51
N CYS A 143 -7.44 -29.64 12.30
CA CYS A 143 -7.17 -29.11 13.64
C CYS A 143 -8.27 -29.53 14.60
N ASP A 144 -8.02 -29.46 15.90
CA ASP A 144 -8.98 -29.98 16.87
C ASP A 144 -10.22 -29.13 16.92
N ALA A 145 -10.02 -27.81 16.95
CA ALA A 145 -11.09 -26.84 16.82
C ALA A 145 -10.58 -25.55 16.17
N LEU A 146 -11.49 -24.79 15.58
CA LEU A 146 -11.20 -23.47 15.14
C LEU A 146 -11.57 -22.50 16.25
N THR A 147 -10.82 -22.56 17.36
CA THR A 147 -11.09 -21.71 18.53
C THR A 147 -10.92 -20.23 18.24
N ASP A 148 -9.91 -19.91 17.45
CA ASP A 148 -9.71 -18.56 16.91
C ASP A 148 -9.31 -18.66 15.43
N PRO A 149 -10.28 -18.58 14.52
CA PRO A 149 -10.03 -18.74 13.11
C PRO A 149 -9.02 -17.75 12.56
N ASP A 150 -9.31 -16.46 12.65
CA ASP A 150 -8.50 -15.44 11.95
C ASP A 150 -7.04 -15.59 12.24
N ALA A 151 -6.73 -15.94 13.49
CA ALA A 151 -5.36 -16.16 13.93
C ALA A 151 -4.80 -17.46 13.39
N GLN A 152 -5.58 -18.52 13.45
CA GLN A 152 -5.15 -19.84 12.99
C GLN A 152 -4.94 -19.86 11.50
N LEU A 153 -5.70 -19.02 10.80
CA LEU A 153 -5.54 -18.85 9.37
C LEU A 153 -4.28 -18.09 9.06
N GLN A 154 -4.06 -16.96 9.74
CA GLN A 154 -2.84 -16.16 9.57
C GLN A 154 -1.57 -16.96 9.93
N THR A 155 -1.64 -17.78 10.97
CA THR A 155 -0.55 -18.68 11.36
C THR A 155 -0.17 -19.52 10.16
N LEU A 156 -1.19 -20.05 9.50
CA LEU A 156 -1.06 -20.93 8.35
C LEU A 156 -0.57 -20.16 7.15
N ALA A 157 -1.17 -18.99 6.91
CA ALA A 157 -0.78 -18.14 5.79
C ALA A 157 0.71 -17.88 5.81
N THR A 158 1.25 -17.49 6.96
CA THR A 158 2.65 -17.08 7.02
C THR A 158 3.57 -18.27 6.84
N ARG A 159 3.17 -19.47 7.30
CA ARG A 159 3.99 -20.67 7.03
C ARG A 159 4.07 -20.98 5.54
N ILE A 160 2.96 -20.75 4.85
CA ILE A 160 2.90 -20.92 3.41
C ILE A 160 3.75 -19.83 2.75
N GLU A 161 3.53 -18.59 3.17
CA GLU A 161 4.30 -17.45 2.69
C GLU A 161 5.78 -17.73 2.70
N ALA A 162 6.27 -18.35 3.75
CA ALA A 162 7.70 -18.53 3.87
C ALA A 162 8.18 -19.86 3.29
N GLN A 163 7.33 -20.55 2.54
CA GLN A 163 7.76 -21.64 1.65
C GLN A 163 7.85 -21.06 0.24
N GLY A 164 7.85 -19.74 0.15
CA GLY A 164 7.96 -19.02 -1.12
C GLY A 164 6.71 -19.01 -2.00
N PHE A 165 5.56 -18.62 -1.43
CA PHE A 165 4.27 -18.62 -2.13
C PHE A 165 3.53 -17.34 -1.86
N ARG A 166 2.38 -17.16 -2.50
CA ARG A 166 1.63 -15.91 -2.34
C ARG A 166 0.18 -16.17 -1.95
N PRO A 167 -0.13 -16.08 -0.64
CA PRO A 167 -1.39 -16.61 -0.19
C PRO A 167 -2.38 -15.51 0.14
N TYR A 168 -3.64 -15.68 -0.28
CA TYR A 168 -4.74 -14.78 0.08
C TYR A 168 -5.65 -15.51 1.06
N VAL A 169 -5.97 -14.85 2.16
CA VAL A 169 -6.79 -15.48 3.22
C VAL A 169 -8.26 -15.13 3.09
N ILE A 170 -9.13 -16.12 3.06
CA ILE A 170 -10.58 -15.88 3.04
C ILE A 170 -11.15 -16.32 4.36
N PRO A 171 -11.78 -15.40 5.10
CA PRO A 171 -12.34 -15.65 6.43
C PRO A 171 -13.24 -16.87 6.46
N VAL A 172 -13.74 -17.24 7.65
CA VAL A 172 -14.70 -18.35 7.76
C VAL A 172 -16.00 -17.98 7.06
N GLY A 173 -16.44 -18.86 6.15
CA GLY A 173 -17.67 -18.66 5.39
C GLY A 173 -17.64 -17.52 4.40
N GLY A 174 -16.48 -16.91 4.25
CA GLY A 174 -16.30 -15.82 3.31
C GLY A 174 -17.06 -14.60 3.74
N SER A 175 -17.43 -14.58 5.02
CA SER A 175 -18.14 -13.44 5.59
C SER A 175 -17.21 -12.34 6.12
N SER A 176 -16.75 -11.49 5.21
CA SER A 176 -16.06 -10.27 5.55
C SER A 176 -16.89 -9.15 4.92
N ALA A 177 -16.68 -7.92 5.38
CA ALA A 177 -17.22 -6.74 4.73
C ALA A 177 -17.31 -6.90 3.20
N LEU A 178 -16.18 -7.12 2.55
CA LEU A 178 -16.13 -7.30 1.10
C LEU A 178 -16.96 -8.48 0.62
N GLY A 179 -16.74 -9.65 1.20
CA GLY A 179 -17.47 -10.85 0.78
C GLY A 179 -18.98 -10.64 0.67
N ALA A 180 -19.53 -10.02 1.70
CA ALA A 180 -20.95 -9.85 1.80
C ALA A 180 -21.43 -8.88 0.78
N MET A 181 -20.55 -8.30 0.00
CA MET A 181 -21.02 -7.44 -1.08
C MET A 181 -21.88 -8.25 -2.06
N GLY A 182 -21.54 -9.52 -2.23
CA GLY A 182 -22.29 -10.41 -3.08
C GLY A 182 -23.77 -10.37 -2.80
N TYR A 183 -24.13 -10.34 -1.51
CA TYR A 183 -25.54 -10.37 -1.14
C TYR A 183 -26.18 -9.01 -1.06
N VAL A 184 -25.35 -7.97 -1.07
CA VAL A 184 -25.88 -6.63 -1.32
C VAL A 184 -26.37 -6.60 -2.75
N GLU A 185 -25.51 -6.99 -3.68
CA GLU A 185 -25.85 -7.03 -5.07
C GLU A 185 -26.98 -8.01 -5.36
N SER A 186 -27.08 -9.05 -4.53
CA SER A 186 -28.16 -10.03 -4.64
C SER A 186 -29.49 -9.33 -4.42
N ALA A 187 -29.53 -8.44 -3.44
CA ALA A 187 -30.75 -7.68 -3.17
C ALA A 187 -31.23 -6.97 -4.42
N LEU A 188 -30.31 -6.50 -5.24
CA LEU A 188 -30.67 -5.83 -6.46
C LEU A 188 -31.53 -6.73 -7.38
N GLU A 189 -31.02 -7.95 -7.70
CA GLU A 189 -31.73 -8.97 -8.48
C GLU A 189 -33.10 -9.19 -7.88
N ILE A 190 -33.11 -9.53 -6.59
CA ILE A 190 -34.34 -9.82 -5.85
C ILE A 190 -35.43 -8.76 -6.06
N ALA A 191 -35.12 -7.50 -5.77
CA ALA A 191 -36.10 -6.43 -5.91
C ALA A 191 -36.52 -6.26 -7.34
N GLN A 192 -35.57 -6.44 -8.25
CA GLN A 192 -35.84 -6.29 -9.69
C GLN A 192 -36.75 -7.42 -10.20
N GLN A 193 -36.57 -8.60 -9.66
CA GLN A 193 -37.40 -9.73 -10.05
C GLN A 193 -38.82 -9.53 -9.53
N CYS A 194 -38.96 -9.10 -8.29
CA CYS A 194 -40.28 -8.82 -7.67
C CYS A 194 -41.02 -7.59 -8.19
N GLU A 195 -40.36 -6.77 -9.00
CA GLU A 195 -40.96 -5.54 -9.51
C GLU A 195 -42.23 -5.86 -10.32
N GLU A 196 -43.33 -5.18 -9.95
CA GLU A 196 -44.70 -5.42 -10.49
C GLU A 196 -45.19 -6.91 -10.31
N VAL A 197 -44.24 -7.83 -10.17
CA VAL A 197 -44.50 -9.28 -10.13
C VAL A 197 -44.96 -9.85 -8.76
N VAL A 198 -44.35 -9.41 -7.67
CA VAL A 198 -44.81 -9.82 -6.31
C VAL A 198 -44.76 -8.68 -5.30
N GLY A 199 -45.84 -8.53 -4.51
CA GLY A 199 -45.83 -7.62 -3.35
C GLY A 199 -45.23 -8.25 -2.08
N LEU A 200 -43.89 -8.35 -2.06
CA LEU A 200 -43.17 -9.14 -1.07
C LEU A 200 -43.26 -8.57 0.34
N SER A 201 -43.48 -9.41 1.34
CA SER A 201 -43.66 -8.93 2.72
C SER A 201 -42.55 -9.32 3.69
N SER A 202 -42.03 -10.55 3.53
CA SER A 202 -40.95 -11.04 4.38
C SER A 202 -39.89 -11.84 3.60
N VAL A 203 -38.65 -11.82 4.10
CA VAL A 203 -37.60 -12.64 3.54
C VAL A 203 -36.92 -13.41 4.63
N VAL A 204 -36.76 -14.72 4.41
CA VAL A 204 -36.11 -15.62 5.35
C VAL A 204 -34.81 -16.14 4.75
N VAL A 205 -33.75 -16.14 5.56
CA VAL A 205 -32.44 -16.69 5.15
C VAL A 205 -31.67 -17.19 6.35
N ALA A 206 -30.87 -18.24 6.16
CA ALA A 206 -30.02 -18.75 7.23
C ALA A 206 -28.94 -17.75 7.65
N SER A 207 -28.68 -17.66 8.94
CA SER A 207 -27.71 -16.72 9.43
C SER A 207 -26.62 -17.50 10.13
N GLY A 208 -25.45 -17.54 9.51
CA GLY A 208 -24.31 -18.30 10.04
C GLY A 208 -23.14 -17.40 10.29
N SER A 209 -22.04 -17.63 9.57
CA SER A 209 -20.93 -16.71 9.53
C SER A 209 -21.34 -15.29 9.18
N ALA A 210 -22.63 -15.07 8.95
CA ALA A 210 -23.25 -13.73 8.95
C ALA A 210 -23.27 -12.89 7.65
N GLY A 211 -22.20 -12.91 6.88
CA GLY A 211 -22.15 -12.17 5.62
C GLY A 211 -23.40 -12.15 4.74
N THR A 212 -23.99 -13.31 4.47
CA THR A 212 -25.17 -13.37 3.60
C THR A 212 -26.30 -12.55 4.19
N HIS A 213 -26.66 -12.84 5.44
CA HIS A 213 -27.69 -12.07 6.17
C HIS A 213 -27.41 -10.58 6.11
N ALA A 214 -26.15 -10.22 6.42
CA ALA A 214 -25.72 -8.84 6.53
C ALA A 214 -25.90 -8.12 5.21
N GLY A 215 -25.34 -8.69 4.16
CA GLY A 215 -25.44 -8.15 2.82
C GLY A 215 -26.87 -7.89 2.44
N LEU A 216 -27.75 -8.82 2.76
CA LEU A 216 -29.17 -8.63 2.47
C LEU A 216 -29.70 -7.44 3.24
N ALA A 217 -29.43 -7.40 4.53
CA ALA A 217 -29.96 -6.35 5.40
C ALA A 217 -29.64 -4.89 4.98
N VAL A 218 -28.45 -4.68 4.40
CA VAL A 218 -28.05 -3.38 3.82
C VAL A 218 -28.78 -3.17 2.50
N GLY A 219 -28.63 -4.09 1.55
CA GLY A 219 -29.29 -3.97 0.25
C GLY A 219 -30.80 -3.81 0.33
N LEU A 220 -31.42 -4.59 1.21
CA LEU A 220 -32.88 -4.57 1.37
C LEU A 220 -33.41 -3.41 2.20
N GLU A 221 -32.61 -2.87 3.12
CA GLU A 221 -32.97 -1.62 3.77
C GLU A 221 -33.06 -0.51 2.74
N HIS A 222 -32.15 -0.50 1.78
CA HIS A 222 -32.15 0.54 0.76
C HIS A 222 -33.02 0.25 -0.47
N LEU A 223 -33.20 -1.00 -0.88
CA LEU A 223 -34.03 -1.25 -2.05
C LEU A 223 -35.52 -1.56 -1.74
N MET A 224 -35.80 -2.25 -0.63
CA MET A 224 -37.19 -2.64 -0.28
C MET A 224 -37.43 -2.41 1.19
N PRO A 225 -37.59 -1.17 1.58
CA PRO A 225 -37.49 -0.79 2.98
C PRO A 225 -38.65 -1.30 3.83
N ASP A 226 -39.71 -1.74 3.18
CA ASP A 226 -40.90 -2.20 3.87
C ASP A 226 -40.83 -3.69 4.21
N VAL A 227 -39.93 -4.39 3.52
CA VAL A 227 -39.77 -5.84 3.67
C VAL A 227 -39.14 -6.20 5.00
N GLU A 228 -39.76 -7.16 5.70
CA GLU A 228 -39.22 -7.70 6.94
C GLU A 228 -38.19 -8.81 6.67
N LEU A 229 -36.97 -8.65 7.19
CA LEU A 229 -35.93 -9.63 6.94
C LEU A 229 -35.58 -10.46 8.15
N ILE A 230 -35.92 -11.75 8.09
CA ILE A 230 -35.67 -12.68 9.18
C ILE A 230 -34.50 -13.58 8.90
N GLY A 231 -33.63 -13.70 9.90
CA GLY A 231 -32.55 -14.65 9.83
C GLY A 231 -32.76 -15.74 10.84
N VAL A 232 -32.61 -16.99 10.43
CA VAL A 232 -32.69 -18.11 11.34
C VAL A 232 -31.29 -18.57 11.64
N THR A 233 -30.91 -18.51 12.90
CA THR A 233 -29.54 -18.83 13.31
C THR A 233 -29.35 -20.28 13.17
N VAL A 234 -28.16 -20.69 12.73
CA VAL A 234 -27.87 -22.10 12.53
C VAL A 234 -26.75 -22.60 13.44
N SER A 235 -26.19 -21.69 14.23
CA SER A 235 -25.13 -22.05 15.16
C SER A 235 -25.25 -21.38 16.52
N ARG A 236 -25.50 -20.08 16.54
CA ARG A 236 -25.46 -19.30 17.78
C ARG A 236 -26.85 -18.87 18.22
N SER A 237 -26.96 -18.34 19.43
CA SER A 237 -28.21 -17.76 19.93
C SER A 237 -28.36 -16.31 19.51
N VAL A 238 -29.56 -15.76 19.64
CA VAL A 238 -29.81 -14.35 19.28
C VAL A 238 -28.78 -13.46 19.96
N ALA A 239 -28.63 -13.67 21.26
CA ALA A 239 -27.60 -13.03 22.08
C ALA A 239 -26.21 -12.93 21.42
N GLU A 240 -25.62 -14.09 21.12
CA GLU A 240 -24.27 -14.16 20.54
C GLU A 240 -24.21 -13.76 19.05
N GLN A 241 -25.28 -14.01 18.29
CA GLN A 241 -25.32 -13.71 16.85
C GLN A 241 -25.55 -12.23 16.46
N LYS A 242 -26.64 -11.62 16.92
CA LYS A 242 -26.97 -10.23 16.61
C LYS A 242 -25.78 -9.25 16.51
N PRO A 243 -24.86 -9.21 17.51
CA PRO A 243 -23.69 -8.33 17.37
C PRO A 243 -22.84 -8.56 16.12
N LYS A 244 -22.65 -9.82 15.74
CA LYS A 244 -21.84 -10.19 14.57
C LYS A 244 -22.51 -9.70 13.31
N VAL A 245 -23.82 -9.75 13.26
CA VAL A 245 -24.54 -9.28 12.07
C VAL A 245 -24.50 -7.77 12.01
N ILE A 246 -24.78 -7.12 13.13
CA ILE A 246 -24.78 -5.67 13.18
C ILE A 246 -23.41 -5.11 12.77
N ALA A 247 -22.34 -5.78 13.15
CA ALA A 247 -21.00 -5.33 12.82
C ALA A 247 -20.79 -5.29 11.32
N LEU A 248 -21.20 -6.35 10.63
CA LEU A 248 -21.03 -6.43 9.19
C LEU A 248 -21.93 -5.45 8.48
N GLN A 249 -23.17 -5.37 8.92
CA GLN A 249 -24.09 -4.37 8.38
C GLN A 249 -23.45 -3.00 8.28
N GLN A 250 -22.83 -2.58 9.39
CA GLN A 250 -22.22 -1.26 9.55
C GLN A 250 -20.95 -1.09 8.73
N ALA A 251 -20.12 -2.14 8.71
CA ALA A 251 -18.91 -2.15 7.93
C ALA A 251 -19.26 -2.12 6.45
N ILE A 252 -20.21 -2.95 6.04
CA ILE A 252 -20.70 -2.97 4.66
C ILE A 252 -21.23 -1.61 4.29
N ALA A 253 -22.19 -1.10 5.06
CA ALA A 253 -22.75 0.21 4.82
C ALA A 253 -21.69 1.29 4.76
N GLY A 254 -20.73 1.21 5.68
CA GLY A 254 -19.59 2.12 5.70
C GLY A 254 -18.96 2.21 4.32
N GLN A 255 -18.45 1.07 3.86
CA GLN A 255 -17.70 1.02 2.61
C GLN A 255 -18.54 1.25 1.37
N LEU A 256 -19.85 1.16 1.51
CA LEU A 256 -20.76 1.40 0.39
C LEU A 256 -21.24 2.82 0.40
N ALA A 257 -20.74 3.56 1.38
CA ALA A 257 -20.98 4.98 1.52
C ALA A 257 -22.43 5.27 1.89
N LEU A 258 -23.05 4.32 2.58
CA LEU A 258 -24.43 4.48 2.99
C LEU A 258 -24.54 4.39 4.46
N THR A 259 -25.73 4.68 4.95
CA THR A 259 -26.00 4.59 6.37
C THR A 259 -26.97 3.44 6.52
N ALA A 260 -26.86 2.68 7.61
CA ALA A 260 -27.78 1.57 7.85
C ALA A 260 -28.37 1.62 9.26
N THR A 261 -29.68 1.84 9.33
CA THR A 261 -30.37 1.95 10.61
C THR A 261 -31.39 0.86 10.85
N ALA A 262 -31.53 -0.05 9.88
CA ALA A 262 -32.48 -1.15 9.99
C ALA A 262 -32.13 -2.07 11.16
N ASP A 263 -33.13 -2.43 11.94
CA ASP A 263 -32.95 -3.42 13.01
C ASP A 263 -32.72 -4.79 12.38
N ILE A 264 -31.74 -5.54 12.89
CA ILE A 264 -31.53 -6.90 12.42
C ILE A 264 -32.42 -7.85 13.24
N HIS A 265 -33.15 -8.74 12.56
CA HIS A 265 -34.01 -9.73 13.25
C HIS A 265 -33.45 -11.17 13.20
N LEU A 266 -33.52 -11.89 14.32
CA LEU A 266 -32.99 -13.25 14.41
C LEU A 266 -33.84 -14.18 15.25
N TRP A 267 -34.01 -15.42 14.80
CA TRP A 267 -34.70 -16.46 15.55
C TRP A 267 -33.76 -17.64 15.85
N ASP A 268 -33.53 -17.90 17.13
CA ASP A 268 -32.51 -18.90 17.50
C ASP A 268 -33.09 -20.29 17.75
N ASP A 269 -34.40 -20.38 17.75
CA ASP A 269 -35.07 -21.59 18.21
C ASP A 269 -34.78 -22.85 17.40
N TYR A 270 -34.15 -22.71 16.24
CA TYR A 270 -34.22 -23.78 15.25
C TYR A 270 -32.95 -24.56 14.93
N PHE A 271 -31.83 -24.21 15.57
CA PHE A 271 -30.58 -24.92 15.33
C PHE A 271 -30.39 -26.10 16.27
N ALA A 272 -31.36 -26.27 17.17
CA ALA A 272 -31.42 -27.43 18.09
C ALA A 272 -30.07 -27.72 18.76
N PRO A 273 -29.53 -28.95 18.65
CA PRO A 273 -28.35 -29.22 19.46
C PRO A 273 -27.19 -28.28 19.21
N GLY A 274 -27.06 -27.78 17.98
CA GLY A 274 -26.00 -26.82 17.63
C GLY A 274 -25.60 -26.86 16.17
N TYR A 275 -24.60 -26.09 15.78
CA TYR A 275 -24.13 -26.10 14.40
C TYR A 275 -23.82 -27.51 13.94
N GLY A 276 -24.32 -27.86 12.77
CA GLY A 276 -23.94 -29.13 12.14
C GLY A 276 -24.60 -30.38 12.69
N VAL A 277 -25.43 -30.22 13.72
CA VAL A 277 -26.22 -31.33 14.24
C VAL A 277 -27.61 -31.16 13.69
N PRO A 278 -28.20 -32.22 13.14
CA PRO A 278 -29.54 -32.17 12.56
C PRO A 278 -30.65 -32.31 13.59
N ASN A 279 -31.68 -31.48 13.51
CA ASN A 279 -32.86 -31.62 14.35
C ASN A 279 -33.99 -32.21 13.55
N ASP A 280 -34.94 -32.86 14.23
CA ASP A 280 -36.14 -33.38 13.59
C ASP A 280 -36.86 -32.26 12.84
N ALA A 281 -37.13 -31.16 13.54
CA ALA A 281 -37.83 -30.02 12.96
C ALA A 281 -37.28 -29.64 11.59
N GLY A 282 -35.96 -29.64 11.48
CA GLY A 282 -35.28 -29.22 10.27
C GLY A 282 -35.33 -30.18 9.12
N MET A 283 -34.95 -31.41 9.38
CA MET A 283 -35.15 -32.55 8.48
C MET A 283 -36.61 -32.81 7.97
N GLU A 284 -37.57 -32.54 8.85
CA GLU A 284 -38.99 -32.60 8.52
C GLU A 284 -39.16 -31.62 7.38
N ALA A 285 -38.43 -30.52 7.42
CA ALA A 285 -38.50 -29.51 6.39
C ALA A 285 -37.84 -29.97 5.10
N VAL A 286 -36.86 -30.86 5.22
CA VAL A 286 -36.12 -31.31 4.06
C VAL A 286 -37.00 -32.25 3.28
N LYS A 287 -37.58 -33.20 4.00
CA LYS A 287 -38.53 -34.16 3.44
C LYS A 287 -39.75 -33.47 2.85
N LEU A 288 -40.26 -32.46 3.54
CA LEU A 288 -41.37 -31.69 3.03
C LEU A 288 -41.08 -31.03 1.70
N LEU A 289 -39.95 -30.36 1.57
CA LEU A 289 -39.67 -29.62 0.35
C LEU A 289 -39.29 -30.49 -0.82
N ALA A 290 -38.59 -31.60 -0.53
CA ALA A 290 -38.25 -32.59 -1.57
C ALA A 290 -39.48 -33.27 -2.13
N SER A 291 -40.31 -33.79 -1.24
CA SER A 291 -41.51 -34.52 -1.63
C SER A 291 -42.59 -33.63 -2.21
N LEU A 292 -42.62 -32.37 -1.81
CA LEU A 292 -43.75 -31.54 -2.14
C LEU A 292 -43.48 -30.61 -3.29
N GLU A 293 -42.19 -30.35 -3.57
CA GLU A 293 -41.82 -29.32 -4.53
C GLU A 293 -40.64 -29.74 -5.34
N GLY A 294 -40.07 -30.88 -4.97
CA GLY A 294 -38.91 -31.39 -5.69
C GLY A 294 -37.66 -30.53 -5.54
N VAL A 295 -37.54 -29.83 -4.42
CA VAL A 295 -36.33 -29.04 -4.12
C VAL A 295 -35.55 -29.65 -2.99
N LEU A 296 -34.25 -29.63 -3.13
CA LEU A 296 -33.47 -30.22 -2.08
C LEU A 296 -32.89 -29.15 -1.19
N LEU A 297 -33.23 -29.26 0.10
CA LEU A 297 -32.62 -28.43 1.13
C LEU A 297 -31.50 -29.23 1.74
N ASP A 298 -30.94 -28.76 2.85
CA ASP A 298 -29.84 -29.49 3.50
C ASP A 298 -29.93 -29.50 5.02
N PRO A 299 -29.26 -30.45 5.68
CA PRO A 299 -29.60 -30.63 7.07
C PRO A 299 -28.89 -29.66 8.00
N VAL A 300 -27.88 -28.97 7.49
CA VAL A 300 -27.09 -28.08 8.34
C VAL A 300 -27.58 -26.60 8.31
N TYR A 301 -27.96 -26.12 7.11
CA TYR A 301 -28.38 -24.72 6.91
C TYR A 301 -29.83 -24.53 6.48
N THR A 302 -30.12 -24.75 5.20
CA THR A 302 -31.45 -24.49 4.56
C THR A 302 -32.63 -25.17 5.19
N GLY A 303 -32.44 -26.43 5.56
CA GLY A 303 -33.45 -27.16 6.30
C GLY A 303 -33.87 -26.47 7.57
N LYS A 304 -32.90 -26.13 8.42
CA LYS A 304 -33.19 -25.49 9.69
C LYS A 304 -33.88 -24.14 9.46
N ALA A 305 -33.29 -23.34 8.58
CA ALA A 305 -33.91 -22.08 8.17
C ALA A 305 -35.35 -22.28 7.75
N MET A 306 -35.58 -23.20 6.82
CA MET A 306 -36.94 -23.53 6.40
C MET A 306 -37.83 -23.98 7.55
N ALA A 307 -37.30 -24.80 8.45
CA ALA A 307 -38.05 -25.28 9.60
C ALA A 307 -38.54 -24.09 10.37
N GLY A 308 -37.70 -23.08 10.42
CA GLY A 308 -38.02 -21.83 11.07
C GLY A 308 -39.11 -21.12 10.34
N LEU A 309 -38.96 -20.94 9.04
CA LEU A 309 -40.00 -20.32 8.21
C LEU A 309 -41.38 -20.94 8.46
N ILE A 310 -41.42 -22.29 8.53
CA ILE A 310 -42.65 -23.04 8.77
C ILE A 310 -43.28 -22.76 10.13
N ASP A 311 -42.48 -22.89 11.19
CA ASP A 311 -42.94 -22.62 12.54
C ASP A 311 -43.26 -21.16 12.72
N GLY A 312 -42.62 -20.33 11.93
CA GLY A 312 -42.94 -18.92 11.90
C GLY A 312 -44.40 -18.68 11.57
N ILE A 313 -44.88 -19.24 10.47
CA ILE A 313 -46.26 -19.05 10.02
C ILE A 313 -47.14 -19.61 11.10
N SER A 314 -46.75 -20.79 11.59
CA SER A 314 -47.43 -21.47 12.67
C SER A 314 -47.70 -20.56 13.87
N GLN A 315 -46.74 -19.71 14.24
CA GLN A 315 -46.88 -18.86 15.46
C GLN A 315 -47.16 -17.38 15.15
N LYS A 316 -47.63 -17.10 13.93
CA LYS A 316 -47.84 -15.73 13.43
C LYS A 316 -46.67 -14.78 13.79
N ARG A 317 -45.44 -15.24 13.57
CA ARG A 317 -44.25 -14.50 13.98
C ARG A 317 -43.90 -13.35 13.06
N PHE A 318 -44.26 -13.45 11.79
CA PHE A 318 -43.94 -12.40 10.79
C PHE A 318 -44.83 -11.18 10.99
N ASN A 319 -44.46 -10.05 10.39
CA ASN A 319 -45.21 -8.80 10.62
C ASN A 319 -46.64 -8.89 10.14
N ASP A 320 -46.82 -9.33 8.88
CA ASP A 320 -48.15 -9.52 8.31
C ASP A 320 -48.29 -10.85 7.59
N ASP A 321 -49.44 -11.01 6.93
CA ASP A 321 -49.84 -12.26 6.25
C ASP A 321 -49.15 -12.54 4.93
N GLY A 322 -48.65 -11.46 4.32
CA GLY A 322 -48.15 -11.48 2.96
C GLY A 322 -47.07 -12.47 2.56
N PRO A 323 -46.69 -12.41 1.27
CA PRO A 323 -45.65 -13.21 0.68
C PRO A 323 -44.32 -13.30 1.49
N ILE A 324 -43.72 -14.48 1.50
CA ILE A 324 -42.44 -14.74 2.15
C ILE A 324 -41.44 -15.23 1.09
N LEU A 325 -40.25 -14.65 1.03
CA LEU A 325 -39.28 -15.17 0.09
C LEU A 325 -38.24 -15.94 0.84
N PHE A 326 -38.00 -17.16 0.42
CA PHE A 326 -37.00 -17.97 1.09
C PHE A 326 -35.78 -17.98 0.24
N ILE A 327 -34.64 -17.66 0.85
CA ILE A 327 -33.35 -17.63 0.17
C ILE A 327 -32.65 -18.97 0.23
N HIS A 328 -32.76 -19.73 -0.86
CA HIS A 328 -32.15 -21.05 -0.91
C HIS A 328 -30.66 -20.94 -1.13
N THR A 329 -29.92 -21.07 -0.04
CA THR A 329 -28.51 -20.77 -0.01
C THR A 329 -27.70 -21.99 -0.40
N GLY A 330 -28.39 -23.11 -0.65
CA GLY A 330 -27.75 -24.31 -1.18
C GLY A 330 -27.48 -25.36 -0.13
N GLY A 331 -26.28 -25.93 -0.19
CA GLY A 331 -25.85 -26.91 0.82
C GLY A 331 -26.22 -28.35 0.56
N ALA A 332 -26.99 -28.59 -0.49
CA ALA A 332 -27.48 -29.92 -0.82
C ALA A 332 -26.48 -31.08 -0.68
N PRO A 333 -25.24 -30.91 -1.17
CA PRO A 333 -24.30 -32.02 -1.14
C PRO A 333 -24.12 -32.62 0.23
N ALA A 334 -24.34 -31.83 1.26
CA ALA A 334 -24.15 -32.30 2.63
C ALA A 334 -25.04 -33.50 2.93
N LEU A 335 -26.12 -33.65 2.14
CA LEU A 335 -27.06 -34.76 2.29
C LEU A 335 -26.37 -36.15 2.23
N PHE A 336 -25.48 -36.30 1.25
CA PHE A 336 -24.78 -37.53 1.00
C PHE A 336 -23.72 -37.75 2.03
N ALA A 337 -23.41 -36.70 2.79
CA ALA A 337 -22.37 -36.79 3.82
C ALA A 337 -23.00 -37.17 5.11
N TYR A 338 -24.20 -36.65 5.34
CA TYR A 338 -24.90 -36.90 6.57
C TYR A 338 -25.63 -38.22 6.49
N HIS A 339 -25.36 -39.01 5.45
CA HIS A 339 -26.31 -40.05 5.00
C HIS A 339 -27.04 -40.99 5.98
N PRO A 340 -26.37 -42.04 6.46
CA PRO A 340 -27.22 -42.80 7.37
C PRO A 340 -27.46 -42.14 8.74
N HIS A 341 -26.46 -41.45 9.24
CA HIS A 341 -26.66 -40.80 10.50
C HIS A 341 -25.42 -40.12 11.00
N VAL A 342 -25.60 -39.57 12.19
CA VAL A 342 -24.68 -38.69 12.86
C VAL A 342 -24.10 -37.74 11.87
N LEU B 20 -40.43 -28.46 -36.72
CA LEU B 20 -40.12 -28.36 -35.28
C LEU B 20 -41.37 -28.80 -34.46
N THR B 21 -42.30 -27.87 -34.28
CA THR B 21 -43.23 -27.96 -33.18
C THR B 21 -44.62 -28.52 -33.48
N ARG B 22 -45.08 -29.38 -32.57
CA ARG B 22 -46.44 -29.75 -32.53
C ARG B 22 -46.40 -30.63 -31.31
N PHE B 23 -45.25 -30.73 -30.66
CA PHE B 23 -45.12 -31.57 -29.46
C PHE B 23 -45.05 -30.72 -28.20
N PRO B 24 -46.12 -30.80 -27.40
CA PRO B 24 -46.18 -30.04 -26.14
C PRO B 24 -45.00 -30.38 -25.23
N ARG B 25 -44.28 -29.36 -24.78
CA ARG B 25 -43.12 -29.56 -23.91
C ARG B 25 -43.48 -28.80 -22.65
N LEU B 26 -43.03 -29.32 -21.51
CA LEU B 26 -43.12 -28.58 -20.24
C LEU B 26 -41.88 -27.70 -19.99
N GLU B 27 -42.04 -26.63 -19.20
CA GLU B 27 -40.91 -25.74 -18.88
C GLU B 27 -40.24 -26.13 -17.57
N PHE B 28 -39.18 -26.92 -17.67
CA PHE B 28 -38.39 -27.33 -16.51
C PHE B 28 -37.00 -26.67 -16.43
N ILE B 29 -36.46 -26.32 -17.60
CA ILE B 29 -35.08 -25.80 -17.74
C ILE B 29 -34.96 -24.27 -17.68
N GLY B 30 -35.97 -23.53 -18.12
CA GLY B 30 -35.93 -22.07 -18.09
C GLY B 30 -35.06 -21.47 -19.19
N ALA B 31 -33.99 -20.79 -18.81
CA ALA B 31 -33.03 -20.23 -19.78
C ALA B 31 -32.13 -21.34 -20.38
N PRO B 32 -31.55 -21.10 -21.58
CA PRO B 32 -30.65 -22.12 -22.16
C PRO B 32 -29.44 -22.33 -21.26
N THR B 33 -29.01 -23.58 -21.11
CA THR B 33 -27.87 -23.88 -20.25
C THR B 33 -26.64 -23.22 -20.86
N PRO B 34 -25.70 -22.79 -20.02
CA PRO B 34 -24.48 -22.16 -20.52
C PRO B 34 -23.61 -23.09 -21.38
N LEU B 35 -22.99 -22.48 -22.38
CA LEU B 35 -21.90 -23.11 -23.11
C LEU B 35 -20.65 -22.31 -22.72
N GLU B 36 -19.59 -23.02 -22.33
CA GLU B 36 -18.40 -22.38 -21.78
C GLU B 36 -17.15 -22.88 -22.47
N TYR B 37 -16.11 -22.04 -22.53
CA TYR B 37 -14.79 -22.51 -22.96
C TYR B 37 -14.02 -23.06 -21.76
N LEU B 38 -13.25 -24.14 -21.97
CA LEU B 38 -12.45 -24.75 -20.90
C LEU B 38 -10.96 -24.47 -21.12
N PRO B 39 -10.54 -23.21 -20.86
CA PRO B 39 -9.20 -22.74 -21.18
C PRO B 39 -8.09 -23.64 -20.64
N ARG B 40 -8.16 -24.02 -19.37
CA ARG B 40 -7.08 -24.75 -18.74
C ARG B 40 -6.94 -26.14 -19.30
N LEU B 41 -8.07 -26.82 -19.44
CA LEU B 41 -8.08 -28.14 -20.04
C LEU B 41 -7.63 -28.05 -21.48
N SER B 42 -8.15 -27.08 -22.22
CA SER B 42 -7.77 -26.89 -23.61
C SER B 42 -6.25 -26.81 -23.73
N ASP B 43 -5.68 -25.84 -23.02
CA ASP B 43 -4.24 -25.59 -23.04
C ASP B 43 -3.45 -26.84 -22.62
N TYR B 44 -3.98 -27.60 -21.66
CA TYR B 44 -3.32 -28.83 -21.25
C TYR B 44 -3.37 -29.93 -22.32
N LEU B 45 -4.52 -30.09 -22.98
CA LEU B 45 -4.70 -31.14 -23.99
C LEU B 45 -4.19 -30.71 -25.38
N GLY B 46 -4.02 -29.42 -25.58
CA GLY B 46 -3.51 -28.86 -26.84
C GLY B 46 -4.58 -28.88 -27.90
N ARG B 47 -5.79 -28.47 -27.52
CA ARG B 47 -6.95 -28.48 -28.41
C ARG B 47 -8.01 -27.52 -27.86
N GLU B 48 -8.72 -26.82 -28.74
CA GLU B 48 -9.86 -25.98 -28.33
C GLU B 48 -10.97 -26.90 -27.78
N ILE B 49 -11.30 -26.81 -26.50
CA ILE B 49 -12.39 -27.64 -25.97
C ILE B 49 -13.45 -26.83 -25.25
N TYR B 50 -14.68 -27.02 -25.69
CA TYR B 50 -15.81 -26.33 -25.12
C TYR B 50 -16.74 -27.30 -24.41
N ILE B 51 -17.52 -26.79 -23.45
CA ILE B 51 -18.43 -27.63 -22.65
C ILE B 51 -19.86 -27.09 -22.65
N LYS B 52 -20.81 -27.98 -22.95
CA LYS B 52 -22.24 -27.66 -22.91
C LYS B 52 -22.72 -28.12 -21.54
N ARG B 53 -23.17 -27.17 -20.73
CA ARG B 53 -23.42 -27.48 -19.33
C ARG B 53 -24.84 -27.91 -19.04
N ASP B 54 -25.21 -29.12 -19.49
CA ASP B 54 -26.58 -29.59 -19.28
C ASP B 54 -26.81 -30.15 -17.88
N ASP B 55 -25.75 -30.13 -17.07
CA ASP B 55 -25.82 -30.54 -15.67
C ASP B 55 -26.38 -29.41 -14.82
N VAL B 56 -26.26 -28.18 -15.31
CA VAL B 56 -26.75 -27.02 -14.59
C VAL B 56 -28.25 -26.83 -14.89
N THR B 57 -29.10 -27.33 -14.02
CA THR B 57 -30.54 -27.33 -14.26
C THR B 57 -31.19 -27.19 -12.90
N PRO B 58 -32.21 -26.34 -12.79
CA PRO B 58 -32.94 -26.08 -11.54
C PRO B 58 -33.47 -27.32 -10.78
N ILE B 59 -33.73 -28.42 -11.49
CA ILE B 59 -34.44 -29.56 -10.87
C ILE B 59 -33.49 -30.60 -10.27
N ALA B 60 -33.61 -30.82 -8.97
CA ALA B 60 -32.84 -31.84 -8.28
C ALA B 60 -31.50 -32.23 -8.88
N MET B 61 -30.55 -31.29 -8.88
CA MET B 61 -29.16 -31.51 -9.35
C MET B 61 -28.98 -31.65 -10.87
N GLY B 62 -30.10 -31.76 -11.60
CA GLY B 62 -30.11 -31.60 -13.05
C GLY B 62 -29.42 -32.68 -13.84
N GLY B 63 -29.64 -32.66 -15.15
CA GLY B 63 -29.04 -33.67 -16.03
C GLY B 63 -29.67 -33.61 -17.39
N ASN B 64 -29.13 -34.41 -18.31
CA ASN B 64 -29.64 -34.49 -19.69
C ASN B 64 -31.05 -35.03 -19.68
N1 LLP B 65 -25.11 -39.36 -19.46
C2 LLP B 65 -25.60 -39.05 -18.19
C2' LLP B 65 -24.80 -38.16 -17.30
C3 LLP B 65 -26.82 -39.55 -17.75
O3 LLP B 65 -27.21 -39.23 -16.62
C4 LLP B 65 -27.57 -40.40 -18.58
C4' LLP B 65 -28.89 -40.93 -18.05
C5 LLP B 65 -27.06 -40.73 -19.86
C6 LLP B 65 -25.85 -40.20 -20.29
C5' LLP B 65 -27.77 -41.61 -20.85
OP4 LLP B 65 -27.92 -40.96 -22.16
P LLP B 65 -28.80 -41.50 -23.42
OP1 LLP B 65 -28.92 -42.93 -23.05
OP2 LLP B 65 -30.08 -40.77 -23.32
OP3 LLP B 65 -27.88 -41.13 -24.57
N LLP B 65 -31.31 -35.95 -18.76
CA LLP B 65 -32.57 -36.67 -18.70
CB LLP B 65 -32.59 -37.66 -17.53
CG LLP B 65 -31.67 -38.84 -17.71
CD LLP B 65 -31.77 -39.44 -19.13
CE LLP B 65 -30.41 -39.91 -19.62
NZ LLP B 65 -29.95 -41.11 -18.85
C LLP B 65 -33.74 -35.73 -18.58
O LLP B 65 -34.86 -36.13 -18.86
N LEU B 66 -33.49 -34.51 -18.15
CA LEU B 66 -34.57 -33.63 -17.86
C LEU B 66 -35.14 -33.07 -19.14
N ARG B 67 -34.27 -32.72 -20.07
CA ARG B 67 -34.70 -32.16 -21.35
C ARG B 67 -35.71 -33.12 -22.00
N LYS B 68 -35.45 -34.42 -21.83
CA LYS B 68 -36.34 -35.47 -22.27
C LYS B 68 -37.66 -35.38 -21.55
N LEU B 69 -37.64 -35.47 -20.21
CA LEU B 69 -38.84 -35.41 -19.40
C LEU B 69 -39.71 -34.19 -19.70
N GLU B 70 -39.11 -33.14 -20.21
CA GLU B 70 -39.87 -31.97 -20.59
C GLU B 70 -40.98 -32.29 -21.58
N PHE B 71 -40.69 -33.19 -22.52
CA PHE B 71 -41.66 -33.66 -23.52
C PHE B 71 -42.48 -34.80 -22.96
N LEU B 72 -41.77 -35.79 -22.42
CA LEU B 72 -42.38 -36.96 -21.83
C LEU B 72 -43.51 -36.63 -20.82
N VAL B 73 -43.16 -35.95 -19.74
CA VAL B 73 -44.16 -35.63 -18.71
C VAL B 73 -45.25 -34.71 -19.23
N ALA B 74 -44.91 -33.88 -20.22
CA ALA B 74 -45.91 -33.00 -20.85
C ALA B 74 -47.02 -33.88 -21.45
N ASP B 75 -46.56 -34.97 -22.06
CA ASP B 75 -47.42 -35.94 -22.71
C ASP B 75 -48.21 -36.73 -21.65
N ALA B 76 -47.48 -37.29 -20.69
CA ALA B 76 -48.09 -37.93 -19.52
C ALA B 76 -49.27 -37.15 -18.93
N LEU B 77 -49.20 -35.82 -18.99
CA LEU B 77 -50.25 -35.00 -18.43
C LEU B 77 -51.42 -34.91 -19.36
N ARG B 78 -51.13 -34.81 -20.67
CA ARG B 78 -52.16 -34.91 -21.75
C ARG B 78 -52.98 -36.20 -21.53
N GLU B 79 -52.31 -37.33 -21.28
CA GLU B 79 -52.99 -38.60 -20.95
C GLU B 79 -53.75 -38.58 -19.64
N GLY B 80 -53.66 -37.45 -18.90
CA GLY B 80 -54.30 -37.31 -17.59
C GLY B 80 -53.79 -38.30 -16.54
N ALA B 81 -52.60 -38.89 -16.79
CA ALA B 81 -51.90 -39.75 -15.83
C ALA B 81 -51.74 -39.07 -14.45
N ASP B 82 -51.75 -39.87 -13.39
CA ASP B 82 -51.51 -39.34 -12.06
C ASP B 82 -50.27 -39.99 -11.45
N THR B 83 -49.61 -40.80 -12.27
CA THR B 83 -48.47 -41.59 -11.83
C THR B 83 -47.48 -41.78 -12.97
N LEU B 84 -46.19 -41.68 -12.66
CA LEU B 84 -45.18 -41.97 -13.64
C LEU B 84 -44.47 -43.23 -13.19
N ILE B 85 -44.28 -44.15 -14.15
CA ILE B 85 -43.52 -45.36 -13.88
C ILE B 85 -42.28 -45.34 -14.76
N THR B 86 -41.18 -45.81 -14.21
CA THR B 86 -39.96 -45.95 -15.00
C THR B 86 -38.98 -46.92 -14.35
N ALA B 87 -37.89 -47.22 -15.04
CA ALA B 87 -36.95 -48.22 -14.57
C ALA B 87 -35.53 -47.80 -14.86
N GLY B 88 -34.58 -48.43 -14.18
CA GLY B 88 -33.15 -48.20 -14.40
C GLY B 88 -32.30 -48.76 -13.28
N ALA B 89 -30.99 -48.55 -13.38
CA ALA B 89 -30.04 -48.94 -12.32
C ALA B 89 -30.50 -48.37 -10.95
N ILE B 90 -29.92 -48.86 -9.84
CA ILE B 90 -30.15 -48.24 -8.51
C ILE B 90 -29.74 -46.76 -8.50
N GLN B 91 -28.57 -46.49 -9.06
CA GLN B 91 -28.07 -45.14 -9.16
C GLN B 91 -28.46 -44.45 -10.48
N SER B 92 -29.68 -44.69 -10.93
CA SER B 92 -30.12 -44.13 -12.20
C SER B 92 -30.36 -42.64 -12.06
N ASN B 93 -29.74 -41.86 -12.96
CA ASN B 93 -29.96 -40.42 -13.04
C ASN B 93 -31.38 -40.14 -13.52
N HIS B 94 -31.85 -41.00 -14.42
CA HIS B 94 -33.16 -40.83 -15.01
C HIS B 94 -34.24 -40.97 -13.94
N VAL B 95 -34.13 -42.02 -13.13
CA VAL B 95 -35.10 -42.24 -12.09
C VAL B 95 -35.13 -41.02 -11.12
N ARG B 96 -33.94 -40.60 -10.66
CA ARG B 96 -33.83 -39.40 -9.79
C ARG B 96 -34.61 -38.21 -10.35
N GLN B 97 -34.28 -37.84 -11.58
CA GLN B 97 -34.94 -36.72 -12.22
C GLN B 97 -36.43 -36.97 -12.40
N THR B 98 -36.78 -38.15 -12.91
CA THR B 98 -38.20 -38.50 -13.06
C THR B 98 -38.97 -38.27 -11.75
N ALA B 99 -38.42 -38.84 -10.67
CA ALA B 99 -39.03 -38.84 -9.32
C ALA B 99 -39.23 -37.45 -8.74
N ALA B 100 -38.28 -36.57 -9.07
CA ALA B 100 -38.31 -35.16 -8.71
C ALA B 100 -39.44 -34.45 -9.41
N VAL B 101 -39.41 -34.52 -10.74
CA VAL B 101 -40.42 -33.92 -11.58
C VAL B 101 -41.80 -34.34 -11.08
N ALA B 102 -41.91 -35.65 -10.83
CA ALA B 102 -43.11 -36.23 -10.22
C ALA B 102 -43.57 -35.42 -9.01
N ALA B 103 -42.69 -35.36 -8.01
CA ALA B 103 -43.01 -34.75 -6.74
C ALA B 103 -43.35 -33.27 -6.94
N LYS B 104 -42.58 -32.63 -7.81
CA LYS B 104 -42.79 -31.23 -8.10
C LYS B 104 -44.21 -31.02 -8.60
N LEU B 105 -44.61 -31.88 -9.53
CA LEU B 105 -45.91 -31.78 -10.19
C LEU B 105 -47.07 -32.39 -9.41
N GLY B 106 -46.79 -33.39 -8.58
CA GLY B 106 -47.81 -33.97 -7.71
C GLY B 106 -48.25 -35.30 -8.23
N LEU B 107 -47.46 -35.85 -9.13
CA LEU B 107 -47.67 -37.20 -9.66
C LEU B 107 -46.98 -38.21 -8.74
N HIS B 108 -47.50 -39.44 -8.71
CA HIS B 108 -46.81 -40.52 -8.02
C HIS B 108 -45.72 -41.06 -8.92
N CYS B 109 -44.73 -41.68 -8.29
CA CYS B 109 -43.65 -42.21 -9.05
C CYS B 109 -43.36 -43.62 -8.61
N VAL B 110 -43.47 -44.56 -9.55
CA VAL B 110 -43.05 -45.89 -9.24
C VAL B 110 -41.81 -46.15 -10.05
N ALA B 111 -40.82 -46.69 -9.36
CA ALA B 111 -39.54 -46.97 -9.98
C ALA B 111 -39.15 -48.46 -9.89
N LEU B 112 -38.75 -49.03 -11.01
CA LEU B 112 -38.27 -50.40 -11.00
C LEU B 112 -36.74 -50.35 -11.10
N LEU B 113 -36.09 -50.90 -10.11
CA LEU B 113 -34.64 -50.80 -10.08
C LEU B 113 -33.93 -52.16 -10.10
N GLU B 114 -32.75 -52.18 -10.71
CA GLU B 114 -31.90 -53.36 -10.70
C GLU B 114 -30.50 -53.01 -10.17
N ASN B 115 -29.86 -53.95 -9.49
CA ASN B 115 -28.47 -53.77 -9.12
C ASN B 115 -27.61 -54.39 -10.21
N PRO B 116 -27.20 -53.58 -11.21
CA PRO B 116 -26.60 -54.11 -12.42
C PRO B 116 -25.13 -54.51 -12.27
N ILE B 117 -24.49 -54.14 -11.17
CA ILE B 117 -23.06 -54.48 -11.04
C ILE B 117 -22.82 -55.57 -9.99
N GLY B 118 -23.92 -55.99 -9.37
CA GLY B 118 -23.92 -56.97 -8.29
C GLY B 118 -22.99 -56.57 -7.15
N THR B 119 -23.16 -55.34 -6.64
CA THR B 119 -22.35 -54.85 -5.52
C THR B 119 -23.13 -54.95 -4.20
N THR B 120 -22.38 -55.07 -3.12
CA THR B 120 -22.95 -55.07 -1.77
C THR B 120 -22.60 -53.79 -0.99
N ALA B 121 -21.79 -52.92 -1.61
CA ALA B 121 -21.31 -51.68 -1.00
C ALA B 121 -22.44 -50.75 -0.59
N GLU B 122 -22.51 -50.51 0.73
CA GLU B 122 -23.52 -49.65 1.36
C GLU B 122 -23.91 -48.42 0.53
N ASN B 123 -22.90 -47.67 0.10
CA ASN B 123 -23.11 -46.38 -0.53
C ASN B 123 -23.79 -46.46 -1.86
N TYR B 124 -23.46 -47.50 -2.63
CA TYR B 124 -24.21 -47.76 -3.87
C TYR B 124 -25.68 -48.06 -3.54
N LEU B 125 -25.88 -48.91 -2.52
CA LEU B 125 -27.22 -49.42 -2.22
C LEU B 125 -28.17 -48.39 -1.64
N THR B 126 -27.66 -47.46 -0.84
CA THR B 126 -28.51 -46.53 -0.11
C THR B 126 -28.24 -45.07 -0.45
N ASN B 127 -26.99 -44.76 -0.80
CA ASN B 127 -26.53 -43.36 -0.93
C ASN B 127 -26.79 -42.78 -2.33
N GLY B 128 -26.06 -41.71 -2.68
CA GLY B 128 -26.18 -41.06 -3.98
C GLY B 128 -27.62 -40.91 -4.39
N ASN B 129 -27.87 -41.12 -5.68
CA ASN B 129 -29.20 -40.99 -6.27
C ASN B 129 -30.25 -41.72 -5.48
N ARG B 130 -29.97 -42.97 -5.17
CA ARG B 130 -30.92 -43.79 -4.43
C ARG B 130 -31.48 -43.08 -3.19
N LEU B 131 -30.59 -42.41 -2.46
CA LEU B 131 -30.98 -41.68 -1.27
C LEU B 131 -32.04 -40.66 -1.59
N LEU B 132 -31.85 -39.89 -2.64
CA LEU B 132 -32.81 -38.85 -2.98
C LEU B 132 -34.20 -39.40 -3.31
N LEU B 133 -34.24 -40.52 -4.02
CA LEU B 133 -35.49 -41.18 -4.34
C LEU B 133 -36.38 -41.32 -3.09
N ASP B 134 -35.79 -41.67 -1.96
CA ASP B 134 -36.52 -41.80 -0.71
C ASP B 134 -37.08 -40.47 -0.25
N LEU B 135 -36.32 -39.40 -0.49
CA LEU B 135 -36.72 -38.05 -0.12
C LEU B 135 -37.87 -37.62 -0.98
N PHE B 136 -37.84 -38.06 -2.22
CA PHE B 136 -38.92 -37.82 -3.14
C PHE B 136 -40.14 -38.76 -2.96
N ASN B 137 -40.12 -39.60 -1.93
CA ASN B 137 -41.19 -40.55 -1.68
C ASN B 137 -41.57 -41.39 -2.90
N THR B 138 -40.56 -41.88 -3.62
CA THR B 138 -40.75 -42.78 -4.73
C THR B 138 -41.18 -44.16 -4.23
N GLN B 139 -42.21 -44.75 -4.86
CA GLN B 139 -42.54 -46.16 -4.67
C GLN B 139 -41.50 -46.98 -5.44
N ILE B 140 -40.76 -47.82 -4.74
CA ILE B 140 -39.62 -48.52 -5.33
C ILE B 140 -39.84 -50.01 -5.30
N GLU B 141 -39.62 -50.66 -6.44
CA GLU B 141 -39.66 -52.10 -6.54
C GLU B 141 -38.38 -52.62 -7.12
N MET B 142 -37.89 -53.68 -6.51
CA MET B 142 -36.66 -54.30 -6.95
C MET B 142 -36.92 -55.44 -7.95
N CYS B 143 -35.92 -55.74 -8.78
CA CYS B 143 -35.93 -56.96 -9.60
C CYS B 143 -34.50 -57.41 -9.86
N ASP B 144 -34.35 -58.67 -10.25
CA ASP B 144 -32.99 -59.25 -10.37
C ASP B 144 -32.20 -58.63 -11.50
N ALA B 145 -32.88 -58.51 -12.65
CA ALA B 145 -32.39 -57.81 -13.83
C ALA B 145 -33.54 -57.25 -14.66
N LEU B 146 -33.20 -56.23 -15.44
CA LEU B 146 -34.15 -55.68 -16.40
C LEU B 146 -33.89 -56.33 -17.75
N THR B 147 -34.03 -57.67 -17.79
CA THR B 147 -33.84 -58.49 -19.00
C THR B 147 -34.69 -58.04 -20.20
N ASP B 148 -35.96 -57.72 -19.94
CA ASP B 148 -36.82 -57.09 -20.92
C ASP B 148 -37.62 -55.94 -20.25
N PRO B 149 -37.09 -54.71 -20.34
CA PRO B 149 -37.68 -53.53 -19.70
C PRO B 149 -39.11 -53.27 -20.10
N ASP B 150 -39.36 -53.04 -21.40
CA ASP B 150 -40.66 -52.55 -21.86
C ASP B 150 -41.79 -53.44 -21.39
N ALA B 151 -41.54 -54.74 -21.40
CA ALA B 151 -42.51 -55.73 -20.90
C ALA B 151 -42.68 -55.66 -19.39
N GLN B 152 -41.54 -55.61 -18.67
CA GLN B 152 -41.51 -55.58 -17.19
C GLN B 152 -42.16 -54.31 -16.66
N LEU B 153 -41.99 -53.22 -17.41
CA LEU B 153 -42.67 -51.97 -17.12
C LEU B 153 -44.16 -52.10 -17.33
N GLN B 154 -44.55 -52.62 -18.50
CA GLN B 154 -45.96 -52.81 -18.81
C GLN B 154 -46.68 -53.75 -17.81
N THR B 155 -45.98 -54.81 -17.40
CA THR B 155 -46.45 -55.72 -16.35
C THR B 155 -46.85 -54.91 -15.12
N LEU B 156 -45.90 -54.07 -14.71
CA LEU B 156 -46.05 -53.22 -13.54
C LEU B 156 -47.20 -52.22 -13.72
N ALA B 157 -47.20 -51.56 -14.87
CA ALA B 157 -48.18 -50.54 -15.17
C ALA B 157 -49.55 -51.10 -14.92
N THR B 158 -49.81 -52.28 -15.46
CA THR B 158 -51.16 -52.83 -15.44
C THR B 158 -51.59 -53.24 -14.03
N ARG B 159 -50.62 -53.71 -13.23
CA ARG B 159 -50.86 -54.02 -11.81
C ARG B 159 -51.27 -52.75 -11.04
N ILE B 160 -50.66 -51.62 -11.40
CA ILE B 160 -50.98 -50.34 -10.81
C ILE B 160 -52.34 -49.84 -11.33
N GLU B 161 -52.51 -49.85 -12.66
CA GLU B 161 -53.79 -49.65 -13.35
C GLU B 161 -54.94 -50.29 -12.56
N ALA B 162 -54.64 -51.46 -11.98
CA ALA B 162 -55.53 -52.18 -11.06
C ALA B 162 -55.64 -51.54 -9.67
N GLN B 163 -54.50 -51.28 -9.01
CA GLN B 163 -54.52 -50.77 -7.62
C GLN B 163 -55.26 -49.44 -7.40
N GLY B 164 -55.56 -48.72 -8.48
CA GLY B 164 -56.38 -47.51 -8.39
C GLY B 164 -55.72 -46.32 -9.04
N PHE B 165 -54.59 -46.59 -9.70
CA PHE B 165 -53.75 -45.55 -10.30
C PHE B 165 -53.84 -45.53 -11.82
N ARG B 166 -53.91 -44.35 -12.42
CA ARG B 166 -53.82 -44.21 -13.86
C ARG B 166 -52.41 -43.78 -14.25
N PRO B 167 -51.54 -44.76 -14.51
CA PRO B 167 -50.12 -44.48 -14.80
C PRO B 167 -49.75 -43.63 -16.06
N TYR B 168 -48.47 -43.67 -16.41
CA TYR B 168 -47.84 -43.30 -17.69
C TYR B 168 -46.48 -43.95 -17.61
N VAL B 169 -46.13 -44.68 -18.64
CA VAL B 169 -44.85 -45.36 -18.67
C VAL B 169 -43.77 -44.55 -19.43
N ILE B 170 -42.61 -44.37 -18.77
CA ILE B 170 -41.45 -43.74 -19.38
C ILE B 170 -40.37 -44.81 -19.54
N PRO B 171 -39.97 -45.09 -20.80
CA PRO B 171 -38.94 -46.10 -21.15
C PRO B 171 -37.64 -45.94 -20.35
N VAL B 172 -36.74 -46.91 -20.46
CA VAL B 172 -35.45 -46.80 -19.78
C VAL B 172 -34.67 -45.56 -20.27
N GLY B 173 -34.23 -44.71 -19.34
CA GLY B 173 -33.46 -43.50 -19.69
C GLY B 173 -34.27 -42.42 -20.40
N GLY B 174 -35.56 -42.65 -20.54
CA GLY B 174 -36.44 -41.71 -21.22
C GLY B 174 -36.17 -41.61 -22.70
N SER B 175 -35.42 -42.59 -23.23
CA SER B 175 -35.06 -42.62 -24.65
C SER B 175 -36.15 -43.27 -25.50
N SER B 176 -37.15 -42.48 -25.83
CA SER B 176 -38.13 -42.85 -26.82
C SER B 176 -38.06 -41.78 -27.92
N ALA B 177 -38.61 -42.08 -29.08
CA ALA B 177 -38.74 -41.09 -30.15
C ALA B 177 -39.07 -39.71 -29.57
N LEU B 178 -40.16 -39.62 -28.79
CA LEU B 178 -40.64 -38.36 -28.20
C LEU B 178 -39.64 -37.75 -27.20
N GLY B 179 -39.16 -38.57 -26.27
CA GLY B 179 -38.16 -38.16 -25.27
C GLY B 179 -36.98 -37.42 -25.88
N ALA B 180 -36.34 -38.07 -26.85
CA ALA B 180 -35.18 -37.52 -27.54
C ALA B 180 -35.44 -36.19 -28.27
N MET B 181 -36.70 -35.75 -28.25
CA MET B 181 -37.05 -34.44 -28.84
C MET B 181 -36.30 -33.35 -28.11
N GLY B 182 -36.15 -33.53 -26.80
CA GLY B 182 -35.35 -32.62 -25.94
C GLY B 182 -33.98 -32.26 -26.50
N TYR B 183 -33.25 -33.28 -26.97
CA TYR B 183 -31.92 -33.09 -27.54
C TYR B 183 -31.87 -32.66 -29.02
N VAL B 184 -32.99 -32.83 -29.71
CA VAL B 184 -33.16 -32.18 -30.98
C VAL B 184 -33.24 -30.68 -30.72
N GLU B 185 -34.12 -30.26 -29.82
CA GLU B 185 -34.25 -28.85 -29.43
C GLU B 185 -32.96 -28.29 -28.82
N SER B 186 -32.21 -29.17 -28.16
CA SER B 186 -30.90 -28.85 -27.61
C SER B 186 -29.94 -28.36 -28.71
N ALA B 187 -29.92 -29.07 -29.82
CA ALA B 187 -29.05 -28.67 -30.92
C ALA B 187 -29.34 -27.24 -31.36
N LEU B 188 -30.60 -26.83 -31.22
CA LEU B 188 -30.99 -25.47 -31.58
C LEU B 188 -30.15 -24.46 -30.77
N GLU B 189 -30.20 -24.59 -29.44
CA GLU B 189 -29.40 -23.80 -28.48
C GLU B 189 -27.94 -23.82 -28.87
N ILE B 190 -27.41 -25.04 -29.00
CA ILE B 190 -25.99 -25.27 -29.28
C ILE B 190 -25.48 -24.48 -30.51
N ALA B 191 -26.16 -24.65 -31.64
CA ALA B 191 -25.80 -23.93 -32.86
C ALA B 191 -25.93 -22.40 -32.70
N GLN B 192 -26.98 -21.95 -32.04
CA GLN B 192 -27.11 -20.52 -31.84
C GLN B 192 -25.96 -20.06 -31.00
N GLN B 193 -25.77 -20.69 -29.87
CA GLN B 193 -24.71 -20.26 -28.99
C GLN B 193 -23.39 -20.10 -29.78
N CYS B 194 -23.05 -21.09 -30.61
CA CYS B 194 -21.82 -21.08 -31.44
C CYS B 194 -21.77 -20.11 -32.64
N GLU B 195 -22.93 -19.51 -32.96
CA GLU B 195 -23.07 -18.56 -34.09
C GLU B 195 -22.11 -17.37 -33.94
N GLU B 196 -21.28 -17.16 -34.98
CA GLU B 196 -20.17 -16.18 -34.99
C GLU B 196 -19.13 -16.40 -33.86
N VAL B 197 -19.54 -17.09 -32.77
CA VAL B 197 -18.74 -17.24 -31.54
C VAL B 197 -17.72 -18.39 -31.60
N VAL B 198 -18.10 -19.55 -32.14
CA VAL B 198 -17.12 -20.64 -32.34
C VAL B 198 -17.30 -21.37 -33.66
N GLY B 199 -16.17 -21.61 -34.34
CA GLY B 199 -16.12 -22.53 -35.49
C GLY B 199 -16.01 -24.01 -35.10
N LEU B 200 -17.11 -24.59 -34.66
CA LEU B 200 -17.10 -25.90 -34.03
C LEU B 200 -16.81 -27.01 -35.01
N SER B 201 -15.95 -27.95 -34.62
CA SER B 201 -15.57 -29.06 -35.51
C SER B 201 -16.16 -30.43 -35.08
N SER B 202 -16.08 -30.73 -33.79
CA SER B 202 -16.55 -32.02 -33.25
C SER B 202 -17.43 -31.87 -31.98
N VAL B 203 -18.34 -32.83 -31.77
CA VAL B 203 -19.16 -32.90 -30.56
C VAL B 203 -19.13 -34.31 -29.98
N VAL B 204 -18.81 -34.38 -28.69
CA VAL B 204 -18.73 -35.65 -27.96
C VAL B 204 -19.86 -35.69 -26.92
N VAL B 205 -20.54 -36.83 -26.85
CA VAL B 205 -21.57 -37.09 -25.85
C VAL B 205 -21.66 -38.60 -25.56
N ALA B 206 -21.97 -38.93 -24.31
CA ALA B 206 -22.13 -40.30 -23.89
C ALA B 206 -23.35 -40.90 -24.59
N SER B 207 -23.22 -42.16 -24.99
CA SER B 207 -24.28 -42.86 -25.69
C SER B 207 -24.70 -44.06 -24.86
N GLY B 208 -25.92 -43.96 -24.31
CA GLY B 208 -26.44 -45.00 -23.40
C GLY B 208 -27.73 -45.55 -23.96
N SER B 209 -28.81 -45.39 -23.18
CA SER B 209 -30.20 -45.59 -23.68
C SER B 209 -30.51 -44.89 -25.04
N ALA B 210 -29.56 -44.12 -25.55
CA ALA B 210 -29.48 -43.65 -26.94
C ALA B 210 -30.15 -42.35 -27.32
N GLY B 211 -31.32 -42.08 -26.71
CA GLY B 211 -32.07 -40.85 -27.02
C GLY B 211 -31.35 -39.50 -27.12
N THR B 212 -30.45 -39.23 -26.18
CA THR B 212 -29.62 -38.01 -26.21
C THR B 212 -28.76 -37.97 -27.49
N HIS B 213 -27.93 -39.01 -27.68
CA HIS B 213 -27.12 -39.14 -28.91
C HIS B 213 -27.95 -38.98 -30.17
N ALA B 214 -29.06 -39.72 -30.23
CA ALA B 214 -29.98 -39.69 -31.36
C ALA B 214 -30.54 -38.28 -31.64
N GLY B 215 -31.16 -37.66 -30.63
CA GLY B 215 -31.69 -36.29 -30.75
C GLY B 215 -30.68 -35.30 -31.30
N LEU B 216 -29.45 -35.38 -30.80
CA LEU B 216 -28.38 -34.58 -31.32
C LEU B 216 -28.16 -34.86 -32.80
N ALA B 217 -28.03 -36.13 -33.15
CA ALA B 217 -27.72 -36.53 -34.52
C ALA B 217 -28.72 -36.01 -35.56
N VAL B 218 -30.00 -36.00 -35.21
CA VAL B 218 -31.01 -35.44 -36.08
C VAL B 218 -30.86 -33.90 -36.12
N GLY B 219 -30.92 -33.24 -34.97
CA GLY B 219 -30.77 -31.77 -34.90
C GLY B 219 -29.51 -31.20 -35.54
N LEU B 220 -28.36 -31.84 -35.23
CA LEU B 220 -27.03 -31.45 -35.71
C LEU B 220 -26.76 -31.79 -37.21
N GLU B 221 -27.40 -32.84 -37.75
CA GLU B 221 -27.42 -33.07 -39.22
C GLU B 221 -28.08 -31.87 -39.91
N HIS B 222 -29.24 -31.45 -39.40
CA HIS B 222 -29.99 -30.34 -39.96
C HIS B 222 -29.46 -28.93 -39.61
N LEU B 223 -28.90 -28.74 -38.42
CA LEU B 223 -28.40 -27.39 -38.09
C LEU B 223 -26.92 -27.12 -38.36
N MET B 224 -26.07 -28.11 -38.11
CA MET B 224 -24.63 -27.94 -38.28
C MET B 224 -24.05 -29.14 -39.03
N PRO B 225 -24.32 -29.20 -40.34
CA PRO B 225 -24.11 -30.46 -41.08
C PRO B 225 -22.62 -30.87 -41.21
N ASP B 226 -21.71 -29.94 -40.92
CA ASP B 226 -20.25 -30.16 -41.10
C ASP B 226 -19.63 -30.70 -39.83
N VAL B 227 -20.35 -30.54 -38.71
CA VAL B 227 -19.87 -30.97 -37.39
C VAL B 227 -19.89 -32.47 -37.27
N GLU B 228 -18.76 -33.05 -36.87
CA GLU B 228 -18.64 -34.47 -36.65
C GLU B 228 -19.16 -34.84 -35.26
N LEU B 229 -20.13 -35.76 -35.17
CA LEU B 229 -20.74 -36.15 -33.87
C LEU B 229 -20.32 -37.52 -33.35
N ILE B 230 -19.55 -37.51 -32.27
CA ILE B 230 -19.07 -38.75 -31.67
C ILE B 230 -19.84 -39.11 -30.40
N GLY B 231 -20.34 -40.35 -30.35
CA GLY B 231 -20.89 -40.93 -29.15
C GLY B 231 -19.93 -41.93 -28.53
N VAL B 232 -19.69 -41.81 -27.22
CA VAL B 232 -18.91 -42.79 -26.50
C VAL B 232 -19.89 -43.70 -25.78
N THR B 233 -19.83 -44.95 -26.15
CA THR B 233 -20.67 -45.99 -25.55
C THR B 233 -20.30 -46.18 -24.08
N VAL B 234 -21.33 -46.22 -23.22
CA VAL B 234 -21.12 -46.43 -21.79
C VAL B 234 -21.53 -47.82 -21.30
N SER B 235 -22.14 -48.60 -22.19
CA SER B 235 -22.67 -49.93 -21.84
C SER B 235 -22.39 -51.00 -22.90
N ARG B 236 -22.72 -50.72 -24.15
CA ARG B 236 -22.68 -51.72 -25.21
C ARG B 236 -21.49 -51.47 -26.16
N SER B 237 -21.18 -52.44 -27.02
CA SER B 237 -20.16 -52.29 -28.10
C SER B 237 -20.75 -51.61 -29.33
N VAL B 238 -19.90 -51.17 -30.26
CA VAL B 238 -20.36 -50.49 -31.49
C VAL B 238 -21.43 -51.33 -32.21
N ALA B 239 -21.09 -52.61 -32.33
CA ALA B 239 -21.94 -53.66 -32.87
C ALA B 239 -23.38 -53.56 -32.31
N GLU B 240 -23.53 -53.80 -31.01
CA GLU B 240 -24.84 -53.80 -30.35
C GLU B 240 -25.50 -52.39 -30.31
N GLN B 241 -24.70 -51.33 -30.18
CA GLN B 241 -25.23 -49.96 -29.97
C GLN B 241 -25.77 -49.30 -31.25
N LYS B 242 -24.94 -49.25 -32.31
CA LYS B 242 -25.27 -48.54 -33.59
C LYS B 242 -26.71 -48.72 -34.07
N PRO B 243 -27.22 -49.97 -34.14
CA PRO B 243 -28.62 -50.15 -34.55
C PRO B 243 -29.64 -49.36 -33.71
N LYS B 244 -29.46 -49.37 -32.39
CA LYS B 244 -30.41 -48.73 -31.46
C LYS B 244 -30.45 -47.23 -31.73
N VAL B 245 -29.27 -46.66 -32.02
CA VAL B 245 -29.14 -45.24 -32.28
C VAL B 245 -29.83 -44.92 -33.60
N ILE B 246 -29.53 -45.73 -34.61
CA ILE B 246 -30.04 -45.49 -35.95
C ILE B 246 -31.56 -45.53 -35.94
N ALA B 247 -32.10 -46.46 -35.14
CA ALA B 247 -33.54 -46.64 -34.98
C ALA B 247 -34.21 -45.36 -34.54
N LEU B 248 -33.66 -44.78 -33.46
CA LEU B 248 -34.22 -43.54 -32.90
C LEU B 248 -34.05 -42.39 -33.88
N GLN B 249 -32.84 -42.26 -34.44
CA GLN B 249 -32.58 -41.26 -35.48
C GLN B 249 -33.73 -41.17 -36.48
N GLN B 250 -34.09 -42.36 -36.97
CA GLN B 250 -35.08 -42.52 -38.05
C GLN B 250 -36.50 -42.21 -37.59
N ALA B 251 -36.83 -42.74 -36.41
CA ALA B 251 -38.10 -42.50 -35.77
C ALA B 251 -38.28 -41.01 -35.45
N ILE B 252 -37.23 -40.41 -34.86
CA ILE B 252 -37.24 -38.97 -34.51
C ILE B 252 -37.45 -38.16 -35.78
N ALA B 253 -36.58 -38.42 -36.76
CA ALA B 253 -36.66 -37.79 -38.08
C ALA B 253 -38.05 -37.97 -38.70
N GLY B 254 -38.55 -39.22 -38.66
CA GLY B 254 -39.91 -39.55 -39.09
C GLY B 254 -40.93 -38.55 -38.52
N GLN B 255 -41.08 -38.56 -37.20
CA GLN B 255 -42.06 -37.73 -36.51
C GLN B 255 -41.81 -36.21 -36.67
N LEU B 256 -40.57 -35.83 -36.97
CA LEU B 256 -40.21 -34.42 -37.16
C LEU B 256 -40.43 -33.99 -38.62
N ALA B 257 -40.84 -34.95 -39.45
CA ALA B 257 -41.13 -34.73 -40.88
C ALA B 257 -39.86 -34.39 -41.67
N LEU B 258 -38.73 -34.91 -41.20
CA LEU B 258 -37.46 -34.65 -41.85
C LEU B 258 -36.87 -35.97 -42.31
N THR B 259 -35.78 -35.89 -43.06
CA THR B 259 -35.11 -37.08 -43.50
C THR B 259 -33.75 -37.03 -42.78
N ALA B 260 -33.21 -38.18 -42.41
CA ALA B 260 -31.90 -38.22 -41.76
C ALA B 260 -30.95 -39.20 -42.45
N THR B 261 -29.92 -38.67 -43.11
CA THR B 261 -28.98 -39.52 -43.83
C THR B 261 -27.58 -39.58 -43.20
N ALA B 262 -27.39 -38.80 -42.13
CA ALA B 262 -26.12 -38.76 -41.41
C ALA B 262 -25.71 -40.14 -40.84
N ASP B 263 -24.46 -40.52 -41.08
CA ASP B 263 -23.87 -41.69 -40.42
C ASP B 263 -23.71 -41.48 -38.91
N ILE B 264 -24.15 -42.44 -38.08
CA ILE B 264 -23.91 -42.35 -36.64
C ILE B 264 -22.52 -42.89 -36.26
N HIS B 265 -21.76 -42.12 -35.48
CA HIS B 265 -20.41 -42.56 -35.05
C HIS B 265 -20.36 -42.97 -33.59
N LEU B 266 -19.63 -44.05 -33.28
CA LEU B 266 -19.56 -44.58 -31.92
C LEU B 266 -18.21 -45.22 -31.57
N TRP B 267 -17.73 -44.95 -30.37
CA TRP B 267 -16.47 -45.54 -29.90
C TRP B 267 -16.75 -46.36 -28.65
N ASP B 268 -16.42 -47.64 -28.73
CA ASP B 268 -16.77 -48.56 -27.64
C ASP B 268 -15.66 -48.84 -26.62
N ASP B 269 -14.47 -48.33 -26.90
CA ASP B 269 -13.26 -48.69 -26.16
C ASP B 269 -13.22 -48.24 -24.68
N TYR B 270 -14.20 -47.44 -24.27
CA TYR B 270 -14.05 -46.69 -23.03
C TYR B 270 -14.94 -47.06 -21.85
N PHE B 271 -15.91 -47.98 -22.05
CA PHE B 271 -16.80 -48.42 -20.95
C PHE B 271 -16.21 -49.57 -20.13
N ALA B 272 -14.99 -49.96 -20.49
CA ALA B 272 -14.18 -50.98 -19.77
C ALA B 272 -15.01 -52.18 -19.31
N PRO B 273 -14.99 -52.56 -18.01
CA PRO B 273 -15.73 -53.79 -17.63
C PRO B 273 -17.21 -53.84 -18.01
N GLY B 274 -17.89 -52.70 -18.04
CA GLY B 274 -19.28 -52.65 -18.49
C GLY B 274 -20.06 -51.53 -17.87
N TYR B 275 -21.35 -51.42 -18.21
CA TYR B 275 -22.19 -50.36 -17.65
C TYR B 275 -22.04 -50.30 -16.14
N GLY B 276 -21.87 -49.10 -15.59
CA GLY B 276 -21.87 -48.92 -14.15
C GLY B 276 -20.61 -49.38 -13.44
N VAL B 277 -19.66 -49.95 -14.16
CA VAL B 277 -18.38 -50.26 -13.55
C VAL B 277 -17.40 -49.17 -13.94
N PRO B 278 -16.66 -48.63 -12.97
CA PRO B 278 -15.71 -47.53 -13.25
C PRO B 278 -14.38 -48.05 -13.76
N ASN B 279 -13.85 -47.44 -14.84
CA ASN B 279 -12.48 -47.71 -15.30
C ASN B 279 -11.49 -46.66 -14.85
N ASP B 280 -10.20 -47.02 -14.77
CA ASP B 280 -9.14 -46.06 -14.46
C ASP B 280 -9.17 -44.92 -15.46
N ALA B 281 -9.17 -45.26 -16.75
CA ALA B 281 -9.23 -44.27 -17.82
C ALA B 281 -10.29 -43.15 -17.61
N GLY B 282 -11.50 -43.57 -17.23
CA GLY B 282 -12.65 -42.68 -16.99
C GLY B 282 -12.51 -41.90 -15.70
N MET B 283 -12.11 -42.60 -14.65
CA MET B 283 -11.80 -42.03 -13.35
C MET B 283 -10.69 -40.98 -13.41
N GLU B 284 -9.66 -41.21 -14.23
CA GLU B 284 -8.59 -40.22 -14.47
C GLU B 284 -9.16 -38.93 -15.07
N ALA B 285 -10.21 -39.08 -15.87
CA ALA B 285 -10.90 -37.94 -16.50
C ALA B 285 -11.71 -37.12 -15.50
N VAL B 286 -12.24 -37.78 -14.48
CA VAL B 286 -12.98 -37.09 -13.45
C VAL B 286 -12.03 -36.22 -12.63
N LYS B 287 -10.92 -36.82 -12.16
CA LYS B 287 -9.90 -36.13 -11.37
C LYS B 287 -9.34 -34.97 -12.18
N LEU B 288 -9.13 -35.22 -13.47
CA LEU B 288 -8.61 -34.18 -14.36
C LEU B 288 -9.55 -32.98 -14.46
N LEU B 289 -10.82 -33.21 -14.70
CA LEU B 289 -11.71 -32.08 -14.86
C LEU B 289 -12.07 -31.33 -13.57
N ALA B 290 -12.13 -32.06 -12.47
CA ALA B 290 -12.36 -31.44 -11.18
C ALA B 290 -11.18 -30.57 -10.84
N SER B 291 -9.99 -31.15 -10.86
CA SER B 291 -8.79 -30.44 -10.44
C SER B 291 -8.40 -29.27 -11.35
N LEU B 292 -8.75 -29.37 -12.63
CA LEU B 292 -8.21 -28.46 -13.64
C LEU B 292 -9.18 -27.41 -14.08
N GLU B 293 -10.46 -27.67 -13.88
CA GLU B 293 -11.48 -26.77 -14.39
C GLU B 293 -12.61 -26.56 -13.42
N GLY B 294 -12.58 -27.33 -12.32
CA GLY B 294 -13.58 -27.23 -11.25
C GLY B 294 -14.94 -27.75 -11.66
N VAL B 295 -14.94 -28.68 -12.61
CA VAL B 295 -16.20 -29.28 -13.07
C VAL B 295 -16.25 -30.74 -12.64
N LEU B 296 -17.44 -31.16 -12.24
CA LEU B 296 -17.57 -32.52 -11.76
C LEU B 296 -18.24 -33.36 -12.82
N LEU B 297 -17.50 -34.38 -13.23
CA LEU B 297 -18.04 -35.41 -14.11
C LEU B 297 -18.52 -36.55 -13.24
N ASP B 298 -18.84 -37.71 -13.82
CA ASP B 298 -19.27 -38.85 -12.99
C ASP B 298 -18.75 -40.17 -13.52
N PRO B 299 -18.71 -41.20 -12.66
CA PRO B 299 -17.91 -42.36 -13.02
C PRO B 299 -18.63 -43.35 -13.93
N VAL B 300 -19.92 -43.13 -14.14
CA VAL B 300 -20.71 -44.04 -14.97
C VAL B 300 -20.94 -43.53 -16.40
N TYR B 301 -21.15 -42.24 -16.56
CA TYR B 301 -21.37 -41.67 -17.90
C TYR B 301 -20.27 -40.67 -18.41
N THR B 302 -20.38 -39.42 -17.96
CA THR B 302 -19.55 -38.30 -18.40
C THR B 302 -18.06 -38.55 -18.29
N GLY B 303 -17.62 -39.19 -17.21
CA GLY B 303 -16.20 -39.51 -17.03
C GLY B 303 -15.65 -40.35 -18.18
N LYS B 304 -16.34 -41.45 -18.47
CA LYS B 304 -15.97 -42.38 -19.54
C LYS B 304 -16.04 -41.68 -20.90
N ALA B 305 -17.14 -40.97 -21.14
CA ALA B 305 -17.24 -40.18 -22.35
C ALA B 305 -16.03 -39.25 -22.52
N MET B 306 -15.71 -38.50 -21.45
CA MET B 306 -14.54 -37.61 -21.40
C MET B 306 -13.22 -38.34 -21.57
N ALA B 307 -13.07 -39.49 -20.90
CA ALA B 307 -11.89 -40.34 -21.10
C ALA B 307 -11.70 -40.61 -22.59
N GLY B 308 -12.81 -40.92 -23.26
CA GLY B 308 -12.85 -41.09 -24.72
C GLY B 308 -12.37 -39.87 -25.47
N LEU B 309 -13.02 -38.72 -25.22
CA LEU B 309 -12.61 -37.45 -25.82
C LEU B 309 -11.09 -37.25 -25.72
N ILE B 310 -10.54 -37.50 -24.53
CA ILE B 310 -9.11 -37.35 -24.29
C ILE B 310 -8.26 -38.28 -25.15
N ASP B 311 -8.58 -39.59 -25.10
CA ASP B 311 -7.85 -40.58 -25.88
C ASP B 311 -8.07 -40.35 -27.38
N GLY B 312 -9.24 -39.79 -27.71
CA GLY B 312 -9.54 -39.33 -29.05
C GLY B 312 -8.47 -38.41 -29.63
N ILE B 313 -8.19 -37.31 -28.93
CA ILE B 313 -7.15 -36.36 -29.37
C ILE B 313 -5.83 -37.08 -29.44
N SER B 314 -5.57 -37.89 -28.42
CA SER B 314 -4.37 -38.70 -28.31
C SER B 314 -4.10 -39.54 -29.58
N GLN B 315 -5.16 -40.10 -30.19
CA GLN B 315 -5.04 -40.98 -31.37
C GLN B 315 -5.46 -40.34 -32.69
N LYS B 316 -5.48 -39.01 -32.75
CA LYS B 316 -5.99 -38.25 -33.92
C LYS B 316 -7.28 -38.85 -34.55
N ARG B 317 -8.22 -39.25 -33.68
CA ARG B 317 -9.42 -39.95 -34.13
C ARG B 317 -10.51 -39.06 -34.75
N PHE B 318 -10.53 -37.79 -34.37
CA PHE B 318 -11.54 -36.87 -34.91
C PHE B 318 -11.16 -36.49 -36.35
N ASN B 319 -12.12 -35.94 -37.10
CA ASN B 319 -11.89 -35.56 -38.50
C ASN B 319 -10.76 -34.55 -38.69
N ASP B 320 -10.84 -33.42 -37.99
CA ASP B 320 -9.77 -32.42 -38.05
C ASP B 320 -9.31 -31.97 -36.67
N ASP B 321 -8.47 -30.96 -36.64
CA ASP B 321 -7.88 -30.42 -35.40
C ASP B 321 -8.79 -29.55 -34.55
N GLY B 322 -9.81 -28.98 -35.20
CA GLY B 322 -10.63 -27.93 -34.63
C GLY B 322 -11.36 -28.21 -33.33
N PRO B 323 -12.11 -27.19 -32.87
CA PRO B 323 -12.88 -27.16 -31.63
C PRO B 323 -13.70 -28.43 -31.38
N ILE B 324 -13.77 -28.86 -30.12
CA ILE B 324 -14.56 -30.01 -29.70
C ILE B 324 -15.53 -29.54 -28.61
N LEU B 325 -16.81 -29.88 -28.75
CA LEU B 325 -17.81 -29.53 -27.75
C LEU B 325 -18.17 -30.78 -26.97
N PHE B 326 -18.01 -30.74 -25.67
CA PHE B 326 -18.36 -31.87 -24.83
C PHE B 326 -19.67 -31.57 -24.19
N ILE B 327 -20.57 -32.53 -24.32
CA ILE B 327 -21.90 -32.38 -23.75
C ILE B 327 -21.88 -32.94 -22.32
N HIS B 328 -21.89 -32.05 -21.33
CA HIS B 328 -21.94 -32.48 -19.94
C HIS B 328 -23.36 -32.82 -19.55
N THR B 329 -23.60 -34.12 -19.46
CA THR B 329 -24.93 -34.68 -19.36
C THR B 329 -25.30 -34.87 -17.90
N GLY B 330 -24.36 -34.49 -17.02
CA GLY B 330 -24.54 -34.48 -15.55
C GLY B 330 -24.04 -35.73 -14.83
N GLY B 331 -24.86 -36.24 -13.95
CA GLY B 331 -24.54 -37.51 -13.29
C GLY B 331 -23.72 -37.39 -12.02
N ALA B 332 -23.27 -36.19 -11.74
CA ALA B 332 -22.46 -35.92 -10.56
C ALA B 332 -22.85 -36.64 -9.26
N PRO B 333 -24.15 -36.68 -8.90
CA PRO B 333 -24.52 -37.27 -7.62
C PRO B 333 -24.02 -38.70 -7.46
N ALA B 334 -23.81 -39.40 -8.56
CA ALA B 334 -23.35 -40.78 -8.50
C ALA B 334 -22.03 -40.91 -7.76
N LEU B 335 -21.28 -39.79 -7.68
CA LEU B 335 -19.97 -39.75 -7.04
C LEU B 335 -20.05 -40.13 -5.59
N PHE B 336 -21.06 -39.61 -4.91
CA PHE B 336 -21.29 -39.92 -3.50
C PHE B 336 -21.82 -41.33 -3.27
N ALA B 337 -22.35 -41.95 -4.34
CA ALA B 337 -22.84 -43.33 -4.27
C ALA B 337 -21.70 -44.29 -4.51
N TYR B 338 -20.83 -43.95 -5.43
CA TYR B 338 -19.70 -44.81 -5.75
C TYR B 338 -18.58 -44.67 -4.73
N HIS B 339 -18.83 -43.96 -3.63
CA HIS B 339 -17.73 -43.36 -2.85
C HIS B 339 -16.49 -44.18 -2.51
N PRO B 340 -16.55 -45.06 -1.51
CA PRO B 340 -15.23 -45.66 -1.30
C PRO B 340 -14.79 -46.65 -2.42
N HIS B 341 -15.77 -47.40 -2.94
CA HIS B 341 -15.53 -48.43 -3.96
C HIS B 341 -16.77 -49.28 -4.40
N VAL B 342 -16.56 -50.11 -5.43
CA VAL B 342 -17.47 -51.20 -5.88
C VAL B 342 -18.93 -50.86 -5.69
N LEU C 20 -42.07 -2.56 -43.82
CA LEU C 20 -40.75 -1.94 -43.43
C LEU C 20 -39.90 -1.77 -44.70
N THR C 21 -39.55 -2.88 -45.31
CA THR C 21 -38.41 -2.95 -46.20
C THR C 21 -38.69 -3.13 -47.68
N ARG C 22 -38.35 -2.11 -48.45
CA ARG C 22 -38.16 -2.20 -49.82
C ARG C 22 -37.21 -1.08 -50.18
N PHE C 23 -36.66 -0.39 -49.15
CA PHE C 23 -35.77 0.75 -49.39
C PHE C 23 -34.33 0.37 -49.10
N PRO C 24 -33.52 0.21 -50.17
CA PRO C 24 -32.08 -0.08 -49.99
C PRO C 24 -31.45 1.00 -49.08
N ARG C 25 -30.79 0.54 -48.01
CA ARG C 25 -30.07 1.43 -47.09
C ARG C 25 -28.60 1.06 -47.13
N LEU C 26 -27.71 2.05 -47.05
CA LEU C 26 -26.29 1.80 -46.94
C LEU C 26 -25.87 1.57 -45.48
N GLU C 27 -24.75 0.87 -45.27
CA GLU C 27 -24.27 0.62 -43.90
C GLU C 27 -23.17 1.59 -43.48
N PHE C 28 -23.58 2.64 -42.77
CA PHE C 28 -22.67 3.62 -42.25
C PHE C 28 -22.49 3.52 -40.74
N ILE C 29 -23.55 3.09 -40.08
CA ILE C 29 -23.58 3.12 -38.63
C ILE C 29 -23.06 1.86 -37.93
N GLY C 30 -23.16 0.70 -38.57
CA GLY C 30 -22.67 -0.55 -37.97
C GLY C 30 -23.62 -1.12 -36.91
N ALA C 31 -23.13 -1.23 -35.68
CA ALA C 31 -23.99 -1.67 -34.55
C ALA C 31 -24.97 -0.56 -34.09
N PRO C 32 -26.08 -0.93 -33.41
CA PRO C 32 -27.00 0.09 -32.89
C PRO C 32 -26.30 1.00 -31.89
N THR C 33 -26.59 2.28 -31.92
CA THR C 33 -25.94 3.23 -31.03
C THR C 33 -26.41 2.95 -29.63
N PRO C 34 -25.56 3.22 -28.63
CA PRO C 34 -25.89 2.92 -27.24
C PRO C 34 -27.03 3.76 -26.70
N LEU C 35 -27.87 3.15 -25.88
CA LEU C 35 -28.84 3.88 -25.08
C LEU C 35 -28.37 3.77 -23.64
N GLU C 36 -28.29 4.90 -22.94
CA GLU C 36 -27.65 4.94 -21.62
C GLU C 36 -28.56 5.61 -20.62
N TYR C 37 -28.42 5.23 -19.35
CA TYR C 37 -29.10 5.97 -18.30
C TYR C 37 -28.19 7.11 -17.82
N LEU C 38 -28.77 8.26 -17.51
CA LEU C 38 -28.00 9.42 -17.02
C LEU C 38 -28.21 9.64 -15.53
N PRO C 39 -27.55 8.79 -14.70
CA PRO C 39 -27.81 8.75 -13.27
C PRO C 39 -27.68 10.12 -12.55
N ARG C 40 -26.60 10.83 -12.83
CA ARG C 40 -26.30 12.07 -12.11
C ARG C 40 -27.30 13.16 -12.49
N LEU C 41 -27.55 13.29 -13.78
CA LEU C 41 -28.53 14.27 -14.24
C LEU C 41 -29.90 13.90 -13.71
N SER C 42 -30.26 12.63 -13.82
CA SER C 42 -31.54 12.15 -13.34
C SER C 42 -31.76 12.57 -11.87
N ASP C 43 -30.80 12.16 -11.04
CA ASP C 43 -30.82 12.46 -9.61
C ASP C 43 -30.87 13.96 -9.36
N TYR C 44 -30.19 14.73 -10.20
CA TYR C 44 -30.23 16.17 -10.06
C TYR C 44 -31.58 16.77 -10.44
N LEU C 45 -32.19 16.26 -11.51
CA LEU C 45 -33.45 16.82 -11.99
C LEU C 45 -34.67 16.21 -11.27
N GLY C 46 -34.48 15.08 -10.62
CA GLY C 46 -35.56 14.39 -9.91
C GLY C 46 -36.49 13.68 -10.88
N ARG C 47 -35.89 12.98 -11.84
CA ARG C 47 -36.63 12.23 -12.87
C ARG C 47 -35.71 11.22 -13.55
N GLU C 48 -36.29 10.09 -13.94
CA GLU C 48 -35.56 9.08 -14.70
C GLU C 48 -35.27 9.64 -16.10
N ILE C 49 -34.01 9.87 -16.41
CA ILE C 49 -33.66 10.37 -17.74
C ILE C 49 -32.69 9.49 -18.49
N TYR C 50 -33.07 9.08 -19.69
CA TYR C 50 -32.23 8.24 -20.54
C TYR C 50 -31.79 8.97 -21.79
N ILE C 51 -30.66 8.56 -22.34
CA ILE C 51 -30.12 9.22 -23.53
C ILE C 51 -29.87 8.21 -24.68
N LYS C 52 -30.37 8.55 -25.87
CA LYS C 52 -30.08 7.79 -27.09
C LYS C 52 -28.87 8.45 -27.76
N ARG C 53 -27.78 7.73 -27.85
CA ARG C 53 -26.54 8.34 -28.29
C ARG C 53 -26.33 8.26 -29.80
N ASP C 54 -27.09 9.04 -30.57
CA ASP C 54 -26.92 9.01 -32.01
C ASP C 54 -25.75 9.88 -32.48
N ASP C 55 -25.06 10.52 -31.55
CA ASP C 55 -23.84 11.27 -31.84
C ASP C 55 -22.62 10.38 -31.99
N VAL C 56 -22.68 9.20 -31.37
CA VAL C 56 -21.60 8.23 -31.45
C VAL C 56 -21.72 7.42 -32.76
N THR C 57 -21.01 7.86 -33.79
CA THR C 57 -21.13 7.28 -35.12
C THR C 57 -19.76 7.33 -35.74
N PRO C 58 -19.35 6.24 -36.40
CA PRO C 58 -18.01 6.15 -37.02
C PRO C 58 -17.64 7.26 -38.01
N ILE C 59 -18.63 7.91 -38.62
CA ILE C 59 -18.36 8.84 -39.72
C ILE C 59 -18.19 10.29 -39.24
N ALA C 60 -17.00 10.83 -39.46
CA ALA C 60 -16.71 12.23 -39.17
C ALA C 60 -17.53 12.84 -38.04
N MET C 61 -17.31 12.36 -36.82
CA MET C 61 -17.92 12.93 -35.60
C MET C 61 -19.40 12.70 -35.45
N GLY C 62 -20.02 12.11 -36.45
CA GLY C 62 -21.38 11.54 -36.36
C GLY C 62 -22.52 12.48 -36.01
N GLY C 63 -23.73 11.96 -36.15
CA GLY C 63 -24.91 12.77 -35.88
C GLY C 63 -26.13 12.07 -36.45
N ASN C 64 -27.31 12.64 -36.12
CA ASN C 64 -28.60 12.12 -36.59
C ASN C 64 -28.65 12.08 -38.14
N1 LLP C 65 -30.22 18.06 -34.24
C2 LLP C 65 -28.91 18.03 -34.63
C2' LLP C 65 -27.85 17.83 -33.61
C3 LLP C 65 -28.56 18.16 -35.97
O3 LLP C 65 -27.37 18.11 -36.31
C4 LLP C 65 -29.55 18.34 -36.93
C4' LLP C 65 -29.09 18.48 -38.37
C5 LLP C 65 -30.88 18.39 -36.51
C6 LLP C 65 -31.21 18.24 -35.17
C5' LLP C 65 -32.02 18.57 -37.46
OP4 LLP C 65 -33.07 17.62 -37.18
P LLP C 65 -34.31 17.36 -38.14
OP1 LLP C 65 -34.44 18.66 -38.85
OP2 LLP C 65 -33.78 16.31 -39.04
OP3 LLP C 65 -35.37 16.97 -37.14
N LLP C 65 -28.07 13.10 -38.76
CA LLP C 65 -28.12 13.26 -40.19
CB LLP C 65 -27.36 14.49 -40.62
CG LLP C 65 -28.00 15.76 -40.17
CD LLP C 65 -29.47 15.76 -40.41
CE LLP C 65 -30.18 16.55 -39.32
NZ LLP C 65 -29.85 18.01 -39.38
C LLP C 65 -27.59 12.07 -40.95
O LLP C 65 -27.87 11.94 -42.15
N LEU C 66 -26.83 11.22 -40.28
CA LEU C 66 -26.20 10.11 -40.98
C LEU C 66 -27.21 9.02 -41.25
N ARG C 67 -28.08 8.76 -40.28
CA ARG C 67 -29.09 7.69 -40.37
C ARG C 67 -29.92 7.95 -41.63
N LYS C 68 -30.15 9.24 -41.90
CA LYS C 68 -30.82 9.71 -43.12
C LYS C 68 -30.02 9.39 -44.38
N LEU C 69 -28.81 9.90 -44.44
CA LEU C 69 -27.93 9.64 -45.56
C LEU C 69 -27.80 8.15 -45.87
N GLU C 70 -28.00 7.29 -44.88
CA GLU C 70 -27.92 5.87 -45.15
C GLU C 70 -28.89 5.44 -46.27
N PHE C 71 -30.10 5.99 -46.24
CA PHE C 71 -31.08 5.73 -47.29
C PHE C 71 -30.85 6.65 -48.49
N LEU C 72 -30.63 7.94 -48.22
CA LEU C 72 -30.48 8.96 -49.27
C LEU C 72 -29.37 8.62 -50.25
N VAL C 73 -28.16 8.40 -49.71
CA VAL C 73 -26.99 8.08 -50.56
C VAL C 73 -27.12 6.72 -51.23
N ALA C 74 -27.79 5.80 -50.54
CA ALA C 74 -28.05 4.49 -51.12
C ALA C 74 -28.78 4.70 -52.44
N ASP C 75 -29.79 5.55 -52.37
CA ASP C 75 -30.62 5.91 -53.51
C ASP C 75 -29.80 6.68 -54.58
N ALA C 76 -29.11 7.72 -54.13
CA ALA C 76 -28.18 8.44 -55.01
C ALA C 76 -27.30 7.51 -55.86
N LEU C 77 -26.93 6.35 -55.30
CA LEU C 77 -26.07 5.39 -56.00
C LEU C 77 -26.83 4.61 -57.03
N ARG C 78 -28.05 4.21 -56.65
CA ARG C 78 -29.01 3.60 -57.59
C ARG C 78 -29.15 4.50 -58.84
N GLU C 79 -29.33 5.82 -58.64
CA GLU C 79 -29.38 6.79 -59.75
C GLU C 79 -28.08 6.88 -60.52
N GLY C 80 -27.06 6.15 -60.08
CA GLY C 80 -25.70 6.23 -60.64
C GLY C 80 -25.03 7.61 -60.55
N ALA C 81 -25.53 8.47 -59.63
CA ALA C 81 -24.97 9.81 -59.42
C ALA C 81 -23.48 9.72 -59.10
N ASP C 82 -22.74 10.75 -59.46
CA ASP C 82 -21.32 10.80 -59.14
C ASP C 82 -21.04 12.01 -58.24
N THR C 83 -22.12 12.67 -57.84
CA THR C 83 -22.03 13.90 -57.11
C THR C 83 -23.24 14.06 -56.22
N LEU C 84 -22.99 14.52 -54.99
CA LEU C 84 -24.08 14.89 -54.12
C LEU C 84 -24.09 16.41 -54.00
N ILE C 85 -25.29 16.98 -54.09
CA ILE C 85 -25.46 18.40 -53.81
C ILE C 85 -26.38 18.55 -52.63
N THR C 86 -26.08 19.51 -51.77
CA THR C 86 -26.97 19.86 -50.65
C THR C 86 -26.74 21.27 -50.15
N ALA C 87 -27.59 21.71 -49.22
CA ALA C 87 -27.49 23.07 -48.72
C ALA C 87 -27.73 23.12 -47.22
N GLY C 88 -27.32 24.22 -46.60
CA GLY C 88 -27.58 24.48 -45.17
C GLY C 88 -26.72 25.60 -44.63
N ALA C 89 -26.88 25.88 -43.32
CA ALA C 89 -26.07 26.92 -42.65
C ALA C 89 -24.59 26.68 -42.91
N ILE C 90 -23.74 27.66 -42.60
CA ILE C 90 -22.30 27.46 -42.72
C ILE C 90 -21.86 26.36 -41.78
N GLN C 91 -22.44 26.36 -40.59
CA GLN C 91 -22.13 25.34 -39.60
C GLN C 91 -23.11 24.18 -39.61
N SER C 92 -23.53 23.81 -40.81
CA SER C 92 -24.49 22.73 -40.97
C SER C 92 -23.86 21.38 -40.66
N ASN C 93 -24.56 20.62 -39.80
CA ASN C 93 -24.14 19.29 -39.43
C ASN C 93 -24.38 18.38 -40.59
N HIS C 94 -25.49 18.65 -41.29
CA HIS C 94 -25.89 17.85 -42.45
C HIS C 94 -24.84 17.90 -43.56
N VAL C 95 -24.39 19.10 -43.87
CA VAL C 95 -23.42 19.27 -44.92
C VAL C 95 -22.16 18.50 -44.57
N ARG C 96 -21.68 18.68 -43.32
CA ARG C 96 -20.47 17.99 -42.83
C ARG C 96 -20.57 16.49 -43.09
N GLN C 97 -21.67 15.92 -42.64
CA GLN C 97 -21.84 14.51 -42.75
C GLN C 97 -21.95 14.12 -44.21
N THR C 98 -22.74 14.88 -44.97
CA THR C 98 -22.92 14.61 -46.40
C THR C 98 -21.58 14.59 -47.13
N ALA C 99 -20.76 15.60 -46.83
CA ALA C 99 -19.47 15.75 -47.52
C ALA C 99 -18.50 14.64 -47.19
N ALA C 100 -18.63 14.13 -45.97
CA ALA C 100 -17.79 13.03 -45.49
C ALA C 100 -18.12 11.78 -46.27
N VAL C 101 -19.37 11.38 -46.15
CA VAL C 101 -19.91 10.22 -46.86
C VAL C 101 -19.47 10.27 -48.29
N ALA C 102 -19.65 11.43 -48.91
CA ALA C 102 -19.21 11.70 -50.27
C ALA C 102 -17.77 11.23 -50.47
N ALA C 103 -16.85 11.80 -49.68
CA ALA C 103 -15.42 11.54 -49.83
C ALA C 103 -15.12 10.06 -49.58
N LYS C 104 -15.79 9.49 -48.58
CA LYS C 104 -15.62 8.12 -48.23
C LYS C 104 -15.94 7.30 -49.46
N LEU C 105 -17.08 7.61 -50.07
CA LEU C 105 -17.55 6.83 -51.21
C LEU C 105 -16.87 7.16 -52.52
N GLY C 106 -16.38 8.39 -52.68
CA GLY C 106 -15.70 8.78 -53.92
C GLY C 106 -16.59 9.62 -54.81
N LEU C 107 -17.70 10.11 -54.24
CA LEU C 107 -18.57 11.05 -54.91
C LEU C 107 -18.08 12.50 -54.65
N HIS C 108 -18.35 13.41 -55.59
CA HIS C 108 -18.17 14.87 -55.37
C HIS C 108 -19.26 15.44 -54.50
N CYS C 109 -18.93 16.52 -53.84
CA CYS C 109 -19.91 17.13 -53.02
C CYS C 109 -19.93 18.61 -53.27
N VAL C 110 -21.10 19.11 -53.67
CA VAL C 110 -21.26 20.54 -53.79
C VAL C 110 -22.21 21.01 -52.73
N ALA C 111 -21.79 22.01 -51.97
CA ALA C 111 -22.59 22.51 -50.85
C ALA C 111 -22.97 23.96 -51.01
N LEU C 112 -24.26 24.24 -50.88
CA LEU C 112 -24.73 25.62 -50.91
C LEU C 112 -24.93 26.13 -49.46
N LEU C 113 -24.19 27.16 -49.08
CA LEU C 113 -24.26 27.61 -47.71
C LEU C 113 -24.77 29.02 -47.56
N GLU C 114 -25.41 29.28 -46.43
CA GLU C 114 -25.80 30.63 -46.07
C GLU C 114 -25.26 30.99 -44.71
N ASN C 115 -24.99 32.26 -44.48
CA ASN C 115 -24.70 32.76 -43.13
C ASN C 115 -26.02 33.26 -42.50
N PRO C 116 -26.71 32.39 -41.77
CA PRO C 116 -28.06 32.69 -41.33
C PRO C 116 -28.16 33.62 -40.13
N ILE C 117 -27.06 33.90 -39.46
CA ILE C 117 -27.16 34.73 -38.28
C ILE C 117 -26.50 36.08 -38.50
N GLY C 118 -25.92 36.22 -39.70
CA GLY C 118 -25.20 37.44 -40.12
C GLY C 118 -24.06 37.79 -39.18
N THR C 119 -23.20 36.82 -38.92
CA THR C 119 -22.08 37.07 -38.04
C THR C 119 -20.82 37.28 -38.87
N THR C 120 -19.87 37.96 -38.23
CA THR C 120 -18.56 38.21 -38.83
C THR C 120 -17.45 37.51 -38.05
N ALA C 121 -17.83 36.87 -36.93
CA ALA C 121 -16.88 36.11 -36.08
C ALA C 121 -16.12 35.01 -36.83
N GLU C 122 -14.82 35.19 -36.87
CA GLU C 122 -13.87 34.29 -37.52
C GLU C 122 -14.23 32.80 -37.40
N ASN C 123 -14.49 32.39 -36.15
CA ASN C 123 -14.66 31.00 -35.83
C ASN C 123 -15.90 30.39 -36.45
N TYR C 124 -17.00 31.14 -36.46
CA TYR C 124 -18.17 30.70 -37.21
C TYR C 124 -17.85 30.57 -38.72
N LEU C 125 -17.11 31.53 -39.24
CA LEU C 125 -16.91 31.59 -40.67
C LEU C 125 -15.94 30.53 -41.21
N THR C 126 -14.95 30.17 -40.42
CA THR C 126 -13.90 29.28 -40.90
C THR C 126 -13.75 28.01 -40.09
N ASN C 127 -14.10 28.08 -38.81
CA ASN C 127 -13.84 26.96 -37.91
C ASN C 127 -14.97 25.93 -37.86
N GLY C 128 -15.03 25.15 -36.78
CA GLY C 128 -16.07 24.13 -36.61
C GLY C 128 -16.31 23.34 -37.88
N ASN C 129 -17.57 22.99 -38.13
CA ASN C 129 -17.96 22.18 -39.29
C ASN C 129 -17.32 22.69 -40.55
N ARG C 130 -17.49 23.98 -40.79
CA ARG C 130 -16.98 24.62 -41.99
C ARG C 130 -15.54 24.19 -42.33
N LEU C 131 -14.68 24.16 -41.29
CA LEU C 131 -13.29 23.75 -41.44
C LEU C 131 -13.17 22.36 -42.04
N LEU C 132 -13.96 21.43 -41.54
CA LEU C 132 -13.86 20.06 -41.99
C LEU C 132 -14.26 19.99 -43.47
N LEU C 133 -15.29 20.76 -43.87
CA LEU C 133 -15.71 20.76 -45.28
C LEU C 133 -14.54 20.96 -46.23
N ASP C 134 -13.60 21.81 -45.85
CA ASP C 134 -12.40 22.02 -46.64
C ASP C 134 -11.51 20.82 -46.71
N LEU C 135 -11.44 20.10 -45.60
CA LEU C 135 -10.62 18.89 -45.50
C LEU C 135 -11.21 17.81 -46.41
N PHE C 136 -12.54 17.77 -46.45
CA PHE C 136 -13.29 16.87 -47.30
C PHE C 136 -13.33 17.32 -48.77
N ASN C 137 -12.63 18.40 -49.10
CA ASN C 137 -12.62 18.97 -50.45
C ASN C 137 -13.98 19.18 -51.07
N THR C 138 -14.89 19.70 -50.27
CA THR C 138 -16.21 20.07 -50.74
C THR C 138 -16.12 21.29 -51.66
N GLN C 139 -16.73 21.22 -52.84
CA GLN C 139 -17.00 22.42 -53.63
C GLN C 139 -18.09 23.25 -52.90
N ILE C 140 -17.77 24.49 -52.57
CA ILE C 140 -18.64 25.31 -51.76
C ILE C 140 -19.08 26.52 -52.57
N GLU C 141 -20.38 26.80 -52.53
CA GLU C 141 -20.92 28.04 -53.08
C GLU C 141 -21.73 28.78 -52.03
N MET C 142 -21.54 30.08 -51.99
CA MET C 142 -22.26 30.92 -51.04
C MET C 142 -23.53 31.52 -51.66
N CYS C 143 -24.50 31.87 -50.82
CA CYS C 143 -25.62 32.69 -51.24
C CYS C 143 -26.12 33.52 -50.06
N ASP C 144 -26.89 34.56 -50.34
CA ASP C 144 -27.26 35.52 -49.29
C ASP C 144 -28.21 34.90 -48.30
N ALA C 145 -29.20 34.21 -48.84
CA ALA C 145 -30.12 33.39 -48.06
C ALA C 145 -30.64 32.20 -48.89
N LEU C 146 -31.09 31.18 -48.18
CA LEU C 146 -31.77 30.05 -48.77
C LEU C 146 -33.28 30.30 -48.70
N THR C 147 -33.72 31.35 -49.39
CA THR C 147 -35.14 31.79 -49.40
C THR C 147 -36.07 30.69 -49.93
N ASP C 148 -35.63 30.00 -50.99
CA ASP C 148 -36.32 28.83 -51.51
C ASP C 148 -35.27 27.79 -51.88
N PRO C 149 -35.04 26.84 -50.96
CA PRO C 149 -33.99 25.84 -51.08
C PRO C 149 -34.16 24.94 -52.30
N ASP C 150 -35.30 24.26 -52.39
CA ASP C 150 -35.49 23.20 -53.39
C ASP C 150 -35.18 23.73 -54.78
N ALA C 151 -35.61 24.96 -55.02
CA ALA C 151 -35.40 25.61 -56.31
C ALA C 151 -33.93 25.94 -56.50
N GLN C 152 -33.33 26.56 -55.48
CA GLN C 152 -31.95 27.04 -55.57
C GLN C 152 -31.02 25.87 -55.75
N LEU C 153 -31.43 24.74 -55.18
CA LEU C 153 -30.68 23.48 -55.33
C LEU C 153 -30.81 22.96 -56.73
N GLN C 154 -32.04 22.87 -57.22
CA GLN C 154 -32.27 22.42 -58.59
C GLN C 154 -31.59 23.36 -59.61
N THR C 155 -31.59 24.66 -59.34
CA THR C 155 -30.89 25.62 -60.18
C THR C 155 -29.44 25.17 -60.33
N LEU C 156 -28.82 24.89 -59.17
CA LEU C 156 -27.42 24.50 -59.04
C LEU C 156 -27.19 23.14 -59.70
N ALA C 157 -28.08 22.20 -59.40
CA ALA C 157 -27.98 20.87 -59.95
C ALA C 157 -27.83 20.90 -61.47
N THR C 158 -28.66 21.70 -62.13
CA THR C 158 -28.72 21.73 -63.59
C THR C 158 -27.48 22.36 -64.18
N ARG C 159 -26.94 23.37 -63.50
CA ARG C 159 -25.68 23.99 -63.90
C ARG C 159 -24.54 22.96 -63.88
N ILE C 160 -24.58 22.09 -62.89
CA ILE C 160 -23.57 21.04 -62.75
C ILE C 160 -23.81 19.90 -63.79
N GLU C 161 -25.05 19.42 -63.86
CA GLU C 161 -25.53 18.52 -64.92
C GLU C 161 -24.91 18.91 -66.26
N ALA C 162 -24.73 20.22 -66.41
CA ALA C 162 -24.10 20.82 -67.57
C ALA C 162 -22.56 20.73 -67.52
N GLN C 163 -21.98 20.95 -66.36
CA GLN C 163 -20.51 21.02 -66.29
C GLN C 163 -19.76 19.71 -66.67
N GLY C 164 -20.42 18.56 -66.51
CA GLY C 164 -19.85 17.25 -66.90
C GLY C 164 -20.30 16.11 -65.98
N PHE C 165 -21.11 16.49 -64.97
CA PHE C 165 -21.44 15.67 -63.78
C PHE C 165 -22.89 15.14 -63.74
N ARG C 166 -23.08 13.95 -63.17
CA ARG C 166 -24.41 13.38 -62.89
C ARG C 166 -24.68 13.53 -61.38
N PRO C 167 -25.32 14.64 -60.97
CA PRO C 167 -25.54 14.92 -59.55
C PRO C 167 -26.86 14.34 -58.99
N TYR C 168 -26.90 14.15 -57.66
CA TYR C 168 -28.10 13.79 -56.86
C TYR C 168 -28.36 14.88 -55.82
N VAL C 169 -29.60 15.34 -55.71
CA VAL C 169 -29.92 16.42 -54.78
C VAL C 169 -30.45 15.89 -53.45
N ILE C 170 -29.85 16.34 -52.36
CA ILE C 170 -30.34 16.02 -51.02
C ILE C 170 -30.91 17.28 -50.41
N PRO C 171 -32.21 17.28 -50.07
CA PRO C 171 -32.91 18.42 -49.46
C PRO C 171 -32.18 19.00 -48.25
N VAL C 172 -32.67 20.13 -47.76
CA VAL C 172 -32.14 20.72 -46.52
C VAL C 172 -32.27 19.76 -45.33
N GLY C 173 -31.14 19.47 -44.68
CA GLY C 173 -31.13 18.60 -43.51
C GLY C 173 -31.45 17.15 -43.82
N GLY C 174 -31.45 16.79 -45.10
CA GLY C 174 -31.79 15.42 -45.53
C GLY C 174 -33.20 14.97 -45.18
N SER C 175 -34.05 15.95 -44.80
CA SER C 175 -35.42 15.69 -44.40
C SER C 175 -36.37 15.58 -45.60
N SER C 176 -36.34 14.42 -46.26
CA SER C 176 -37.35 14.06 -47.24
C SER C 176 -38.06 12.81 -46.74
N ALA C 177 -39.20 12.50 -47.33
CA ALA C 177 -39.88 11.24 -47.06
C ALA C 177 -38.86 10.11 -46.83
N LEU C 178 -38.03 9.85 -47.86
CA LEU C 178 -37.03 8.76 -47.83
C LEU C 178 -35.96 8.91 -46.72
N GLY C 179 -35.36 10.09 -46.65
CA GLY C 179 -34.36 10.37 -45.65
C GLY C 179 -34.84 9.99 -44.26
N ALA C 180 -36.05 10.44 -43.88
CA ALA C 180 -36.60 10.22 -42.54
C ALA C 180 -36.84 8.74 -42.23
N MET C 181 -36.63 7.87 -43.22
CA MET C 181 -36.72 6.40 -43.04
C MET C 181 -35.70 5.94 -42.01
N GLY C 182 -34.54 6.61 -41.98
CA GLY C 182 -33.51 6.40 -40.96
C GLY C 182 -34.07 6.43 -39.55
N TYR C 183 -34.89 7.45 -39.24
CA TYR C 183 -35.45 7.56 -37.90
C TYR C 183 -36.70 6.74 -37.58
N VAL C 184 -37.34 6.22 -38.63
CA VAL C 184 -38.36 5.19 -38.46
C VAL C 184 -37.62 3.93 -38.02
N GLU C 185 -36.55 3.54 -38.73
CA GLU C 185 -35.76 2.38 -38.35
C GLU C 185 -35.08 2.55 -37.00
N SER C 186 -34.83 3.81 -36.65
CA SER C 186 -34.30 4.18 -35.32
C SER C 186 -35.25 3.80 -34.19
N ALA C 187 -36.54 4.04 -34.38
CA ALA C 187 -37.53 3.66 -33.37
C ALA C 187 -37.48 2.15 -33.08
N LEU C 188 -37.11 1.36 -34.09
CA LEU C 188 -36.95 -0.09 -33.94
C LEU C 188 -35.93 -0.42 -32.84
N GLU C 189 -34.70 0.10 -33.00
CA GLU C 189 -33.61 0.02 -32.01
C GLU C 189 -34.07 0.45 -30.65
N ILE C 190 -34.57 1.68 -30.59
CA ILE C 190 -35.04 2.28 -29.36
C ILE C 190 -35.97 1.36 -28.56
N ALA C 191 -37.11 0.96 -29.17
CA ALA C 191 -38.07 0.09 -28.50
C ALA C 191 -37.44 -1.26 -28.09
N GLN C 192 -36.59 -1.80 -28.97
CA GLN C 192 -35.90 -3.05 -28.73
C GLN C 192 -34.94 -2.94 -27.55
N GLN C 193 -34.30 -1.79 -27.43
CA GLN C 193 -33.39 -1.60 -26.32
C GLN C 193 -34.17 -1.49 -25.01
N CYS C 194 -35.28 -0.75 -25.03
CA CYS C 194 -36.08 -0.56 -23.81
C CYS C 194 -36.89 -1.77 -23.38
N GLU C 195 -36.88 -2.82 -24.20
CA GLU C 195 -37.69 -4.00 -23.93
C GLU C 195 -37.26 -4.66 -22.64
N GLU C 196 -38.25 -4.87 -21.76
CA GLU C 196 -38.06 -5.33 -20.35
C GLU C 196 -37.14 -4.40 -19.51
N VAL C 197 -36.29 -3.62 -20.20
CA VAL C 197 -35.23 -2.81 -19.59
C VAL C 197 -35.73 -1.47 -19.04
N VAL C 198 -36.57 -0.76 -19.79
CA VAL C 198 -37.17 0.50 -19.28
C VAL C 198 -38.64 0.68 -19.67
N GLY C 199 -39.45 1.07 -18.67
CA GLY C 199 -40.85 1.50 -18.88
C GLY C 199 -40.95 2.95 -19.34
N LEU C 200 -40.59 3.21 -20.60
CA LEU C 200 -40.41 4.55 -21.13
C LEU C 200 -41.70 5.36 -21.23
N SER C 201 -41.68 6.62 -20.79
CA SER C 201 -42.90 7.44 -20.77
C SER C 201 -42.93 8.57 -21.82
N SER C 202 -41.78 9.24 -22.00
CA SER C 202 -41.66 10.36 -22.95
C SER C 202 -40.37 10.30 -23.77
N VAL C 203 -40.40 10.84 -24.98
CA VAL C 203 -39.19 11.02 -25.80
C VAL C 203 -39.05 12.46 -26.31
N VAL C 204 -37.87 13.05 -26.08
CA VAL C 204 -37.56 14.42 -26.50
C VAL C 204 -36.49 14.41 -27.59
N VAL C 205 -36.74 15.20 -28.64
CA VAL C 205 -35.83 15.36 -29.77
C VAL C 205 -36.02 16.72 -30.41
N ALA C 206 -34.92 17.26 -30.91
CA ALA C 206 -34.94 18.50 -31.65
C ALA C 206 -35.74 18.39 -32.98
N SER C 207 -36.49 19.44 -33.26
CA SER C 207 -37.29 19.49 -34.46
C SER C 207 -36.84 20.66 -35.31
N GLY C 208 -36.14 20.33 -36.38
CA GLY C 208 -35.64 21.33 -37.32
C GLY C 208 -36.23 21.12 -38.69
N SER C 209 -35.38 20.76 -39.66
CA SER C 209 -35.79 20.32 -41.01
C SER C 209 -36.82 19.18 -40.99
N ALA C 210 -37.12 18.70 -39.79
CA ALA C 210 -38.30 17.89 -39.45
C ALA C 210 -38.17 16.36 -39.59
N GLY C 211 -37.43 15.91 -40.60
CA GLY C 211 -37.28 14.49 -40.87
C GLY C 211 -37.09 13.56 -39.67
N THR C 212 -36.19 13.95 -38.76
CA THR C 212 -35.87 13.14 -37.56
C THR C 212 -37.11 12.99 -36.67
N HIS C 213 -37.70 14.13 -36.29
CA HIS C 213 -38.96 14.15 -35.53
C HIS C 213 -40.05 13.29 -36.20
N ALA C 214 -40.24 13.50 -37.51
CA ALA C 214 -41.25 12.79 -38.29
C ALA C 214 -41.02 11.27 -38.30
N GLY C 215 -39.84 10.83 -38.74
CA GLY C 215 -39.48 9.43 -38.70
C GLY C 215 -39.76 8.76 -37.37
N LEU C 216 -39.37 9.41 -36.28
CA LEU C 216 -39.74 8.97 -34.92
C LEU C 216 -41.26 8.80 -34.73
N ALA C 217 -42.01 9.88 -35.00
CA ALA C 217 -43.49 9.89 -34.83
C ALA C 217 -44.27 8.74 -35.51
N VAL C 218 -43.82 8.34 -36.70
CA VAL C 218 -44.36 7.18 -37.41
C VAL C 218 -43.92 5.89 -36.72
N GLY C 219 -42.60 5.66 -36.62
CA GLY C 219 -42.07 4.46 -35.95
C GLY C 219 -42.59 4.23 -34.52
N LEU C 220 -42.66 5.32 -33.74
CA LEU C 220 -43.10 5.28 -32.34
C LEU C 220 -44.63 5.24 -32.11
N GLU C 221 -45.41 5.73 -33.08
CA GLU C 221 -46.84 5.46 -33.08
C GLU C 221 -47.08 3.96 -33.21
N HIS C 222 -46.32 3.34 -34.14
CA HIS C 222 -46.43 1.90 -34.40
C HIS C 222 -45.73 0.99 -33.37
N LEU C 223 -44.55 1.37 -32.87
CA LEU C 223 -43.83 0.51 -31.93
C LEU C 223 -44.11 0.71 -30.45
N MET C 224 -44.28 1.95 -30.03
CA MET C 224 -44.52 2.27 -28.61
C MET C 224 -45.64 3.28 -28.47
N PRO C 225 -46.89 2.83 -28.67
CA PRO C 225 -48.00 3.76 -28.93
C PRO C 225 -48.37 4.59 -27.71
N ASP C 226 -47.88 4.20 -26.54
CA ASP C 226 -48.21 4.87 -25.29
C ASP C 226 -47.25 6.01 -24.98
N VAL C 227 -46.07 5.95 -25.61
CA VAL C 227 -45.00 6.92 -25.40
C VAL C 227 -45.37 8.29 -25.96
N GLU C 228 -45.21 9.33 -25.14
CA GLU C 228 -45.44 10.71 -25.56
C GLU C 228 -44.19 11.25 -26.26
N LEU C 229 -44.32 11.78 -27.48
CA LEU C 229 -43.16 12.29 -28.25
C LEU C 229 -43.14 13.80 -28.40
N ILE C 230 -42.19 14.44 -27.72
CA ILE C 230 -42.09 15.88 -27.76
C ILE C 230 -40.98 16.29 -28.68
N GLY C 231 -41.24 17.27 -29.54
CA GLY C 231 -40.22 17.88 -30.37
C GLY C 231 -39.99 19.29 -29.89
N VAL C 232 -38.73 19.68 -29.71
CA VAL C 232 -38.41 21.07 -29.39
C VAL C 232 -37.94 21.76 -30.65
N THR C 233 -38.70 22.79 -31.05
CA THR C 233 -38.40 23.56 -32.25
C THR C 233 -37.12 24.31 -32.01
N VAL C 234 -36.26 24.30 -33.02
CA VAL C 234 -34.99 25.00 -32.95
C VAL C 234 -34.94 26.19 -33.89
N SER C 235 -35.96 26.34 -34.74
CA SER C 235 -36.01 27.43 -35.73
C SER C 235 -37.37 28.13 -35.78
N ARG C 236 -38.43 27.35 -35.93
CA ARG C 236 -39.74 27.92 -36.18
C ARG C 236 -40.63 27.83 -34.97
N SER C 237 -41.79 28.50 -35.02
CA SER C 237 -42.81 28.41 -33.95
C SER C 237 -43.72 27.20 -34.20
N VAL C 238 -44.50 26.84 -33.19
CA VAL C 238 -45.41 25.70 -33.31
C VAL C 238 -46.25 25.83 -34.58
N ALA C 239 -46.83 27.04 -34.72
CA ALA C 239 -47.64 27.48 -35.86
C ALA C 239 -47.02 27.08 -37.22
N GLU C 240 -45.82 27.60 -37.49
CA GLU C 240 -45.11 27.34 -38.77
C GLU C 240 -44.55 25.90 -38.87
N GLN C 241 -44.17 25.30 -37.74
CA GLN C 241 -43.50 23.99 -37.71
C GLN C 241 -44.46 22.81 -37.91
N LYS C 242 -45.50 22.73 -37.06
CA LYS C 242 -46.46 21.60 -37.04
C LYS C 242 -46.88 21.05 -38.43
N PRO C 243 -47.33 21.95 -39.36
CA PRO C 243 -47.66 21.46 -40.71
C PRO C 243 -46.53 20.66 -41.38
N LYS C 244 -45.29 21.14 -41.24
CA LYS C 244 -44.13 20.53 -41.94
C LYS C 244 -43.89 19.11 -41.44
N VAL C 245 -44.04 18.94 -40.13
CA VAL C 245 -43.87 17.64 -39.51
C VAL C 245 -45.00 16.73 -39.95
N ILE C 246 -46.25 17.21 -39.87
CA ILE C 246 -47.44 16.42 -40.22
C ILE C 246 -47.38 15.93 -41.67
N ALA C 247 -46.87 16.79 -42.56
CA ALA C 247 -46.66 16.44 -43.96
C ALA C 247 -45.74 15.21 -44.15
N LEU C 248 -44.58 15.21 -43.46
CA LEU C 248 -43.61 14.10 -43.56
C LEU C 248 -44.13 12.84 -42.91
N GLN C 249 -44.72 12.99 -41.73
CA GLN C 249 -45.40 11.89 -41.07
C GLN C 249 -46.27 11.13 -42.07
N GLN C 250 -47.12 11.88 -42.78
CA GLN C 250 -48.10 11.35 -43.72
C GLN C 250 -47.45 10.72 -44.96
N ALA C 251 -46.45 11.41 -45.50
CA ALA C 251 -45.68 10.93 -46.65
C ALA C 251 -44.91 9.65 -46.32
N ILE C 252 -44.22 9.68 -45.17
CA ILE C 252 -43.47 8.53 -44.67
C ILE C 252 -44.43 7.38 -44.51
N ALA C 253 -45.49 7.60 -43.72
CA ALA C 253 -46.51 6.58 -43.49
C ALA C 253 -47.08 6.05 -44.81
N GLY C 254 -47.35 6.96 -45.74
CA GLY C 254 -47.80 6.62 -47.07
C GLY C 254 -46.91 5.55 -47.66
N GLN C 255 -45.65 5.91 -47.85
CA GLN C 255 -44.70 5.00 -48.49
C GLN C 255 -44.34 3.73 -47.71
N LEU C 256 -44.56 3.75 -46.40
CA LEU C 256 -44.30 2.59 -45.57
C LEU C 256 -45.56 1.69 -45.50
N ALA C 257 -46.59 2.10 -46.25
CA ALA C 257 -47.86 1.36 -46.33
C ALA C 257 -48.62 1.31 -45.00
N LEU C 258 -48.43 2.34 -44.17
CA LEU C 258 -49.05 2.39 -42.85
C LEU C 258 -49.96 3.58 -42.80
N THR C 259 -50.75 3.66 -41.76
CA THR C 259 -51.55 4.84 -41.52
C THR C 259 -50.93 5.53 -40.29
N ALA C 260 -51.03 6.85 -40.20
CA ALA C 260 -50.50 7.56 -39.03
C ALA C 260 -51.48 8.58 -38.45
N THR C 261 -52.05 8.28 -37.29
CA THR C 261 -53.08 9.15 -36.71
C THR C 261 -52.59 9.91 -35.47
N ALA C 262 -51.34 9.66 -35.08
CA ALA C 262 -50.78 10.24 -33.87
C ALA C 262 -50.70 11.75 -34.01
N ASP C 263 -51.17 12.49 -32.99
CA ASP C 263 -50.95 13.94 -32.89
C ASP C 263 -49.43 14.29 -32.74
N ILE C 264 -48.91 15.20 -33.56
CA ILE C 264 -47.52 15.66 -33.38
C ILE C 264 -47.46 16.78 -32.33
N HIS C 265 -46.55 16.67 -31.36
CA HIS C 265 -46.41 17.69 -30.30
C HIS C 265 -45.13 18.52 -30.48
N LEU C 266 -45.22 19.82 -30.20
CA LEU C 266 -44.10 20.73 -30.38
C LEU C 266 -44.05 21.82 -29.32
N TRP C 267 -42.85 22.17 -28.85
CA TRP C 267 -42.66 23.30 -27.93
C TRP C 267 -41.71 24.34 -28.54
N ASP C 268 -42.21 25.57 -28.69
CA ASP C 268 -41.45 26.58 -29.45
C ASP C 268 -40.65 27.50 -28.56
N ASP C 269 -40.86 27.40 -27.26
CA ASP C 269 -40.36 28.40 -26.31
C ASP C 269 -38.84 28.51 -26.21
N TYR C 270 -38.12 27.58 -26.85
CA TYR C 270 -36.72 27.35 -26.50
C TYR C 270 -35.63 27.72 -27.50
N PHE C 271 -36.03 28.10 -28.71
CA PHE C 271 -35.07 28.52 -29.76
C PHE C 271 -34.65 30.01 -29.65
N ALA C 272 -35.27 30.72 -28.68
CA ALA C 272 -34.97 32.12 -28.33
C ALA C 272 -34.88 33.02 -29.56
N PRO C 273 -33.76 33.76 -29.76
CA PRO C 273 -33.73 34.69 -30.90
C PRO C 273 -34.04 34.07 -32.26
N GLY C 274 -33.60 32.83 -32.50
CA GLY C 274 -33.91 32.11 -33.74
C GLY C 274 -32.92 31.03 -34.06
N TYR C 275 -33.08 30.38 -35.21
CA TYR C 275 -32.17 29.31 -35.62
C TYR C 275 -30.74 29.79 -35.54
N GLY C 276 -29.86 28.96 -35.01
CA GLY C 276 -28.45 29.30 -35.01
C GLY C 276 -28.00 30.35 -34.01
N VAL C 277 -28.93 31.00 -33.32
CA VAL C 277 -28.56 31.94 -32.26
C VAL C 277 -28.65 31.25 -30.91
N PRO C 278 -27.62 31.35 -30.09
CA PRO C 278 -27.64 30.63 -28.83
C PRO C 278 -28.38 31.40 -27.74
N ASN C 279 -29.20 30.71 -26.96
CA ASN C 279 -29.83 31.31 -25.77
C ASN C 279 -29.14 30.90 -24.48
N ASP C 280 -29.26 31.72 -23.43
CA ASP C 280 -28.77 31.35 -22.11
C ASP C 280 -29.33 30.02 -21.65
N ALA C 281 -30.66 29.90 -21.68
CA ALA C 281 -31.36 28.67 -21.32
C ALA C 281 -30.75 27.37 -21.94
N GLY C 282 -30.42 27.43 -23.24
CA GLY C 282 -29.85 26.29 -23.99
C GLY C 282 -28.39 26.08 -23.65
N MET C 283 -27.64 27.17 -23.60
CA MET C 283 -26.26 27.21 -23.14
C MET C 283 -26.08 26.66 -21.70
N GLU C 284 -27.01 26.99 -20.82
CA GLU C 284 -27.02 26.42 -19.46
C GLU C 284 -27.11 24.91 -19.49
N ALA C 285 -27.82 24.39 -20.48
CA ALA C 285 -28.00 22.96 -20.61
C ALA C 285 -26.74 22.27 -21.11
N VAL C 286 -25.93 22.97 -21.90
CA VAL C 286 -24.71 22.38 -22.41
C VAL C 286 -23.73 22.21 -21.28
N LYS C 287 -23.54 23.28 -20.50
CA LYS C 287 -22.67 23.27 -19.30
C LYS C 287 -23.12 22.22 -18.29
N LEU C 288 -24.42 22.14 -18.09
CA LEU C 288 -24.98 21.13 -17.21
C LEU C 288 -24.64 19.70 -17.63
N LEU C 289 -24.83 19.36 -18.88
CA LEU C 289 -24.60 17.98 -19.31
C LEU C 289 -23.14 17.61 -19.45
N ALA C 290 -22.32 18.57 -19.83
CA ALA C 290 -20.89 18.32 -19.89
C ALA C 290 -20.33 18.12 -18.49
N SER C 291 -20.66 19.03 -17.58
CA SER C 291 -20.11 19.00 -16.22
C SER C 291 -20.63 17.83 -15.38
N LEU C 292 -21.87 17.44 -15.66
CA LEU C 292 -22.57 16.53 -14.78
C LEU C 292 -22.54 15.10 -15.28
N GLU C 293 -22.37 14.92 -16.58
CA GLU C 293 -22.49 13.60 -17.21
C GLU C 293 -21.43 13.32 -18.25
N GLY C 294 -20.64 14.34 -18.56
CA GLY C 294 -19.54 14.19 -19.47
C GLY C 294 -20.00 14.06 -20.89
N VAL C 295 -21.18 14.56 -21.17
CA VAL C 295 -21.67 14.51 -22.54
C VAL C 295 -21.67 15.90 -23.15
N LEU C 296 -21.29 15.97 -24.42
CA LEU C 296 -21.31 17.24 -25.09
C LEU C 296 -22.53 17.39 -25.96
N LEU C 297 -23.34 18.41 -25.61
CA LEU C 297 -24.45 18.89 -26.44
C LEU C 297 -23.93 20.00 -27.38
N ASP C 298 -24.81 20.71 -28.07
CA ASP C 298 -24.34 21.78 -28.94
C ASP C 298 -25.28 22.97 -28.88
N PRO C 299 -24.81 24.15 -29.28
CA PRO C 299 -25.59 25.35 -28.95
C PRO C 299 -26.72 25.65 -29.95
N VAL C 300 -26.74 24.96 -31.08
CA VAL C 300 -27.76 25.20 -32.08
C VAL C 300 -28.98 24.25 -32.02
N TYR C 301 -28.74 22.97 -31.77
CA TYR C 301 -29.79 21.93 -31.68
C TYR C 301 -30.00 21.30 -30.28
N THR C 302 -29.14 20.34 -29.95
CA THR C 302 -29.27 19.53 -28.75
C THR C 302 -29.38 20.31 -27.46
N GLY C 303 -28.56 21.34 -27.29
CA GLY C 303 -28.63 22.19 -26.10
C GLY C 303 -30.01 22.78 -25.87
N LYS C 304 -30.56 23.41 -26.91
CA LYS C 304 -31.90 24.00 -26.83
C LYS C 304 -32.95 22.93 -26.53
N ALA C 305 -32.90 21.85 -27.31
CA ALA C 305 -33.77 20.70 -27.08
C ALA C 305 -33.74 20.30 -25.57
N MET C 306 -32.54 20.04 -25.06
CA MET C 306 -32.29 19.73 -23.66
C MET C 306 -32.79 20.82 -22.69
N ALA C 307 -32.56 22.08 -23.04
CA ALA C 307 -33.06 23.18 -22.23
C ALA C 307 -34.56 23.02 -22.07
N GLY C 308 -35.20 22.63 -23.18
CA GLY C 308 -36.64 22.34 -23.21
C GLY C 308 -37.00 21.22 -22.26
N LEU C 309 -36.39 20.05 -22.48
CA LEU C 309 -36.58 18.90 -21.60
C LEU C 309 -36.55 19.31 -20.12
N ILE C 310 -35.55 20.12 -19.75
CA ILE C 310 -35.36 20.58 -18.37
C ILE C 310 -36.51 21.47 -17.87
N ASP C 311 -36.86 22.50 -18.65
CA ASP C 311 -37.98 23.40 -18.29
C ASP C 311 -39.28 22.61 -18.35
N GLY C 312 -39.32 21.59 -19.22
CA GLY C 312 -40.41 20.64 -19.28
C GLY C 312 -40.76 20.04 -17.94
N ILE C 313 -39.78 19.41 -17.29
CA ILE C 313 -39.97 18.83 -15.95
C ILE C 313 -40.34 19.92 -14.95
N SER C 314 -39.67 21.05 -15.07
CA SER C 314 -39.93 22.20 -14.24
C SER C 314 -41.42 22.64 -14.22
N GLN C 315 -42.09 22.58 -15.39
CA GLN C 315 -43.52 23.02 -15.55
C GLN C 315 -44.55 21.89 -15.65
N LYS C 316 -44.17 20.70 -15.20
CA LYS C 316 -44.98 19.47 -15.34
C LYS C 316 -45.65 19.34 -16.74
N ARG C 317 -44.88 19.61 -17.79
CA ARG C 317 -45.41 19.68 -19.15
C ARG C 317 -45.71 18.30 -19.78
N PHE C 318 -44.94 17.29 -19.40
CA PHE C 318 -45.11 15.94 -19.95
C PHE C 318 -46.39 15.29 -19.40
N ASN C 319 -46.83 14.22 -20.05
CA ASN C 319 -48.06 13.51 -19.63
C ASN C 319 -48.01 13.01 -18.18
N ASP C 320 -46.99 12.20 -17.85
CA ASP C 320 -46.82 11.66 -16.49
C ASP C 320 -45.42 11.87 -15.94
N ASP C 321 -45.12 11.28 -14.79
CA ASP C 321 -43.83 11.43 -14.13
C ASP C 321 -42.69 10.66 -14.73
N GLY C 322 -43.03 9.59 -15.45
CA GLY C 322 -42.09 8.56 -15.83
C GLY C 322 -40.89 8.93 -16.68
N PRO C 323 -40.04 7.93 -16.96
CA PRO C 323 -38.83 8.01 -17.76
C PRO C 323 -38.95 8.87 -19.02
N ILE C 324 -37.89 9.63 -19.31
CA ILE C 324 -37.79 10.46 -20.52
C ILE C 324 -36.56 10.04 -21.29
N LEU C 325 -36.72 9.83 -22.60
CA LEU C 325 -35.58 9.50 -23.41
C LEU C 325 -35.22 10.71 -24.22
N PHE C 326 -33.96 11.14 -24.10
CA PHE C 326 -33.45 12.26 -24.89
C PHE C 326 -32.63 11.72 -26.06
N ILE C 327 -33.00 12.16 -27.26
CA ILE C 327 -32.35 11.74 -28.49
C ILE C 327 -31.19 12.68 -28.77
N HIS C 328 -29.99 12.21 -28.46
CA HIS C 328 -28.82 13.01 -28.72
C HIS C 328 -28.47 12.93 -30.19
N THR C 329 -28.81 14.01 -30.89
CA THR C 329 -28.74 14.07 -32.33
C THR C 329 -27.37 14.54 -32.82
N GLY C 330 -26.50 14.88 -31.85
CA GLY C 330 -25.09 15.24 -32.08
C GLY C 330 -24.80 16.73 -32.12
N GLY C 331 -24.07 17.15 -33.14
CA GLY C 331 -23.85 18.58 -33.39
C GLY C 331 -22.68 19.19 -32.64
N ALA C 332 -22.09 18.42 -31.74
CA ALA C 332 -20.97 18.86 -30.93
C ALA C 332 -19.90 19.72 -31.65
N PRO C 333 -19.52 19.38 -32.89
CA PRO C 333 -18.47 20.18 -33.49
C PRO C 333 -18.77 21.67 -33.56
N ALA C 334 -20.04 22.02 -33.59
CA ALA C 334 -20.44 23.42 -33.66
C ALA C 334 -19.90 24.23 -32.48
N LEU C 335 -19.54 23.57 -31.39
CA LEU C 335 -18.98 24.22 -30.22
C LEU C 335 -17.74 25.00 -30.55
N PHE C 336 -16.85 24.38 -31.31
CA PHE C 336 -15.60 25.00 -31.68
C PHE C 336 -15.78 26.12 -32.68
N ALA C 337 -16.92 26.16 -33.33
CA ALA C 337 -17.25 27.20 -34.31
C ALA C 337 -17.86 28.41 -33.61
N TYR C 338 -18.67 28.13 -32.60
CA TYR C 338 -19.36 29.16 -31.86
C TYR C 338 -18.49 29.71 -30.76
N HIS C 339 -17.20 29.37 -30.76
CA HIS C 339 -16.38 29.49 -29.54
C HIS C 339 -16.37 30.78 -28.68
N PRO C 340 -15.67 31.85 -29.11
CA PRO C 340 -15.77 32.91 -28.12
C PRO C 340 -17.14 33.61 -28.08
N HIS C 341 -17.77 33.75 -29.26
CA HIS C 341 -19.09 34.43 -29.43
C HIS C 341 -19.69 34.58 -30.85
N VAL C 342 -20.94 35.05 -30.90
CA VAL C 342 -21.65 35.53 -32.11
C VAL C 342 -21.27 34.75 -33.37
N SER D 14 -8.57 -16.06 -26.70
CA SER D 14 -8.20 -16.13 -25.26
C SER D 14 -6.66 -16.17 -25.08
N MET D 15 -6.18 -16.30 -23.82
CA MET D 15 -4.75 -16.59 -23.41
C MET D 15 -3.61 -16.71 -24.46
N PRO D 16 -2.36 -16.89 -24.00
CA PRO D 16 -1.91 -17.05 -22.63
C PRO D 16 -1.57 -15.71 -21.98
N LEU D 17 -2.51 -14.78 -22.09
CA LEU D 17 -2.41 -13.51 -21.43
C LEU D 17 -3.15 -13.73 -20.13
N HIS D 18 -4.37 -14.26 -20.22
CA HIS D 18 -5.11 -14.87 -19.08
C HIS D 18 -4.89 -14.25 -17.67
N HIS D 19 -3.64 -14.28 -17.13
CA HIS D 19 -3.27 -13.46 -15.93
C HIS D 19 -3.51 -12.16 -16.41
N LEU D 20 -3.73 -12.18 -17.74
CA LEU D 20 -4.21 -10.96 -18.25
C LEU D 20 -5.02 -10.38 -17.12
N THR D 21 -5.87 -11.22 -16.54
CA THR D 21 -7.01 -10.76 -15.77
C THR D 21 -6.90 -10.94 -14.27
N ARG D 22 -6.36 -9.92 -13.61
CA ARG D 22 -6.50 -9.77 -12.26
C ARG D 22 -6.75 -8.31 -12.13
N PHE D 23 -6.76 -7.56 -13.22
CA PHE D 23 -6.84 -6.11 -13.13
C PHE D 23 -8.23 -5.58 -13.40
N PRO D 24 -8.92 -5.06 -12.38
CA PRO D 24 -10.25 -4.54 -12.59
C PRO D 24 -10.20 -3.46 -13.64
N ARG D 25 -11.09 -3.54 -14.62
CA ARG D 25 -11.25 -2.52 -15.67
C ARG D 25 -12.69 -2.00 -15.70
N LEU D 26 -12.87 -0.69 -15.91
CA LEU D 26 -14.20 -0.14 -16.02
C LEU D 26 -14.72 -0.26 -17.43
N GLU D 27 -16.03 -0.18 -17.62
CA GLU D 27 -16.59 -0.29 -18.95
C GLU D 27 -16.98 1.06 -19.55
N PHE D 28 -16.08 1.62 -20.36
CA PHE D 28 -16.32 2.91 -21.03
C PHE D 28 -16.54 2.72 -22.53
N ILE D 29 -15.92 1.69 -23.10
CA ILE D 29 -15.91 1.53 -24.54
C ILE D 29 -17.08 0.74 -25.12
N GLY D 30 -17.60 -0.22 -24.37
CA GLY D 30 -18.72 -1.04 -24.86
C GLY D 30 -18.29 -2.14 -25.84
N ALA D 31 -18.81 -2.08 -27.06
CA ALA D 31 -18.45 -3.04 -28.11
C ALA D 31 -17.02 -2.77 -28.64
N PRO D 32 -16.33 -3.78 -29.21
CA PRO D 32 -15.01 -3.52 -29.75
C PRO D 32 -15.12 -2.48 -30.86
N THR D 33 -14.13 -1.60 -30.97
CA THR D 33 -14.13 -0.59 -32.01
C THR D 33 -13.95 -1.24 -33.39
N PRO D 34 -14.53 -0.61 -34.41
CA PRO D 34 -14.46 -1.20 -35.74
C PRO D 34 -13.06 -1.24 -36.32
N LEU D 35 -12.74 -2.32 -36.98
CA LEU D 35 -11.58 -2.38 -37.86
C LEU D 35 -12.11 -2.38 -39.30
N GLU D 36 -11.56 -1.49 -40.14
CA GLU D 36 -12.06 -1.20 -41.48
C GLU D 36 -10.95 -1.28 -42.50
N TYR D 37 -11.29 -1.69 -43.72
CA TYR D 37 -10.38 -1.55 -44.86
C TYR D 37 -10.53 -0.16 -45.48
N LEU D 38 -9.39 0.41 -45.91
CA LEU D 38 -9.38 1.73 -46.52
C LEU D 38 -9.11 1.61 -48.02
N PRO D 39 -10.14 1.23 -48.80
CA PRO D 39 -9.99 0.88 -50.22
C PRO D 39 -9.35 1.99 -51.09
N ARG D 40 -9.87 3.21 -50.98
CA ARG D 40 -9.43 4.32 -51.81
C ARG D 40 -7.99 4.64 -51.52
N LEU D 41 -7.66 4.78 -50.23
CA LEU D 41 -6.30 5.07 -49.80
C LEU D 41 -5.39 3.96 -50.23
N SER D 42 -5.81 2.71 -49.99
CA SER D 42 -5.01 1.54 -50.34
C SER D 42 -4.66 1.57 -51.83
N ASP D 43 -5.70 1.64 -52.66
CA ASP D 43 -5.57 1.75 -54.10
C ASP D 43 -4.66 2.92 -54.51
N TYR D 44 -4.80 4.06 -53.84
CA TYR D 44 -3.92 5.21 -54.10
C TYR D 44 -2.46 4.98 -53.70
N LEU D 45 -2.22 4.33 -52.57
CA LEU D 45 -0.85 4.13 -52.09
C LEU D 45 -0.20 2.89 -52.66
N GLY D 46 -1.03 1.99 -53.20
CA GLY D 46 -0.56 0.74 -53.79
C GLY D 46 -0.17 -0.29 -52.75
N ARG D 47 -1.02 -0.42 -51.72
CA ARG D 47 -0.79 -1.31 -50.58
C ARG D 47 -2.12 -1.55 -49.88
N GLU D 48 -2.31 -2.75 -49.37
CA GLU D 48 -3.45 -3.05 -48.55
C GLU D 48 -3.32 -2.28 -47.24
N ILE D 49 -4.24 -1.35 -46.98
CA ILE D 49 -4.19 -0.59 -45.71
C ILE D 49 -5.48 -0.65 -44.90
N TYR D 50 -5.35 -1.05 -43.64
CA TYR D 50 -6.47 -1.21 -42.73
C TYR D 50 -6.38 -0.21 -41.58
N ILE D 51 -7.52 0.15 -41.01
CA ILE D 51 -7.51 1.12 -39.94
C ILE D 51 -8.24 0.57 -38.71
N LYS D 52 -7.61 0.65 -37.54
CA LYS D 52 -8.29 0.35 -36.27
C LYS D 52 -8.89 1.63 -35.64
N ARG D 53 -10.20 1.70 -35.50
CA ARG D 53 -10.80 2.99 -35.27
C ARG D 53 -10.99 3.26 -33.79
N ASP D 54 -9.90 3.50 -33.09
CA ASP D 54 -10.02 3.73 -31.65
C ASP D 54 -10.47 5.16 -31.30
N ASP D 55 -10.69 5.98 -32.33
CA ASP D 55 -11.27 7.32 -32.18
C ASP D 55 -12.80 7.31 -31.98
N VAL D 56 -13.44 6.22 -32.42
CA VAL D 56 -14.88 6.03 -32.29
C VAL D 56 -15.18 5.44 -30.90
N THR D 57 -15.47 6.31 -29.94
CA THR D 57 -15.67 5.92 -28.56
C THR D 57 -16.77 6.81 -28.03
N PRO D 58 -17.67 6.26 -27.24
CA PRO D 58 -18.82 6.98 -26.69
C PRO D 58 -18.50 8.21 -25.86
N ILE D 59 -17.31 8.27 -25.26
CA ILE D 59 -17.02 9.28 -24.25
C ILE D 59 -16.35 10.48 -24.88
N ALA D 60 -17.00 11.65 -24.80
CA ALA D 60 -16.45 12.94 -25.26
C ALA D 60 -15.49 12.93 -26.46
N MET D 61 -15.95 12.49 -27.63
CA MET D 61 -15.11 12.44 -28.87
C MET D 61 -14.01 11.37 -28.96
N GLY D 62 -13.77 10.67 -27.87
CA GLY D 62 -13.00 9.42 -27.88
C GLY D 62 -11.54 9.51 -28.24
N GLY D 63 -10.85 8.41 -28.01
CA GLY D 63 -9.43 8.34 -28.30
C GLY D 63 -8.80 7.14 -27.65
N ASN D 64 -7.53 6.90 -27.94
CA ASN D 64 -6.78 5.82 -27.35
C ASN D 64 -6.71 5.97 -25.83
N1 LLP D 65 -2.13 9.45 -30.28
C2 LLP D 65 -3.23 10.20 -29.94
C2' LLP D 65 -4.26 10.52 -30.98
C3 LLP D 65 -3.40 10.67 -28.64
O3 LLP D 65 -4.39 11.35 -28.32
C4 LLP D 65 -2.44 10.37 -27.66
C4' LLP D 65 -2.71 10.96 -26.27
C5 LLP D 65 -1.31 9.61 -28.03
C6 LLP D 65 -1.17 9.14 -29.34
C5' LLP D 65 -0.24 9.25 -27.07
OP4 LLP D 65 0.05 7.86 -27.18
P LLP D 65 0.96 7.13 -26.11
OP1 LLP D 65 1.82 8.17 -25.57
OP2 LLP D 65 0.00 6.55 -25.15
OP3 LLP D 65 1.64 6.12 -26.96
N LLP D 65 -6.64 7.20 -25.36
CA LLP D 65 -6.42 7.45 -23.95
CB LLP D 65 -6.35 8.94 -23.65
CG LLP D 65 -5.11 9.64 -24.16
CD LLP D 65 -3.85 8.87 -23.81
CE LLP D 65 -2.87 8.97 -24.97
NZ LLP D 65 -2.30 10.32 -25.15
C LLP D 65 -7.47 6.84 -23.09
O LLP D 65 -7.26 6.69 -21.89
N LEU D 66 -8.59 6.47 -23.68
CA LEU D 66 -9.70 5.98 -22.89
C LEU D 66 -9.51 4.55 -22.45
N ARG D 67 -8.98 3.73 -23.34
CA ARG D 67 -8.76 2.32 -23.06
C ARG D 67 -7.91 2.24 -21.83
N LYS D 68 -6.99 3.20 -21.70
CA LYS D 68 -6.10 3.32 -20.55
C LYS D 68 -6.90 3.66 -19.30
N LEU D 69 -7.64 4.76 -19.36
CA LEU D 69 -8.46 5.20 -18.25
C LEU D 69 -9.40 4.10 -17.74
N GLU D 70 -9.76 3.18 -18.62
CA GLU D 70 -10.58 2.05 -18.21
C GLU D 70 -9.98 1.30 -17.02
N PHE D 71 -8.66 1.09 -17.03
CA PHE D 71 -7.97 0.44 -15.92
C PHE D 71 -7.59 1.40 -14.86
N LEU D 72 -7.14 2.59 -15.28
CA LEU D 72 -6.66 3.61 -14.36
C LEU D 72 -7.75 4.08 -13.45
N VAL D 73 -8.87 4.53 -14.01
CA VAL D 73 -9.98 5.00 -13.19
C VAL D 73 -10.66 3.90 -12.35
N ALA D 74 -10.60 2.67 -12.84
CA ALA D 74 -11.10 1.53 -12.08
C ALA D 74 -10.32 1.40 -10.80
N ASP D 75 -9.00 1.50 -10.93
CA ASP D 75 -8.08 1.49 -9.80
C ASP D 75 -8.34 2.71 -8.89
N ALA D 76 -8.39 3.89 -9.47
CA ALA D 76 -8.70 5.11 -8.73
C ALA D 76 -9.90 4.96 -7.80
N LEU D 77 -10.86 4.18 -8.24
CA LEU D 77 -12.04 3.98 -7.44
C LEU D 77 -11.78 3.01 -6.32
N ARG D 78 -11.02 1.95 -6.58
CA ARG D 78 -10.60 1.03 -5.53
C ARG D 78 -9.91 1.82 -4.41
N GLU D 79 -9.08 2.80 -4.74
CA GLU D 79 -8.42 3.65 -3.72
C GLU D 79 -9.39 4.57 -3.01
N GLY D 80 -10.64 4.55 -3.43
CA GLY D 80 -11.66 5.40 -2.85
C GLY D 80 -11.44 6.89 -3.13
N ALA D 81 -10.60 7.19 -4.11
CA ALA D 81 -10.37 8.56 -4.55
C ALA D 81 -11.67 9.29 -4.94
N ASP D 82 -11.67 10.60 -4.77
CA ASP D 82 -12.82 11.39 -5.15
C ASP D 82 -12.37 12.42 -6.15
N THR D 83 -11.11 12.33 -6.55
CA THR D 83 -10.50 13.33 -7.44
C THR D 83 -9.46 12.68 -8.34
N LEU D 84 -9.46 13.05 -9.61
CA LEU D 84 -8.39 12.64 -10.49
C LEU D 84 -7.47 13.83 -10.75
N ILE D 85 -6.16 13.61 -10.70
CA ILE D 85 -5.23 14.64 -11.11
C ILE D 85 -4.41 14.10 -12.27
N THR D 86 -4.14 14.96 -13.23
CA THR D 86 -3.27 14.61 -14.32
C THR D 86 -2.70 15.85 -15.00
N ALA D 87 -1.74 15.64 -15.90
CA ALA D 87 -1.07 16.74 -16.56
C ALA D 87 -0.88 16.49 -18.05
N GLY D 88 -0.59 17.55 -18.80
CA GLY D 88 -0.31 17.45 -20.22
C GLY D 88 -0.38 18.79 -20.93
N ALA D 89 -0.18 18.76 -22.26
CA ALA D 89 -0.31 19.97 -23.08
C ALA D 89 -1.65 20.70 -22.84
N ILE D 90 -1.78 21.97 -23.22
CA ILE D 90 -3.08 22.62 -23.17
C ILE D 90 -4.10 21.84 -24.03
N GLN D 91 -3.69 21.39 -25.20
CA GLN D 91 -4.60 20.62 -26.06
C GLN D 91 -4.43 19.13 -25.90
N SER D 92 -4.21 18.69 -24.67
CA SER D 92 -3.99 17.30 -24.38
C SER D 92 -5.26 16.52 -24.59
N ASN D 93 -5.15 15.43 -25.32
CA ASN D 93 -6.26 14.50 -25.50
C ASN D 93 -6.53 13.73 -24.22
N HIS D 94 -5.47 13.40 -23.50
CA HIS D 94 -5.59 12.66 -22.27
C HIS D 94 -6.33 13.44 -21.23
N VAL D 95 -6.03 14.73 -21.08
CA VAL D 95 -6.73 15.56 -20.10
C VAL D 95 -8.21 15.63 -20.41
N ARG D 96 -8.55 15.91 -21.68
CA ARG D 96 -9.94 15.93 -22.14
C ARG D 96 -10.71 14.68 -21.76
N GLN D 97 -10.15 13.53 -22.08
CA GLN D 97 -10.79 12.27 -21.76
C GLN D 97 -10.86 12.06 -20.24
N THR D 98 -9.76 12.32 -19.53
CA THR D 98 -9.73 12.16 -18.08
C THR D 98 -10.80 12.98 -17.43
N ALA D 99 -10.89 14.24 -17.83
CA ALA D 99 -11.85 15.19 -17.22
C ALA D 99 -13.31 14.83 -17.45
N ALA D 100 -13.56 14.24 -18.63
CA ALA D 100 -14.87 13.73 -19.05
C ALA D 100 -15.24 12.57 -18.14
N VAL D 101 -14.45 11.50 -18.20
CA VAL D 101 -14.67 10.35 -17.33
C VAL D 101 -14.96 10.82 -15.89
N ALA D 102 -14.10 11.70 -15.36
CA ALA D 102 -14.30 12.35 -14.06
C ALA D 102 -15.73 12.84 -13.89
N ALA D 103 -16.19 13.71 -14.77
CA ALA D 103 -17.52 14.30 -14.67
C ALA D 103 -18.61 13.26 -14.78
N LYS D 104 -18.38 12.26 -15.64
CA LYS D 104 -19.35 11.21 -15.85
C LYS D 104 -19.53 10.47 -14.54
N LEU D 105 -18.39 10.17 -13.91
CA LEU D 105 -18.37 9.40 -12.67
C LEU D 105 -18.67 10.21 -11.40
N GLY D 106 -18.47 11.53 -11.44
CA GLY D 106 -18.71 12.36 -10.27
C GLY D 106 -17.46 12.61 -9.42
N LEU D 107 -16.30 12.39 -10.02
CA LEU D 107 -15.03 12.71 -9.43
C LEU D 107 -14.61 14.11 -9.89
N HIS D 108 -13.83 14.80 -9.05
CA HIS D 108 -13.23 16.09 -9.43
C HIS D 108 -12.04 15.83 -10.29
N CYS D 109 -11.70 16.81 -11.13
CA CYS D 109 -10.55 16.69 -12.00
C CYS D 109 -9.68 17.91 -11.89
N VAL D 110 -8.44 17.71 -11.51
CA VAL D 110 -7.47 18.78 -11.47
C VAL D 110 -6.49 18.50 -12.58
N ALA D 111 -6.26 19.51 -13.41
CA ALA D 111 -5.39 19.35 -14.55
C ALA D 111 -4.24 20.34 -14.56
N LEU D 112 -3.02 19.82 -14.72
CA LEU D 112 -1.84 20.65 -14.77
C LEU D 112 -1.45 20.80 -16.23
N LEU D 113 -1.47 22.02 -16.76
CA LEU D 113 -1.26 22.20 -18.18
C LEU D 113 -0.06 23.08 -18.48
N GLU D 114 0.61 22.78 -19.58
CA GLU D 114 1.71 23.60 -20.06
C GLU D 114 1.43 24.05 -21.49
N ASN D 115 1.94 25.20 -21.88
CA ASN D 115 1.92 25.60 -23.28
C ASN D 115 3.26 25.20 -23.87
N PRO D 116 3.31 24.04 -24.54
CA PRO D 116 4.58 23.46 -24.95
C PRO D 116 5.13 23.98 -26.26
N ILE D 117 4.36 24.74 -27.02
CA ILE D 117 4.87 25.30 -28.26
C ILE D 117 5.10 26.79 -28.20
N GLY D 118 4.79 27.38 -27.05
CA GLY D 118 4.93 28.82 -26.81
C GLY D 118 4.16 29.65 -27.81
N THR D 119 2.90 29.32 -28.02
CA THR D 119 2.06 30.05 -28.95
C THR D 119 1.17 31.03 -28.21
N THR D 120 0.74 32.07 -28.92
CA THR D 120 -0.16 33.06 -28.39
C THR D 120 -1.50 33.00 -29.11
N ALA D 121 -1.60 32.14 -30.12
CA ALA D 121 -2.80 31.97 -30.94
C ALA D 121 -4.04 31.59 -30.13
N GLU D 122 -5.03 32.49 -30.12
CA GLU D 122 -6.31 32.35 -29.44
C GLU D 122 -6.87 30.92 -29.40
N ASN D 123 -6.93 30.30 -30.57
CA ASN D 123 -7.58 29.02 -30.73
C ASN D 123 -6.87 27.88 -30.04
N TYR D 124 -5.55 27.89 -30.04
CA TYR D 124 -4.81 26.95 -29.20
C TYR D 124 -5.09 27.20 -27.72
N LEU D 125 -5.13 28.46 -27.32
CA LEU D 125 -5.22 28.79 -25.92
C LEU D 125 -6.59 28.55 -25.32
N THR D 126 -7.65 28.72 -26.10
CA THR D 126 -9.01 28.64 -25.54
C THR D 126 -9.91 27.62 -26.22
N ASN D 127 -9.64 27.32 -27.49
CA ASN D 127 -10.50 26.44 -28.29
C ASN D 127 -10.12 24.96 -28.19
N GLY D 128 -10.56 24.16 -29.16
CA GLY D 128 -10.30 22.71 -29.18
C GLY D 128 -10.51 22.05 -27.84
N ASN D 129 -9.64 21.11 -27.51
CA ASN D 129 -9.72 20.39 -26.24
C ASN D 129 -9.90 21.29 -25.06
N ARG D 130 -9.06 22.30 -24.95
CA ARG D 130 -9.09 23.21 -23.81
C ARG D 130 -10.48 23.77 -23.48
N LEU D 131 -11.24 24.10 -24.53
CA LEU D 131 -12.60 24.58 -24.38
C LEU D 131 -13.44 23.56 -23.62
N LEU D 132 -13.38 22.28 -24.02
CA LEU D 132 -14.21 21.25 -23.41
C LEU D 132 -13.89 21.14 -21.94
N LEU D 133 -12.61 21.22 -21.58
CA LEU D 133 -12.19 21.15 -20.19
C LEU D 133 -13.00 22.08 -19.28
N ASP D 134 -13.33 23.27 -19.78
CA ASP D 134 -14.18 24.22 -19.04
C ASP D 134 -15.58 23.73 -18.88
N LEU D 135 -16.10 23.13 -19.95
CA LEU D 135 -17.42 22.53 -19.93
C LEU D 135 -17.46 21.41 -18.88
N PHE D 136 -16.40 20.61 -18.82
CA PHE D 136 -16.29 19.56 -17.83
C PHE D 136 -15.95 20.08 -16.44
N ASN D 137 -15.96 21.39 -16.27
CA ASN D 137 -15.64 21.99 -14.97
C ASN D 137 -14.34 21.54 -14.32
N THR D 138 -13.32 21.34 -15.14
CA THR D 138 -12.01 20.92 -14.69
C THR D 138 -11.34 22.02 -13.91
N GLN D 139 -10.79 21.73 -12.72
CA GLN D 139 -9.92 22.68 -12.01
C GLN D 139 -8.60 22.68 -12.76
N ILE D 140 -8.19 23.84 -13.25
CA ILE D 140 -7.01 23.93 -14.11
C ILE D 140 -5.93 24.74 -13.48
N GLU D 141 -4.71 24.21 -13.49
CA GLU D 141 -3.56 24.95 -13.04
C GLU D 141 -2.50 25.00 -14.13
N MET D 142 -1.92 26.18 -14.34
CA MET D 142 -0.88 26.40 -15.35
C MET D 142 0.53 26.28 -14.78
N CYS D 143 1.48 25.90 -15.61
CA CYS D 143 2.88 25.94 -15.23
C CYS D 143 3.74 26.18 -16.47
N ASP D 144 4.97 26.62 -16.24
CA ASP D 144 5.81 27.10 -17.34
C ASP D 144 6.17 25.95 -18.26
N ALA D 145 6.60 24.86 -17.63
CA ALA D 145 6.87 23.60 -18.30
C ALA D 145 6.66 22.45 -17.35
N LEU D 146 6.45 21.27 -17.93
CA LEU D 146 6.40 20.04 -17.18
C LEU D 146 7.79 19.40 -17.21
N THR D 147 8.76 20.07 -16.59
CA THR D 147 10.17 19.62 -16.56
C THR D 147 10.32 18.27 -15.88
N ASP D 148 9.62 18.08 -14.77
CA ASP D 148 9.53 16.79 -14.11
C ASP D 148 8.07 16.55 -13.68
N PRO D 149 7.31 15.80 -14.49
CA PRO D 149 5.90 15.57 -14.27
C PRO D 149 5.57 14.88 -12.98
N ASP D 150 6.14 13.71 -12.79
CA ASP D 150 5.73 12.87 -11.67
C ASP D 150 5.82 13.61 -10.37
N ALA D 151 6.89 14.40 -10.22
CA ALA D 151 7.11 15.19 -9.01
C ALA D 151 6.14 16.38 -8.90
N GLN D 152 5.93 17.08 -10.01
CA GLN D 152 5.04 18.23 -10.05
C GLN D 152 3.60 17.80 -9.80
N LEU D 153 3.28 16.58 -10.22
CA LEU D 153 1.97 16.03 -9.98
C LEU D 153 1.82 15.70 -8.51
N GLN D 154 2.82 15.02 -7.95
CA GLN D 154 2.77 14.67 -6.52
C GLN D 154 2.80 15.89 -5.60
N THR D 155 3.57 16.91 -5.98
CA THR D 155 3.52 18.22 -5.32
C THR D 155 2.07 18.67 -5.22
N LEU D 156 1.37 18.65 -6.36
CA LEU D 156 -0.01 19.08 -6.48
C LEU D 156 -0.94 18.18 -5.68
N ALA D 157 -0.74 16.89 -5.84
CA ALA D 157 -1.55 15.93 -5.14
C ALA D 157 -1.61 16.20 -3.65
N THR D 158 -0.45 16.44 -3.06
CA THR D 158 -0.35 16.60 -1.61
C THR D 158 -0.95 17.93 -1.14
N ARG D 159 -0.86 18.98 -1.95
CA ARG D 159 -1.56 20.22 -1.67
C ARG D 159 -3.09 20.00 -1.63
N ILE D 160 -3.59 19.15 -2.52
CA ILE D 160 -5.02 18.83 -2.57
C ILE D 160 -5.38 17.93 -1.39
N GLU D 161 -4.62 16.85 -1.19
CA GLU D 161 -4.75 15.98 0.00
C GLU D 161 -4.95 16.78 1.28
N ALA D 162 -4.27 17.92 1.34
CA ALA D 162 -4.29 18.82 2.48
C ALA D 162 -5.40 19.90 2.37
N GLN D 163 -5.72 20.33 1.15
CA GLN D 163 -6.88 21.20 0.92
C GLN D 163 -8.16 20.49 1.40
N GLY D 164 -8.15 19.16 1.36
CA GLY D 164 -9.26 18.37 1.90
C GLY D 164 -9.41 17.00 1.26
N PHE D 165 -9.34 16.96 -0.06
CA PHE D 165 -9.85 15.83 -0.81
C PHE D 165 -8.91 14.65 -0.80
N ARG D 166 -9.34 13.55 -1.39
CA ARG D 166 -8.51 12.36 -1.49
C ARG D 166 -8.32 12.13 -2.98
N PRO D 167 -7.09 12.31 -3.48
CA PRO D 167 -6.78 12.28 -4.90
C PRO D 167 -6.13 10.99 -5.43
N TYR D 168 -6.33 10.76 -6.72
CA TYR D 168 -5.62 9.72 -7.44
C TYR D 168 -4.84 10.35 -8.59
N VAL D 169 -3.55 10.03 -8.70
CA VAL D 169 -2.69 10.64 -9.71
C VAL D 169 -2.59 9.77 -10.95
N ILE D 170 -2.89 10.34 -12.13
CA ILE D 170 -2.69 9.63 -13.39
C ILE D 170 -1.56 10.27 -14.16
N PRO D 171 -0.49 9.49 -14.47
CA PRO D 171 0.72 9.94 -15.16
C PRO D 171 0.43 10.67 -16.45
N VAL D 172 1.47 11.25 -17.06
CA VAL D 172 1.30 11.96 -18.32
C VAL D 172 0.88 10.97 -19.39
N GLY D 173 -0.22 11.29 -20.07
CA GLY D 173 -0.76 10.43 -21.14
C GLY D 173 -1.38 9.13 -20.67
N GLY D 174 -1.46 8.96 -19.36
CA GLY D 174 -1.99 7.73 -18.79
C GLY D 174 -1.09 6.54 -19.02
N SER D 175 0.14 6.80 -19.44
CA SER D 175 1.08 5.74 -19.72
C SER D 175 1.82 5.27 -18.46
N SER D 176 1.16 4.41 -17.72
CA SER D 176 1.81 3.65 -16.68
C SER D 176 1.66 2.16 -17.02
N ALA D 177 2.46 1.33 -16.34
CA ALA D 177 2.35 -0.11 -16.47
C ALA D 177 0.87 -0.51 -16.58
N LEU D 178 0.09 -0.15 -15.56
CA LEU D 178 -1.33 -0.46 -15.50
C LEU D 178 -2.13 0.14 -16.67
N GLY D 179 -1.96 1.44 -16.93
CA GLY D 179 -2.70 2.11 -18.00
C GLY D 179 -2.57 1.40 -19.34
N ALA D 180 -1.35 1.02 -19.67
CA ALA D 180 -1.06 0.39 -20.93
C ALA D 180 -1.72 -0.97 -21.06
N MET D 181 -2.36 -1.43 -19.99
CA MET D 181 -3.10 -2.69 -20.06
C MET D 181 -4.21 -2.61 -21.12
N GLY D 182 -4.78 -1.41 -21.26
CA GLY D 182 -5.83 -1.14 -22.23
C GLY D 182 -5.41 -1.59 -23.60
N TYR D 183 -4.17 -1.31 -23.97
CA TYR D 183 -3.72 -1.66 -25.31
C TYR D 183 -3.17 -3.07 -25.43
N VAL D 184 -2.89 -3.71 -24.30
CA VAL D 184 -2.63 -5.14 -24.34
C VAL D 184 -3.94 -5.83 -24.70
N GLU D 185 -5.01 -5.43 -24.02
CA GLU D 185 -6.35 -5.97 -24.29
C GLU D 185 -6.81 -5.60 -25.70
N SER D 186 -6.37 -4.46 -26.19
CA SER D 186 -6.66 -4.01 -27.55
C SER D 186 -6.15 -5.01 -28.56
N ALA D 187 -4.94 -5.51 -28.34
CA ALA D 187 -4.34 -6.50 -29.21
C ALA D 187 -5.26 -7.69 -29.34
N LEU D 188 -5.92 -8.06 -28.25
CA LEU D 188 -6.86 -9.15 -28.30
C LEU D 188 -7.91 -8.95 -29.41
N GLU D 189 -8.63 -7.81 -29.36
CA GLU D 189 -9.64 -7.41 -30.36
C GLU D 189 -9.03 -7.50 -31.75
N ILE D 190 -7.92 -6.83 -31.91
CA ILE D 190 -7.24 -6.71 -33.18
C ILE D 190 -7.05 -8.09 -33.83
N ALA D 191 -6.34 -8.98 -33.13
CA ALA D 191 -6.03 -10.30 -33.68
C ALA D 191 -7.32 -11.06 -33.98
N GLN D 192 -8.30 -10.90 -33.12
CA GLN D 192 -9.59 -11.58 -33.25
C GLN D 192 -10.35 -11.07 -34.47
N GLN D 193 -10.23 -9.76 -34.72
CA GLN D 193 -10.89 -9.15 -35.87
C GLN D 193 -10.25 -9.66 -37.15
N CYS D 194 -8.92 -9.68 -37.19
CA CYS D 194 -8.16 -10.18 -38.35
C CYS D 194 -8.21 -11.71 -38.62
N GLU D 195 -8.76 -12.49 -37.67
CA GLU D 195 -8.79 -13.96 -37.76
C GLU D 195 -9.55 -14.39 -39.02
N GLU D 196 -8.89 -15.22 -39.84
CA GLU D 196 -9.37 -15.64 -41.18
C GLU D 196 -9.62 -14.46 -42.17
N VAL D 197 -9.86 -13.25 -41.61
CA VAL D 197 -10.27 -12.03 -42.36
C VAL D 197 -9.12 -11.22 -43.01
N VAL D 198 -7.99 -11.05 -42.32
CA VAL D 198 -6.80 -10.42 -42.93
C VAL D 198 -5.47 -11.06 -42.52
N GLY D 199 -4.61 -11.30 -43.52
CA GLY D 199 -3.24 -11.78 -43.31
C GLY D 199 -2.30 -10.63 -43.02
N LEU D 200 -2.40 -10.07 -41.81
CA LEU D 200 -1.76 -8.82 -41.43
C LEU D 200 -0.26 -8.92 -41.36
N SER D 201 0.44 -7.92 -41.91
CA SER D 201 1.91 -7.91 -41.96
C SER D 201 2.63 -6.86 -41.07
N SER D 202 2.06 -5.65 -40.99
CA SER D 202 2.61 -4.57 -40.17
C SER D 202 1.55 -3.76 -39.44
N VAL D 203 1.93 -3.17 -38.29
CA VAL D 203 1.04 -2.27 -37.56
C VAL D 203 1.77 -1.00 -37.24
N VAL D 204 1.13 0.13 -37.53
CA VAL D 204 1.69 1.45 -37.26
C VAL D 204 0.85 2.17 -36.21
N VAL D 205 1.51 2.80 -35.25
CA VAL D 205 0.83 3.62 -34.25
C VAL D 205 1.73 4.72 -33.75
N ALA D 206 1.15 5.85 -33.37
CA ALA D 206 1.90 6.93 -32.77
C ALA D 206 2.53 6.52 -31.43
N SER D 207 3.77 6.94 -31.23
CA SER D 207 4.50 6.63 -30.02
C SER D 207 4.81 7.91 -29.25
N GLY D 208 4.08 8.16 -28.17
CA GLY D 208 4.23 9.38 -27.37
C GLY D 208 4.66 9.07 -25.95
N SER D 209 3.79 9.38 -24.99
CA SER D 209 3.97 8.94 -23.60
C SER D 209 4.19 7.42 -23.46
N ALA D 210 4.14 6.70 -24.58
CA ALA D 210 4.66 5.33 -24.74
C ALA D 210 3.68 4.16 -24.47
N GLY D 211 2.88 4.27 -23.42
CA GLY D 211 1.90 3.24 -23.07
C GLY D 211 1.14 2.52 -24.18
N THR D 212 0.56 3.26 -25.11
CA THR D 212 -0.19 2.65 -26.20
C THR D 212 0.72 1.74 -27.00
N HIS D 213 1.85 2.28 -27.47
CA HIS D 213 2.86 1.49 -28.19
C HIS D 213 3.30 0.26 -27.37
N ALA D 214 3.59 0.46 -26.10
CA ALA D 214 4.09 -0.59 -25.24
C ALA D 214 3.07 -1.71 -25.10
N GLY D 215 1.88 -1.36 -24.71
CA GLY D 215 0.81 -2.33 -24.61
C GLY D 215 0.65 -3.18 -25.84
N LEU D 216 0.65 -2.56 -27.03
CA LEU D 216 0.59 -3.30 -28.28
C LEU D 216 1.74 -4.29 -28.41
N ALA D 217 2.96 -3.82 -28.18
CA ALA D 217 4.16 -4.62 -28.29
C ALA D 217 4.16 -5.86 -27.42
N VAL D 218 3.53 -5.81 -26.25
CA VAL D 218 3.43 -7.01 -25.41
C VAL D 218 2.36 -7.90 -25.99
N GLY D 219 1.15 -7.38 -26.13
CA GLY D 219 0.02 -8.14 -26.66
C GLY D 219 0.31 -8.77 -28.00
N LEU D 220 0.92 -8.00 -28.90
CA LEU D 220 1.17 -8.45 -30.27
C LEU D 220 2.36 -9.41 -30.38
N GLU D 221 3.28 -9.35 -29.44
CA GLU D 221 4.35 -10.31 -29.46
C GLU D 221 3.72 -11.65 -29.14
N HIS D 222 2.73 -11.65 -28.27
CA HIS D 222 2.13 -12.89 -27.84
C HIS D 222 0.96 -13.38 -28.69
N LEU D 223 0.18 -12.46 -29.25
CA LEU D 223 -0.94 -12.90 -30.07
C LEU D 223 -0.60 -13.06 -31.57
N MET D 224 0.21 -12.17 -32.13
CA MET D 224 0.54 -12.18 -33.56
C MET D 224 2.04 -11.98 -33.75
N PRO D 225 2.85 -13.00 -33.44
CA PRO D 225 4.30 -12.83 -33.28
C PRO D 225 5.02 -12.52 -34.58
N ASP D 226 4.34 -12.72 -35.70
CA ASP D 226 4.94 -12.49 -37.02
C ASP D 226 4.82 -11.03 -37.44
N VAL D 227 3.83 -10.33 -36.88
CA VAL D 227 3.48 -8.96 -37.25
C VAL D 227 4.58 -7.98 -36.85
N GLU D 228 4.98 -7.13 -37.79
CA GLU D 228 5.93 -6.06 -37.52
C GLU D 228 5.24 -4.82 -36.94
N LEU D 229 5.68 -4.37 -35.75
CA LEU D 229 5.07 -3.21 -35.09
C LEU D 229 5.92 -1.96 -35.11
N ILE D 230 5.46 -0.97 -35.84
CA ILE D 230 6.21 0.26 -36.00
C ILE D 230 5.55 1.36 -35.23
N GLY D 231 6.35 2.08 -34.46
CA GLY D 231 5.91 3.27 -33.76
C GLY D 231 6.52 4.51 -34.37
N VAL D 232 5.71 5.51 -34.68
CA VAL D 232 6.23 6.75 -35.19
C VAL D 232 6.28 7.72 -34.03
N THR D 233 7.47 8.21 -33.69
CA THR D 233 7.66 9.12 -32.57
C THR D 233 7.01 10.42 -32.90
N VAL D 234 6.34 11.03 -31.93
CA VAL D 234 5.68 12.31 -32.12
C VAL D 234 6.29 13.42 -31.27
N SER D 235 7.26 13.07 -30.42
CA SER D 235 7.94 14.07 -29.61
C SER D 235 9.47 13.89 -29.55
N ARG D 236 9.93 12.67 -29.37
CA ARG D 236 11.36 12.44 -29.13
C ARG D 236 12.02 11.66 -30.27
N SER D 237 13.34 11.56 -30.25
CA SER D 237 14.09 10.80 -31.24
C SER D 237 14.21 9.35 -30.83
N VAL D 238 14.57 8.48 -31.76
CA VAL D 238 14.71 7.03 -31.47
C VAL D 238 15.51 6.84 -30.19
N ALA D 239 16.65 7.52 -30.15
CA ALA D 239 17.58 7.55 -29.03
C ALA D 239 16.93 7.74 -27.66
N GLU D 240 16.16 8.82 -27.53
CA GLU D 240 15.49 9.18 -26.28
C GLU D 240 14.21 8.36 -26.03
N GLN D 241 13.50 7.94 -27.09
CA GLN D 241 12.24 7.24 -26.92
C GLN D 241 12.41 5.75 -26.59
N LYS D 242 13.15 5.00 -27.41
CA LYS D 242 13.30 3.54 -27.23
C LYS D 242 13.40 3.05 -25.78
N PRO D 243 14.26 3.67 -24.94
CA PRO D 243 14.33 3.23 -23.54
C PRO D 243 13.01 3.27 -22.82
N LYS D 244 12.21 4.30 -23.09
CA LYS D 244 10.94 4.47 -22.39
C LYS D 244 9.93 3.45 -22.79
N VAL D 245 9.93 3.06 -24.06
CA VAL D 245 9.03 2.04 -24.53
C VAL D 245 9.48 0.72 -23.93
N ILE D 246 10.78 0.43 -23.98
CA ILE D 246 11.34 -0.83 -23.50
C ILE D 246 11.00 -1.05 -22.03
N ALA D 247 11.06 0.02 -21.24
CA ALA D 247 10.75 -0.02 -19.82
C ALA D 247 9.34 -0.48 -19.56
N LEU D 248 8.38 0.08 -20.30
CA LEU D 248 6.96 -0.24 -20.10
C LEU D 248 6.67 -1.64 -20.56
N GLN D 249 7.25 -2.00 -21.70
CA GLN D 249 7.13 -3.37 -22.21
C GLN D 249 7.46 -4.39 -21.14
N GLN D 250 8.60 -4.20 -20.47
CA GLN D 250 9.07 -5.12 -19.44
C GLN D 250 8.22 -5.11 -18.16
N ALA D 251 7.79 -3.93 -17.76
CA ALA D 251 6.97 -3.76 -16.58
C ALA D 251 5.60 -4.36 -16.83
N ILE D 252 5.01 -4.06 -17.99
CA ILE D 252 3.72 -4.63 -18.39
C ILE D 252 3.86 -6.12 -18.41
N ALA D 253 4.82 -6.61 -19.17
CA ALA D 253 5.04 -8.05 -19.23
C ALA D 253 5.26 -8.65 -17.85
N GLY D 254 6.07 -7.99 -17.02
CA GLY D 254 6.26 -8.41 -15.63
C GLY D 254 4.93 -8.69 -14.93
N GLN D 255 4.10 -7.66 -14.84
CA GLN D 255 2.81 -7.74 -14.15
C GLN D 255 1.81 -8.65 -14.82
N LEU D 256 2.01 -8.97 -16.09
CA LEU D 256 1.10 -9.88 -16.80
C LEU D 256 1.61 -11.29 -16.75
N ALA D 257 2.72 -11.45 -16.02
CA ALA D 257 3.35 -12.75 -15.78
C ALA D 257 3.93 -13.39 -17.05
N LEU D 258 4.30 -12.55 -18.02
CA LEU D 258 4.82 -13.02 -19.28
C LEU D 258 6.23 -12.53 -19.44
N THR D 259 6.87 -13.02 -20.50
CA THR D 259 8.21 -12.56 -20.83
C THR D 259 8.07 -11.84 -22.16
N ALA D 260 8.85 -10.79 -22.36
CA ALA D 260 8.79 -10.05 -23.61
C ALA D 260 10.17 -9.83 -24.20
N THR D 261 10.44 -10.46 -25.33
CA THR D 261 11.76 -10.39 -25.96
C THR D 261 11.75 -9.68 -27.31
N ALA D 262 10.57 -9.25 -27.73
CA ALA D 262 10.40 -8.55 -29.01
C ALA D 262 11.19 -7.23 -29.04
N ASP D 263 11.90 -6.99 -30.14
CA ASP D 263 12.56 -5.69 -30.35
C ASP D 263 11.48 -4.64 -30.56
N ILE D 264 11.61 -3.48 -29.92
CA ILE D 264 10.72 -2.35 -30.24
C ILE D 264 11.27 -1.50 -31.42
N HIS D 265 10.41 -1.17 -32.39
CA HIS D 265 10.81 -0.41 -33.58
C HIS D 265 10.25 1.01 -33.55
N LEU D 266 11.10 1.99 -33.88
CA LEU D 266 10.71 3.40 -33.89
C LEU D 266 11.29 4.20 -35.06
N TRP D 267 10.48 5.11 -35.60
CA TRP D 267 10.91 6.02 -36.66
C TRP D 267 10.73 7.47 -36.20
N ASP D 268 11.83 8.21 -36.08
CA ASP D 268 11.79 9.57 -35.51
C ASP D 268 11.68 10.70 -36.55
N ASP D 269 11.71 10.33 -37.82
CA ASP D 269 11.83 11.30 -38.90
C ASP D 269 10.63 12.22 -39.03
N TYR D 270 9.52 11.91 -38.36
CA TYR D 270 8.26 12.50 -38.75
C TYR D 270 7.61 13.51 -37.82
N PHE D 271 8.24 13.79 -36.68
CA PHE D 271 7.68 14.80 -35.75
C PHE D 271 8.19 16.20 -36.01
N ALA D 272 9.05 16.33 -37.02
CA ALA D 272 9.54 17.62 -37.52
C ALA D 272 9.99 18.54 -36.39
N PRO D 273 9.49 19.80 -36.31
CA PRO D 273 10.05 20.72 -35.31
C PRO D 273 10.00 20.22 -33.86
N GLY D 274 9.00 19.41 -33.54
CA GLY D 274 8.85 18.85 -32.18
C GLY D 274 7.41 18.55 -31.78
N TYR D 275 7.22 18.07 -30.56
CA TYR D 275 5.89 17.74 -30.09
C TYR D 275 4.97 18.91 -30.28
N GLY D 276 3.78 18.66 -30.80
CA GLY D 276 2.79 19.73 -30.87
C GLY D 276 2.98 20.79 -31.94
N VAL D 277 4.09 20.72 -32.69
CA VAL D 277 4.26 21.59 -33.87
C VAL D 277 3.91 20.77 -35.11
N PRO D 278 3.10 21.32 -36.00
CA PRO D 278 2.68 20.61 -37.20
C PRO D 278 3.71 20.70 -38.31
N ASN D 279 3.98 19.59 -38.98
CA ASN D 279 4.80 19.60 -40.19
C ASN D 279 3.95 19.47 -41.43
N ASP D 280 4.46 19.94 -42.56
CA ASP D 280 3.78 19.79 -43.85
C ASP D 280 3.48 18.32 -44.11
N ALA D 281 4.51 17.49 -44.00
CA ALA D 281 4.38 16.05 -44.23
C ALA D 281 3.15 15.44 -43.52
N GLY D 282 2.94 15.82 -42.27
CA GLY D 282 1.87 15.27 -41.45
C GLY D 282 0.49 15.79 -41.77
N MET D 283 0.39 17.10 -41.92
CA MET D 283 -0.77 17.80 -42.45
C MET D 283 -1.21 17.30 -43.84
N GLU D 284 -0.24 17.01 -44.71
CA GLU D 284 -0.48 16.42 -46.06
C GLU D 284 -1.28 15.13 -45.87
N ALA D 285 -0.96 14.43 -44.79
CA ALA D 285 -1.63 13.19 -44.44
C ALA D 285 -3.04 13.42 -43.93
N VAL D 286 -3.27 14.54 -43.25
CA VAL D 286 -4.59 14.83 -42.72
C VAL D 286 -5.55 15.14 -43.82
N LYS D 287 -5.11 15.98 -44.76
CA LYS D 287 -5.86 16.34 -45.97
C LYS D 287 -6.11 15.11 -46.86
N LEU D 288 -5.07 14.28 -47.01
CA LEU D 288 -5.20 13.04 -47.74
C LEU D 288 -6.30 12.12 -47.19
N LEU D 289 -6.30 11.84 -45.89
CA LEU D 289 -7.29 10.90 -45.35
C LEU D 289 -8.69 11.45 -45.22
N ALA D 290 -8.80 12.75 -45.02
CA ALA D 290 -10.10 13.41 -44.95
C ALA D 290 -10.76 13.43 -46.32
N SER D 291 -10.00 13.87 -47.31
CA SER D 291 -10.52 13.98 -48.67
C SER D 291 -10.73 12.61 -49.36
N LEU D 292 -9.88 11.65 -49.05
CA LEU D 292 -9.87 10.40 -49.76
C LEU D 292 -10.71 9.30 -49.12
N GLU D 293 -10.94 9.42 -47.82
CA GLU D 293 -11.57 8.33 -47.06
C GLU D 293 -12.57 8.83 -46.05
N GLY D 294 -12.62 10.16 -45.89
CA GLY D 294 -13.58 10.78 -44.96
C GLY D 294 -13.26 10.55 -43.49
N VAL D 295 -11.99 10.32 -43.19
CA VAL D 295 -11.59 10.12 -41.81
C VAL D 295 -10.76 11.28 -41.37
N LEU D 296 -10.96 11.68 -40.12
CA LEU D 296 -10.23 12.82 -39.63
C LEU D 296 -9.08 12.36 -38.78
N LEU D 297 -7.87 12.73 -39.20
CA LEU D 297 -6.68 12.55 -38.36
C LEU D 297 -6.44 13.85 -37.61
N ASP D 298 -5.27 14.03 -36.99
CA ASP D 298 -5.02 15.24 -36.22
C ASP D 298 -3.57 15.68 -36.35
N PRO D 299 -3.30 16.97 -36.10
CA PRO D 299 -2.00 17.47 -36.55
C PRO D 299 -0.88 17.18 -35.57
N VAL D 300 -1.24 16.75 -34.37
CA VAL D 300 -0.23 16.50 -33.35
C VAL D 300 0.23 15.02 -33.29
N TYR D 301 -0.72 14.08 -33.42
CA TYR D 301 -0.41 12.65 -33.31
C TYR D 301 -0.64 11.87 -34.60
N THR D 302 -1.90 11.53 -34.88
CA THR D 302 -2.27 10.65 -35.99
C THR D 302 -1.80 11.06 -37.37
N GLY D 303 -1.92 12.35 -37.69
CA GLY D 303 -1.37 12.87 -38.92
C GLY D 303 0.10 12.53 -39.09
N LYS D 304 0.94 12.86 -38.10
CA LYS D 304 2.35 12.61 -38.20
C LYS D 304 2.61 11.12 -38.36
N ALA D 305 1.98 10.33 -37.52
CA ALA D 305 2.07 8.88 -37.61
C ALA D 305 1.75 8.39 -39.02
N MET D 306 0.61 8.82 -39.54
CA MET D 306 0.19 8.49 -40.90
C MET D 306 1.16 8.96 -41.96
N ALA D 307 1.71 10.15 -41.78
CA ALA D 307 2.73 10.68 -42.67
C ALA D 307 3.89 9.71 -42.72
N GLY D 308 4.23 9.16 -41.57
CA GLY D 308 5.25 8.13 -41.44
C GLY D 308 4.88 6.89 -42.24
N LEU D 309 3.69 6.38 -41.99
CA LEU D 309 3.16 5.22 -42.71
C LEU D 309 3.35 5.39 -44.22
N ILE D 310 2.95 6.56 -44.71
CA ILE D 310 3.03 6.88 -46.14
C ILE D 310 4.48 6.84 -46.64
N ASP D 311 5.36 7.58 -45.96
CA ASP D 311 6.74 7.65 -46.36
C ASP D 311 7.39 6.30 -46.17
N GLY D 312 6.82 5.51 -45.28
CA GLY D 312 7.27 4.15 -45.08
C GLY D 312 7.17 3.34 -46.34
N ILE D 313 5.98 3.34 -46.94
CA ILE D 313 5.78 2.55 -48.16
C ILE D 313 6.71 3.11 -49.21
N SER D 314 6.78 4.43 -49.27
CA SER D 314 7.63 5.13 -50.22
C SER D 314 9.09 4.63 -50.21
N GLN D 315 9.64 4.33 -49.04
CA GLN D 315 11.05 3.92 -48.91
C GLN D 315 11.24 2.42 -48.65
N LYS D 316 10.22 1.61 -48.98
CA LYS D 316 10.23 0.18 -48.66
C LYS D 316 10.79 -0.12 -47.24
N ARG D 317 10.34 0.63 -46.24
CA ARG D 317 10.85 0.48 -44.88
C ARG D 317 10.29 -0.70 -44.09
N PHE D 318 9.08 -1.12 -44.41
CA PHE D 318 8.47 -2.26 -43.72
C PHE D 318 9.14 -3.59 -44.13
N ASN D 319 8.91 -4.66 -43.35
CA ASN D 319 9.55 -5.96 -43.62
C ASN D 319 9.16 -6.52 -45.00
N ASP D 320 7.86 -6.59 -45.27
CA ASP D 320 7.36 -7.08 -46.57
C ASP D 320 6.29 -6.16 -47.18
N ASP D 321 5.71 -6.61 -48.28
CA ASP D 321 4.69 -5.88 -49.03
C ASP D 321 3.32 -5.85 -48.40
N GLY D 322 3.06 -6.84 -47.55
CA GLY D 322 1.71 -7.11 -47.03
C GLY D 322 0.96 -6.02 -46.29
N PRO D 323 -0.30 -6.34 -45.93
CA PRO D 323 -1.23 -5.44 -45.25
C PRO D 323 -0.62 -4.68 -44.08
N ILE D 324 -1.06 -3.44 -43.91
CA ILE D 324 -0.65 -2.55 -42.82
C ILE D 324 -1.87 -2.12 -42.04
N LEU D 325 -1.81 -2.24 -40.72
CA LEU D 325 -2.88 -1.76 -39.89
C LEU D 325 -2.46 -0.44 -39.23
N PHE D 326 -3.26 0.59 -39.43
CA PHE D 326 -3.02 1.86 -38.81
C PHE D 326 -3.96 1.98 -37.64
N ILE D 327 -3.38 2.29 -36.48
CA ILE D 327 -4.13 2.45 -35.25
C ILE D 327 -4.53 3.91 -35.09
N HIS D 328 -5.81 4.20 -35.32
CA HIS D 328 -6.28 5.55 -35.24
C HIS D 328 -6.59 5.85 -33.80
N THR D 329 -5.67 6.60 -33.20
CA THR D 329 -5.66 6.85 -31.79
C THR D 329 -6.45 8.10 -31.42
N GLY D 330 -7.02 8.75 -32.45
CA GLY D 330 -7.99 9.85 -32.27
C GLY D 330 -7.37 11.21 -32.42
N GLY D 331 -7.70 12.11 -31.49
CA GLY D 331 -7.08 13.44 -31.47
C GLY D 331 -7.74 14.50 -32.32
N ALA D 332 -8.70 14.08 -33.14
CA ALA D 332 -9.41 14.98 -34.02
C ALA D 332 -9.72 16.38 -33.46
N PRO D 333 -10.20 16.50 -32.21
CA PRO D 333 -10.63 17.81 -31.74
C PRO D 333 -9.55 18.86 -31.79
N ALA D 334 -8.29 18.43 -31.72
CA ALA D 334 -7.20 19.37 -31.78
C ALA D 334 -7.21 20.20 -33.07
N LEU D 335 -7.92 19.72 -34.12
CA LEU D 335 -8.06 20.43 -35.41
C LEU D 335 -8.63 21.82 -35.28
N PHE D 336 -9.68 21.95 -34.47
CA PHE D 336 -10.34 23.23 -34.20
C PHE D 336 -9.50 24.12 -33.29
N ALA D 337 -8.50 23.55 -32.64
CA ALA D 337 -7.65 24.33 -31.78
C ALA D 337 -6.47 24.85 -32.57
N TYR D 338 -5.99 24.04 -33.50
CA TYR D 338 -4.85 24.42 -34.33
C TYR D 338 -5.25 25.26 -35.53
N HIS D 339 -6.51 25.63 -35.57
CA HIS D 339 -6.99 26.18 -36.79
C HIS D 339 -6.05 27.20 -37.25
N PRO D 340 -6.48 28.44 -37.22
CA PRO D 340 -5.87 29.27 -38.23
C PRO D 340 -4.38 28.94 -38.41
N HIS D 341 -3.65 28.83 -37.28
CA HIS D 341 -2.20 28.60 -37.29
C HIS D 341 -1.57 28.57 -35.87
N VAL D 342 -0.28 28.24 -35.83
CA VAL D 342 0.62 28.37 -34.66
C VAL D 342 -0.12 28.12 -33.38
N ALA E 13 15.28 22.49 20.98
CA ALA E 13 14.81 22.60 19.56
C ALA E 13 13.93 23.88 19.23
N SER E 14 13.82 24.21 17.94
CA SER E 14 12.92 25.25 17.50
C SER E 14 13.42 25.87 16.19
N MET E 15 12.79 25.54 15.07
CA MET E 15 12.26 24.22 14.78
C MET E 15 10.76 24.26 14.57
N PRO E 16 10.36 24.83 13.44
CA PRO E 16 9.00 24.72 12.90
C PRO E 16 9.05 23.78 11.73
N LEU E 17 10.02 22.91 11.81
CA LEU E 17 10.26 21.88 10.81
C LEU E 17 9.83 20.51 11.33
N HIS E 18 9.49 20.44 12.59
CA HIS E 18 9.19 19.16 13.18
C HIS E 18 8.69 17.93 12.47
N HIS E 19 7.82 18.19 11.52
CA HIS E 19 7.37 17.20 10.61
C HIS E 19 8.58 16.63 10.05
N LEU E 20 9.69 17.27 10.27
CA LEU E 20 10.85 16.71 9.64
C LEU E 20 10.97 15.31 10.17
N THR E 21 10.03 14.87 10.97
CA THR E 21 10.25 13.56 11.53
C THR E 21 9.19 12.60 11.15
N ARG E 22 8.61 12.77 9.99
CA ARG E 22 7.76 11.72 9.53
C ARG E 22 8.66 10.74 8.84
N PHE E 23 9.94 11.07 8.71
CA PHE E 23 10.72 10.29 7.75
C PHE E 23 11.86 9.55 8.42
N PRO E 24 11.78 8.22 8.44
CA PRO E 24 12.83 7.42 9.06
C PRO E 24 14.16 7.66 8.36
N ARG E 25 15.19 7.97 9.13
CA ARG E 25 16.53 8.26 8.61
C ARG E 25 17.48 7.24 9.24
N LEU E 26 18.46 6.75 8.49
CA LEU E 26 19.50 5.88 9.04
C LEU E 26 20.65 6.69 9.61
N GLU E 27 21.42 6.13 10.53
CA GLU E 27 22.56 6.89 11.08
C GLU E 27 23.88 6.48 10.46
N PHE E 28 24.32 7.26 9.47
CA PHE E 28 25.61 7.03 8.81
C PHE E 28 26.65 8.07 9.20
N ILE E 29 26.19 9.26 9.53
CA ILE E 29 27.07 10.39 9.76
C ILE E 29 27.55 10.54 11.21
N GLY E 30 26.74 10.15 12.19
CA GLY E 30 27.13 10.28 13.62
C GLY E 30 26.99 11.72 14.12
N ALA E 31 28.13 12.31 14.54
CA ALA E 31 28.19 13.70 15.03
C ALA E 31 28.06 14.70 13.88
N PRO E 32 27.52 15.91 14.15
CA PRO E 32 27.44 16.90 13.07
C PRO E 32 28.82 17.18 12.48
N THR E 33 28.91 17.36 11.18
CA THR E 33 30.18 17.66 10.54
C THR E 33 30.67 19.04 10.97
N PRO E 34 32.00 19.21 11.06
CA PRO E 34 32.57 20.47 11.53
C PRO E 34 32.32 21.63 10.58
N LEU E 35 32.02 22.78 11.16
CA LEU E 35 32.04 24.03 10.43
C LEU E 35 33.27 24.78 10.93
N GLU E 36 34.09 25.25 9.98
CA GLU E 36 35.41 25.85 10.23
C GLU E 36 35.51 27.21 9.56
N TYR E 37 36.30 28.09 10.18
CA TYR E 37 36.71 29.35 9.53
C TYR E 37 37.97 29.10 8.70
N LEU E 38 38.03 29.72 7.52
CA LEU E 38 39.21 29.58 6.65
C LEU E 38 40.08 30.85 6.66
N PRO E 39 40.89 31.03 7.74
CA PRO E 39 41.58 32.30 8.00
C PRO E 39 42.47 32.77 6.85
N ARG E 40 43.28 31.86 6.32
CA ARG E 40 44.28 32.19 5.30
C ARG E 40 43.60 32.55 3.99
N LEU E 41 42.67 31.71 3.56
CA LEU E 41 41.88 32.02 2.37
C LEU E 41 41.15 33.32 2.54
N SER E 42 40.50 33.51 3.71
CA SER E 42 39.73 34.73 4.02
C SER E 42 40.57 35.98 3.84
N ASP E 43 41.65 36.02 4.62
CA ASP E 43 42.65 37.06 4.53
C ASP E 43 43.17 37.26 3.09
N TYR E 44 43.40 36.17 2.34
CA TYR E 44 43.80 36.29 0.94
C TYR E 44 42.71 36.88 0.01
N LEU E 45 41.45 36.48 0.19
CA LEU E 45 40.33 36.94 -0.67
C LEU E 45 39.74 38.26 -0.21
N GLY E 46 40.00 38.62 1.04
CA GLY E 46 39.52 39.87 1.61
C GLY E 46 38.06 39.81 2.01
N ARG E 47 37.67 38.69 2.60
CA ARG E 47 36.28 38.39 2.99
C ARG E 47 36.28 37.30 4.05
N GLU E 48 35.32 37.36 4.95
CA GLU E 48 35.13 36.32 5.95
C GLU E 48 34.63 35.07 5.22
N ILE E 49 35.39 33.97 5.22
CA ILE E 49 34.94 32.73 4.55
C ILE E 49 34.96 31.50 5.45
N TYR E 50 33.80 30.86 5.56
CA TYR E 50 33.63 29.68 6.38
C TYR E 50 33.30 28.45 5.53
N ILE E 51 33.67 27.28 6.04
CA ILE E 51 33.50 26.04 5.31
C ILE E 51 32.70 25.01 6.12
N LYS E 52 31.64 24.47 5.52
CA LYS E 52 30.88 23.33 6.06
C LYS E 52 31.45 21.99 5.52
N ARG E 53 32.01 21.18 6.41
CA ARG E 53 32.86 20.09 5.99
C ARG E 53 32.09 18.83 5.80
N ASP E 54 31.24 18.79 4.79
CA ASP E 54 30.42 17.60 4.60
C ASP E 54 31.17 16.46 3.92
N ASP E 55 32.44 16.71 3.62
CA ASP E 55 33.34 15.71 3.05
C ASP E 55 33.90 14.78 4.13
N VAL E 56 33.91 15.28 5.37
CA VAL E 56 34.38 14.51 6.54
C VAL E 56 33.26 13.55 7.08
N THR E 57 33.23 12.33 6.57
CA THR E 57 32.15 11.41 6.87
C THR E 57 32.76 10.01 6.98
N PRO E 58 32.37 9.28 8.01
CA PRO E 58 32.96 7.96 8.24
C PRO E 58 32.89 7.00 7.06
N ILE E 59 31.93 7.16 6.15
CA ILE E 59 31.68 6.13 5.14
C ILE E 59 32.49 6.37 3.88
N ALA E 60 33.34 5.41 3.52
CA ALA E 60 34.12 5.44 2.26
C ALA E 60 34.48 6.82 1.67
N MET E 61 35.23 7.62 2.41
CA MET E 61 35.71 8.98 1.96
C MET E 61 34.69 10.10 1.93
N GLY E 62 33.43 9.76 2.19
CA GLY E 62 32.38 10.73 2.49
C GLY E 62 31.98 11.70 1.40
N GLY E 63 30.85 12.35 1.62
CA GLY E 63 30.34 13.33 0.69
C GLY E 63 28.95 13.75 1.07
N ASN E 64 28.41 14.71 0.33
CA ASN E 64 27.07 15.20 0.54
C ASN E 64 26.07 14.10 0.27
N1 LLP E 65 28.93 18.12 -5.10
C2 LLP E 65 29.64 16.95 -4.87
C2' LLP E 65 31.01 16.99 -4.27
C3 LLP E 65 29.10 15.70 -5.18
O3 LLP E 65 29.76 14.68 -4.93
C4 LLP E 65 27.82 15.63 -5.73
C4' LLP E 65 27.27 14.25 -6.03
C5 LLP E 65 27.11 16.83 -5.98
C6 LLP E 65 27.68 18.08 -5.64
C5' LLP E 65 25.73 16.84 -6.55
OP4 LLP E 65 24.91 17.71 -5.76
P LLP E 65 23.35 17.80 -5.92
OP1 LLP E 65 23.16 17.35 -7.31
OP2 LLP E 65 22.84 16.87 -4.91
OP3 LLP E 65 23.06 19.23 -5.62
N LLP E 65 26.41 13.26 -0.71
CA LLP E 65 25.51 12.21 -1.16
CB LLP E 65 26.14 11.35 -2.28
CG LLP E 65 26.26 12.07 -3.62
CD LLP E 65 25.00 12.84 -3.98
CE LLP E 65 25.35 14.17 -4.61
NZ LLP E 65 25.94 14.02 -5.96
C LLP E 65 25.04 11.32 -0.05
O LLP E 65 24.04 10.62 -0.21
N LEU E 66 25.74 11.34 1.08
CA LEU E 66 25.49 10.39 2.13
C LEU E 66 24.33 10.83 2.96
N ARG E 67 24.23 12.14 3.19
CA ARG E 67 23.14 12.68 3.98
C ARG E 67 21.82 12.32 3.34
N LYS E 68 21.81 12.26 2.02
CA LYS E 68 20.68 11.82 1.22
C LYS E 68 20.41 10.36 1.44
N LEU E 69 21.41 9.53 1.20
CA LEU E 69 21.26 8.09 1.42
C LEU E 69 20.75 7.72 2.83
N GLU E 70 20.99 8.60 3.80
CA GLU E 70 20.49 8.36 5.15
C GLU E 70 18.98 8.16 5.18
N PHE E 71 18.28 8.93 4.37
CA PHE E 71 16.83 8.78 4.24
C PHE E 71 16.45 7.77 3.19
N LEU E 72 17.13 7.82 2.05
CA LEU E 72 16.85 6.94 0.95
C LEU E 72 16.99 5.48 1.33
N VAL E 73 18.15 5.07 1.83
CA VAL E 73 18.36 3.67 2.21
C VAL E 73 17.49 3.22 3.41
N ALA E 74 17.13 4.18 4.28
CA ALA E 74 16.22 3.92 5.40
C ALA E 74 14.89 3.45 4.85
N ASP E 75 14.43 4.15 3.81
CA ASP E 75 13.22 3.81 3.07
C ASP E 75 13.38 2.47 2.35
N ALA E 76 14.43 2.33 1.55
CA ALA E 76 14.74 1.08 0.88
C ALA E 76 14.60 -0.14 1.77
N LEU E 77 14.93 0.01 3.04
CA LEU E 77 14.87 -1.08 3.96
C LEU E 77 13.45 -1.32 4.40
N ARG E 78 12.67 -0.25 4.56
CA ARG E 78 11.25 -0.39 4.90
C ARG E 78 10.53 -1.19 3.81
N GLU E 79 10.90 -0.95 2.53
CA GLU E 79 10.38 -1.72 1.40
C GLU E 79 10.89 -3.14 1.39
N GLY E 80 11.78 -3.47 2.30
CA GLY E 80 12.34 -4.80 2.36
C GLY E 80 13.24 -5.16 1.19
N ALA E 81 13.72 -4.15 0.47
CA ALA E 81 14.66 -4.35 -0.61
C ALA E 81 15.92 -5.08 -0.16
N ASP E 82 16.50 -5.87 -1.05
CA ASP E 82 17.76 -6.53 -0.77
C ASP E 82 18.83 -6.04 -1.72
N THR E 83 18.45 -5.09 -2.57
CA THR E 83 19.31 -4.52 -3.62
C THR E 83 19.03 -3.04 -3.86
N LEU E 84 20.09 -2.27 -4.01
CA LEU E 84 19.96 -0.89 -4.41
C LEU E 84 20.44 -0.79 -5.85
N ILE E 85 19.67 -0.09 -6.68
CA ILE E 85 20.07 0.24 -8.02
C ILE E 85 20.19 1.76 -8.14
N THR E 86 21.24 2.21 -8.83
CA THR E 86 21.40 3.63 -9.12
C THR E 86 22.25 3.89 -10.36
N ALA E 87 22.32 5.14 -10.81
CA ALA E 87 23.05 5.43 -12.03
C ALA E 87 23.85 6.70 -11.89
N GLY E 88 24.83 6.90 -12.76
CA GLY E 88 25.64 8.12 -12.76
C GLY E 88 26.88 8.02 -13.64
N ALA E 89 27.65 9.12 -13.71
CA ALA E 89 28.95 9.12 -14.39
C ALA E 89 29.85 7.96 -13.90
N ILE E 90 30.87 7.57 -14.66
CA ILE E 90 31.82 6.53 -14.18
C ILE E 90 32.44 6.97 -12.88
N GLN E 91 32.75 8.26 -12.76
CA GLN E 91 33.37 8.76 -11.54
C GLN E 91 32.37 9.35 -10.59
N SER E 92 31.17 8.77 -10.55
CA SER E 92 30.09 9.30 -9.75
C SER E 92 30.40 9.14 -8.29
N ASN E 93 30.27 10.24 -7.53
CA ASN E 93 30.41 10.23 -6.08
C ASN E 93 29.25 9.47 -5.42
N HIS E 94 28.07 9.65 -6.00
CA HIS E 94 26.85 9.04 -5.51
C HIS E 94 26.88 7.51 -5.63
N VAL E 95 27.34 6.98 -6.76
CA VAL E 95 27.46 5.55 -6.90
C VAL E 95 28.46 4.99 -5.88
N ARG E 96 29.65 5.58 -5.78
CA ARG E 96 30.61 5.22 -4.71
C ARG E 96 29.95 5.11 -3.33
N GLN E 97 29.32 6.18 -2.89
CA GLN E 97 28.75 6.16 -1.57
C GLN E 97 27.63 5.12 -1.50
N THR E 98 26.75 5.10 -2.50
CA THR E 98 25.63 4.15 -2.53
C THR E 98 26.12 2.71 -2.38
N ALA E 99 27.14 2.35 -3.16
CA ALA E 99 27.72 0.99 -3.17
C ALA E 99 28.41 0.60 -1.89
N ALA E 100 28.96 1.61 -1.19
CA ALA E 100 29.57 1.44 0.12
C ALA E 100 28.48 1.12 1.13
N VAL E 101 27.55 2.05 1.31
CA VAL E 101 26.42 1.85 2.19
C VAL E 101 25.84 0.44 1.98
N ALA E 102 25.58 0.09 0.72
CA ALA E 102 25.14 -1.25 0.33
C ALA E 102 25.94 -2.37 0.99
N ALA E 103 27.24 -2.38 0.74
CA ALA E 103 28.10 -3.40 1.26
C ALA E 103 28.07 -3.40 2.77
N LYS E 104 28.11 -2.20 3.36
CA LYS E 104 28.07 -2.07 4.81
C LYS E 104 26.84 -2.80 5.35
N LEU E 105 25.71 -2.52 4.70
CA LEU E 105 24.42 -3.04 5.12
C LEU E 105 24.14 -4.46 4.68
N GLY E 106 24.78 -4.90 3.60
CA GLY E 106 24.58 -6.26 3.12
C GLY E 106 23.56 -6.34 2.00
N LEU E 107 23.30 -5.21 1.37
CA LEU E 107 22.47 -5.15 0.21
C LEU E 107 23.36 -5.28 -1.03
N HIS E 108 22.79 -5.81 -2.11
CA HIS E 108 23.47 -5.82 -3.40
C HIS E 108 23.39 -4.44 -4.01
N CYS E 109 24.33 -4.12 -4.90
CA CYS E 109 24.31 -2.83 -5.58
C CYS E 109 24.49 -2.97 -7.07
N VAL E 110 23.54 -2.47 -7.84
CA VAL E 110 23.67 -2.50 -9.26
C VAL E 110 23.82 -1.07 -9.66
N ALA E 111 24.84 -0.80 -10.45
CA ALA E 111 25.13 0.57 -10.90
C ALA E 111 25.12 0.70 -12.42
N LEU E 112 24.35 1.66 -12.92
CA LEU E 112 24.34 1.97 -14.35
C LEU E 112 25.24 3.17 -14.59
N LEU E 113 26.31 2.98 -15.36
CA LEU E 113 27.27 4.05 -15.55
C LEU E 113 27.37 4.50 -17.01
N GLU E 114 27.68 5.78 -17.20
CA GLU E 114 27.94 6.32 -18.51
C GLU E 114 29.29 7.02 -18.49
N ASN E 115 29.98 7.03 -19.63
CA ASN E 115 31.16 7.85 -19.83
C ASN E 115 30.72 9.18 -20.47
N PRO E 116 30.50 10.19 -19.63
CA PRO E 116 29.84 11.38 -20.11
C PRO E 116 30.76 12.36 -20.83
N ILE E 117 32.08 12.19 -20.70
CA ILE E 117 33.02 13.13 -21.33
C ILE E 117 33.68 12.54 -22.58
N GLY E 118 33.34 11.28 -22.86
CA GLY E 118 33.93 10.51 -23.95
C GLY E 118 35.44 10.43 -23.87
N THR E 119 36.00 10.12 -22.70
CA THR E 119 37.45 10.02 -22.58
C THR E 119 37.92 8.57 -22.70
N THR E 120 39.21 8.41 -23.00
CA THR E 120 39.81 7.09 -23.12
C THR E 120 40.92 6.93 -22.07
N ALA E 121 41.17 8.01 -21.33
CA ALA E 121 42.20 8.04 -20.30
C ALA E 121 42.04 6.97 -19.21
N GLU E 122 43.00 6.06 -19.16
CA GLU E 122 43.04 4.95 -18.20
C GLU E 122 42.50 5.30 -16.81
N ASN E 123 42.99 6.40 -16.25
CA ASN E 123 42.68 6.75 -14.88
C ASN E 123 41.22 7.09 -14.62
N TYR E 124 40.60 7.78 -15.57
CA TYR E 124 39.14 7.98 -15.50
C TYR E 124 38.41 6.65 -15.60
N LEU E 125 38.83 5.80 -16.52
CA LEU E 125 38.10 4.58 -16.76
C LEU E 125 38.19 3.53 -15.65
N THR E 126 39.30 3.49 -14.93
CA THR E 126 39.54 2.41 -13.95
C THR E 126 39.85 2.91 -12.54
N ASN E 127 40.44 4.08 -12.43
CA ASN E 127 40.90 4.56 -11.15
C ASN E 127 39.85 5.36 -10.41
N GLY E 128 40.28 6.19 -9.43
CA GLY E 128 39.38 7.04 -8.64
C GLY E 128 38.20 6.25 -8.09
N ASN E 129 37.03 6.89 -8.06
CA ASN E 129 35.78 6.26 -7.61
C ASN E 129 35.55 4.89 -8.21
N ARG E 130 35.60 4.82 -9.54
CA ARG E 130 35.37 3.56 -10.25
C ARG E 130 36.13 2.36 -9.68
N LEU E 131 37.38 2.58 -9.29
CA LEU E 131 38.19 1.57 -8.63
C LEU E 131 37.54 1.04 -7.37
N LEU E 132 37.03 1.96 -6.54
CA LEU E 132 36.40 1.57 -5.28
C LEU E 132 35.17 0.71 -5.53
N LEU E 133 34.38 1.09 -6.53
CA LEU E 133 33.21 0.28 -6.93
C LEU E 133 33.51 -1.22 -7.04
N ASP E 134 34.67 -1.56 -7.61
CA ASP E 134 35.10 -2.98 -7.70
C ASP E 134 35.39 -3.62 -6.37
N LEU E 135 35.99 -2.84 -5.47
CA LEU E 135 36.26 -3.27 -4.09
C LEU E 135 34.96 -3.54 -3.31
N PHE E 136 33.96 -2.71 -3.58
CA PHE E 136 32.63 -2.87 -3.02
C PHE E 136 31.82 -3.93 -3.71
N ASN E 137 32.42 -4.63 -4.68
CA ASN E 137 31.74 -5.67 -5.44
C ASN E 137 30.43 -5.26 -6.09
N THR E 138 30.39 -4.06 -6.64
CA THR E 138 29.22 -3.52 -7.29
C THR E 138 29.00 -4.25 -8.59
N GLN E 139 27.78 -4.70 -8.86
CA GLN E 139 27.38 -5.15 -10.20
C GLN E 139 27.28 -3.90 -11.07
N ILE E 140 28.07 -3.86 -12.14
CA ILE E 140 28.16 -2.67 -12.97
C ILE E 140 27.70 -2.96 -14.36
N GLU E 141 26.84 -2.08 -14.87
CA GLU E 141 26.41 -2.13 -16.27
C GLU E 141 26.68 -0.81 -16.99
N MET E 142 27.15 -0.92 -18.22
CA MET E 142 27.49 0.26 -19.00
C MET E 142 26.35 0.64 -19.93
N CYS E 143 26.26 1.92 -20.27
CA CYS E 143 25.36 2.38 -21.34
C CYS E 143 25.95 3.60 -22.05
N ASP E 144 25.48 3.87 -23.26
CA ASP E 144 26.11 4.90 -24.09
C ASP E 144 25.91 6.27 -23.49
N ALA E 145 24.66 6.52 -23.09
CA ALA E 145 24.30 7.70 -22.33
C ALA E 145 23.11 7.41 -21.43
N LEU E 146 22.96 8.22 -20.40
CA LEU E 146 21.77 8.22 -19.58
C LEU E 146 20.78 9.26 -20.14
N THR E 147 20.26 9.00 -21.34
CA THR E 147 19.36 9.92 -22.03
C THR E 147 18.06 10.12 -21.29
N ASP E 148 17.53 9.04 -20.73
CA ASP E 148 16.40 9.09 -19.81
C ASP E 148 16.64 8.16 -18.62
N PRO E 149 17.18 8.69 -17.50
CA PRO E 149 17.59 7.89 -16.36
C PRO E 149 16.46 7.12 -15.72
N ASP E 150 15.41 7.81 -15.28
CA ASP E 150 14.36 7.16 -14.50
C ASP E 150 13.81 5.95 -15.19
N ALA E 151 13.71 6.03 -16.52
CA ALA E 151 13.20 4.93 -17.36
C ALA E 151 14.20 3.80 -17.52
N GLN E 152 15.45 4.17 -17.78
CA GLN E 152 16.53 3.21 -17.94
C GLN E 152 16.82 2.50 -16.65
N LEU E 153 16.61 3.18 -15.52
CA LEU E 153 16.74 2.57 -14.21
C LEU E 153 15.60 1.60 -13.96
N GLN E 154 14.36 2.03 -14.20
CA GLN E 154 13.19 1.14 -14.06
C GLN E 154 13.24 -0.10 -15.00
N THR E 155 13.71 0.10 -16.24
CA THR E 155 13.99 -1.00 -17.15
C THR E 155 14.86 -2.04 -16.47
N LEU E 156 15.94 -1.58 -15.86
CA LEU E 156 16.93 -2.42 -15.19
C LEU E 156 16.33 -3.04 -13.94
N ALA E 157 15.59 -2.25 -13.16
CA ALA E 157 14.96 -2.72 -11.93
C ALA E 157 14.11 -3.92 -12.21
N THR E 158 13.27 -3.84 -13.23
CA THR E 158 12.34 -4.93 -13.50
C THR E 158 13.04 -6.18 -14.04
N ARG E 159 14.14 -6.02 -14.80
CA ARG E 159 14.93 -7.18 -15.22
C ARG E 159 15.50 -7.90 -14.01
N ILE E 160 15.93 -7.14 -12.99
CA ILE E 160 16.42 -7.66 -11.71
C ILE E 160 15.28 -8.31 -10.92
N GLU E 161 14.20 -7.57 -10.75
CA GLU E 161 12.98 -8.08 -10.13
C GLU E 161 12.57 -9.44 -10.63
N ALA E 162 12.62 -9.62 -11.95
CA ALA E 162 12.16 -10.86 -12.58
C ALA E 162 13.07 -12.08 -12.37
N GLN E 163 14.35 -11.87 -12.07
CA GLN E 163 15.28 -12.97 -11.72
C GLN E 163 15.08 -13.47 -10.29
N GLY E 164 14.45 -12.65 -9.45
CA GLY E 164 13.99 -13.07 -8.13
C GLY E 164 14.59 -12.28 -6.97
N PHE E 165 14.47 -10.96 -7.02
CA PHE E 165 15.06 -10.08 -5.99
C PHE E 165 14.13 -8.95 -5.65
N ARG E 166 14.42 -8.30 -4.53
CA ARG E 166 13.71 -7.11 -4.13
C ARG E 166 14.67 -5.93 -4.39
N PRO E 167 14.41 -5.10 -5.45
CA PRO E 167 15.29 -3.96 -5.77
C PRO E 167 14.67 -2.62 -5.39
N TYR E 168 15.46 -1.71 -4.84
CA TYR E 168 15.02 -0.33 -4.57
C TYR E 168 15.77 0.62 -5.51
N VAL E 169 15.06 1.53 -6.18
CA VAL E 169 15.70 2.45 -7.13
C VAL E 169 16.01 3.79 -6.50
N ILE E 170 17.27 4.21 -6.57
CA ILE E 170 17.70 5.55 -6.13
C ILE E 170 18.00 6.42 -7.37
N PRO E 171 17.29 7.55 -7.54
CA PRO E 171 17.44 8.47 -8.69
C PRO E 171 18.87 8.90 -8.88
N VAL E 172 19.16 9.58 -10.00
CA VAL E 172 20.51 10.10 -10.24
C VAL E 172 20.91 11.09 -9.14
N GLY E 173 22.07 10.87 -8.53
CA GLY E 173 22.56 11.76 -7.45
C GLY E 173 21.78 11.72 -6.15
N GLY E 174 20.80 10.84 -6.09
CA GLY E 174 19.96 10.70 -4.91
C GLY E 174 19.06 11.89 -4.67
N SER E 175 18.92 12.73 -5.68
CA SER E 175 18.06 13.90 -5.58
C SER E 175 16.62 13.59 -5.92
N SER E 176 15.90 13.07 -4.92
CA SER E 176 14.46 13.00 -4.98
C SER E 176 13.96 13.82 -3.81
N ALA E 177 12.69 14.16 -3.82
CA ALA E 177 12.04 14.82 -2.70
C ALA E 177 12.56 14.31 -1.34
N LEU E 178 12.51 13.00 -1.14
CA LEU E 178 12.94 12.37 0.09
C LEU E 178 14.42 12.54 0.32
N GLY E 179 15.23 12.19 -0.67
CA GLY E 179 16.70 12.28 -0.53
C GLY E 179 17.19 13.63 -0.03
N ALA E 180 16.65 14.68 -0.60
CA ALA E 180 17.03 16.02 -0.26
C ALA E 180 16.63 16.38 1.14
N MET E 181 15.94 15.50 1.83
CA MET E 181 15.62 15.78 3.21
C MET E 181 16.90 15.95 4.02
N GLY E 182 17.95 15.24 3.59
CA GLY E 182 19.25 15.22 4.26
C GLY E 182 19.76 16.62 4.41
N TYR E 183 19.64 17.40 3.34
CA TYR E 183 20.12 18.75 3.37
C TYR E 183 19.16 19.75 4.01
N VAL E 184 17.92 19.36 4.21
CA VAL E 184 17.03 20.19 4.97
C VAL E 184 17.51 20.07 6.39
N GLU E 185 17.75 18.83 6.83
CA GLU E 185 18.23 18.61 8.20
C GLU E 185 19.62 19.21 8.40
N SER E 186 20.39 19.26 7.30
CA SER E 186 21.70 19.89 7.28
C SER E 186 21.57 21.35 7.71
N ALA E 187 20.60 22.05 7.15
CA ALA E 187 20.38 23.43 7.50
C ALA E 187 20.22 23.60 8.99
N LEU E 188 19.63 22.62 9.64
CA LEU E 188 19.50 22.67 11.10
C LEU E 188 20.88 22.82 11.79
N GLU E 189 21.78 21.87 11.51
CA GLU E 189 23.17 21.91 12.00
C GLU E 189 23.77 23.29 11.74
N ILE E 190 23.76 23.66 10.47
CA ILE E 190 24.39 24.88 10.00
C ILE E 190 23.95 26.06 10.86
N ALA E 191 22.65 26.29 10.97
CA ALA E 191 22.15 27.44 11.72
C ALA E 191 22.53 27.34 13.19
N GLN E 192 22.50 26.13 13.72
CA GLN E 192 22.83 25.91 15.10
C GLN E 192 24.30 26.18 15.35
N GLN E 193 25.14 25.81 14.39
CA GLN E 193 26.57 26.02 14.55
C GLN E 193 26.84 27.52 14.58
N CYS E 194 26.23 28.25 13.65
CA CYS E 194 26.40 29.72 13.52
C CYS E 194 25.74 30.57 14.63
N GLU E 195 24.96 29.93 15.51
CA GLU E 195 24.23 30.65 16.56
C GLU E 195 25.22 31.37 17.47
N GLU E 196 25.02 32.68 17.63
CA GLU E 196 25.93 33.60 18.38
C GLU E 196 27.38 33.64 17.81
N VAL E 197 27.79 32.55 17.13
CA VAL E 197 29.15 32.34 16.63
C VAL E 197 29.49 33.09 15.31
N VAL E 198 28.59 33.11 14.33
CA VAL E 198 28.81 33.86 13.08
C VAL E 198 27.55 34.55 12.55
N GLY E 199 27.70 35.82 12.18
CA GLY E 199 26.62 36.56 11.49
C GLY E 199 26.63 36.31 9.98
N LEU E 200 26.15 35.13 9.58
CA LEU E 200 26.29 34.61 8.21
C LEU E 200 25.49 35.37 7.16
N SER E 201 26.11 35.68 6.03
CA SER E 201 25.44 36.50 5.02
C SER E 201 25.12 35.76 3.73
N SER E 202 26.00 34.87 3.31
CA SER E 202 25.79 34.08 2.08
C SER E 202 26.23 32.63 2.22
N VAL E 203 25.59 31.75 1.45
CA VAL E 203 26.01 30.36 1.40
C VAL E 203 26.14 29.92 -0.04
N VAL E 204 27.26 29.27 -0.34
CA VAL E 204 27.54 28.78 -1.69
C VAL E 204 27.60 27.28 -1.67
N VAL E 205 26.94 26.66 -2.67
CA VAL E 205 26.99 25.19 -2.87
C VAL E 205 26.85 24.81 -4.31
N ALA E 206 27.51 23.73 -4.71
CA ALA E 206 27.37 23.23 -6.05
C ALA E 206 25.95 22.76 -6.32
N SER E 207 25.45 23.01 -7.53
CA SER E 207 24.07 22.65 -7.90
C SER E 207 24.10 21.70 -9.07
N GLY E 208 23.80 20.43 -8.84
CA GLY E 208 23.88 19.41 -9.88
C GLY E 208 22.53 18.76 -10.04
N SER E 209 22.46 17.47 -9.69
CA SER E 209 21.20 16.73 -9.58
C SER E 209 20.17 17.43 -8.71
N ALA E 210 20.55 18.55 -8.11
CA ALA E 210 19.64 19.54 -7.47
C ALA E 210 19.24 19.35 -6.01
N GLY E 211 19.02 18.11 -5.58
CA GLY E 211 18.66 17.79 -4.20
C GLY E 211 19.36 18.52 -3.09
N THR E 212 20.69 18.55 -3.10
CA THR E 212 21.45 19.29 -2.08
C THR E 212 21.07 20.77 -2.04
N HIS E 213 21.19 21.45 -3.18
CA HIS E 213 20.77 22.84 -3.28
C HIS E 213 19.34 23.02 -2.74
N ALA E 214 18.43 22.14 -3.18
CA ALA E 214 17.01 22.27 -2.90
C ALA E 214 16.75 22.16 -1.42
N GLY E 215 17.28 21.10 -0.82
CA GLY E 215 17.16 20.87 0.60
C GLY E 215 17.63 22.07 1.40
N LEU E 216 18.74 22.65 1.00
CA LEU E 216 19.22 23.84 1.66
C LEU E 216 18.19 24.95 1.57
N ALA E 217 17.72 25.22 0.36
CA ALA E 217 16.83 26.35 0.10
C ALA E 217 15.54 26.32 0.90
N VAL E 218 15.04 25.12 1.21
CA VAL E 218 13.87 24.98 2.06
C VAL E 218 14.27 25.22 3.52
N GLY E 219 15.25 24.46 3.99
CA GLY E 219 15.71 24.59 5.35
C GLY E 219 16.13 26.01 5.68
N LEU E 220 16.91 26.61 4.80
CA LEU E 220 17.47 27.94 5.06
C LEU E 220 16.46 29.08 4.89
N GLU E 221 15.42 28.86 4.11
CA GLU E 221 14.33 29.84 4.02
C GLU E 221 13.65 29.91 5.37
N HIS E 222 13.54 28.75 6.02
CA HIS E 222 12.86 28.69 7.29
C HIS E 222 13.74 28.90 8.50
N LEU E 223 14.99 28.50 8.46
CA LEU E 223 15.81 28.73 9.63
C LEU E 223 16.62 30.01 9.59
N MET E 224 17.10 30.43 8.41
CA MET E 224 17.94 31.64 8.27
C MET E 224 17.49 32.53 7.11
N PRO E 225 16.36 33.21 7.29
CA PRO E 225 15.65 33.75 6.14
C PRO E 225 16.36 34.91 5.47
N ASP E 226 17.36 35.47 6.17
CA ASP E 226 18.09 36.64 5.68
C ASP E 226 19.30 36.24 4.81
N VAL E 227 19.72 34.97 4.97
CA VAL E 227 20.88 34.42 4.26
C VAL E 227 20.59 34.23 2.78
N GLU E 228 21.51 34.74 1.97
CA GLU E 228 21.48 34.57 0.52
C GLU E 228 22.09 33.23 0.13
N LEU E 229 21.32 32.42 -0.60
CA LEU E 229 21.80 31.10 -1.02
C LEU E 229 22.11 31.00 -2.49
N ILE E 230 23.39 30.85 -2.82
CA ILE E 230 23.86 30.75 -4.19
C ILE E 230 24.27 29.33 -4.54
N GLY E 231 23.77 28.87 -5.68
CA GLY E 231 24.15 27.59 -6.24
C GLY E 231 24.95 27.79 -7.51
N VAL E 232 26.08 27.12 -7.61
CA VAL E 232 26.87 27.24 -8.81
C VAL E 232 26.61 26.01 -9.62
N THR E 233 26.09 26.19 -10.83
CA THR E 233 25.73 25.04 -11.69
C THR E 233 26.97 24.32 -12.12
N VAL E 234 26.93 23.00 -12.14
CA VAL E 234 28.09 22.22 -12.53
C VAL E 234 27.85 21.41 -13.80
N SER E 235 26.62 21.50 -14.31
CA SER E 235 26.26 20.82 -15.56
C SER E 235 25.42 21.64 -16.54
N ARG E 236 24.38 22.29 -16.04
CA ARG E 236 23.43 22.98 -16.90
C ARG E 236 23.51 24.48 -16.78
N SER E 237 22.80 25.20 -17.63
CA SER E 237 22.72 26.66 -17.57
C SER E 237 21.60 27.09 -16.63
N VAL E 238 21.58 28.36 -16.19
CA VAL E 238 20.51 28.87 -15.31
C VAL E 238 19.13 28.51 -15.86
N ALA E 239 18.94 28.76 -17.14
CA ALA E 239 17.75 28.39 -17.91
C ALA E 239 17.23 26.97 -17.67
N GLU E 240 18.08 25.98 -17.94
CA GLU E 240 17.74 24.58 -17.78
C GLU E 240 17.71 24.10 -16.30
N GLN E 241 18.55 24.68 -15.44
CA GLN E 241 18.64 24.27 -14.04
C GLN E 241 17.52 24.77 -13.14
N LYS E 242 17.32 26.10 -13.07
CA LYS E 242 16.30 26.70 -12.18
C LYS E 242 15.01 25.89 -12.01
N PRO E 243 14.34 25.49 -13.12
CA PRO E 243 13.11 24.72 -12.95
C PRO E 243 13.27 23.46 -12.13
N LYS E 244 14.40 22.76 -12.29
CA LYS E 244 14.67 21.50 -11.58
C LYS E 244 14.80 21.75 -10.10
N VAL E 245 15.45 22.86 -9.74
CA VAL E 245 15.60 23.21 -8.34
C VAL E 245 14.27 23.60 -7.75
N ILE E 246 13.54 24.46 -8.45
CA ILE E 246 12.23 24.90 -7.95
C ILE E 246 11.25 23.75 -7.73
N ALA E 247 11.27 22.76 -8.64
CA ALA E 247 10.46 21.57 -8.51
C ALA E 247 10.72 20.86 -7.17
N LEU E 248 11.99 20.63 -6.83
CA LEU E 248 12.32 19.91 -5.61
C LEU E 248 12.03 20.74 -4.40
N GLN E 249 12.37 22.02 -4.47
CA GLN E 249 11.99 22.97 -3.42
C GLN E 249 10.52 22.78 -3.00
N GLN E 250 9.63 22.79 -3.99
CA GLN E 250 8.19 22.71 -3.79
C GLN E 250 7.75 21.34 -3.26
N ALA E 251 8.32 20.28 -3.83
CA ALA E 251 7.97 18.94 -3.46
C ALA E 251 8.41 18.71 -2.04
N ILE E 252 9.63 19.14 -1.72
CA ILE E 252 10.21 19.03 -0.38
C ILE E 252 9.34 19.77 0.57
N ALA E 253 9.12 21.04 0.31
CA ALA E 253 8.24 21.85 1.15
C ALA E 253 6.87 21.22 1.30
N GLY E 254 6.30 20.74 0.20
CA GLY E 254 5.03 20.03 0.23
C GLY E 254 5.03 18.98 1.32
N GLN E 255 5.91 18.01 1.20
CA GLN E 255 5.97 16.90 2.12
C GLN E 255 6.41 17.26 3.53
N LEU E 256 7.02 18.41 3.70
CA LEU E 256 7.42 18.84 5.02
C LEU E 256 6.35 19.69 5.68
N ALA E 257 5.25 19.86 4.94
CA ALA E 257 4.09 20.61 5.40
C ALA E 257 4.34 22.10 5.54
N LEU E 258 5.26 22.62 4.75
CA LEU E 258 5.60 24.02 4.78
C LEU E 258 5.34 24.65 3.43
N THR E 259 5.49 25.96 3.37
CA THR E 259 5.32 26.66 2.13
C THR E 259 6.69 27.22 1.83
N ALA E 260 7.07 27.30 0.56
CA ALA E 260 8.39 27.85 0.21
C ALA E 260 8.28 28.91 -0.88
N THR E 261 8.58 30.16 -0.53
CA THR E 261 8.46 31.27 -1.48
C THR E 261 9.80 31.91 -1.83
N ALA E 262 10.88 31.40 -1.25
CA ALA E 262 12.21 31.93 -1.52
C ALA E 262 12.57 31.76 -2.99
N ASP E 263 13.14 32.82 -3.57
CA ASP E 263 13.69 32.75 -4.93
C ASP E 263 14.94 31.88 -4.91
N ILE E 264 15.08 30.97 -5.88
CA ILE E 264 16.32 30.18 -6.00
C ILE E 264 17.36 30.93 -6.88
N HIS E 265 18.61 31.03 -6.42
CA HIS E 265 19.66 31.74 -7.16
C HIS E 265 20.69 30.80 -7.76
N LEU E 266 21.09 31.05 -9.01
CA LEU E 266 22.03 30.19 -9.74
C LEU E 266 22.99 30.96 -10.62
N TRP E 267 24.25 30.52 -10.66
CA TRP E 267 25.28 31.10 -11.53
C TRP E 267 25.85 30.03 -12.44
N ASP E 268 25.71 30.20 -13.73
CA ASP E 268 26.06 29.15 -14.69
C ASP E 268 27.44 29.31 -15.32
N ASP E 269 28.11 30.41 -15.00
CA ASP E 269 29.33 30.80 -15.68
C ASP E 269 30.50 29.86 -15.46
N TYR E 270 30.38 28.91 -14.54
CA TYR E 270 31.59 28.26 -14.02
C TYR E 270 31.81 26.79 -14.31
N PHE E 271 30.87 26.16 -15.03
CA PHE E 271 31.06 24.77 -15.42
C PHE E 271 31.80 24.58 -16.74
N ALA E 272 32.18 25.69 -17.37
CA ALA E 272 32.99 25.73 -18.59
C ALA E 272 32.50 24.72 -19.63
N PRO E 273 33.37 23.84 -20.16
CA PRO E 273 32.91 23.01 -21.28
C PRO E 273 31.67 22.18 -21.00
N GLY E 274 31.47 21.80 -19.73
CA GLY E 274 30.28 21.05 -19.31
C GLY E 274 30.52 20.08 -18.17
N TYR E 275 29.49 19.34 -17.76
CA TYR E 275 29.62 18.41 -16.65
C TYR E 275 30.83 17.54 -16.82
N GLY E 276 31.62 17.43 -15.76
CA GLY E 276 32.74 16.51 -15.73
C GLY E 276 33.96 16.90 -16.53
N VAL E 277 33.92 18.05 -17.20
CA VAL E 277 35.12 18.56 -17.86
C VAL E 277 35.68 19.63 -16.98
N PRO E 278 37.00 19.58 -16.70
CA PRO E 278 37.60 20.55 -15.78
C PRO E 278 37.90 21.85 -16.50
N ASN E 279 37.62 22.99 -15.85
CA ASN E 279 38.08 24.31 -16.36
C ASN E 279 39.27 24.82 -15.58
N ASP E 280 40.06 25.69 -16.20
CA ASP E 280 41.19 26.32 -15.52
C ASP E 280 40.71 27.02 -14.25
N ALA E 281 39.67 27.86 -14.39
CA ALA E 281 39.12 28.63 -13.27
C ALA E 281 38.84 27.76 -12.04
N GLY E 282 38.28 26.56 -12.28
CA GLY E 282 37.94 25.64 -11.23
C GLY E 282 39.07 24.95 -10.51
N MET E 283 39.94 24.30 -11.28
CA MET E 283 41.23 23.76 -10.84
C MET E 283 42.22 24.77 -10.13
N GLU E 284 42.16 26.04 -10.56
CA GLU E 284 42.89 27.18 -9.92
C GLU E 284 42.38 27.24 -8.49
N ALA E 285 41.09 26.97 -8.32
CA ALA E 285 40.48 26.94 -7.01
C ALA E 285 40.90 25.72 -6.20
N VAL E 286 41.15 24.60 -6.86
CA VAL E 286 41.61 23.40 -6.18
C VAL E 286 43.01 23.60 -5.61
N LYS E 287 43.92 24.05 -6.47
CA LYS E 287 45.29 24.38 -6.08
C LYS E 287 45.27 25.41 -4.95
N LEU E 288 44.45 26.44 -5.09
CA LEU E 288 44.36 27.50 -4.11
C LEU E 288 44.02 26.96 -2.74
N LEU E 289 42.98 26.14 -2.66
CA LEU E 289 42.53 25.66 -1.36
C LEU E 289 43.42 24.61 -0.71
N ALA E 290 43.99 23.73 -1.53
CA ALA E 290 44.95 22.73 -1.04
C ALA E 290 46.21 23.40 -0.48
N SER E 291 46.79 24.29 -1.27
CA SER E 291 48.02 24.97 -0.91
C SER E 291 47.83 25.98 0.22
N LEU E 292 46.64 26.58 0.28
CA LEU E 292 46.48 27.70 1.18
C LEU E 292 45.81 27.31 2.48
N GLU E 293 45.07 26.20 2.49
CA GLU E 293 44.23 25.82 3.65
C GLU E 293 44.32 24.34 3.97
N GLY E 294 45.01 23.62 3.09
CA GLY E 294 45.20 22.18 3.22
C GLY E 294 43.90 21.41 3.03
N VAL E 295 42.94 21.97 2.29
CA VAL E 295 41.68 21.26 2.03
C VAL E 295 41.62 20.81 0.59
N LEU E 296 41.11 19.61 0.40
CA LEU E 296 41.01 19.14 -0.96
C LEU E 296 39.62 19.35 -1.55
N LEU E 297 39.54 20.12 -2.64
CA LEU E 297 38.31 20.19 -3.44
C LEU E 297 38.42 19.18 -4.54
N ASP E 298 37.54 19.26 -5.55
CA ASP E 298 37.56 18.28 -6.62
C ASP E 298 37.22 18.91 -7.96
N PRO E 299 37.65 18.29 -9.06
CA PRO E 299 37.61 19.04 -10.29
C PRO E 299 36.25 19.06 -10.96
N VAL E 300 35.34 18.18 -10.54
CA VAL E 300 34.02 18.12 -11.18
C VAL E 300 32.96 19.00 -10.48
N TYR E 301 32.98 19.03 -9.14
CA TYR E 301 31.98 19.76 -8.33
C TYR E 301 32.51 20.95 -7.52
N THR E 302 33.10 20.64 -6.37
CA THR E 302 33.55 21.64 -5.39
C THR E 302 34.49 22.68 -5.89
N GLY E 303 35.46 22.27 -6.70
CA GLY E 303 36.36 23.19 -7.36
C GLY E 303 35.64 24.25 -8.19
N LYS E 304 34.74 23.83 -9.09
CA LYS E 304 34.00 24.76 -9.93
C LYS E 304 33.13 25.69 -9.07
N ALA E 305 32.40 25.10 -8.12
CA ALA E 305 31.63 25.87 -7.15
C ALA E 305 32.50 26.95 -6.48
N MET E 306 33.61 26.53 -5.88
CA MET E 306 34.60 27.44 -5.28
C MET E 306 35.11 28.50 -6.23
N ALA E 307 35.39 28.09 -7.47
CA ALA E 307 35.82 29.03 -8.49
C ALA E 307 34.78 30.13 -8.61
N GLY E 308 33.52 29.71 -8.55
CA GLY E 308 32.40 30.64 -8.59
C GLY E 308 32.44 31.57 -7.41
N LEU E 309 32.55 31.00 -6.21
CA LEU E 309 32.64 31.77 -4.96
C LEU E 309 33.67 32.88 -5.11
N ILE E 310 34.86 32.51 -5.60
CA ILE E 310 35.98 33.45 -5.82
C ILE E 310 35.64 34.59 -6.78
N ASP E 311 35.19 34.23 -7.98
CA ASP E 311 34.83 35.21 -8.98
C ASP E 311 33.65 36.03 -8.49
N GLY E 312 32.88 35.43 -7.60
CA GLY E 312 31.75 36.10 -6.99
C GLY E 312 32.22 37.35 -6.28
N ILE E 313 33.19 37.18 -5.38
CA ILE E 313 33.69 38.28 -4.57
C ILE E 313 34.30 39.29 -5.52
N SER E 314 35.06 38.78 -6.47
CA SER E 314 35.68 39.59 -7.51
C SER E 314 34.71 40.55 -8.22
N GLN E 315 33.46 40.12 -8.48
CA GLN E 315 32.48 40.94 -9.21
C GLN E 315 31.37 41.55 -8.34
N LYS E 316 31.60 41.65 -7.04
CA LYS E 316 30.59 42.08 -6.08
C LYS E 316 29.17 41.47 -6.34
N ARG E 317 29.12 40.16 -6.61
CA ARG E 317 27.88 39.49 -7.00
C ARG E 317 26.95 39.17 -5.84
N PHE E 318 27.49 39.01 -4.63
CA PHE E 318 26.67 38.68 -3.46
C PHE E 318 25.94 39.92 -2.96
N ASN E 319 24.91 39.73 -2.13
CA ASN E 319 24.10 40.85 -1.65
C ASN E 319 24.90 41.89 -0.88
N ASP E 320 25.64 41.44 0.14
CA ASP E 320 26.48 42.33 0.92
C ASP E 320 27.89 41.78 1.12
N ASP E 321 28.68 42.49 1.93
CA ASP E 321 30.09 42.19 2.17
C ASP E 321 30.32 40.99 3.07
N GLY E 322 29.31 40.68 3.89
CA GLY E 322 29.44 39.71 4.98
C GLY E 322 29.94 38.31 4.69
N PRO E 323 30.08 37.52 5.77
CA PRO E 323 30.55 36.13 5.77
C PRO E 323 29.88 35.25 4.72
N ILE E 324 30.67 34.37 4.12
CA ILE E 324 30.18 33.41 3.14
C ILE E 324 30.46 32.02 3.66
N LEU E 325 29.48 31.12 3.58
CA LEU E 325 29.73 29.75 3.98
C LEU E 325 29.81 28.89 2.75
N PHE E 326 30.88 28.11 2.65
CA PHE E 326 31.04 27.23 1.52
C PHE E 326 30.75 25.83 1.96
N ILE E 327 29.84 25.17 1.23
CA ILE E 327 29.40 23.82 1.56
C ILE E 327 30.27 22.82 0.83
N HIS E 328 31.22 22.24 1.56
CA HIS E 328 32.14 21.29 0.97
C HIS E 328 31.48 19.94 0.84
N THR E 329 31.02 19.68 -0.37
CA THR E 329 30.19 18.53 -0.66
C THR E 329 31.02 17.29 -0.97
N GLY E 330 32.34 17.41 -0.88
CA GLY E 330 33.29 16.29 -1.04
C GLY E 330 33.85 16.14 -2.43
N GLY E 331 33.91 14.88 -2.88
CA GLY E 331 34.28 14.56 -4.26
C GLY E 331 35.77 14.36 -4.48
N ALA E 332 36.54 14.56 -3.42
CA ALA E 332 37.99 14.46 -3.48
C ALA E 332 38.55 13.26 -4.28
N PRO E 333 38.01 12.05 -4.10
CA PRO E 333 38.57 10.90 -4.78
C PRO E 333 38.69 11.06 -6.28
N ALA E 334 37.86 11.90 -6.87
CA ALA E 334 37.88 12.09 -8.31
C ALA E 334 39.25 12.62 -8.78
N LEU E 335 40.03 13.19 -7.84
CA LEU E 335 41.35 13.74 -8.14
C LEU E 335 42.25 12.72 -8.75
N PHE E 336 42.28 11.54 -8.13
CA PHE E 336 43.10 10.42 -8.58
C PHE E 336 42.58 9.79 -9.86
N ALA E 337 41.35 10.11 -10.23
CA ALA E 337 40.78 9.57 -11.44
C ALA E 337 41.08 10.51 -12.58
N TYR E 338 40.98 11.78 -12.30
CA TYR E 338 41.14 12.75 -13.34
C TYR E 338 42.56 13.13 -13.45
N HIS E 339 43.45 12.34 -12.87
CA HIS E 339 44.77 12.83 -12.69
C HIS E 339 45.34 13.31 -13.96
N PRO E 340 46.49 12.76 -14.33
CA PRO E 340 47.11 13.19 -15.58
C PRO E 340 46.18 14.06 -16.43
N HIS E 341 45.01 13.58 -16.83
CA HIS E 341 44.16 14.42 -17.65
C HIS E 341 42.98 13.79 -18.34
N VAL E 342 42.29 14.59 -19.14
CA VAL E 342 41.12 14.13 -19.95
C VAL E 342 40.43 12.92 -19.39
N HIS F 19 50.64 11.06 35.93
CA HIS F 19 50.76 10.87 34.44
C HIS F 19 49.92 11.89 33.53
N LEU F 20 50.54 12.55 32.57
CA LEU F 20 49.75 13.36 31.65
C LEU F 20 50.41 14.53 30.93
N THR F 21 49.61 15.56 30.69
CA THR F 21 49.91 16.62 29.75
C THR F 21 50.82 17.74 30.16
N ARG F 22 52.08 17.66 29.79
CA ARG F 22 52.98 18.77 29.98
C ARG F 22 53.44 19.14 28.61
N PHE F 23 52.93 18.39 27.65
CA PHE F 23 53.31 18.52 26.22
C PHE F 23 52.24 19.27 25.43
N PRO F 24 52.53 20.55 25.01
CA PRO F 24 51.57 21.29 24.16
C PRO F 24 51.25 20.47 22.88
N ARG F 25 49.94 20.28 22.66
CA ARG F 25 49.40 19.54 21.51
C ARG F 25 48.51 20.49 20.73
N LEU F 26 48.60 20.41 19.40
CA LEU F 26 47.73 21.21 18.52
C LEU F 26 46.38 20.50 18.33
N GLU F 27 45.31 21.27 18.06
CA GLU F 27 43.98 20.65 17.78
C GLU F 27 43.69 20.48 16.27
N PHE F 28 44.03 19.28 15.76
CA PHE F 28 43.80 18.93 14.35
C PHE F 28 42.61 17.92 14.15
N ILE F 29 42.36 17.14 15.22
CA ILE F 29 41.43 16.03 15.19
C ILE F 29 40.00 16.39 15.60
N GLY F 30 39.86 17.34 16.54
CA GLY F 30 38.52 17.73 17.05
C GLY F 30 37.93 16.73 18.03
N ALA F 31 36.78 16.17 17.69
CA ALA F 31 36.14 15.12 18.52
C ALA F 31 36.91 13.78 18.44
N PRO F 32 36.79 12.91 19.47
CA PRO F 32 37.41 11.58 19.36
C PRO F 32 36.89 10.78 18.15
N THR F 33 37.78 10.07 17.45
CA THR F 33 37.38 9.31 16.28
C THR F 33 36.46 8.19 16.74
N PRO F 34 35.50 7.79 15.87
CA PRO F 34 34.54 6.74 16.23
C PRO F 34 35.19 5.36 16.41
N LEU F 35 34.65 4.65 17.40
CA LEU F 35 34.91 3.22 17.55
C LEU F 35 33.63 2.51 17.19
N GLU F 36 33.72 1.55 16.28
CA GLU F 36 32.55 0.89 15.70
C GLU F 36 32.65 -0.65 15.81
N TYR F 37 31.51 -1.32 15.90
CA TYR F 37 31.53 -2.78 15.78
C TYR F 37 31.41 -3.14 14.31
N LEU F 38 32.09 -4.20 13.91
CA LEU F 38 32.01 -4.68 12.55
C LEU F 38 31.19 -5.97 12.46
N PRO F 39 29.85 -5.85 12.50
CA PRO F 39 28.96 -7.00 12.65
C PRO F 39 29.14 -8.08 11.56
N ARG F 40 29.23 -7.67 10.29
CA ARG F 40 29.25 -8.61 9.16
C ARG F 40 30.56 -9.36 9.12
N LEU F 41 31.66 -8.62 9.29
CA LEU F 41 32.98 -9.23 9.36
C LEU F 41 33.06 -10.18 10.56
N SER F 42 32.64 -9.67 11.73
CA SER F 42 32.61 -10.46 12.94
C SER F 42 31.93 -11.79 12.68
N ASP F 43 30.66 -11.72 12.25
CA ASP F 43 29.88 -12.90 11.97
C ASP F 43 30.53 -13.80 10.93
N TYR F 44 31.21 -13.20 9.94
CA TYR F 44 31.93 -14.00 8.96
C TYR F 44 33.17 -14.73 9.54
N LEU F 45 33.92 -14.05 10.38
CA LEU F 45 35.15 -14.61 10.92
C LEU F 45 34.93 -15.48 12.14
N GLY F 46 33.78 -15.30 12.77
CA GLY F 46 33.46 -16.03 14.00
C GLY F 46 34.14 -15.45 15.25
N ARG F 47 34.15 -14.12 15.37
CA ARG F 47 34.79 -13.46 16.47
C ARG F 47 34.22 -12.07 16.59
N GLU F 48 34.14 -11.54 17.80
CA GLU F 48 33.79 -10.14 18.03
C GLU F 48 34.92 -9.23 17.53
N ILE F 49 34.66 -8.40 16.52
CA ILE F 49 35.70 -7.51 15.99
C ILE F 49 35.27 -6.06 15.93
N TYR F 50 36.06 -5.23 16.54
CA TYR F 50 35.77 -3.83 16.59
C TYR F 50 36.85 -3.05 15.84
N ILE F 51 36.49 -1.85 15.39
CA ILE F 51 37.41 -0.99 14.61
C ILE F 51 37.50 0.43 15.17
N LYS F 52 38.74 0.86 15.39
CA LYS F 52 39.02 2.21 15.80
C LYS F 52 39.30 3.00 14.51
N ARG F 53 38.46 4.00 14.23
CA ARG F 53 38.48 4.67 12.93
C ARG F 53 39.39 5.89 12.90
N ASP F 54 40.71 5.67 12.96
CA ASP F 54 41.65 6.80 12.99
C ASP F 54 41.91 7.37 11.59
N ASP F 55 41.25 6.76 10.60
CA ASP F 55 41.30 7.25 9.22
C ASP F 55 40.32 8.41 8.99
N VAL F 56 39.32 8.50 9.84
CA VAL F 56 38.31 9.55 9.75
C VAL F 56 38.81 10.80 10.46
N THR F 57 39.47 11.67 9.71
CA THR F 57 40.11 12.84 10.28
C THR F 57 39.89 14.00 9.31
N PRO F 58 39.57 15.20 9.83
CA PRO F 58 39.30 16.37 8.99
C PRO F 58 40.40 16.76 7.98
N ILE F 59 41.67 16.41 8.26
CA ILE F 59 42.82 16.94 7.50
C ILE F 59 43.21 16.02 6.36
N ALA F 60 43.14 16.53 5.16
CA ALA F 60 43.56 15.80 3.96
C ALA F 60 43.46 14.25 3.97
N MET F 61 42.23 13.73 4.08
CA MET F 61 41.97 12.26 4.07
C MET F 61 42.38 11.46 5.31
N GLY F 62 43.10 12.14 6.22
CA GLY F 62 43.42 11.66 7.56
C GLY F 62 44.23 10.38 7.70
N GLY F 63 44.59 10.10 8.96
CA GLY F 63 45.37 8.91 9.25
C GLY F 63 45.97 9.01 10.62
N ASN F 64 46.66 7.92 11.04
CA ASN F 64 47.31 7.82 12.36
C ASN F 64 48.39 8.90 12.54
N1 LLP F 65 49.69 2.54 9.26
C2 LLP F 65 49.30 3.52 8.34
C2' LLP F 65 47.96 3.41 7.67
C3 LLP F 65 50.17 4.58 8.05
O3 LLP F 65 49.82 5.45 7.23
C4 LLP F 65 51.42 4.66 8.69
C4' LLP F 65 52.31 5.84 8.33
C5 LLP F 65 51.78 3.66 9.60
C6 LLP F 65 50.91 2.61 9.89
C5' LLP F 65 53.08 3.66 10.33
OP4 LLP F 65 52.84 3.51 11.76
P LLP F 65 53.97 3.67 12.91
OP1 LLP F 65 55.23 3.49 12.13
OP2 LLP F 65 53.75 5.05 13.37
OP3 LLP F 65 53.60 2.53 13.85
N LLP F 65 49.07 9.20 11.43
CA LLP F 65 50.19 10.13 11.42
CB LLP F 65 50.77 10.27 10.02
CG LLP F 65 51.45 9.02 9.53
CD LLP F 65 52.33 8.41 10.62
CE LLP F 65 52.35 6.90 10.54
NZ LLP F 65 53.06 6.44 9.28
C LLP F 65 49.84 11.48 11.96
O LLP F 65 50.72 12.24 12.39
N LEU F 66 48.55 11.80 11.92
CA LEU F 66 48.11 13.11 12.30
C LEU F 66 48.15 13.30 13.80
N ARG F 67 47.75 12.25 14.54
CA ARG F 67 47.72 12.32 16.02
C ARG F 67 49.12 12.71 16.52
N LYS F 68 50.12 12.19 15.78
CA LYS F 68 51.53 12.46 16.04
C LYS F 68 51.83 13.93 15.79
N LEU F 69 51.61 14.35 14.55
CA LEU F 69 51.85 15.72 14.17
C LEU F 69 51.19 16.74 15.09
N GLU F 70 50.16 16.30 15.84
CA GLU F 70 49.49 17.20 16.80
C GLU F 70 50.45 17.74 17.86
N PHE F 71 51.31 16.85 18.35
CA PHE F 71 52.39 17.21 19.27
C PHE F 71 53.60 17.78 18.54
N LEU F 72 54.05 17.06 17.50
CA LEU F 72 55.22 17.46 16.68
C LEU F 72 55.15 18.92 16.23
N VAL F 73 54.15 19.25 15.43
CA VAL F 73 54.04 20.60 14.88
C VAL F 73 53.77 21.62 15.98
N ALA F 74 53.13 21.20 17.06
CA ALA F 74 52.91 22.10 18.20
C ALA F 74 54.28 22.58 18.68
N ASP F 75 55.19 21.59 18.79
CA ASP F 75 56.57 21.80 19.18
C ASP F 75 57.36 22.64 18.16
N ALA F 76 57.36 22.20 16.90
CA ALA F 76 57.88 22.99 15.78
C ALA F 76 57.54 24.48 15.87
N LEU F 77 56.32 24.79 16.34
CA LEU F 77 55.87 26.16 16.45
C LEU F 77 56.52 26.85 17.62
N ARG F 78 56.59 26.15 18.76
CA ARG F 78 57.36 26.64 19.91
C ARG F 78 58.81 27.04 19.48
N GLU F 79 59.44 26.20 18.64
CA GLU F 79 60.78 26.52 18.06
C GLU F 79 60.76 27.73 17.14
N GLY F 80 59.54 28.24 16.84
CA GLY F 80 59.36 29.35 15.89
C GLY F 80 59.78 29.00 14.45
N ALA F 81 59.81 27.70 14.16
CA ALA F 81 60.10 27.20 12.79
C ALA F 81 59.09 27.74 11.76
N ASP F 82 59.55 27.94 10.55
CA ASP F 82 58.67 28.42 9.51
C ASP F 82 58.61 27.36 8.41
N THR F 83 59.25 26.22 8.70
CA THR F 83 59.37 25.15 7.74
C THR F 83 59.40 23.79 8.43
N LEU F 84 58.67 22.84 7.84
CA LEU F 84 58.74 21.45 8.26
C LEU F 84 59.52 20.67 7.16
N ILE F 85 60.47 19.86 7.63
CA ILE F 85 61.18 18.90 6.78
C ILE F 85 60.88 17.47 7.28
N THR F 86 60.70 16.57 6.32
CA THR F 86 60.54 15.18 6.68
C THR F 86 60.80 14.30 5.47
N ALA F 87 60.78 13.00 5.71
CA ALA F 87 61.11 12.04 4.67
C ALA F 87 60.22 10.79 4.74
N GLY F 88 60.23 10.02 3.65
CA GLY F 88 59.53 8.74 3.58
C GLY F 88 59.41 8.25 2.14
N ALA F 89 58.72 7.11 1.96
CA ALA F 89 58.42 6.59 0.61
C ALA F 89 57.78 7.70 -0.26
N ILE F 90 57.70 7.48 -1.59
CA ILE F 90 56.95 8.41 -2.48
C ILE F 90 55.47 8.46 -2.08
N GLN F 91 54.90 7.29 -1.78
CA GLN F 91 53.52 7.20 -1.31
C GLN F 91 53.38 7.23 0.22
N SER F 92 54.20 8.06 0.86
CA SER F 92 54.20 8.16 2.31
C SER F 92 52.94 8.87 2.77
N ASN F 93 52.24 8.23 3.70
CA ASN F 93 51.07 8.83 4.33
C ASN F 93 51.52 9.99 5.20
N HIS F 94 52.68 9.80 5.85
CA HIS F 94 53.24 10.78 6.77
C HIS F 94 53.61 12.08 6.09
N VAL F 95 54.25 11.96 4.94
CA VAL F 95 54.55 13.15 4.16
C VAL F 95 53.29 13.92 3.76
N ARG F 96 52.30 13.19 3.20
CA ARG F 96 50.97 13.76 2.83
C ARG F 96 50.36 14.60 3.96
N GLN F 97 50.20 13.96 5.12
CA GLN F 97 49.63 14.64 6.28
C GLN F 97 50.49 15.82 6.73
N THR F 98 51.79 15.56 6.89
CA THR F 98 52.74 16.62 7.22
C THR F 98 52.56 17.88 6.31
N ALA F 99 52.58 17.63 4.99
CA ALA F 99 52.53 18.69 3.96
C ALA F 99 51.24 19.49 3.99
N ALA F 100 50.17 18.78 4.36
CA ALA F 100 48.84 19.36 4.51
C ALA F 100 48.82 20.31 5.70
N VAL F 101 49.16 19.76 6.88
CA VAL F 101 49.28 20.53 8.12
C VAL F 101 50.08 21.82 7.90
N ALA F 102 51.26 21.63 7.32
CA ALA F 102 52.10 22.73 6.84
C ALA F 102 51.29 23.83 6.12
N ALA F 103 50.66 23.45 4.99
CA ALA F 103 49.93 24.40 4.15
C ALA F 103 48.82 25.06 4.93
N LYS F 104 48.11 24.25 5.73
CA LYS F 104 47.05 24.75 6.59
C LYS F 104 47.61 25.85 7.49
N LEU F 105 48.73 25.54 8.12
CA LEU F 105 49.32 26.46 9.07
C LEU F 105 50.09 27.61 8.44
N GLY F 106 50.62 27.39 7.23
CA GLY F 106 51.39 28.42 6.52
C GLY F 106 52.88 28.22 6.66
N LEU F 107 53.27 27.02 7.05
CA LEU F 107 54.69 26.64 7.09
C LEU F 107 55.08 26.07 5.72
N HIS F 108 56.37 26.20 5.35
CA HIS F 108 56.90 25.53 4.15
C HIS F 108 57.13 24.05 4.47
N CYS F 109 57.02 23.20 3.45
CA CYS F 109 57.26 21.75 3.65
C CYS F 109 58.29 21.26 2.66
N VAL F 110 59.39 20.75 3.20
CA VAL F 110 60.39 20.10 2.37
C VAL F 110 60.31 18.58 2.62
N ALA F 111 60.17 17.82 1.53
CA ALA F 111 60.04 16.38 1.69
C ALA F 111 61.13 15.63 0.99
N LEU F 112 61.75 14.70 1.72
CA LEU F 112 62.76 13.85 1.11
C LEU F 112 62.15 12.50 0.79
N LEU F 113 62.08 12.17 -0.50
CA LEU F 113 61.40 10.93 -0.86
C LEU F 113 62.31 9.89 -1.47
N GLU F 114 62.00 8.62 -1.22
CA GLU F 114 62.64 7.49 -1.92
C GLU F 114 61.61 6.61 -2.68
N ASN F 115 62.00 6.08 -3.83
CA ASN F 115 61.24 5.00 -4.45
C ASN F 115 61.71 3.62 -3.87
N PRO F 116 61.08 3.16 -2.79
CA PRO F 116 61.62 2.00 -2.07
C PRO F 116 61.32 0.64 -2.75
N ILE F 117 60.52 0.60 -3.79
CA ILE F 117 60.17 -0.70 -4.35
C ILE F 117 60.77 -0.83 -5.74
N GLY F 118 61.39 0.26 -6.17
CA GLY F 118 62.00 0.35 -7.49
C GLY F 118 61.00 0.11 -8.62
N THR F 119 59.90 0.83 -8.59
CA THR F 119 58.88 0.68 -9.62
C THR F 119 58.99 1.81 -10.63
N THR F 120 58.46 1.53 -11.82
CA THR F 120 58.40 2.51 -12.89
C THR F 120 56.94 2.87 -13.22
N ALA F 121 55.99 2.14 -12.61
CA ALA F 121 54.54 2.35 -12.78
C ALA F 121 54.08 3.79 -12.53
N GLU F 122 53.58 4.41 -13.59
CA GLU F 122 53.11 5.80 -13.59
C GLU F 122 52.41 6.25 -12.31
N ASN F 123 51.44 5.41 -11.90
CA ASN F 123 50.52 5.73 -10.81
C ASN F 123 51.20 5.81 -9.46
N TYR F 124 52.15 4.90 -9.20
CA TYR F 124 52.98 5.04 -8.00
C TYR F 124 53.78 6.35 -8.04
N LEU F 125 54.34 6.66 -9.21
CA LEU F 125 55.27 7.77 -9.32
C LEU F 125 54.62 9.16 -9.22
N THR F 126 53.40 9.27 -9.75
CA THR F 126 52.75 10.59 -9.86
C THR F 126 51.43 10.69 -9.09
N ASN F 127 50.71 9.57 -9.02
CA ASN F 127 49.35 9.54 -8.45
C ASN F 127 49.31 9.39 -6.91
N GLY F 128 48.19 8.88 -6.40
CA GLY F 128 48.01 8.70 -4.97
C GLY F 128 48.53 9.87 -4.17
N ASN F 129 49.11 9.56 -3.01
CA ASN F 129 49.65 10.58 -2.08
C ASN F 129 50.49 11.60 -2.82
N ARG F 130 51.39 11.10 -3.66
CA ARG F 130 52.36 11.92 -4.36
C ARG F 130 51.68 13.09 -5.04
N LEU F 131 50.59 12.79 -5.73
CA LEU F 131 49.78 13.81 -6.40
C LEU F 131 49.37 14.96 -5.48
N LEU F 132 48.88 14.62 -4.31
CA LEU F 132 48.44 15.64 -3.34
C LEU F 132 49.60 16.55 -2.89
N LEU F 133 50.76 15.96 -2.63
CA LEU F 133 51.97 16.74 -2.29
C LEU F 133 52.16 17.94 -3.21
N ASP F 134 51.92 17.75 -4.51
CA ASP F 134 52.03 18.84 -5.48
C ASP F 134 50.98 19.89 -5.24
N LEU F 135 49.78 19.46 -4.86
CA LEU F 135 48.69 20.37 -4.61
C LEU F 135 49.04 21.22 -3.38
N PHE F 136 49.68 20.57 -2.42
CA PHE F 136 50.11 21.23 -1.19
C PHE F 136 51.41 22.05 -1.38
N ASN F 137 51.84 22.17 -2.63
CA ASN F 137 53.07 22.90 -2.97
C ASN F 137 54.28 22.54 -2.15
N THR F 138 54.42 21.25 -1.87
CA THR F 138 55.56 20.74 -1.15
C THR F 138 56.83 20.90 -2.02
N GLN F 139 57.91 21.40 -1.41
CA GLN F 139 59.28 21.29 -1.98
C GLN F 139 59.73 19.80 -1.83
N ILE F 140 60.02 19.19 -2.97
CA ILE F 140 60.30 17.77 -3.01
C ILE F 140 61.72 17.53 -3.51
N GLU F 141 62.46 16.72 -2.76
CA GLU F 141 63.78 16.24 -3.16
C GLU F 141 63.81 14.71 -3.16
N MET F 142 64.41 14.18 -4.22
CA MET F 142 64.58 12.74 -4.41
C MET F 142 65.93 12.25 -3.90
N CYS F 143 66.00 11.00 -3.49
CA CYS F 143 67.28 10.34 -3.17
C CYS F 143 67.15 8.87 -3.49
N ASP F 144 68.28 8.17 -3.64
CA ASP F 144 68.28 6.77 -4.10
C ASP F 144 67.71 5.81 -3.05
N ALA F 145 68.14 6.05 -1.81
CA ALA F 145 67.59 5.37 -0.63
C ALA F 145 67.71 6.27 0.59
N LEU F 146 66.88 5.99 1.59
CA LEU F 146 67.02 6.61 2.91
C LEU F 146 67.83 5.69 3.83
N THR F 147 69.09 5.46 3.43
CA THR F 147 70.03 4.53 4.12
C THR F 147 70.27 4.95 5.56
N ASP F 148 70.44 6.26 5.78
CA ASP F 148 70.44 6.82 7.13
C ASP F 148 69.62 8.13 7.14
N PRO F 149 68.32 8.02 7.55
CA PRO F 149 67.35 9.11 7.55
C PRO F 149 67.78 10.30 8.39
N ASP F 150 67.94 10.10 9.70
CA ASP F 150 68.21 11.21 10.62
C ASP F 150 69.35 12.09 10.16
N ALA F 151 70.42 11.44 9.67
CA ALA F 151 71.55 12.17 9.08
C ALA F 151 71.20 12.91 7.77
N GLN F 152 70.56 12.19 6.83
CA GLN F 152 70.16 12.77 5.54
C GLN F 152 69.17 13.91 5.67
N LEU F 153 68.32 13.83 6.70
CA LEU F 153 67.42 14.93 7.11
C LEU F 153 68.18 16.11 7.67
N GLN F 154 69.05 15.87 8.67
CA GLN F 154 69.89 16.93 9.23
C GLN F 154 70.79 17.61 8.16
N THR F 155 71.31 16.82 7.20
CA THR F 155 72.06 17.35 6.03
C THR F 155 71.22 18.42 5.33
N LEU F 156 69.97 18.03 5.03
CA LEU F 156 69.02 18.87 4.30
C LEU F 156 68.60 20.10 5.11
N ALA F 157 68.31 19.86 6.38
CA ALA F 157 67.96 20.92 7.33
C ALA F 157 68.97 22.05 7.29
N THR F 158 70.26 21.71 7.42
CA THR F 158 71.30 22.71 7.52
C THR F 158 71.46 23.48 6.20
N ARG F 159 71.30 22.78 5.05
CA ARG F 159 71.33 23.44 3.72
C ARG F 159 70.23 24.51 3.59
N ILE F 160 69.07 24.18 4.18
CA ILE F 160 67.92 25.12 4.22
C ILE F 160 68.23 26.26 5.22
N GLU F 161 68.59 25.89 6.46
CA GLU F 161 69.03 26.83 7.52
C GLU F 161 69.96 27.90 6.92
N TYR F 168 62.22 23.00 11.21
CA TYR F 168 61.96 21.89 12.13
C TYR F 168 61.99 20.49 11.43
N VAL F 169 62.74 19.56 12.03
CA VAL F 169 62.83 18.22 11.46
C VAL F 169 61.86 17.26 12.18
N ILE F 170 61.07 16.57 11.35
CA ILE F 170 60.22 15.49 11.82
C ILE F 170 60.77 14.15 11.29
N PRO F 171 61.13 13.21 12.22
CA PRO F 171 61.67 11.86 11.90
C PRO F 171 60.85 11.09 10.88
N VAL F 172 61.35 9.96 10.41
CA VAL F 172 60.55 9.10 9.52
C VAL F 172 59.27 8.60 10.21
N GLY F 173 58.12 8.82 9.55
CA GLY F 173 56.81 8.43 10.10
C GLY F 173 56.36 9.20 11.35
N GLY F 174 57.09 10.28 11.69
CA GLY F 174 56.83 11.06 12.90
C GLY F 174 56.97 10.27 14.18
N SER F 175 57.63 9.12 14.08
CA SER F 175 57.85 8.26 15.24
C SER F 175 59.07 8.70 16.08
N SER F 176 58.85 9.70 16.92
CA SER F 176 59.81 10.06 17.94
C SER F 176 59.09 9.87 19.25
N ALA F 177 59.87 9.81 20.32
CA ALA F 177 59.35 9.85 21.68
C ALA F 177 58.12 10.79 21.78
N LEU F 178 58.30 12.05 21.33
CA LEU F 178 57.26 13.04 21.41
C LEU F 178 56.08 12.71 20.48
N GLY F 179 56.41 12.44 19.20
CA GLY F 179 55.36 12.10 18.21
C GLY F 179 54.35 11.07 18.74
N ALA F 180 54.89 9.93 19.18
CA ALA F 180 54.11 8.81 19.72
C ALA F 180 53.24 9.18 20.93
N MET F 181 53.36 10.43 21.42
CA MET F 181 52.50 10.89 22.51
C MET F 181 51.04 10.86 22.05
N GLY F 182 50.83 11.15 20.76
CA GLY F 182 49.50 11.06 20.09
C GLY F 182 48.78 9.74 20.38
N TYR F 183 49.51 8.62 20.25
CA TYR F 183 48.90 7.31 20.48
C TYR F 183 48.83 6.81 21.92
N VAL F 184 49.60 7.45 22.78
CA VAL F 184 49.36 7.34 24.22
C VAL F 184 48.02 7.98 24.54
N GLU F 185 47.82 9.24 24.11
CA GLU F 185 46.55 9.94 24.32
C GLU F 185 45.38 9.20 23.64
N SER F 186 45.70 8.52 22.55
CA SER F 186 44.77 7.63 21.84
C SER F 186 44.22 6.50 22.73
N ALA F 187 45.09 5.84 23.46
CA ALA F 187 44.64 4.81 24.39
C ALA F 187 43.60 5.35 25.37
N LEU F 188 43.71 6.63 25.75
CA LEU F 188 42.73 7.25 26.63
C LEU F 188 41.32 7.11 26.05
N GLU F 189 41.10 7.69 24.85
CA GLU F 189 39.84 7.55 24.05
C GLU F 189 39.38 6.11 24.02
N ILE F 190 40.23 5.26 23.47
CA ILE F 190 39.93 3.85 23.32
C ILE F 190 39.32 3.23 24.59
N ALA F 191 40.05 3.31 25.71
CA ALA F 191 39.59 2.70 26.96
C ALA F 191 38.28 3.33 27.45
N GLN F 192 38.15 4.64 27.23
CA GLN F 192 36.95 5.37 27.64
C GLN F 192 35.72 5.00 26.81
N GLN F 193 35.96 4.74 25.51
CA GLN F 193 34.91 4.30 24.63
C GLN F 193 34.46 2.91 25.05
N CYS F 194 35.39 1.99 25.28
CA CYS F 194 35.06 0.61 25.71
C CYS F 194 34.45 0.45 27.12
N GLU F 195 34.46 1.55 27.89
CA GLU F 195 33.99 1.57 29.28
C GLU F 195 32.54 1.10 29.35
N GLU F 196 32.31 0.02 30.11
CA GLU F 196 31.00 -0.66 30.22
C GLU F 196 30.48 -1.23 28.87
N VAL F 197 30.96 -0.67 27.75
CA VAL F 197 30.47 -0.95 26.39
C VAL F 197 31.07 -2.21 25.75
N VAL F 198 32.38 -2.43 25.93
CA VAL F 198 33.01 -3.68 25.45
C VAL F 198 34.06 -4.26 26.40
N GLY F 199 33.96 -5.59 26.64
CA GLY F 199 35.00 -6.36 27.35
C GLY F 199 36.15 -6.75 26.43
N LEU F 200 37.01 -5.77 26.12
CA LEU F 200 38.05 -5.92 25.08
C LEU F 200 39.16 -6.89 25.45
N SER F 201 39.53 -7.77 24.52
CA SER F 201 40.52 -8.79 24.82
C SER F 201 41.89 -8.53 24.13
N SER F 202 41.84 -8.15 22.85
CA SER F 202 43.05 -7.93 22.04
C SER F 202 42.95 -6.63 21.21
N VAL F 203 44.12 -6.06 20.88
CA VAL F 203 44.20 -4.93 19.96
C VAL F 203 45.29 -5.19 18.90
N VAL F 204 44.90 -5.05 17.64
CA VAL F 204 45.80 -5.18 16.51
C VAL F 204 46.05 -3.80 15.84
N VAL F 205 47.32 -3.54 15.54
CA VAL F 205 47.75 -2.33 14.82
C VAL F 205 49.04 -2.60 14.04
N ALA F 206 49.11 -2.00 12.86
CA ALA F 206 50.33 -2.05 12.09
C ALA F 206 51.54 -1.44 12.87
N SER F 207 52.69 -2.08 12.70
CA SER F 207 53.92 -1.62 13.32
C SER F 207 54.92 -1.30 12.21
N GLY F 208 55.22 0.00 12.06
CA GLY F 208 56.17 0.46 11.04
C GLY F 208 57.32 1.22 11.66
N SER F 209 57.42 2.50 11.31
CA SER F 209 58.29 3.45 12.02
C SER F 209 58.10 3.42 13.58
N ALA F 210 57.12 2.63 14.06
CA ALA F 210 57.01 2.17 15.46
C ALA F 210 56.23 3.02 16.45
N GLY F 211 56.30 4.35 16.26
CA GLY F 211 55.64 5.33 17.14
C GLY F 211 54.20 5.06 17.58
N THR F 212 53.35 4.68 16.60
CA THR F 212 51.94 4.30 16.88
C THR F 212 51.86 3.09 17.83
N HIS F 213 52.53 1.99 17.44
CA HIS F 213 52.59 0.76 18.25
C HIS F 213 53.07 1.03 19.68
N ALA F 214 54.20 1.73 19.74
CA ALA F 214 54.81 2.16 21.00
C ALA F 214 53.84 2.98 21.92
N GLY F 215 53.38 4.15 21.44
CA GLY F 215 52.40 4.99 22.16
C GLY F 215 51.26 4.16 22.75
N LEU F 216 50.70 3.26 21.93
CA LEU F 216 49.66 2.32 22.39
C LEU F 216 50.13 1.42 23.55
N ALA F 217 51.28 0.79 23.37
CA ALA F 217 51.84 -0.12 24.37
C ALA F 217 52.05 0.52 25.77
N VAL F 218 52.45 1.80 25.80
CA VAL F 218 52.56 2.57 27.06
C VAL F 218 51.17 2.90 27.64
N GLY F 219 50.36 3.62 26.86
CA GLY F 219 48.99 3.93 27.27
C GLY F 219 48.14 2.75 27.71
N LEU F 220 48.20 1.65 26.94
CA LEU F 220 47.39 0.43 27.16
C LEU F 220 47.93 -0.48 28.30
N GLU F 221 49.25 -0.41 28.58
CA GLU F 221 49.82 -1.06 29.80
C GLU F 221 49.25 -0.39 31.06
N HIS F 222 49.19 0.94 31.03
CA HIS F 222 48.63 1.71 32.15
C HIS F 222 47.04 1.82 32.21
N LEU F 223 46.35 1.92 31.07
CA LEU F 223 44.87 2.04 31.09
C LEU F 223 44.13 0.70 31.06
N MET F 224 44.58 -0.24 30.22
CA MET F 224 43.92 -1.56 30.07
C MET F 224 44.93 -2.72 30.16
N PRO F 225 45.41 -2.99 31.40
CA PRO F 225 46.59 -3.85 31.55
C PRO F 225 46.37 -5.32 31.15
N ASP F 226 45.10 -5.73 31.03
CA ASP F 226 44.72 -7.12 30.70
C ASP F 226 44.66 -7.37 29.18
N VAL F 227 44.57 -6.25 28.43
CA VAL F 227 44.46 -6.31 26.97
C VAL F 227 45.79 -6.73 26.33
N GLU F 228 45.70 -7.73 25.46
CA GLU F 228 46.83 -8.20 24.64
C GLU F 228 47.01 -7.32 23.40
N LEU F 229 48.19 -6.72 23.21
CA LEU F 229 48.45 -5.81 22.08
C LEU F 229 49.40 -6.39 21.03
N ILE F 230 48.83 -6.68 19.87
CA ILE F 230 49.60 -7.27 18.79
C ILE F 230 49.91 -6.22 17.75
N GLY F 231 51.19 -6.15 17.36
CA GLY F 231 51.65 -5.36 16.21
C GLY F 231 52.00 -6.26 15.03
N VAL F 232 51.44 -5.95 13.86
CA VAL F 232 51.85 -6.65 12.67
C VAL F 232 52.91 -5.79 11.98
N THR F 233 54.10 -6.36 11.81
CA THR F 233 55.21 -5.72 11.10
C THR F 233 54.88 -5.56 9.61
N VAL F 234 55.10 -4.34 9.10
CA VAL F 234 54.82 -4.01 7.69
C VAL F 234 56.11 -3.84 6.85
N SER F 235 57.26 -3.90 7.52
CA SER F 235 58.58 -3.72 6.86
C SER F 235 59.65 -4.71 7.33
N ARG F 236 59.83 -4.83 8.65
CA ARG F 236 60.96 -5.56 9.24
C ARG F 236 60.47 -6.86 9.86
N SER F 237 61.42 -7.75 10.21
CA SER F 237 61.12 -9.00 10.94
C SER F 237 61.07 -8.75 12.46
N VAL F 238 60.55 -9.72 13.21
CA VAL F 238 60.42 -9.58 14.68
C VAL F 238 61.75 -9.17 15.29
N ALA F 239 62.78 -9.89 14.83
CA ALA F 239 64.19 -9.68 15.16
C ALA F 239 64.60 -8.21 15.09
N GLU F 240 64.49 -7.62 13.90
CA GLU F 240 64.87 -6.23 13.69
C GLU F 240 63.90 -5.19 14.30
N GLN F 241 62.60 -5.52 14.33
CA GLN F 241 61.57 -4.58 14.77
C GLN F 241 61.52 -4.40 16.29
N LYS F 242 61.33 -5.51 17.03
CA LYS F 242 61.17 -5.47 18.53
C LYS F 242 62.06 -4.45 19.29
N PRO F 243 63.40 -4.41 18.99
CA PRO F 243 64.23 -3.40 19.66
C PRO F 243 63.75 -1.94 19.48
N LYS F 244 63.36 -1.61 18.24
CA LYS F 244 62.94 -0.23 17.89
C LYS F 244 61.68 0.15 18.69
N VAL F 245 60.76 -0.81 18.83
CA VAL F 245 59.54 -0.61 19.59
C VAL F 245 59.89 -0.41 21.07
N ILE F 246 60.69 -1.35 21.61
CA ILE F 246 61.06 -1.34 23.03
C ILE F 246 61.74 -0.01 23.42
N ALA F 247 62.60 0.48 22.51
CA ALA F 247 63.28 1.77 22.66
C ALA F 247 62.27 2.92 22.91
N LEU F 248 61.25 3.01 22.05
CA LEU F 248 60.27 4.12 22.11
C LEU F 248 59.39 3.99 23.33
N GLN F 249 58.99 2.73 23.60
CA GLN F 249 58.22 2.40 24.80
C GLN F 249 58.88 3.04 26.03
N GLN F 250 60.19 2.83 26.13
CA GLN F 250 60.99 3.24 27.30
C GLN F 250 61.19 4.76 27.37
N ALA F 251 61.46 5.33 26.18
CA ALA F 251 61.66 6.76 26.04
C ALA F 251 60.35 7.50 26.36
N ILE F 252 59.26 6.96 25.80
CA ILE F 252 57.90 7.50 26.00
C ILE F 252 57.57 7.48 27.48
N ALA F 253 57.68 6.28 28.05
CA ALA F 253 57.46 6.07 29.48
C ALA F 253 58.35 6.98 30.32
N GLY F 254 59.65 7.04 29.94
CA GLY F 254 60.61 7.95 30.57
C GLY F 254 60.02 9.34 30.72
N GLN F 255 59.79 9.98 29.56
CA GLN F 255 59.24 11.35 29.53
C GLN F 255 57.84 11.54 30.13
N LEU F 256 57.06 10.45 30.17
CA LEU F 256 55.72 10.51 30.75
C LEU F 256 55.75 10.28 32.29
N ALA F 257 56.98 10.05 32.80
CA ALA F 257 57.24 9.81 34.22
C ALA F 257 56.64 8.48 34.74
N LEU F 258 56.51 7.52 33.83
CA LEU F 258 55.93 6.23 34.18
C LEU F 258 56.97 5.16 33.94
N THR F 259 56.64 3.97 34.39
CA THR F 259 57.52 2.83 34.17
C THR F 259 56.78 1.91 33.20
N ALA F 260 57.50 1.22 32.29
CA ALA F 260 56.82 0.32 31.34
C ALA F 260 57.45 -1.07 31.31
N THR F 261 56.73 -2.05 31.82
CA THR F 261 57.27 -3.41 31.95
C THR F 261 56.62 -4.41 30.99
N ALA F 262 55.58 -3.93 30.28
CA ALA F 262 54.80 -4.75 29.34
C ALA F 262 55.69 -5.31 28.21
N ASP F 263 55.59 -6.62 27.94
CA ASP F 263 56.26 -7.25 26.79
C ASP F 263 55.64 -6.78 25.46
N ILE F 264 56.47 -6.36 24.50
CA ILE F 264 55.94 -5.96 23.18
C ILE F 264 55.77 -7.21 22.29
N HIS F 265 54.61 -7.35 21.65
CA HIS F 265 54.33 -8.50 20.77
C HIS F 265 54.33 -8.09 19.30
N LEU F 266 54.91 -8.95 18.46
CA LEU F 266 55.04 -8.69 17.02
C LEU F 266 54.90 -9.96 16.17
N TRP F 267 54.18 -9.85 15.06
CA TRP F 267 54.08 -10.93 14.04
C TRP F 267 54.61 -10.48 12.67
N ASP F 268 55.65 -11.15 12.20
CA ASP F 268 56.35 -10.68 11.00
C ASP F 268 55.86 -11.34 9.70
N ASP F 269 55.01 -12.35 9.85
CA ASP F 269 54.67 -13.23 8.72
C ASP F 269 53.94 -12.55 7.56
N TYR F 270 53.52 -11.29 7.76
CA TYR F 270 52.48 -10.69 6.89
C TYR F 270 52.89 -9.58 5.93
N PHE F 271 54.13 -9.10 6.03
CA PHE F 271 54.62 -8.07 5.10
C PHE F 271 55.18 -8.63 3.78
N ALA F 272 55.13 -9.97 3.63
CA ALA F 272 55.52 -10.69 2.40
C ALA F 272 56.83 -10.17 1.79
N PRO F 273 56.85 -9.84 0.48
CA PRO F 273 58.15 -9.42 -0.10
C PRO F 273 58.89 -8.28 0.65
N GLY F 274 58.16 -7.37 1.29
CA GLY F 274 58.78 -6.30 2.07
C GLY F 274 57.95 -5.04 2.08
N TYR F 275 58.44 -4.00 2.78
CA TYR F 275 57.73 -2.70 2.84
C TYR F 275 57.28 -2.23 1.47
N GLY F 276 56.03 -1.80 1.38
CA GLY F 276 55.49 -1.22 0.16
C GLY F 276 55.19 -2.19 -0.98
N VAL F 277 55.50 -3.48 -0.79
CA VAL F 277 55.11 -4.47 -1.79
C VAL F 277 53.86 -5.19 -1.30
N PRO F 278 52.85 -5.30 -2.17
CA PRO F 278 51.57 -5.87 -1.74
C PRO F 278 51.60 -7.38 -1.84
N ASN F 279 51.09 -8.06 -0.80
CA ASN F 279 50.89 -9.53 -0.84
C ASN F 279 49.44 -9.89 -1.11
N ASP F 280 49.23 -11.09 -1.63
CA ASP F 280 47.87 -11.62 -1.85
C ASP F 280 47.11 -11.60 -0.55
N ALA F 281 47.69 -12.21 0.48
CA ALA F 281 47.11 -12.23 1.83
C ALA F 281 46.56 -10.87 2.34
N GLY F 282 47.33 -9.80 2.15
CA GLY F 282 46.92 -8.45 2.57
C GLY F 282 45.88 -7.85 1.68
N MET F 283 46.08 -8.02 0.37
CA MET F 283 45.13 -7.65 -0.68
C MET F 283 43.73 -8.35 -0.52
N GLU F 284 43.72 -9.64 -0.16
CA GLU F 284 42.47 -10.35 0.15
C GLU F 284 41.73 -9.61 1.24
N ALA F 285 42.47 -9.04 2.17
CA ALA F 285 41.89 -8.38 3.34
C ALA F 285 41.28 -7.03 2.99
N VAL F 286 41.79 -6.40 1.95
CA VAL F 286 41.25 -5.13 1.51
C VAL F 286 39.92 -5.36 0.82
N LYS F 287 39.89 -6.33 -0.13
CA LYS F 287 38.66 -6.75 -0.84
C LYS F 287 37.62 -7.21 0.17
N LEU F 288 38.04 -8.00 1.16
CA LEU F 288 37.14 -8.43 2.22
C LEU F 288 36.51 -7.27 2.98
N LEU F 289 37.29 -6.34 3.48
CA LEU F 289 36.69 -5.29 4.29
C LEU F 289 35.86 -4.26 3.51
N ALA F 290 36.23 -4.04 2.26
CA ALA F 290 35.50 -3.11 1.42
C ALA F 290 34.17 -3.73 1.05
N SER F 291 34.19 -4.99 0.64
CA SER F 291 32.97 -5.63 0.15
C SER F 291 32.01 -6.02 1.28
N LEU F 292 32.55 -6.22 2.47
CA LEU F 292 31.77 -6.80 3.54
C LEU F 292 31.36 -5.77 4.56
N GLU F 293 32.10 -4.68 4.65
CA GLU F 293 31.85 -3.70 5.68
C GLU F 293 31.88 -2.26 5.16
N GLY F 294 32.28 -2.12 3.89
CA GLY F 294 32.35 -0.82 3.26
C GLY F 294 33.46 0.03 3.79
N VAL F 295 34.46 -0.61 4.36
CA VAL F 295 35.60 0.17 4.85
C VAL F 295 36.83 -0.04 3.96
N LEU F 296 37.58 1.04 3.77
CA LEU F 296 38.75 0.97 2.91
C LEU F 296 40.04 0.86 3.76
N LEU F 297 40.72 -0.27 3.60
CA LEU F 297 42.06 -0.45 4.12
C LEU F 297 43.01 -0.10 2.99
N ASP F 298 44.32 -0.34 3.17
CA ASP F 298 45.28 0.03 2.13
C ASP F 298 46.35 -1.05 1.94
N PRO F 299 47.01 -1.06 0.76
CA PRO F 299 47.80 -2.26 0.47
C PRO F 299 49.19 -2.27 1.13
N VAL F 300 49.59 -1.14 1.73
CA VAL F 300 50.93 -1.02 2.38
C VAL F 300 50.94 -1.23 3.90
N TYR F 301 49.95 -0.68 4.58
CA TYR F 301 49.82 -0.83 6.03
C TYR F 301 48.62 -1.68 6.53
N THR F 302 47.44 -1.04 6.57
CA THR F 302 46.20 -1.61 7.14
C THR F 302 45.79 -2.97 6.59
N GLY F 303 45.84 -3.13 5.27
CA GLY F 303 45.55 -4.43 4.64
C GLY F 303 46.36 -5.58 5.23
N LYS F 304 47.69 -5.42 5.23
CA LYS F 304 48.58 -6.44 5.77
C LYS F 304 48.28 -6.66 7.26
N ALA F 305 48.18 -5.58 8.03
CA ALA F 305 47.84 -5.68 9.44
C ALA F 305 46.57 -6.51 9.60
N MET F 306 45.53 -6.14 8.86
CA MET F 306 44.28 -6.90 8.83
C MET F 306 44.45 -8.38 8.39
N ALA F 307 45.22 -8.61 7.33
CA ALA F 307 45.49 -9.98 6.86
C ALA F 307 46.01 -10.82 8.04
N GLY F 308 46.87 -10.18 8.84
CA GLY F 308 47.42 -10.73 10.08
C GLY F 308 46.31 -11.07 11.05
N LEU F 309 45.53 -10.04 11.42
CA LEU F 309 44.39 -10.23 12.31
C LEU F 309 43.58 -11.48 11.92
N ILE F 310 43.29 -11.59 10.62
CA ILE F 310 42.52 -12.71 10.08
C ILE F 310 43.23 -14.04 10.32
N ASP F 311 44.49 -14.13 9.88
CA ASP F 311 45.23 -15.37 10.02
C ASP F 311 45.47 -15.67 11.50
N GLY F 312 45.50 -14.59 12.29
CA GLY F 312 45.55 -14.67 13.74
C GLY F 312 44.47 -15.56 14.31
N ILE F 313 43.22 -15.22 14.01
CA ILE F 313 42.08 -16.00 14.47
C ILE F 313 42.19 -17.43 13.92
N SER F 314 42.56 -17.52 12.65
CA SER F 314 42.75 -18.79 11.97
C SER F 314 43.68 -19.77 12.72
N GLN F 315 44.75 -19.25 13.33
CA GLN F 315 45.74 -20.08 14.03
C GLN F 315 45.68 -20.00 15.56
N LYS F 316 44.53 -19.59 16.10
CA LYS F 316 44.35 -19.35 17.54
C LYS F 316 45.56 -18.62 18.19
N ARG F 317 46.08 -17.60 17.51
CA ARG F 317 47.30 -16.91 17.96
C ARG F 317 47.11 -15.93 19.15
N PHE F 318 45.92 -15.39 19.32
CA PHE F 318 45.64 -14.45 20.41
C PHE F 318 45.49 -15.18 21.72
N ASN F 319 45.57 -14.46 22.83
CA ASN F 319 45.49 -15.07 24.17
C ASN F 319 44.20 -15.83 24.43
N ASP F 320 43.05 -15.17 24.19
CA ASP F 320 41.74 -15.82 24.35
C ASP F 320 40.83 -15.55 23.16
N ASP F 321 39.59 -16.01 23.29
CA ASP F 321 38.57 -15.90 22.26
C ASP F 321 38.01 -14.51 22.07
N GLY F 322 38.03 -13.71 23.13
CA GLY F 322 37.36 -12.42 23.16
C GLY F 322 37.56 -11.38 22.06
N PRO F 323 36.83 -10.26 22.19
CA PRO F 323 36.83 -9.11 21.30
C PRO F 323 38.23 -8.67 20.88
N ILE F 324 38.35 -8.29 19.60
CA ILE F 324 39.59 -7.77 19.02
C ILE F 324 39.33 -6.37 18.45
N LEU F 325 40.16 -5.39 18.83
CA LEU F 325 40.01 -4.05 18.30
C LEU F 325 41.07 -3.82 17.22
N PHE F 326 40.61 -3.48 16.03
CA PHE F 326 41.52 -3.18 14.96
C PHE F 326 41.66 -1.65 14.83
N ILE F 327 42.91 -1.19 14.87
CA ILE F 327 43.18 0.24 14.81
C ILE F 327 43.34 0.62 13.35
N HIS F 328 42.32 1.26 12.78
CA HIS F 328 42.42 1.69 11.38
C HIS F 328 43.20 2.98 11.26
N THR F 329 44.43 2.81 10.80
CA THR F 329 45.47 3.85 10.82
C THR F 329 45.42 4.67 9.54
N GLY F 330 44.54 4.25 8.61
CA GLY F 330 44.27 4.97 7.35
C GLY F 330 44.99 4.43 6.12
N GLY F 331 45.56 5.36 5.36
CA GLY F 331 46.40 5.00 4.24
C GLY F 331 45.64 4.78 2.94
N ALA F 332 44.32 4.81 3.02
CA ALA F 332 43.46 4.58 1.86
C ALA F 332 43.96 5.18 0.52
N PRO F 333 44.46 6.46 0.52
CA PRO F 333 44.80 7.08 -0.76
C PRO F 333 45.78 6.30 -1.60
N ALA F 334 46.59 5.49 -0.92
CA ALA F 334 47.61 4.68 -1.59
C ALA F 334 46.98 3.75 -2.63
N LEU F 335 45.71 3.44 -2.46
CA LEU F 335 44.97 2.57 -3.38
C LEU F 335 45.00 3.06 -4.82
N PHE F 336 44.81 4.36 -4.98
CA PHE F 336 44.81 5.01 -6.29
C PHE F 336 46.22 5.14 -6.86
N ALA F 337 47.22 5.04 -5.99
CA ALA F 337 48.61 5.07 -6.43
C ALA F 337 49.03 3.66 -6.89
N TYR F 338 48.77 2.70 -6.03
CA TYR F 338 49.30 1.39 -6.22
C TYR F 338 48.39 0.72 -7.16
N HIS F 339 47.61 1.50 -7.88
CA HIS F 339 46.52 0.93 -8.64
C HIS F 339 47.06 -0.09 -9.57
N PRO F 340 46.54 -0.11 -10.79
CA PRO F 340 46.93 -1.14 -11.74
C PRO F 340 47.91 -2.11 -11.14
N HIS F 341 49.16 -1.72 -10.94
CA HIS F 341 50.10 -2.68 -10.41
C HIS F 341 51.47 -2.13 -10.05
N VAL F 342 52.41 -3.04 -9.82
CA VAL F 342 53.72 -2.65 -9.34
C VAL F 342 53.72 -1.20 -8.95
N HIS G 19 32.73 21.67 44.64
CA HIS G 19 32.08 21.28 45.89
C HIS G 19 31.68 19.81 45.88
N LEU G 20 31.44 19.22 47.04
CA LEU G 20 31.28 17.79 47.03
C LEU G 20 30.67 16.89 48.11
N THR G 21 31.30 15.72 48.19
CA THR G 21 30.77 14.54 48.85
C THR G 21 31.51 14.05 50.09
N ARG G 22 30.77 14.08 51.17
CA ARG G 22 31.03 13.54 52.42
C ARG G 22 29.73 12.99 52.94
N PHE G 23 28.62 13.20 52.20
CA PHE G 23 27.28 12.68 52.61
C PHE G 23 26.92 11.38 51.87
N PRO G 24 26.92 10.23 52.60
CA PRO G 24 26.47 8.98 51.99
C PRO G 24 25.04 9.12 51.45
N ARG G 25 24.87 8.79 50.18
CA ARG G 25 23.57 8.82 49.52
C ARG G 25 23.32 7.40 49.06
N LEU G 26 22.06 6.98 49.09
CA LEU G 26 21.66 5.69 48.53
C LEU G 26 21.24 5.80 47.08
N GLU G 27 21.36 4.70 46.32
CA GLU G 27 20.98 4.72 44.90
C GLU G 27 19.55 4.26 44.60
N PHE G 28 18.63 5.23 44.50
CA PHE G 28 17.23 4.96 44.20
C PHE G 28 16.88 5.34 42.77
N ILE G 29 17.55 6.38 42.26
CA ILE G 29 17.16 7.02 41.02
C ILE G 29 17.81 6.40 39.76
N GLY G 30 19.02 5.83 39.91
CA GLY G 30 19.79 5.27 38.76
C GLY G 30 20.41 6.32 37.83
N ALA G 31 19.97 6.34 36.57
CA ALA G 31 20.42 7.35 35.60
C ALA G 31 19.75 8.73 35.87
N PRO G 32 20.40 9.84 35.40
CA PRO G 32 19.79 11.16 35.57
C PRO G 32 18.44 11.23 34.85
N THR G 33 17.46 11.83 35.49
CA THR G 33 16.14 11.98 34.89
C THR G 33 16.24 12.82 33.64
N PRO G 34 15.41 12.53 32.63
CA PRO G 34 15.43 13.26 31.38
C PRO G 34 15.06 14.75 31.52
N LEU G 35 15.75 15.58 30.73
CA LEU G 35 15.33 16.97 30.51
C LEU G 35 14.88 17.05 29.10
N GLU G 36 13.69 17.61 28.89
CA GLU G 36 13.02 17.58 27.59
C GLU G 36 12.56 18.98 27.18
N TYR G 37 12.52 19.25 25.88
CA TYR G 37 11.87 20.45 25.36
C TYR G 37 10.35 20.22 25.20
N LEU G 38 9.55 21.22 25.51
CA LEU G 38 8.12 21.09 25.35
C LEU G 38 7.62 21.91 24.17
N PRO G 39 7.86 21.42 22.93
CA PRO G 39 7.64 22.20 21.69
C PRO G 39 6.21 22.76 21.54
N ARG G 40 5.21 21.95 21.83
CA ARG G 40 3.83 22.36 21.60
C ARG G 40 3.43 23.44 22.58
N LEU G 41 3.76 23.22 23.85
CA LEU G 41 3.50 24.22 24.89
C LEU G 41 4.29 25.49 24.60
N SER G 42 5.57 25.34 24.24
CA SER G 42 6.41 26.48 23.93
C SER G 42 5.75 27.34 22.89
N ASP G 43 5.46 26.72 21.76
CA ASP G 43 4.83 27.40 20.63
C ASP G 43 3.49 28.02 21.00
N TYR G 44 2.72 27.35 21.84
CA TYR G 44 1.47 27.92 22.29
C TYR G 44 1.67 29.14 23.21
N LEU G 45 2.62 29.06 24.15
CA LEU G 45 2.83 30.14 25.12
C LEU G 45 3.71 31.26 24.54
N GLY G 46 4.45 30.97 23.47
CA GLY G 46 5.33 31.96 22.84
C GLY G 46 6.64 32.18 23.60
N ARG G 47 7.20 31.09 24.11
CA ARG G 47 8.44 31.10 24.91
C ARG G 47 9.07 29.72 24.90
N GLU G 48 10.39 29.67 24.89
CA GLU G 48 11.15 28.42 24.99
C GLU G 48 10.89 27.81 26.37
N ILE G 49 10.23 26.67 26.44
CA ILE G 49 9.99 26.04 27.74
C ILE G 49 10.49 24.62 27.82
N TYR G 50 11.30 24.36 28.83
CA TYR G 50 11.88 23.05 29.04
C TYR G 50 11.37 22.42 30.33
N ILE G 51 11.41 21.09 30.41
CA ILE G 51 10.91 20.37 31.58
C ILE G 51 11.97 19.39 32.11
N LYS G 52 12.16 19.45 33.43
CA LYS G 52 13.02 18.52 34.15
C LYS G 52 12.11 17.47 34.75
N ARG G 53 12.32 16.23 34.31
CA ARG G 53 11.35 15.18 34.56
C ARG G 53 11.64 14.40 35.84
N ASP G 54 11.47 15.06 36.98
CA ASP G 54 11.78 14.38 38.23
C ASP G 54 10.67 13.45 38.70
N ASP G 55 9.58 13.38 37.93
CA ASP G 55 8.45 12.48 38.22
C ASP G 55 8.74 11.08 37.71
N VAL G 56 9.60 10.98 36.70
CA VAL G 56 10.01 9.68 36.15
C VAL G 56 11.10 9.02 37.01
N THR G 57 10.68 8.17 37.95
CA THR G 57 11.58 7.60 38.92
C THR G 57 11.10 6.18 39.17
N PRO G 58 12.05 5.22 39.22
CA PRO G 58 11.72 3.80 39.43
C PRO G 58 10.86 3.44 40.66
N ILE G 59 10.85 4.27 41.69
CA ILE G 59 10.22 3.88 42.97
C ILE G 59 8.79 4.42 43.07
N ALA G 60 7.83 3.50 43.18
CA ALA G 60 6.41 3.83 43.39
C ALA G 60 5.91 5.16 42.79
N MET G 61 5.92 5.26 41.46
CA MET G 61 5.43 6.43 40.72
C MET G 61 6.27 7.73 40.85
N GLY G 62 7.30 7.69 41.69
CA GLY G 62 8.35 8.72 41.72
C GLY G 62 7.93 10.15 42.05
N GLY G 63 8.94 10.96 42.27
CA GLY G 63 8.74 12.36 42.67
C GLY G 63 10.02 12.98 43.19
N ASN G 64 9.96 14.30 43.41
CA ASN G 64 11.08 15.05 43.94
C ASN G 64 11.52 14.52 45.31
N1 LLP G 65 6.09 19.31 44.55
C2 LLP G 65 5.66 17.99 44.55
C2' LLP G 65 5.11 17.39 43.28
C3 LLP G 65 5.73 17.22 45.70
O3 LLP G 65 5.34 16.05 45.67
C4 LLP G 65 6.25 17.79 46.88
C4' LLP G 65 6.30 16.93 48.12
C5 LLP G 65 6.67 19.13 46.86
C6 LLP G 65 6.60 19.88 45.68
C5' LLP G 65 7.24 19.81 48.07
OP4 LLP G 65 8.46 20.55 47.76
P LLP G 65 9.49 21.21 48.81
OP1 LLP G 65 8.61 21.49 49.96
OP2 LLP G 65 10.42 20.06 49.06
OP3 LLP G 65 10.02 22.39 48.02
N LLP G 65 10.54 14.09 46.09
CA LLP G 65 10.78 13.63 47.44
CB LLP G 65 9.49 13.20 48.10
CG LLP G 65 8.55 14.34 48.32
CD LLP G 65 9.29 15.54 48.88
CE LLP G 65 8.67 16.84 48.41
NZ LLP G 65 7.31 17.06 49.00
C LLP G 65 11.77 12.49 47.54
O LLP G 65 12.33 12.22 48.59
N LEU G 66 11.99 11.82 46.43
CA LEU G 66 12.86 10.68 46.47
C LEU G 66 14.33 11.13 46.56
N ARG G 67 14.69 12.14 45.77
CA ARG G 67 16.08 12.57 45.68
C ARG G 67 16.53 12.85 47.09
N LYS G 68 15.57 13.39 47.88
CA LYS G 68 15.75 13.71 49.30
C LYS G 68 16.02 12.44 50.09
N LEU G 69 15.08 11.53 50.01
CA LEU G 69 15.21 10.27 50.73
C LEU G 69 16.52 9.54 50.40
N GLU G 70 17.12 9.85 49.25
CA GLU G 70 18.37 9.18 48.92
C GLU G 70 19.43 9.40 49.99
N PHE G 71 19.47 10.63 50.50
CA PHE G 71 20.40 11.02 51.58
C PHE G 71 19.81 10.63 52.92
N LEU G 72 18.56 11.03 53.16
CA LEU G 72 17.89 10.79 54.42
C LEU G 72 17.95 9.34 54.87
N VAL G 73 17.46 8.45 54.03
CA VAL G 73 17.43 7.01 54.36
C VAL G 73 18.81 6.37 54.42
N ALA G 74 19.75 6.94 53.64
CA ALA G 74 21.15 6.52 53.71
C ALA G 74 21.66 6.72 55.13
N ASP G 75 21.32 7.91 55.67
CA ASP G 75 21.63 8.33 57.03
C ASP G 75 20.89 7.48 58.10
N ALA G 76 19.56 7.38 57.96
CA ALA G 76 18.76 6.45 58.75
C ALA G 76 19.39 5.08 58.91
N LEU G 77 20.06 4.59 57.86
CA LEU G 77 20.71 3.28 57.92
C LEU G 77 21.99 3.29 58.72
N ARG G 78 22.76 4.38 58.55
CA ARG G 78 23.94 4.64 59.36
C ARG G 78 23.53 4.56 60.86
N GLU G 79 22.41 5.23 61.20
CA GLU G 79 21.89 5.16 62.57
C GLU G 79 21.48 3.77 63.02
N GLY G 80 21.55 2.79 62.12
CA GLY G 80 21.01 1.43 62.39
C GLY G 80 19.50 1.32 62.65
N ALA G 81 18.76 2.39 62.31
CA ALA G 81 17.31 2.44 62.47
C ALA G 81 16.66 1.26 61.73
N ASP G 82 15.52 0.81 62.25
CA ASP G 82 14.78 -0.27 61.61
C ASP G 82 13.39 0.23 61.26
N THR G 83 13.19 1.53 61.47
CA THR G 83 11.91 2.15 61.28
C THR G 83 12.06 3.58 60.85
N LEU G 84 11.28 3.99 59.88
CA LEU G 84 11.20 5.39 59.51
C LEU G 84 9.85 5.97 60.02
N ILE G 85 9.91 7.17 60.55
CA ILE G 85 8.70 7.87 60.93
C ILE G 85 8.64 9.17 60.17
N THR G 86 7.45 9.55 59.75
CA THR G 86 7.30 10.84 59.07
C THR G 86 5.85 11.32 59.12
N ALA G 87 5.62 12.54 58.67
CA ALA G 87 4.29 13.12 58.70
C ALA G 87 3.97 13.94 57.45
N GLY G 88 2.70 14.28 57.29
CA GLY G 88 2.20 15.11 56.17
C GLY G 88 0.71 14.91 55.90
N ALA G 89 0.21 15.62 54.86
CA ALA G 89 -1.20 15.47 54.43
C ALA G 89 -1.58 13.96 54.24
N ILE G 90 -2.87 13.65 54.15
CA ILE G 90 -3.33 12.28 53.80
C ILE G 90 -2.78 11.89 52.42
N GLN G 91 -2.86 12.86 51.49
CA GLN G 91 -2.39 12.67 50.13
C GLN G 91 -0.95 13.14 49.95
N SER G 92 -0.13 12.92 50.97
CA SER G 92 1.26 13.33 50.94
C SER G 92 2.06 12.46 49.97
N ASN G 93 2.75 13.14 49.05
CA ASN G 93 3.65 12.49 48.13
C ASN G 93 4.86 11.93 48.88
N HIS G 94 5.31 12.70 49.88
CA HIS G 94 6.47 12.35 50.70
C HIS G 94 6.25 11.06 51.46
N VAL G 95 5.07 10.95 52.06
CA VAL G 95 4.75 9.75 52.81
C VAL G 95 4.74 8.51 51.90
N ARG G 96 4.05 8.65 50.76
CA ARG G 96 4.01 7.58 49.78
C ARG G 96 5.43 7.07 49.48
N GLN G 97 6.29 8.02 49.09
CA GLN G 97 7.64 7.68 48.67
C GLN G 97 8.41 7.07 49.84
N THR G 98 8.34 7.75 51.00
CA THR G 98 8.98 7.25 52.22
C THR G 98 8.59 5.78 52.49
N ALA G 99 7.27 5.52 52.47
CA ALA G 99 6.69 4.20 52.80
C ALA G 99 7.14 3.10 51.86
N ALA G 100 7.35 3.51 50.60
CA ALA G 100 7.79 2.63 49.53
C ALA G 100 9.21 2.18 49.81
N VAL G 101 10.05 3.21 49.90
CA VAL G 101 11.47 3.05 50.21
C VAL G 101 11.64 2.12 51.42
N ALA G 102 10.89 2.45 52.47
CA ALA G 102 10.79 1.60 53.65
C ALA G 102 10.65 0.12 53.30
N ALA G 103 9.55 -0.18 52.56
CA ALA G 103 9.15 -1.55 52.24
C ALA G 103 10.23 -2.18 51.38
N LYS G 104 10.73 -1.38 50.44
CA LYS G 104 11.78 -1.86 49.55
C LYS G 104 12.94 -2.38 50.38
N LEU G 105 13.33 -1.55 51.35
CA LEU G 105 14.50 -1.79 52.16
C LEU G 105 14.25 -2.76 53.28
N GLY G 106 13.02 -2.80 53.79
CA GLY G 106 12.68 -3.75 54.84
C GLY G 106 12.63 -3.05 56.17
N LEU G 107 12.47 -1.73 56.11
CA LEU G 107 12.25 -0.93 57.30
C LEU G 107 10.75 -0.79 57.55
N HIS G 108 10.35 -0.61 58.83
CA HIS G 108 8.97 -0.23 59.19
C HIS G 108 8.71 1.22 58.88
N CYS G 109 7.47 1.55 58.61
CA CYS G 109 7.19 2.92 58.35
C CYS G 109 5.99 3.34 59.17
N VAL G 110 6.17 4.39 59.98
CA VAL G 110 5.06 4.96 60.73
C VAL G 110 4.79 6.32 60.16
N ALA G 111 3.53 6.58 59.82
CA ALA G 111 3.14 7.85 59.23
C ALA G 111 2.11 8.59 60.06
N LEU G 112 2.35 9.88 60.29
CA LEU G 112 1.40 10.72 61.02
C LEU G 112 0.70 11.59 59.99
N LEU G 113 -0.60 11.38 59.81
CA LEU G 113 -1.33 12.09 58.75
C LEU G 113 -2.38 13.05 59.30
N GLU G 114 -2.58 14.15 58.59
CA GLU G 114 -3.65 15.10 58.88
C GLU G 114 -4.55 15.33 57.67
N ASN G 115 -5.83 15.55 57.91
CA ASN G 115 -6.72 15.98 56.84
C ASN G 115 -6.71 17.50 56.82
N PRO G 116 -5.86 18.08 55.96
CA PRO G 116 -5.64 19.54 56.01
C PRO G 116 -6.71 20.41 55.35
N ILE G 117 -7.60 19.79 54.58
CA ILE G 117 -8.59 20.59 53.85
C ILE G 117 -9.98 20.35 54.42
N GLY G 118 -10.04 19.43 55.39
CA GLY G 118 -11.28 19.05 56.09
C GLY G 118 -12.33 18.58 55.12
N THR G 119 -11.95 17.63 54.27
CA THR G 119 -12.89 17.07 53.30
C THR G 119 -13.45 15.73 53.80
N THR G 120 -14.62 15.38 53.28
CA THR G 120 -15.20 14.10 53.63
C THR G 120 -15.23 13.18 52.40
N ALA G 121 -14.79 13.72 51.26
CA ALA G 121 -14.83 13.02 49.96
C ALA G 121 -14.06 11.73 49.99
N GLU G 122 -14.78 10.64 49.74
CA GLU G 122 -14.26 9.28 49.77
C GLU G 122 -12.84 9.13 49.19
N ASN G 123 -12.68 9.70 48.00
CA ASN G 123 -11.48 9.51 47.20
C ASN G 123 -10.23 10.14 47.78
N TYR G 124 -10.38 11.34 48.34
CA TYR G 124 -9.31 11.91 49.16
C TYR G 124 -8.96 10.97 50.34
N LEU G 125 -10.00 10.49 51.02
CA LEU G 125 -9.79 9.78 52.28
C LEU G 125 -9.13 8.43 52.11
N THR G 126 -9.44 7.74 51.01
CA THR G 126 -9.04 6.32 50.84
C THR G 126 -8.20 6.07 49.59
N ASN G 127 -8.44 6.90 48.57
CA ASN G 127 -7.84 6.66 47.26
C ASN G 127 -6.47 7.33 47.09
N GLY G 128 -6.06 7.54 45.84
CA GLY G 128 -4.77 8.15 45.55
C GLY G 128 -3.63 7.60 46.41
N ASN G 129 -2.71 8.50 46.81
CA ASN G 129 -1.57 8.15 47.63
C ASN G 129 -1.96 7.28 48.79
N ARG G 130 -2.93 7.77 49.57
CA ARG G 130 -3.40 7.06 50.76
C ARG G 130 -3.60 5.55 50.53
N LEU G 131 -4.22 5.20 49.40
CA LEU G 131 -4.45 3.82 49.03
C LEU G 131 -3.14 3.01 48.97
N LEU G 132 -2.13 3.60 48.35
CA LEU G 132 -0.85 2.93 48.23
C LEU G 132 -0.25 2.65 49.61
N LEU G 133 -0.31 3.63 50.50
CA LEU G 133 0.21 3.45 51.86
C LEU G 133 -0.21 2.12 52.48
N ASP G 134 -1.46 1.71 52.23
CA ASP G 134 -1.98 0.45 52.75
C ASP G 134 -1.32 -0.73 52.13
N LEU G 135 -1.04 -0.58 50.83
CA LEU G 135 -0.36 -1.62 50.08
C LEU G 135 1.04 -1.81 50.62
N PHE G 136 1.68 -0.69 50.96
CA PHE G 136 3.01 -0.67 51.57
C PHE G 136 3.03 -1.06 53.07
N ASN G 137 1.88 -1.48 53.60
CA ASN G 137 1.77 -1.82 55.00
C ASN G 137 2.31 -0.80 55.98
N THR G 138 2.05 0.46 55.68
CA THR G 138 2.41 1.56 56.56
C THR G 138 1.56 1.54 57.83
N GLN G 139 2.22 1.66 59.01
CA GLN G 139 1.52 1.98 60.29
C GLN G 139 1.07 3.44 60.27
N ILE G 140 -0.23 3.65 60.33
CA ILE G 140 -0.77 4.97 60.12
C ILE G 140 -1.43 5.46 61.38
N GLU G 141 -1.05 6.67 61.79
CA GLU G 141 -1.75 7.40 62.85
C GLU G 141 -2.30 8.75 62.44
N MET G 142 -3.53 9.00 62.87
CA MET G 142 -4.23 10.23 62.55
C MET G 142 -4.05 11.28 63.63
N CYS G 143 -4.13 12.54 63.24
CA CYS G 143 -4.21 13.64 64.21
C CYS G 143 -5.00 14.79 63.60
N ASP G 144 -5.48 15.70 64.46
CA ASP G 144 -6.40 16.75 64.00
C ASP G 144 -5.70 17.78 63.13
N ALA G 145 -4.49 18.15 63.54
CA ALA G 145 -3.62 19.00 62.74
C ALA G 145 -2.18 18.73 63.11
N LEU G 146 -1.28 19.09 62.19
CA LEU G 146 0.15 19.08 62.46
C LEU G 146 0.58 20.48 62.85
N THR G 147 0.08 20.92 64.01
CA THR G 147 0.31 22.27 64.57
C THR G 147 1.79 22.52 64.84
N ASP G 148 2.45 21.52 65.45
CA ASP G 148 3.91 21.50 65.60
C ASP G 148 4.45 20.10 65.25
N PRO G 149 4.92 19.96 63.99
CA PRO G 149 5.38 18.68 63.43
C PRO G 149 6.51 18.05 64.21
N ASP G 150 7.63 18.78 64.30
CA ASP G 150 8.88 18.23 64.84
C ASP G 150 8.69 17.62 66.23
N ALA G 151 7.89 18.31 67.05
CA ALA G 151 7.55 17.87 68.38
C ALA G 151 6.64 16.63 68.34
N GLN G 152 5.56 16.71 67.54
CA GLN G 152 4.57 15.62 67.42
C GLN G 152 5.22 14.36 66.87
N LEU G 153 6.21 14.56 65.99
CA LEU G 153 7.02 13.46 65.47
C LEU G 153 7.89 12.86 66.55
N GLN G 154 8.60 13.72 67.29
CA GLN G 154 9.45 13.26 68.39
C GLN G 154 8.61 12.56 69.48
N THR G 155 7.43 13.10 69.76
CA THR G 155 6.48 12.47 70.68
C THR G 155 6.29 11.01 70.29
N LEU G 156 5.94 10.81 69.01
CA LEU G 156 5.65 9.49 68.41
C LEU G 156 6.91 8.61 68.38
N ALA G 157 8.04 9.20 68.02
CA ALA G 157 9.30 8.50 67.94
C ALA G 157 9.62 7.81 69.27
N THR G 158 9.45 8.57 70.36
CA THR G 158 9.81 8.04 71.69
C THR G 158 8.85 6.95 72.16
N ARG G 159 7.57 7.07 71.82
CA ARG G 159 6.58 6.02 72.12
C ARG G 159 6.97 4.71 71.41
N ILE G 160 7.48 4.84 70.19
CA ILE G 160 7.96 3.71 69.37
C ILE G 160 9.28 3.14 69.93
N GLU G 161 10.25 4.05 70.17
CA GLU G 161 11.53 3.75 70.84
C GLU G 161 11.29 2.93 72.10
N ALA G 162 10.29 3.38 72.85
CA ALA G 162 9.83 2.71 74.05
C ALA G 162 9.44 1.27 73.71
N GLN G 163 8.47 1.14 72.78
CA GLN G 163 7.89 -0.16 72.36
C GLN G 163 8.94 -1.25 71.99
N GLY G 164 10.22 -0.88 71.85
CA GLY G 164 11.32 -1.81 71.47
C GLY G 164 11.86 -1.60 70.05
N PHE G 165 11.48 -0.46 69.46
CA PHE G 165 11.79 -0.09 68.08
C PHE G 165 12.94 0.95 68.02
N ARG G 166 13.66 0.96 66.90
CA ARG G 166 14.76 1.90 66.68
C ARG G 166 14.41 2.94 65.58
N PRO G 167 13.82 4.09 65.98
CA PRO G 167 13.15 4.91 64.96
C PRO G 167 13.95 6.11 64.43
N TYR G 168 14.09 6.23 63.09
CA TYR G 168 14.67 7.43 62.45
C TYR G 168 13.54 8.42 62.07
N VAL G 169 13.69 9.69 62.45
CA VAL G 169 12.67 10.70 62.11
C VAL G 169 13.01 11.51 60.84
N ILE G 170 12.07 11.53 59.89
CA ILE G 170 12.18 12.36 58.67
C ILE G 170 11.18 13.50 58.76
N PRO G 171 11.69 14.75 58.79
CA PRO G 171 10.86 15.97 58.82
C PRO G 171 9.71 15.97 57.80
N VAL G 172 8.82 16.96 57.92
CA VAL G 172 7.78 17.17 56.92
C VAL G 172 8.40 17.44 55.53
N GLY G 173 7.99 16.62 54.54
CA GLY G 173 8.40 16.78 53.15
C GLY G 173 9.85 16.41 52.91
N GLY G 174 10.48 15.80 53.92
CA GLY G 174 11.91 15.48 53.92
C GLY G 174 12.85 16.71 53.79
N SER G 175 12.30 17.90 54.04
CA SER G 175 13.03 19.15 53.92
C SER G 175 13.84 19.46 55.18
N SER G 176 15.00 18.83 55.29
CA SER G 176 16.00 19.21 56.27
C SER G 176 17.24 19.59 55.49
N ALA G 177 18.14 20.28 56.16
CA ALA G 177 19.47 20.54 55.60
C ALA G 177 19.99 19.35 54.73
N LEU G 178 20.07 18.16 55.34
CA LEU G 178 20.55 16.98 54.67
C LEU G 178 19.67 16.60 53.48
N GLY G 179 18.37 16.48 53.73
CA GLY G 179 17.41 16.07 52.71
C GLY G 179 17.61 16.84 51.43
N ALA G 180 17.60 18.17 51.54
CA ALA G 180 17.71 19.06 50.39
C ALA G 180 19.04 18.91 49.62
N MET G 181 19.93 18.06 50.12
CA MET G 181 21.16 17.76 49.40
C MET G 181 20.87 17.15 48.04
N GLY G 182 19.80 16.36 47.99
CA GLY G 182 19.28 15.78 46.73
C GLY G 182 19.13 16.81 45.61
N TYR G 183 18.56 17.97 45.95
CA TYR G 183 18.33 18.99 44.95
C TYR G 183 19.50 19.89 44.66
N VAL G 184 20.50 19.84 45.52
CA VAL G 184 21.79 20.45 45.20
C VAL G 184 22.45 19.57 44.14
N GLU G 185 22.46 18.28 44.39
CA GLU G 185 23.02 17.34 43.44
C GLU G 185 22.23 17.35 42.14
N SER G 186 20.93 17.63 42.25
CA SER G 186 20.09 17.83 41.09
C SER G 186 20.58 18.98 40.17
N ALA G 187 20.96 20.10 40.76
CA ALA G 187 21.44 21.21 39.96
C ALA G 187 22.64 20.79 39.12
N LEU G 188 23.44 19.84 39.64
CA LEU G 188 24.59 19.30 38.89
C LEU G 188 24.14 18.70 37.53
N GLU G 189 23.19 17.75 37.59
CA GLU G 189 22.53 17.16 36.40
C GLU G 189 22.02 18.25 35.48
N ILE G 190 21.18 19.12 36.04
CA ILE G 190 20.53 20.19 35.29
C ILE G 190 21.52 21.01 34.43
N ALA G 191 22.53 21.57 35.06
CA ALA G 191 23.52 22.38 34.35
C ALA G 191 24.28 21.55 33.30
N GLN G 192 24.59 20.30 33.65
CA GLN G 192 25.34 19.41 32.79
C GLN G 192 24.52 19.06 31.55
N GLN G 193 23.21 18.91 31.74
CA GLN G 193 22.33 18.62 30.63
C GLN G 193 22.26 19.84 29.69
N CYS G 194 22.11 21.03 30.25
CA CYS G 194 22.00 22.26 29.44
C CYS G 194 23.30 22.73 28.77
N GLU G 195 24.41 22.05 29.08
CA GLU G 195 25.73 22.49 28.63
C GLU G 195 25.79 22.41 27.12
N GLU G 196 26.16 23.53 26.49
CA GLU G 196 26.12 23.74 25.01
C GLU G 196 24.69 23.56 24.39
N VAL G 197 23.82 22.80 25.08
CA VAL G 197 22.51 22.40 24.58
C VAL G 197 21.44 23.51 24.74
N VAL G 198 21.38 24.17 25.90
CA VAL G 198 20.42 25.27 26.11
C VAL G 198 21.03 26.45 26.86
N GLY G 199 20.77 27.65 26.34
CA GLY G 199 21.09 28.90 27.06
C GLY G 199 20.01 29.32 28.06
N LEU G 200 19.94 28.61 29.19
CA LEU G 200 18.82 28.70 30.11
C LEU G 200 18.73 30.05 30.81
N SER G 201 17.53 30.62 30.90
CA SER G 201 17.35 31.94 31.53
C SER G 201 16.66 31.93 32.91
N SER G 202 15.66 31.07 33.06
CA SER G 202 14.86 30.99 34.30
C SER G 202 14.54 29.54 34.70
N VAL G 203 14.39 29.29 36.00
CA VAL G 203 13.93 27.98 36.48
C VAL G 203 12.73 28.15 37.44
N VAL G 204 11.65 27.41 37.18
CA VAL G 204 10.46 27.44 38.03
C VAL G 204 10.31 26.09 38.75
N VAL G 205 10.00 26.16 40.05
CA VAL G 205 9.72 24.99 40.87
C VAL G 205 8.78 25.32 42.01
N ALA G 206 7.94 24.36 42.37
CA ALA G 206 7.08 24.53 43.53
C ALA G 206 7.88 24.68 44.85
N SER G 207 7.37 25.56 45.69
CA SER G 207 8.00 25.81 46.98
C SER G 207 7.01 25.45 48.10
N GLY G 208 7.31 24.32 48.74
CA GLY G 208 6.48 23.88 49.84
C GLY G 208 7.28 23.83 51.13
N SER G 209 7.45 22.61 51.65
CA SER G 209 8.34 22.29 52.80
C SER G 209 9.77 22.83 52.61
N ALA G 210 10.02 23.38 51.42
CA ALA G 210 11.15 24.26 51.10
C ALA G 210 12.42 23.60 50.56
N GLY G 211 12.78 22.43 51.13
CA GLY G 211 14.00 21.66 50.77
C GLY G 211 14.41 21.63 49.29
N THR G 212 13.45 21.30 48.42
CA THR G 212 13.68 21.28 46.96
C THR G 212 14.14 22.66 46.45
N HIS G 213 13.31 23.69 46.70
CA HIS G 213 13.60 25.08 46.30
C HIS G 213 14.98 25.48 46.79
N ALA G 214 15.22 25.21 48.08
CA ALA G 214 16.47 25.56 48.75
C ALA G 214 17.67 24.89 48.07
N GLY G 215 17.66 23.55 48.01
CA GLY G 215 18.73 22.78 47.34
C GLY G 215 19.11 23.33 45.97
N LEU G 216 18.09 23.65 45.17
CA LEU G 216 18.28 24.31 43.88
C LEU G 216 19.04 25.62 44.05
N ALA G 217 18.51 26.50 44.89
CA ALA G 217 19.08 27.85 45.07
C ALA G 217 20.58 27.86 45.38
N VAL G 218 21.02 26.86 46.17
CA VAL G 218 22.44 26.71 46.54
C VAL G 218 23.19 26.21 45.31
N GLY G 219 22.78 25.05 44.79
CA GLY G 219 23.40 24.43 43.61
C GLY G 219 23.47 25.37 42.40
N LEU G 220 22.37 26.07 42.14
CA LEU G 220 22.26 26.95 40.97
C LEU G 220 22.96 28.30 41.11
N GLU G 221 23.10 28.80 42.36
CA GLU G 221 23.95 29.99 42.65
C GLU G 221 25.38 29.68 42.25
N HIS G 222 25.84 28.49 42.62
CA HIS G 222 27.19 28.03 42.31
C HIS G 222 27.41 27.48 40.88
N LEU G 223 26.43 26.75 40.32
CA LEU G 223 26.65 26.20 38.99
C LEU G 223 26.19 27.10 37.82
N MET G 224 25.08 27.82 38.00
CA MET G 224 24.53 28.64 36.91
C MET G 224 24.11 30.00 37.46
N PRO G 225 25.09 30.85 37.73
CA PRO G 225 24.84 32.02 38.58
C PRO G 225 23.93 33.09 37.92
N ASP G 226 23.81 33.02 36.59
CA ASP G 226 23.05 34.00 35.82
C ASP G 226 21.55 33.64 35.75
N VAL G 227 21.25 32.36 36.03
CA VAL G 227 19.89 31.81 35.94
C VAL G 227 19.03 32.32 37.08
N GLU G 228 17.88 32.90 36.71
CA GLU G 228 16.85 33.37 37.66
C GLU G 228 15.99 32.20 38.19
N LEU G 229 15.95 32.00 39.50
CA LEU G 229 15.19 30.88 40.11
C LEU G 229 13.93 31.33 40.83
N ILE G 230 12.78 30.97 40.26
CA ILE G 230 11.50 31.32 40.84
C ILE G 230 10.89 30.12 41.55
N GLY G 231 10.41 30.35 42.76
CA GLY G 231 9.62 29.38 43.50
C GLY G 231 8.17 29.84 43.55
N VAL G 232 7.24 28.95 43.24
CA VAL G 232 5.84 29.27 43.41
C VAL G 232 5.38 28.60 44.69
N THR G 233 4.96 29.43 45.63
CA THR G 233 4.44 28.97 46.92
C THR G 233 3.16 28.19 46.71
N VAL G 234 3.07 27.05 47.42
CA VAL G 234 1.89 26.18 47.30
C VAL G 234 1.04 26.18 48.57
N SER G 235 1.57 26.78 49.64
CA SER G 235 0.90 26.79 50.94
C SER G 235 0.91 28.17 51.58
N ARG G 236 2.08 28.80 51.65
CA ARG G 236 2.25 30.03 52.42
C ARG G 236 2.42 31.26 51.53
N SER G 237 2.38 32.45 52.14
CA SER G 237 2.62 33.71 51.41
C SER G 237 4.13 34.01 51.38
N VAL G 238 4.54 34.95 50.52
CA VAL G 238 5.96 35.31 50.38
C VAL G 238 6.51 35.58 51.78
N ALA G 239 5.76 36.42 52.50
CA ALA G 239 5.99 36.81 53.88
C ALA G 239 6.43 35.61 54.75
N GLU G 240 5.52 34.65 54.94
CA GLU G 240 5.78 33.48 55.81
C GLU G 240 6.84 32.49 55.22
N GLN G 241 6.91 32.42 53.88
CA GLN G 241 7.73 31.42 53.19
C GLN G 241 9.21 31.80 53.13
N LYS G 242 9.51 32.99 52.58
CA LYS G 242 10.92 33.44 52.35
C LYS G 242 11.92 33.08 53.48
N PRO G 243 11.57 33.39 54.76
CA PRO G 243 12.48 33.00 55.87
C PRO G 243 12.85 31.50 55.89
N LYS G 244 11.86 30.63 55.69
CA LYS G 244 12.05 29.16 55.78
C LYS G 244 13.01 28.72 54.68
N VAL G 245 12.87 29.31 53.48
CA VAL G 245 13.76 29.00 52.36
C VAL G 245 15.18 29.47 52.67
N ILE G 246 15.29 30.74 53.11
CA ILE G 246 16.60 31.38 53.43
C ILE G 246 17.37 30.56 54.49
N ALA G 247 16.64 30.11 55.50
CA ALA G 247 17.18 29.28 56.56
C ALA G 247 17.90 28.02 56.02
N LEU G 248 17.21 27.26 55.17
CA LEU G 248 17.77 26.03 54.57
C LEU G 248 18.94 26.34 53.63
N GLN G 249 18.76 27.33 52.74
CA GLN G 249 19.84 27.82 51.89
C GLN G 249 21.14 27.95 52.70
N GLN G 250 21.04 28.65 53.83
CA GLN G 250 22.18 28.95 54.68
C GLN G 250 22.75 27.69 55.34
N ALA G 251 21.85 26.87 55.86
CA ALA G 251 22.21 25.62 56.55
C ALA G 251 22.88 24.65 55.58
N ILE G 252 22.27 24.53 54.38
CA ILE G 252 22.82 23.69 53.29
C ILE G 252 24.21 24.20 52.93
N ALA G 253 24.27 25.49 52.60
CA ALA G 253 25.50 26.13 52.23
C ALA G 253 26.53 25.89 53.33
N GLY G 254 26.09 26.11 54.58
CA GLY G 254 26.93 25.85 55.73
C GLY G 254 27.61 24.49 55.62
N GLN G 255 26.80 23.45 55.61
CA GLN G 255 27.32 22.08 55.64
C GLN G 255 28.07 21.70 54.37
N LEU G 256 27.79 22.41 53.28
CA LEU G 256 28.47 22.14 52.01
C LEU G 256 29.79 22.92 51.90
N ALA G 257 30.10 23.71 52.96
CA ALA G 257 31.34 24.51 53.06
C ALA G 257 31.38 25.64 52.04
N LEU G 258 30.20 26.14 51.68
CA LEU G 258 30.09 27.19 50.70
C LEU G 258 29.38 28.38 51.31
N THR G 259 29.37 29.48 50.58
CA THR G 259 28.69 30.69 51.02
C THR G 259 27.54 30.87 50.06
N ALA G 260 26.42 31.38 50.54
CA ALA G 260 25.29 31.59 49.65
C ALA G 260 24.69 32.98 49.80
N THR G 261 24.84 33.79 48.77
CA THR G 261 24.41 35.19 48.84
C THR G 261 23.23 35.51 47.91
N ALA G 262 22.79 34.50 47.15
CA ALA G 262 21.72 34.65 46.18
C ALA G 262 20.41 35.02 46.85
N ASP G 263 19.74 36.04 46.32
CA ASP G 263 18.37 36.36 46.73
C ASP G 263 17.39 35.22 46.39
N ILE G 264 16.59 34.76 47.35
CA ILE G 264 15.52 33.79 47.07
C ILE G 264 14.28 34.53 46.51
N HIS G 265 13.72 34.05 45.39
CA HIS G 265 12.52 34.66 44.79
C HIS G 265 11.28 33.77 44.97
N LEU G 266 10.14 34.40 45.28
CA LEU G 266 8.87 33.68 45.55
C LEU G 266 7.63 34.42 45.05
N TRP G 267 6.69 33.68 44.47
CA TRP G 267 5.39 34.23 44.03
C TRP G 267 4.26 33.48 44.72
N ASP G 268 3.48 34.23 45.49
CA ASP G 268 2.48 33.63 46.36
C ASP G 268 1.09 33.59 45.76
N ASP G 269 0.91 34.27 44.62
CA ASP G 269 -0.42 34.50 44.04
C ASP G 269 -1.19 33.25 43.59
N TYR G 270 -0.53 32.09 43.61
CA TYR G 270 -1.04 30.93 42.89
C TYR G 270 -1.57 29.73 43.67
N PHE G 271 -1.42 29.75 45.00
CA PHE G 271 -1.95 28.66 45.81
C PHE G 271 -3.42 28.83 46.20
N ALA G 272 -4.02 29.94 45.71
CA ALA G 272 -5.46 30.30 45.91
C ALA G 272 -5.96 30.02 47.34
N PRO G 273 -7.04 29.22 47.51
CA PRO G 273 -7.56 29.04 48.89
C PRO G 273 -6.54 28.59 49.91
N GLY G 274 -5.59 27.75 49.50
CA GLY G 274 -4.50 27.34 50.41
C GLY G 274 -3.94 25.98 50.08
N TYR G 275 -3.00 25.48 50.89
CA TYR G 275 -2.39 24.18 50.61
C TYR G 275 -3.45 23.14 50.40
N GLY G 276 -3.29 22.34 49.34
CA GLY G 276 -4.18 21.19 49.12
C GLY G 276 -5.56 21.51 48.58
N VAL G 277 -5.87 22.80 48.41
CA VAL G 277 -7.11 23.19 47.77
C VAL G 277 -6.79 23.56 46.34
N PRO G 278 -7.57 23.00 45.39
CA PRO G 278 -7.30 23.27 43.97
C PRO G 278 -7.92 24.58 43.48
N ASN G 279 -7.16 25.36 42.72
CA ASN G 279 -7.69 26.56 42.06
C ASN G 279 -7.95 26.31 40.60
N ASP G 280 -8.84 27.09 40.01
CA ASP G 280 -9.09 27.04 38.57
C ASP G 280 -7.80 27.26 37.80
N ALA G 281 -7.13 28.37 38.08
CA ALA G 281 -5.86 28.70 37.45
C ALA G 281 -4.88 27.52 37.33
N GLY G 282 -4.74 26.76 38.42
CA GLY G 282 -3.82 25.61 38.51
C GLY G 282 -4.34 24.37 37.80
N MET G 283 -5.62 24.12 37.98
CA MET G 283 -6.37 23.11 37.26
C MET G 283 -6.35 23.33 35.72
N GLU G 284 -6.55 24.56 35.27
CA GLU G 284 -6.36 24.91 33.85
C GLU G 284 -4.98 24.49 33.32
N ALA G 285 -3.96 24.55 34.17
CA ALA G 285 -2.60 24.18 33.80
C ALA G 285 -2.45 22.68 33.65
N VAL G 286 -3.25 21.93 34.40
CA VAL G 286 -3.12 20.48 34.34
C VAL G 286 -3.67 20.01 33.03
N LYS G 287 -4.87 20.51 32.71
CA LYS G 287 -5.56 20.18 31.46
C LYS G 287 -4.68 20.59 30.30
N LEU G 288 -4.10 21.79 30.39
CA LEU G 288 -3.24 22.29 29.34
C LEU G 288 -2.05 21.39 29.06
N LEU G 289 -1.37 20.93 30.10
CA LEU G 289 -0.17 20.12 29.89
C LEU G 289 -0.44 18.67 29.50
N ALA G 290 -1.54 18.14 29.99
CA ALA G 290 -1.96 16.80 29.60
C ALA G 290 -2.39 16.79 28.13
N SER G 291 -3.24 17.75 27.76
CA SER G 291 -3.83 17.77 26.44
C SER G 291 -2.81 18.18 25.36
N LEU G 292 -1.86 19.00 25.75
CA LEU G 292 -0.98 19.63 24.80
C LEU G 292 0.38 18.96 24.68
N GLU G 293 0.79 18.23 25.73
CA GLU G 293 2.12 17.68 25.75
C GLU G 293 2.16 16.26 26.28
N GLY G 294 1.02 15.82 26.79
CA GLY G 294 0.87 14.47 27.31
C GLY G 294 1.59 14.25 28.61
N VAL G 295 1.76 15.34 29.36
CA VAL G 295 2.38 15.24 30.69
C VAL G 295 1.37 15.49 31.79
N LEU G 296 1.49 14.70 32.85
CA LEU G 296 0.54 14.83 33.93
C LEU G 296 1.15 15.61 35.06
N LEU G 297 0.51 16.76 35.33
CA LEU G 297 0.79 17.56 36.52
C LEU G 297 -0.14 17.11 37.63
N ASP G 298 -0.20 17.86 38.73
CA ASP G 298 -1.08 17.49 39.84
C ASP G 298 -1.71 18.74 40.46
N PRO G 299 -2.84 18.55 41.15
CA PRO G 299 -3.59 19.73 41.49
C PRO G 299 -3.09 20.43 42.77
N VAL G 300 -2.20 19.77 43.53
CA VAL G 300 -1.70 20.33 44.79
C VAL G 300 -0.37 21.10 44.64
N TYR G 301 0.57 20.53 43.89
CA TYR G 301 1.92 21.15 43.68
C TYR G 301 2.17 21.69 42.26
N THR G 302 2.53 20.75 41.36
CA THR G 302 2.95 21.01 39.95
C THR G 302 2.00 21.87 39.13
N GLY G 303 0.71 21.56 39.22
CA GLY G 303 -0.30 22.38 38.55
C GLY G 303 -0.22 23.85 38.91
N LYS G 304 -0.24 24.14 40.22
CA LYS G 304 -0.20 25.51 40.71
C LYS G 304 1.11 26.18 40.28
N ALA G 305 2.22 25.49 40.53
CA ALA G 305 3.53 26.00 40.08
C ALA G 305 3.50 26.40 38.59
N MET G 306 3.07 25.45 37.74
CA MET G 306 2.84 25.68 36.31
C MET G 306 1.88 26.83 35.98
N ALA G 307 0.75 26.91 36.70
CA ALA G 307 -0.19 28.03 36.54
C ALA G 307 0.59 29.34 36.72
N GLY G 308 1.49 29.31 37.71
CA GLY G 308 2.41 30.41 38.01
C GLY G 308 3.29 30.74 36.82
N LEU G 309 4.06 29.74 36.38
CA LEU G 309 4.89 29.87 35.18
C LEU G 309 4.14 30.56 34.02
N ILE G 310 2.93 30.09 33.74
CA ILE G 310 2.08 30.61 32.66
C ILE G 310 1.72 32.07 32.85
N ASP G 311 1.15 32.41 34.01
CA ASP G 311 0.80 33.79 34.34
C ASP G 311 2.07 34.66 34.40
N GLY G 312 3.19 34.02 34.75
CA GLY G 312 4.50 34.65 34.73
C GLY G 312 4.78 35.29 33.38
N ILE G 313 4.73 34.49 32.32
CA ILE G 313 5.00 34.97 30.96
C ILE G 313 3.99 36.06 30.59
N SER G 314 2.75 35.79 30.95
CA SER G 314 1.64 36.70 30.74
C SER G 314 1.91 38.14 31.27
N GLN G 315 2.56 38.25 32.44
CA GLN G 315 2.86 39.55 33.12
C GLN G 315 4.32 40.01 33.03
N LYS G 316 5.07 39.50 32.04
CA LYS G 316 6.51 39.76 31.89
C LYS G 316 7.30 39.73 33.23
N ARG G 317 6.95 38.78 34.10
CA ARG G 317 7.49 38.69 35.47
C ARG G 317 8.96 38.23 35.58
N PHE G 318 9.42 37.41 34.63
CA PHE G 318 10.80 36.91 34.64
C PHE G 318 11.76 38.01 34.20
N ASN G 319 13.05 37.81 34.49
CA ASN G 319 14.07 38.79 34.15
C ASN G 319 14.08 39.15 32.64
N ASP G 320 14.24 38.12 31.80
CA ASP G 320 14.29 38.31 30.35
C ASP G 320 13.37 37.33 29.63
N ASP G 321 13.43 37.38 28.30
CA ASP G 321 12.58 36.56 27.41
C ASP G 321 12.90 35.08 27.37
N GLY G 322 14.17 34.77 27.62
CA GLY G 322 14.75 33.44 27.41
C GLY G 322 14.09 32.20 27.99
N PRO G 323 14.70 31.04 27.66
CA PRO G 323 14.28 29.71 28.09
C PRO G 323 13.91 29.64 29.56
N ILE G 324 12.86 28.88 29.86
CA ILE G 324 12.40 28.60 31.20
C ILE G 324 12.43 27.08 31.45
N LEU G 325 13.02 26.65 32.55
CA LEU G 325 13.03 25.24 32.87
C LEU G 325 12.03 25.03 33.97
N PHE G 326 11.09 24.11 33.75
CA PHE G 326 10.11 23.80 34.78
C PHE G 326 10.52 22.50 35.40
N ILE G 327 10.60 22.51 36.73
CA ILE G 327 10.94 21.32 37.51
C ILE G 327 9.66 20.52 37.83
N HIS G 328 9.47 19.43 37.09
CA HIS G 328 8.36 18.53 37.35
C HIS G 328 8.66 17.61 38.52
N THR G 329 8.02 17.95 39.64
CA THR G 329 8.36 17.39 40.96
C THR G 329 7.48 16.17 41.26
N GLY G 330 6.58 15.89 40.30
CA GLY G 330 5.68 14.72 40.30
C GLY G 330 4.30 15.00 40.88
N GLY G 331 3.87 14.11 41.78
CA GLY G 331 2.60 14.27 42.48
C GLY G 331 1.36 13.77 41.75
N ALA G 332 1.54 13.37 40.49
CA ALA G 332 0.46 12.81 39.65
C ALA G 332 -0.57 11.92 40.37
N PRO G 333 -0.14 10.93 41.19
CA PRO G 333 -1.14 10.08 41.82
C PRO G 333 -2.26 10.83 42.53
N ALA G 334 -1.98 12.04 42.99
CA ALA G 334 -3.00 12.82 43.70
C ALA G 334 -4.26 13.05 42.89
N LEU G 335 -4.11 12.96 41.56
CA LEU G 335 -5.21 13.14 40.60
C LEU G 335 -6.37 12.18 40.87
N PHE G 336 -6.02 10.91 41.11
CA PHE G 336 -7.02 9.88 41.41
C PHE G 336 -7.63 10.02 42.79
N ALA G 337 -6.99 10.82 43.64
CA ALA G 337 -7.45 11.06 45.00
C ALA G 337 -8.38 12.26 45.01
N TYR G 338 -8.05 13.26 44.20
CA TYR G 338 -8.86 14.46 44.10
C TYR G 338 -10.03 14.40 43.13
N HIS G 339 -10.19 13.26 42.46
CA HIS G 339 -11.13 13.18 41.37
C HIS G 339 -12.36 14.01 41.58
N PRO G 340 -13.49 13.38 41.34
CA PRO G 340 -14.74 14.09 41.40
C PRO G 340 -14.61 15.47 41.99
N HIS G 341 -14.20 15.57 43.26
CA HIS G 341 -14.15 16.90 43.91
C HIS G 341 -13.69 16.92 45.38
N VAL G 342 -13.50 18.14 45.91
CA VAL G 342 -13.28 18.44 47.35
C VAL G 342 -12.48 17.36 48.08
N MET H 12 26.94 -7.31 19.55
CA MET H 12 26.73 -8.71 19.20
C MET H 12 27.44 -9.61 20.20
N ALA H 13 28.00 -10.71 19.72
CA ALA H 13 27.84 -11.11 18.36
C ALA H 13 26.49 -11.78 18.26
N SER H 14 25.46 -11.08 18.67
CA SER H 14 24.11 -11.58 18.55
C SER H 14 23.16 -10.48 18.11
N MET H 15 23.35 -10.01 16.90
CA MET H 15 22.34 -9.32 16.19
C MET H 15 22.31 -10.18 14.96
N PRO H 16 21.63 -11.29 15.12
CA PRO H 16 21.25 -12.15 14.04
C PRO H 16 19.85 -11.79 13.78
N LEU H 17 19.38 -10.90 14.64
CA LEU H 17 18.15 -10.19 14.46
C LEU H 17 18.49 -8.90 13.81
N HIS H 18 19.58 -8.86 13.08
CA HIS H 18 19.98 -7.59 12.49
C HIS H 18 18.86 -7.04 11.67
N HIS H 19 18.25 -7.90 10.89
CA HIS H 19 17.15 -7.48 10.07
C HIS H 19 16.27 -6.74 10.93
N LEU H 20 16.43 -7.00 12.20
CA LEU H 20 15.58 -6.32 13.11
C LEU H 20 15.52 -4.90 12.79
N THR H 21 16.37 -4.44 11.90
CA THR H 21 16.32 -3.01 11.63
C THR H 21 15.98 -2.76 10.14
N ARG H 22 14.72 -2.36 9.98
CA ARG H 22 14.41 -1.94 8.73
C ARG H 22 13.15 -1.25 9.20
N PHE H 23 12.79 -1.40 10.47
CA PHE H 23 11.52 -0.83 10.94
C PHE H 23 11.73 0.45 11.72
N PRO H 24 11.31 1.60 11.18
CA PRO H 24 11.52 2.86 11.86
C PRO H 24 10.81 2.81 13.17
N ARG H 25 11.49 3.20 14.25
CA ARG H 25 10.91 3.27 15.59
C ARG H 25 11.09 4.68 16.10
N LEU H 26 10.13 5.15 16.89
CA LEU H 26 10.24 6.45 17.56
C LEU H 26 10.94 6.31 18.91
N GLU H 27 11.47 7.41 19.44
CA GLU H 27 12.13 7.37 20.77
C GLU H 27 11.27 7.94 21.89
N PHE H 28 10.60 7.05 22.62
CA PHE H 28 9.73 7.42 23.71
C PHE H 28 10.34 6.97 25.01
N ILE H 29 11.08 5.85 24.99
CA ILE H 29 11.60 5.22 26.22
C ILE H 29 12.95 5.81 26.71
N GLY H 30 13.83 6.24 25.79
CA GLY H 30 15.15 6.80 26.18
C GLY H 30 16.17 5.71 26.52
N ALA H 31 16.64 5.69 27.77
CA ALA H 31 17.58 4.66 28.23
C ALA H 31 16.85 3.32 28.49
N PRO H 32 17.57 2.17 28.42
CA PRO H 32 16.94 0.89 28.75
C PRO H 32 16.37 0.89 30.16
N THR H 33 15.18 0.31 30.33
CA THR H 33 14.56 0.25 31.64
C THR H 33 15.38 -0.64 32.58
N PRO H 34 15.36 -0.31 33.88
CA PRO H 34 16.19 -1.05 34.82
C PRO H 34 15.74 -2.50 34.99
N LEU H 35 16.71 -3.41 35.06
CA LEU H 35 16.49 -4.75 35.56
C LEU H 35 17.07 -4.84 36.99
N GLU H 36 16.25 -5.32 37.94
CA GLU H 36 16.55 -5.27 39.37
C GLU H 36 16.39 -6.66 39.98
N TYR H 37 17.21 -6.96 41.00
CA TYR H 37 16.99 -8.14 41.84
C TYR H 37 16.00 -7.78 42.95
N LEU H 38 15.13 -8.75 43.29
CA LEU H 38 14.13 -8.58 44.35
C LEU H 38 14.51 -9.42 45.56
N PRO H 39 15.49 -8.93 46.35
CA PRO H 39 16.09 -9.69 47.45
C PRO H 39 15.07 -10.20 48.48
N ARG H 40 14.19 -9.31 48.95
CA ARG H 40 13.22 -9.64 49.99
C ARG H 40 12.23 -10.68 49.51
N LEU H 41 11.60 -10.42 48.36
CA LEU H 41 10.71 -11.39 47.76
C LEU H 41 11.45 -12.69 47.50
N SER H 42 12.63 -12.62 46.91
CA SER H 42 13.38 -13.84 46.60
C SER H 42 13.55 -14.70 47.85
N ASP H 43 14.12 -14.07 48.87
CA ASP H 43 14.34 -14.70 50.17
C ASP H 43 13.02 -15.28 50.76
N TYR H 44 11.94 -14.52 50.64
CA TYR H 44 10.65 -15.01 51.10
C TYR H 44 10.13 -16.23 50.31
N LEU H 45 10.27 -16.21 48.98
CA LEU H 45 9.77 -17.31 48.12
C LEU H 45 10.73 -18.49 48.01
N GLY H 46 12.00 -18.27 48.35
CA GLY H 46 12.99 -19.31 48.29
C GLY H 46 13.48 -19.59 46.88
N ARG H 47 13.69 -18.52 46.11
CA ARG H 47 14.13 -18.59 44.70
C ARG H 47 14.70 -17.25 44.27
N GLU H 48 15.68 -17.31 43.38
CA GLU H 48 16.23 -16.09 42.81
C GLU H 48 15.19 -15.41 41.91
N ILE H 49 14.71 -14.22 42.29
CA ILE H 49 13.72 -13.52 41.45
C ILE H 49 14.10 -12.11 41.00
N TYR H 50 14.08 -11.92 39.69
CA TYR H 50 14.46 -10.64 39.11
C TYR H 50 13.26 -9.98 38.42
N ILE H 51 13.28 -8.66 38.33
CA ILE H 51 12.20 -7.92 37.76
C ILE H 51 12.68 -6.97 36.65
N LYS H 52 12.09 -7.07 35.47
CA LYS H 52 12.33 -6.12 34.38
C LYS H 52 11.31 -4.98 34.47
N ARG H 53 11.78 -3.76 34.67
CA ARG H 53 10.89 -2.70 35.09
C ARG H 53 10.36 -1.91 33.94
N ASP H 54 9.51 -2.52 33.13
CA ASP H 54 8.96 -1.83 31.96
C ASP H 54 7.83 -0.85 32.29
N ASP H 55 7.48 -0.76 33.58
CA ASP H 55 6.52 0.25 34.07
C ASP H 55 7.14 1.64 34.26
N VAL H 56 8.47 1.67 34.40
CA VAL H 56 9.21 2.93 34.59
C VAL H 56 9.50 3.54 33.20
N THR H 57 8.64 4.44 32.78
CA THR H 57 8.72 5.00 31.44
C THR H 57 8.29 6.46 31.55
N PRO H 58 9.01 7.35 30.87
CA PRO H 58 8.69 8.78 30.91
C PRO H 58 7.26 9.18 30.56
N ILE H 59 6.55 8.36 29.77
CA ILE H 59 5.29 8.79 29.17
C ILE H 59 4.13 8.37 30.01
N ALA H 60 3.39 9.35 30.50
CA ALA H 60 2.17 9.14 31.30
C ALA H 60 2.07 7.82 32.11
N MET H 61 2.96 7.64 33.09
CA MET H 61 2.94 6.48 34.00
C MET H 61 3.37 5.15 33.41
N GLY H 62 3.62 5.14 32.10
CA GLY H 62 4.35 4.07 31.42
C GLY H 62 3.74 2.68 31.39
N GLY H 63 4.33 1.81 30.60
CA GLY H 63 3.79 0.45 30.48
C GLY H 63 4.43 -0.24 29.31
N ASN H 64 4.21 -1.55 29.19
CA ASN H 64 4.73 -2.35 28.06
C ASN H 64 4.20 -1.81 26.74
N1 LLP H 65 0.29 -6.31 30.93
C2 LLP H 65 0.02 -4.96 31.18
C2' LLP H 65 0.44 -4.34 32.47
C3 LLP H 65 -0.62 -4.17 30.24
O3 LLP H 65 -0.86 -2.96 30.45
C4 LLP H 65 -1.01 -4.72 29.02
C4' LLP H 65 -1.74 -3.80 28.05
C5 LLP H 65 -0.75 -6.09 28.81
C6 LLP H 65 -0.08 -6.87 29.75
C5' LLP H 65 -1.12 -6.77 27.52
OP4 LLP H 65 0.01 -7.49 27.01
P LLP H 65 0.04 -8.20 25.59
OP1 LLP H 65 -1.38 -8.42 25.28
OP2 LLP H 65 0.70 -7.20 24.75
OP3 LLP H 65 0.81 -9.46 25.83
N LLP H 65 2.95 -1.33 26.77
CA LLP H 65 2.26 -0.83 25.58
CB LLP H 65 0.87 -0.30 25.93
CG LLP H 65 -0.11 -1.37 26.36
CD LLP H 65 -0.11 -2.56 25.39
CE LLP H 65 -0.32 -3.89 26.14
NZ LLP H 65 -1.69 -4.02 26.72
C LLP H 65 3.05 0.22 24.80
O LLP H 65 2.77 0.46 23.63
N LEU H 66 4.01 0.83 25.46
CA LEU H 66 4.69 1.95 24.85
C LEU H 66 5.74 1.46 23.89
N ARG H 67 6.41 0.37 24.24
CA ARG H 67 7.49 -0.15 23.41
C ARG H 67 6.91 -0.49 22.08
N LYS H 68 5.65 -0.90 22.11
CA LYS H 68 4.87 -1.19 20.93
C LYS H 68 4.59 0.07 20.14
N LEU H 69 3.93 1.02 20.77
CA LEU H 69 3.66 2.30 20.12
C LEU H 69 4.90 2.96 19.49
N GLU H 70 6.09 2.68 20.04
CA GLU H 70 7.33 3.19 19.46
C GLU H 70 7.42 2.87 17.97
N PHE H 71 7.05 1.65 17.57
CA PHE H 71 7.04 1.23 16.17
C PHE H 71 5.76 1.63 15.48
N LEU H 72 4.65 1.41 16.17
CA LEU H 72 3.32 1.70 15.64
C LEU H 72 3.16 3.16 15.25
N VAL H 73 3.41 4.08 16.18
CA VAL H 73 3.22 5.51 15.89
C VAL H 73 4.25 6.03 14.90
N ALA H 74 5.43 5.43 14.90
CA ALA H 74 6.43 5.77 13.91
C ALA H 74 5.90 5.51 12.53
N ASP H 75 5.23 4.37 12.37
CA ASP H 75 4.63 3.98 11.12
C ASP H 75 3.48 4.93 10.81
N ALA H 76 2.62 5.17 11.80
CA ALA H 76 1.48 6.08 11.66
C ALA H 76 1.88 7.42 11.09
N LEU H 77 3.09 7.84 11.40
CA LEU H 77 3.58 9.11 10.91
C LEU H 77 4.00 9.00 9.46
N ARG H 78 4.67 7.90 9.11
CA ARG H 78 5.09 7.63 7.75
C ARG H 78 3.85 7.70 6.87
N GLU H 79 2.71 7.16 7.34
CA GLU H 79 1.45 7.23 6.58
C GLU H 79 0.89 8.64 6.53
N GLY H 80 1.52 9.56 7.24
CA GLY H 80 1.06 10.95 7.32
C GLY H 80 -0.28 11.12 8.02
N ALA H 81 -0.64 10.13 8.84
CA ALA H 81 -1.83 10.19 9.63
C ALA H 81 -1.81 11.40 10.56
N ASP H 82 -2.99 11.94 10.86
CA ASP H 82 -3.08 13.03 11.79
C ASP H 82 -3.95 12.59 12.97
N THR H 83 -4.37 11.33 12.96
CA THR H 83 -5.22 10.79 14.03
C THR H 83 -4.86 9.35 14.33
N LEU H 84 -4.86 8.97 15.60
CA LEU H 84 -4.74 7.57 15.97
C LEU H 84 -6.09 7.06 16.46
N ILE H 85 -6.50 5.88 16.01
CA ILE H 85 -7.71 5.26 16.51
C ILE H 85 -7.30 3.95 17.17
N THR H 86 -7.93 3.64 18.30
CA THR H 86 -7.72 2.35 18.91
C THR H 86 -8.84 1.99 19.85
N ALA H 87 -8.81 0.78 20.39
CA ALA H 87 -9.89 0.31 21.22
C ALA H 87 -9.40 -0.53 22.41
N GLY H 88 -10.26 -0.68 23.40
CA GLY H 88 -9.97 -1.57 24.54
C GLY H 88 -10.94 -1.35 25.68
N ALA H 89 -10.71 -2.05 26.79
CA ALA H 89 -11.47 -1.85 28.03
C ALA H 89 -11.55 -0.36 28.42
N ILE H 90 -12.47 0.02 29.31
CA ILE H 90 -12.51 1.40 29.81
C ILE H 90 -11.21 1.75 30.52
N GLN H 91 -10.69 0.79 31.30
CA GLN H 91 -9.43 0.97 32.01
C GLN H 91 -8.22 0.45 31.23
N SER H 92 -8.24 0.61 29.92
CA SER H 92 -7.19 0.05 29.07
C SER H 92 -5.96 0.86 29.29
N ASN H 93 -4.86 0.15 29.52
CA ASN H 93 -3.53 0.75 29.62
C ASN H 93 -3.09 1.23 28.26
N HIS H 94 -3.41 0.44 27.23
CA HIS H 94 -3.02 0.74 25.87
C HIS H 94 -3.65 2.01 25.36
N VAL H 95 -4.94 2.22 25.60
CA VAL H 95 -5.58 3.48 25.24
C VAL H 95 -4.94 4.70 25.94
N ARG H 96 -4.70 4.59 27.26
CA ARG H 96 -4.00 5.64 28.02
C ARG H 96 -2.70 6.03 27.37
N GLN H 97 -1.86 5.04 27.10
CA GLN H 97 -0.56 5.31 26.52
C GLN H 97 -0.71 5.85 25.10
N THR H 98 -1.56 5.24 24.30
CA THR H 98 -1.83 5.72 22.93
C THR H 98 -2.25 7.21 22.92
N ALA H 99 -3.24 7.55 23.75
CA ALA H 99 -3.79 8.91 23.83
C ALA H 99 -2.78 9.94 24.29
N ALA H 100 -1.87 9.55 25.19
CA ALA H 100 -0.76 10.39 25.67
C ALA H 100 0.19 10.68 24.54
N VAL H 101 0.73 9.62 23.93
CA VAL H 101 1.61 9.73 22.78
C VAL H 101 1.01 10.66 21.74
N ALA H 102 -0.26 10.42 21.43
CA ALA H 102 -1.04 11.28 20.56
C ALA H 102 -0.90 12.77 20.90
N ALA H 103 -1.26 13.12 22.14
CA ALA H 103 -1.25 14.51 22.57
C ALA H 103 0.17 15.06 22.53
N LYS H 104 1.15 14.24 22.94
CA LYS H 104 2.56 14.65 22.93
C LYS H 104 2.95 15.04 21.54
N LEU H 105 2.55 14.21 20.58
CA LEU H 105 2.88 14.38 19.16
C LEU H 105 2.00 15.36 18.43
N GLY H 106 0.79 15.56 18.91
CA GLY H 106 -0.11 16.49 18.25
C GLY H 106 -1.08 15.81 17.30
N LEU H 107 -1.23 14.50 17.43
CA LEU H 107 -2.19 13.74 16.68
C LEU H 107 -3.46 13.68 17.52
N HIS H 108 -4.61 13.55 16.83
CA HIS H 108 -5.89 13.33 17.50
C HIS H 108 -5.95 11.89 17.92
N CYS H 109 -6.74 11.61 18.95
CA CYS H 109 -6.94 10.25 19.37
C CYS H 109 -8.40 9.88 19.55
N VAL H 110 -8.86 8.88 18.80
CA VAL H 110 -10.20 8.40 18.96
C VAL H 110 -10.11 7.04 19.59
N ALA H 111 -10.88 6.83 20.64
CA ALA H 111 -10.80 5.58 21.39
C ALA H 111 -12.17 4.92 21.49
N LEU H 112 -12.22 3.63 21.19
CA LEU H 112 -13.44 2.86 21.26
C LEU H 112 -13.36 2.00 22.52
N LEU H 113 -14.29 2.22 23.44
CA LEU H 113 -14.18 1.54 24.71
C LEU H 113 -15.38 0.67 25.02
N GLU H 114 -15.15 -0.41 25.75
CA GLU H 114 -16.22 -1.28 26.22
C GLU H 114 -16.12 -1.47 27.73
N ASN H 115 -17.25 -1.64 28.41
CA ASN H 115 -17.21 -1.99 29.81
C ASN H 115 -17.28 -3.49 29.89
N PRO H 116 -16.14 -4.16 29.99
CA PRO H 116 -16.09 -5.60 29.81
C PRO H 116 -16.42 -6.42 31.04
N ILE H 117 -16.62 -5.79 32.19
CA ILE H 117 -16.97 -6.56 33.39
C ILE H 117 -18.37 -6.26 33.88
N GLY H 118 -19.02 -5.33 33.17
CA GLY H 118 -20.38 -4.88 33.41
C GLY H 118 -20.55 -4.30 34.78
N THR H 119 -19.67 -3.37 35.15
CA THR H 119 -19.74 -2.78 36.48
C THR H 119 -20.42 -1.41 36.41
N THR H 120 -20.95 -0.98 37.55
CA THR H 120 -21.54 0.33 37.65
C THR H 120 -20.74 1.21 38.59
N ALA H 121 -19.71 0.62 39.21
CA ALA H 121 -18.85 1.31 40.19
C ALA H 121 -18.21 2.60 39.63
N GLU H 122 -18.55 3.74 40.23
CA GLU H 122 -18.03 5.07 39.87
C GLU H 122 -16.56 5.12 39.42
N ASN H 123 -15.70 4.54 40.25
CA ASN H 123 -14.27 4.60 40.08
C ASN H 123 -13.76 3.91 38.84
N TYR H 124 -14.35 2.76 38.49
CA TYR H 124 -14.04 2.11 37.22
C TYR H 124 -14.52 2.96 36.06
N LEU H 125 -15.70 3.52 36.18
CA LEU H 125 -16.28 4.25 35.08
C LEU H 125 -15.63 5.58 34.78
N THR H 126 -15.11 6.27 35.80
CA THR H 126 -14.58 7.65 35.63
C THR H 126 -13.13 7.85 36.07
N ASN H 127 -12.68 7.04 37.01
CA ASN H 127 -11.36 7.23 37.59
C ASN H 127 -10.29 6.45 36.86
N GLY H 128 -9.16 6.18 37.54
CA GLY H 128 -8.01 5.49 36.96
C GLY H 128 -7.69 5.97 35.55
N ASN H 129 -7.30 5.04 34.69
CA ASN H 129 -6.92 5.37 33.31
C ASN H 129 -7.94 6.27 32.66
N ARG H 130 -9.21 5.91 32.79
CA ARG H 130 -10.28 6.62 32.07
C ARG H 130 -10.20 8.12 32.33
N LEU H 131 -9.90 8.47 33.57
CA LEU H 131 -9.78 9.86 33.97
C LEU H 131 -8.76 10.59 33.10
N LEU H 132 -7.58 9.97 32.93
CA LEU H 132 -6.48 10.56 32.20
C LEU H 132 -6.89 10.80 30.77
N LEU H 133 -7.62 9.86 30.19
CA LEU H 133 -8.09 10.01 28.82
C LEU H 133 -8.75 11.35 28.58
N ASP H 134 -9.51 11.81 29.57
CA ASP H 134 -10.15 13.13 29.47
C ASP H 134 -9.16 14.25 29.49
N LEU H 135 -8.13 14.09 30.32
CA LEU H 135 -7.06 15.06 30.40
C LEU H 135 -6.32 15.14 29.07
N PHE H 136 -6.13 13.98 28.44
CA PHE H 136 -5.50 13.92 27.12
C PHE H 136 -6.43 14.34 25.97
N ASN H 137 -7.62 14.83 26.32
CA ASN H 137 -8.60 15.24 25.34
C ASN H 137 -8.98 14.19 24.27
N THR H 138 -9.00 12.92 24.66
CA THR H 138 -9.33 11.83 23.76
C THR H 138 -10.77 11.92 23.33
N GLN H 139 -11.02 11.78 22.02
CA GLN H 139 -12.38 11.55 21.51
C GLN H 139 -12.77 10.10 21.88
N ILE H 140 -13.83 9.95 22.69
CA ILE H 140 -14.22 8.64 23.20
C ILE H 140 -15.56 8.20 22.67
N GLU H 141 -15.60 6.99 22.15
CA GLU H 141 -16.86 6.40 21.74
C GLU H 141 -17.10 5.09 22.46
N MET H 142 -18.33 4.89 22.91
CA MET H 142 -18.74 3.71 23.66
C MET H 142 -19.38 2.66 22.76
N CYS H 143 -19.24 1.39 23.12
CA CYS H 143 -19.95 0.29 22.47
C CYS H 143 -20.25 -0.82 23.47
N ASP H 144 -21.24 -1.65 23.17
CA ASP H 144 -21.68 -2.67 24.14
C ASP H 144 -20.60 -3.72 24.42
N ALA H 145 -20.00 -4.20 23.33
CA ALA H 145 -18.84 -5.08 23.40
C ALA H 145 -17.97 -4.89 22.15
N LEU H 146 -16.71 -5.30 22.26
CA LEU H 146 -15.84 -5.39 21.13
C LEU H 146 -15.86 -6.82 20.56
N THR H 147 -17.02 -7.22 20.03
CA THR H 147 -17.22 -8.57 19.53
C THR H 147 -16.28 -8.87 18.38
N ASP H 148 -16.09 -7.91 17.49
CA ASP H 148 -15.10 -8.03 16.42
C ASP H 148 -14.40 -6.66 16.31
N PRO H 149 -13.21 -6.54 16.92
CA PRO H 149 -12.47 -5.29 17.01
C PRO H 149 -12.06 -4.77 15.66
N ASP H 150 -11.32 -5.58 14.91
CA ASP H 150 -10.69 -5.07 13.71
C ASP H 150 -11.70 -4.39 12.79
N ALA H 151 -12.87 -5.02 12.66
CA ALA H 151 -13.96 -4.50 11.84
C ALA H 151 -14.59 -3.22 12.42
N GLN H 152 -14.86 -3.23 13.73
CA GLN H 152 -15.47 -2.10 14.43
C GLN H 152 -14.53 -0.93 14.44
N LEU H 153 -13.23 -1.20 14.42
CA LEU H 153 -12.26 -0.15 14.30
C LEU H 153 -12.26 0.42 12.89
N GLN H 154 -12.19 -0.45 11.88
CA GLN H 154 -12.25 -0.01 10.49
C GLN H 154 -13.55 0.70 10.11
N THR H 155 -14.69 0.23 10.65
CA THR H 155 -15.95 0.97 10.55
C THR H 155 -15.80 2.41 11.02
N LEU H 156 -15.16 2.58 12.18
CA LEU H 156 -14.93 3.88 12.79
C LEU H 156 -13.95 4.67 11.96
N ALA H 157 -12.85 4.04 11.59
CA ALA H 157 -11.85 4.69 10.78
C ALA H 157 -12.46 5.38 9.57
N THR H 158 -13.33 4.67 8.85
CA THR H 158 -13.85 5.19 7.60
C THR H 158 -14.82 6.31 7.84
N ARG H 159 -15.55 6.27 8.95
CA ARG H 159 -16.42 7.40 9.31
C ARG H 159 -15.59 8.66 9.56
N ILE H 160 -14.44 8.48 10.18
CA ILE H 160 -13.53 9.58 10.46
C ILE H 160 -12.90 10.03 9.14
N GLU H 161 -12.34 9.12 8.36
CA GLU H 161 -11.82 9.40 7.00
C GLU H 161 -12.73 10.29 6.16
N ALA H 162 -14.05 10.06 6.29
CA ALA H 162 -15.09 10.82 5.58
C ALA H 162 -15.45 12.14 6.25
N GLN H 163 -15.40 12.18 7.58
CA GLN H 163 -15.59 13.42 8.33
C GLN H 163 -14.50 14.46 8.05
N GLY H 164 -13.43 14.07 7.33
CA GLY H 164 -12.36 14.98 6.89
C GLY H 164 -10.93 14.75 7.37
N PHE H 165 -10.73 13.81 8.31
CA PHE H 165 -9.40 13.49 8.89
C PHE H 165 -8.70 12.31 8.21
N ARG H 166 -7.45 12.07 8.61
CA ARG H 166 -6.66 10.93 8.16
C ARG H 166 -6.32 10.08 9.37
N PRO H 167 -6.97 8.93 9.55
CA PRO H 167 -6.61 8.20 10.77
C PRO H 167 -5.66 7.04 10.46
N TYR H 168 -4.95 6.59 11.49
CA TYR H 168 -4.15 5.35 11.49
C TYR H 168 -4.76 4.45 12.54
N VAL H 169 -5.01 3.19 12.21
CA VAL H 169 -5.63 2.27 13.16
C VAL H 169 -4.60 1.42 13.93
N ILE H 170 -4.70 1.42 15.26
CA ILE H 170 -3.84 0.56 16.11
C ILE H 170 -4.70 -0.50 16.73
N PRO H 171 -4.40 -1.79 16.45
CA PRO H 171 -5.14 -2.97 16.92
C PRO H 171 -5.36 -2.95 18.42
N VAL H 172 -6.14 -3.90 18.93
CA VAL H 172 -6.35 -4.02 20.37
C VAL H 172 -5.03 -4.36 21.05
N GLY H 173 -4.69 -3.57 22.07
CA GLY H 173 -3.42 -3.75 22.80
C GLY H 173 -2.16 -3.45 22.03
N GLY H 174 -2.32 -2.98 20.81
CA GLY H 174 -1.18 -2.69 19.97
C GLY H 174 -0.46 -3.93 19.53
N SER H 175 -1.11 -5.07 19.67
CA SER H 175 -0.48 -6.33 19.30
C SER H 175 -0.70 -6.69 17.83
N SER H 176 0.11 -6.11 16.97
CA SER H 176 0.21 -6.55 15.60
C SER H 176 1.63 -6.99 15.38
N ALA H 177 1.87 -7.72 14.28
CA ALA H 177 3.23 -8.11 13.89
C ALA H 177 4.27 -7.00 14.21
N LEU H 178 4.04 -5.82 13.65
CA LEU H 178 4.89 -4.64 13.85
C LEU H 178 4.99 -4.21 15.30
N GLY H 179 3.85 -4.02 15.96
CA GLY H 179 3.80 -3.56 17.36
C GLY H 179 4.68 -4.40 18.28
N ALA H 180 4.61 -5.70 18.09
CA ALA H 180 5.37 -6.64 18.90
C ALA H 180 6.85 -6.57 18.65
N MET H 181 7.27 -5.80 17.67
CA MET H 181 8.70 -5.57 17.46
C MET H 181 9.35 -4.97 18.70
N GLY H 182 8.59 -4.16 19.43
CA GLY H 182 9.05 -3.54 20.66
C GLY H 182 9.62 -4.55 21.62
N TYR H 183 8.94 -5.67 21.76
CA TYR H 183 9.40 -6.64 22.74
C TYR H 183 10.38 -7.63 22.19
N VAL H 184 10.55 -7.64 20.88
CA VAL H 184 11.68 -8.35 20.30
C VAL H 184 12.92 -7.57 20.68
N GLU H 185 12.87 -6.25 20.49
CA GLU H 185 13.99 -5.40 20.82
C GLU H 185 14.19 -5.38 22.31
N SER H 186 13.11 -5.56 23.08
CA SER H 186 13.22 -5.68 24.53
C SER H 186 14.08 -6.86 24.94
N ALA H 187 13.96 -7.98 24.26
CA ALA H 187 14.81 -9.12 24.53
C ALA H 187 16.29 -8.77 24.40
N LEU H 188 16.62 -7.85 23.49
CA LEU H 188 18.01 -7.43 23.32
C LEU H 188 18.55 -6.86 24.63
N GLU H 189 17.86 -5.88 25.22
CA GLU H 189 18.17 -5.25 26.51
C GLU H 189 18.32 -6.28 27.59
N ILE H 190 17.28 -7.09 27.75
CA ILE H 190 17.23 -8.16 28.76
C ILE H 190 18.48 -9.04 28.76
N ALA H 191 18.78 -9.66 27.62
CA ALA H 191 19.95 -10.53 27.51
C ALA H 191 21.24 -9.76 27.80
N GLN H 192 21.31 -8.52 27.32
CA GLN H 192 22.48 -7.68 27.47
C GLN H 192 22.67 -7.32 28.93
N GLN H 193 21.56 -7.14 29.65
CA GLN H 193 21.62 -6.79 31.07
C GLN H 193 22.06 -7.98 31.90
N CYS H 194 21.56 -9.17 31.57
CA CYS H 194 21.94 -10.43 32.22
C CYS H 194 23.34 -11.00 31.86
N GLU H 195 24.02 -10.41 30.87
CA GLU H 195 25.33 -10.89 30.44
C GLU H 195 26.33 -10.82 31.59
N GLU H 196 26.97 -11.98 31.87
CA GLU H 196 27.88 -12.17 33.03
C GLU H 196 27.22 -11.92 34.42
N VAL H 197 26.14 -11.12 34.42
CA VAL H 197 25.43 -10.67 35.64
C VAL H 197 24.45 -11.70 36.27
N VAL H 198 23.64 -12.38 35.45
CA VAL H 198 22.72 -13.44 35.95
C VAL H 198 22.61 -14.63 35.01
N GLY H 199 22.69 -15.83 35.58
CA GLY H 199 22.43 -17.07 34.84
C GLY H 199 20.94 -17.42 34.79
N LEU H 200 20.20 -16.67 33.97
CA LEU H 200 18.72 -16.69 33.94
C LEU H 200 18.12 -18.00 33.45
N SER H 201 17.09 -18.48 34.14
CA SER H 201 16.50 -19.80 33.85
C SER H 201 15.07 -19.74 33.25
N SER H 202 14.25 -18.82 33.77
CA SER H 202 12.88 -18.64 33.33
C SER H 202 12.45 -17.18 33.29
N VAL H 203 11.54 -16.88 32.38
CA VAL H 203 10.93 -15.55 32.30
C VAL H 203 9.41 -15.67 32.34
N VAL H 204 8.77 -14.85 33.17
CA VAL H 204 7.31 -14.83 33.28
C VAL H 204 6.80 -13.49 32.80
N VAL H 205 5.71 -13.51 32.04
CA VAL H 205 5.05 -12.29 31.54
C VAL H 205 3.58 -12.53 31.25
N ALA H 206 2.78 -11.49 31.47
CA ALA H 206 1.36 -11.56 31.19
C ALA H 206 1.10 -11.72 29.70
N SER H 207 0.14 -12.56 29.38
CA SER H 207 -0.18 -12.83 27.99
C SER H 207 -1.62 -12.42 27.77
N GLY H 208 -1.82 -11.31 27.08
CA GLY H 208 -3.16 -10.80 26.78
C GLY H 208 -3.38 -10.74 25.30
N SER H 209 -3.52 -9.52 24.77
CA SER H 209 -3.54 -9.29 23.33
C SER H 209 -2.35 -9.92 22.60
N ALA H 210 -1.45 -10.55 23.34
CA ALA H 210 -0.42 -11.45 22.81
C ALA H 210 0.91 -10.84 22.33
N GLY H 211 0.89 -9.66 21.73
CA GLY H 211 2.11 -9.05 21.22
C GLY H 211 3.35 -9.09 22.09
N THR H 212 3.19 -8.69 23.34
CA THR H 212 4.32 -8.69 24.27
C THR H 212 4.91 -10.08 24.41
N HIS H 213 4.08 -11.05 24.77
CA HIS H 213 4.53 -12.45 24.88
C HIS H 213 5.23 -12.88 23.58
N ALA H 214 4.60 -12.59 22.47
CA ALA H 214 5.06 -13.03 21.17
C ALA H 214 6.44 -12.47 20.84
N GLY H 215 6.56 -11.16 20.93
CA GLY H 215 7.86 -10.50 20.74
C GLY H 215 8.98 -11.12 21.55
N LEU H 216 8.70 -11.40 22.83
CA LEU H 216 9.67 -12.04 23.71
C LEU H 216 10.05 -13.39 23.17
N ALA H 217 9.06 -14.20 22.83
CA ALA H 217 9.29 -15.55 22.34
C ALA H 217 10.20 -15.67 21.10
N VAL H 218 10.13 -14.67 20.21
CA VAL H 218 10.98 -14.63 19.03
C VAL H 218 12.36 -14.16 19.45
N GLY H 219 12.44 -13.00 20.07
CA GLY H 219 13.72 -12.47 20.59
C GLY H 219 14.51 -13.44 21.47
N LEU H 220 13.81 -14.06 22.42
CA LEU H 220 14.45 -14.93 23.40
C LEU H 220 14.77 -16.33 22.89
N GLU H 221 14.10 -16.75 21.82
CA GLU H 221 14.48 -18.00 21.18
C GLU H 221 15.83 -17.78 20.52
N HIS H 222 16.04 -16.58 19.98
CA HIS H 222 17.29 -16.30 19.30
C HIS H 222 18.40 -15.76 20.17
N LEU H 223 18.08 -15.00 21.22
CA LEU H 223 19.12 -14.46 22.10
C LEU H 223 19.47 -15.34 23.29
N MET H 224 18.48 -15.94 23.94
CA MET H 224 18.68 -16.80 25.11
C MET H 224 17.95 -18.14 24.98
N PRO H 225 18.47 -19.06 24.14
CA PRO H 225 17.68 -20.20 23.68
C PRO H 225 17.39 -21.21 24.77
N ASP H 226 18.11 -21.09 25.89
CA ASP H 226 17.98 -22.03 26.99
C ASP H 226 16.93 -21.61 28.01
N VAL H 227 16.61 -20.32 27.99
CA VAL H 227 15.62 -19.74 28.89
C VAL H 227 14.20 -20.25 28.60
N GLU H 228 13.51 -20.65 29.65
CA GLU H 228 12.11 -21.03 29.57
C GLU H 228 11.19 -19.79 29.67
N LEU H 229 10.32 -19.60 28.69
CA LEU H 229 9.44 -18.45 28.71
C LEU H 229 7.98 -18.80 29.01
N ILE H 230 7.49 -18.34 30.15
CA ILE H 230 6.13 -18.62 30.56
C ILE H 230 5.26 -17.38 30.47
N GLY H 231 4.10 -17.55 29.84
CA GLY H 231 3.07 -16.52 29.77
C GLY H 231 1.88 -16.91 30.60
N VAL H 232 1.42 -15.98 31.42
CA VAL H 232 0.25 -16.24 32.25
C VAL H 232 -0.91 -15.54 31.58
N THR H 233 -1.89 -16.31 31.16
CA THR H 233 -3.04 -15.77 30.47
C THR H 233 -3.83 -14.91 31.40
N VAL H 234 -4.32 -13.79 30.91
CA VAL H 234 -5.10 -12.86 31.72
C VAL H 234 -6.53 -12.68 31.23
N SER H 235 -6.85 -13.35 30.14
CA SER H 235 -8.21 -13.32 29.63
C SER H 235 -8.73 -14.68 29.14
N ARG H 236 -7.90 -15.42 28.40
CA ARG H 236 -8.35 -16.64 27.70
C ARG H 236 -7.74 -17.88 28.33
N SER H 237 -8.19 -19.05 27.89
CA SER H 237 -7.61 -20.34 28.31
C SER H 237 -6.48 -20.75 27.38
N VAL H 238 -5.67 -21.74 27.79
CA VAL H 238 -4.54 -22.20 26.97
C VAL H 238 -5.01 -22.49 25.56
N ALA H 239 -6.11 -23.24 25.50
CA ALA H 239 -6.82 -23.59 24.27
C ALA H 239 -7.02 -22.43 23.28
N GLU H 240 -7.73 -21.40 23.73
CA GLU H 240 -8.05 -20.23 22.91
C GLU H 240 -6.84 -19.30 22.68
N GLN H 241 -5.93 -19.20 23.66
CA GLN H 241 -4.76 -18.29 23.59
C GLN H 241 -3.61 -18.76 22.70
N LYS H 242 -3.07 -19.95 22.97
CA LYS H 242 -1.93 -20.48 22.21
C LYS H 242 -1.92 -20.16 20.70
N PRO H 243 -3.04 -20.41 19.97
CA PRO H 243 -3.03 -20.09 18.54
C PRO H 243 -2.70 -18.65 18.23
N LYS H 244 -3.23 -17.74 19.05
CA LYS H 244 -3.02 -16.31 18.82
C LYS H 244 -1.56 -15.95 18.99
N VAL H 245 -0.90 -16.52 20.00
CA VAL H 245 0.51 -16.24 20.24
C VAL H 245 1.33 -16.84 19.11
N ILE H 246 1.03 -18.07 18.74
CA ILE H 246 1.78 -18.76 17.71
C ILE H 246 1.70 -18.00 16.38
N ALA H 247 0.55 -17.40 16.12
CA ALA H 247 0.34 -16.63 14.91
C ALA H 247 1.30 -15.46 14.83
N LEU H 248 1.43 -14.71 15.93
CA LEU H 248 2.29 -13.53 15.97
C LEU H 248 3.73 -13.90 15.95
N GLN H 249 4.09 -14.92 16.72
CA GLN H 249 5.44 -15.43 16.69
C GLN H 249 5.91 -15.63 15.25
N GLN H 250 5.09 -16.30 14.43
CA GLN H 250 5.43 -16.65 13.07
C GLN H 250 5.45 -15.44 12.13
N ALA H 251 4.49 -14.54 12.33
CA ALA H 251 4.37 -13.33 11.55
C ALA H 251 5.55 -12.44 11.85
N ILE H 252 5.88 -12.29 13.13
CA ILE H 252 7.05 -11.52 13.57
C ILE H 252 8.30 -12.11 12.99
N ALA H 253 8.55 -13.37 13.28
CA ALA H 253 9.71 -14.06 12.74
C ALA H 253 9.78 -13.92 11.23
N GLY H 254 8.65 -14.12 10.55
CA GLY H 254 8.57 -13.90 9.11
C GLY H 254 9.21 -12.58 8.71
N GLN H 255 8.66 -11.48 9.21
CA GLN H 255 9.10 -10.16 8.82
C GLN H 255 10.48 -9.80 9.35
N LEU H 256 10.99 -10.56 10.30
CA LEU H 256 12.34 -10.34 10.82
C LEU H 256 13.33 -11.21 10.11
N ALA H 257 12.82 -11.99 9.16
CA ALA H 257 13.60 -12.84 8.29
C ALA H 257 14.24 -13.95 9.07
N LEU H 258 13.60 -14.35 10.15
CA LEU H 258 14.09 -15.44 10.97
C LEU H 258 13.08 -16.57 11.00
N THR H 259 13.51 -17.70 11.53
CA THR H 259 12.63 -18.85 11.67
C THR H 259 12.39 -18.99 13.17
N ALA H 260 11.18 -19.38 13.58
CA ALA H 260 10.87 -19.58 15.00
C ALA H 260 10.23 -20.93 15.26
N THR H 261 10.97 -21.79 15.97
CA THR H 261 10.52 -23.15 16.24
C THR H 261 10.25 -23.40 17.73
N ALA H 262 10.47 -22.39 18.56
CA ALA H 262 10.26 -22.50 19.99
C ALA H 262 8.80 -22.79 20.29
N ASP H 263 8.54 -23.71 21.22
CA ASP H 263 7.18 -23.98 21.73
C ASP H 263 6.73 -22.83 22.59
N ILE H 264 5.49 -22.37 22.42
CA ILE H 264 4.96 -21.30 23.27
C ILE H 264 4.30 -21.91 24.53
N HIS H 265 4.67 -21.43 25.72
CA HIS H 265 4.11 -21.95 26.99
C HIS H 265 3.11 -20.99 27.65
N LEU H 266 2.00 -21.55 28.13
CA LEU H 266 0.94 -20.78 28.74
C LEU H 266 0.28 -21.45 29.93
N TRP H 267 -0.04 -20.66 30.95
CA TRP H 267 -0.75 -21.13 32.14
C TRP H 267 -2.04 -20.32 32.32
N ASP H 268 -3.18 -21.01 32.29
CA ASP H 268 -4.49 -20.34 32.31
C ASP H 268 -5.12 -20.24 33.67
N ASP H 269 -4.52 -20.87 34.64
CA ASP H 269 -5.19 -21.09 35.91
C ASP H 269 -5.44 -19.81 36.68
N TYR H 270 -4.86 -18.69 36.25
CA TYR H 270 -4.75 -17.53 37.14
C TYR H 270 -5.60 -16.28 36.86
N PHE H 271 -6.36 -16.29 35.77
CA PHE H 271 -7.22 -15.15 35.46
C PHE H 271 -8.59 -15.25 36.09
N ALA H 272 -8.82 -16.34 36.83
CA ALA H 272 -10.03 -16.57 37.63
C ALA H 272 -11.30 -16.22 36.85
N PRO H 273 -12.17 -15.30 37.37
CA PRO H 273 -13.47 -15.13 36.70
C PRO H 273 -13.37 -14.71 35.25
N GLY H 274 -12.33 -13.94 34.93
CA GLY H 274 -12.05 -13.56 33.54
C GLY H 274 -11.32 -12.24 33.41
N TYR H 275 -11.11 -11.79 32.17
CA TYR H 275 -10.40 -10.54 31.95
C TYR H 275 -11.02 -9.44 32.79
N GLY H 276 -10.17 -8.68 33.46
CA GLY H 276 -10.63 -7.49 34.16
C GLY H 276 -11.35 -7.71 35.48
N VAL H 277 -11.56 -8.97 35.84
CA VAL H 277 -12.09 -9.30 37.16
C VAL H 277 -10.94 -9.73 38.05
N PRO H 278 -10.86 -9.14 39.27
CA PRO H 278 -9.77 -9.44 40.17
C PRO H 278 -10.00 -10.73 40.93
N ASN H 279 -8.99 -11.59 41.02
CA ASN H 279 -9.06 -12.76 41.90
C ASN H 279 -8.28 -12.51 43.18
N ASP H 280 -8.61 -13.24 44.25
CA ASP H 280 -7.86 -13.19 45.50
C ASP H 280 -6.40 -13.52 45.25
N ALA H 281 -6.14 -14.65 44.62
CA ALA H 281 -4.79 -15.10 44.31
C ALA H 281 -3.89 -13.98 43.74
N GLY H 282 -4.45 -13.20 42.82
CA GLY H 282 -3.75 -12.12 42.13
C GLY H 282 -3.60 -10.90 43.00
N MET H 283 -4.71 -10.54 43.64
CA MET H 283 -4.74 -9.49 44.64
C MET H 283 -3.75 -9.72 45.83
N GLU H 284 -3.62 -10.98 46.27
CA GLU H 284 -2.60 -11.38 47.27
C GLU H 284 -1.17 -11.05 46.77
N ALA H 285 -0.95 -11.18 45.46
CA ALA H 285 0.34 -10.87 44.86
C ALA H 285 0.60 -9.37 44.79
N VAL H 286 -0.45 -8.57 44.74
CA VAL H 286 -0.28 -7.13 44.70
C VAL H 286 0.14 -6.62 46.07
N LYS H 287 -0.58 -7.08 47.10
CA LYS H 287 -0.24 -6.77 48.51
C LYS H 287 1.17 -7.27 48.86
N LEU H 288 1.48 -8.51 48.48
CA LEU H 288 2.83 -9.04 48.68
C LEU H 288 3.95 -8.17 48.12
N LEU H 289 3.86 -7.77 46.85
CA LEU H 289 4.94 -7.01 46.21
C LEU H 289 5.04 -5.55 46.63
N ALA H 290 3.91 -4.94 46.97
CA ALA H 290 3.93 -3.58 47.49
C ALA H 290 4.57 -3.53 48.88
N SER H 291 4.14 -4.44 49.73
CA SER H 291 4.56 -4.45 51.12
C SER H 291 5.99 -4.96 51.27
N LEU H 292 6.38 -5.87 50.39
CA LEU H 292 7.63 -6.56 50.58
C LEU H 292 8.77 -6.00 49.77
N GLU H 293 8.46 -5.23 48.72
CA GLU H 293 9.49 -4.76 47.78
C GLU H 293 9.22 -3.37 47.31
N GLY H 294 8.07 -2.83 47.72
CA GLY H 294 7.70 -1.45 47.40
C GLY H 294 7.45 -1.24 45.92
N VAL H 295 7.02 -2.32 45.24
CA VAL H 295 6.62 -2.25 43.83
C VAL H 295 5.13 -2.45 43.67
N LEU H 296 4.56 -1.64 42.79
CA LEU H 296 3.14 -1.69 42.56
C LEU H 296 2.85 -2.51 41.31
N LEU H 297 2.14 -3.63 41.52
CA LEU H 297 1.55 -4.38 40.43
C LEU H 297 0.13 -3.86 40.18
N ASP H 298 -0.66 -4.58 39.39
CA ASP H 298 -2.02 -4.15 39.12
C ASP H 298 -3.02 -5.32 39.05
N PRO H 299 -4.31 -5.02 39.25
CA PRO H 299 -5.19 -6.15 39.52
C PRO H 299 -5.66 -6.87 38.24
N VAL H 300 -5.48 -6.23 37.09
CA VAL H 300 -5.91 -6.82 35.84
C VAL H 300 -4.82 -7.66 35.12
N TYR H 301 -3.55 -7.22 35.16
CA TYR H 301 -2.47 -7.92 34.42
C TYR H 301 -1.37 -8.48 35.29
N THR H 302 -0.52 -7.59 35.81
CA THR H 302 0.72 -7.95 36.54
C THR H 302 0.51 -8.73 37.82
N GLY H 303 -0.48 -8.32 38.61
CA GLY H 303 -0.86 -9.09 39.77
C GLY H 303 -1.12 -10.57 39.47
N LYS H 304 -2.02 -10.84 38.52
CA LYS H 304 -2.38 -12.21 38.13
C LYS H 304 -1.16 -12.99 37.60
N ALA H 305 -0.44 -12.38 36.66
CA ALA H 305 0.78 -12.92 36.18
C ALA H 305 1.68 -13.31 37.36
N MET H 306 1.94 -12.36 38.26
CA MET H 306 2.75 -12.60 39.47
C MET H 306 2.18 -13.71 40.33
N ALA H 307 0.85 -13.72 40.51
CA ALA H 307 0.18 -14.75 41.28
C ALA H 307 0.57 -16.11 40.70
N GLY H 308 0.60 -16.16 39.38
CA GLY H 308 1.04 -17.35 38.63
C GLY H 308 2.47 -17.73 38.94
N LEU H 309 3.38 -16.77 38.79
CA LEU H 309 4.80 -16.94 39.15
C LEU H 309 4.94 -17.62 40.52
N ILE H 310 4.24 -17.07 41.52
CA ILE H 310 4.25 -17.57 42.90
C ILE H 310 3.81 -19.04 42.98
N ASP H 311 2.61 -19.32 42.45
CA ASP H 311 2.04 -20.66 42.47
C ASP H 311 2.90 -21.58 41.64
N GLY H 312 3.62 -20.99 40.69
CA GLY H 312 4.52 -21.75 39.85
C GLY H 312 5.58 -22.43 40.68
N ILE H 313 6.23 -21.63 41.53
CA ILE H 313 7.32 -22.13 42.37
C ILE H 313 6.72 -23.14 43.31
N SER H 314 5.57 -22.77 43.88
CA SER H 314 4.81 -23.63 44.77
C SER H 314 4.62 -25.07 44.21
N GLN H 315 4.38 -25.20 42.90
CA GLN H 315 4.08 -26.50 42.28
C GLN H 315 5.22 -27.05 41.45
N LYS H 316 6.42 -26.54 41.65
CA LYS H 316 7.58 -26.92 40.83
C LYS H 316 7.28 -26.97 39.31
N ARG H 317 6.60 -25.93 38.81
CA ARG H 317 6.11 -25.90 37.42
C ARG H 317 7.17 -25.55 36.38
N PHE H 318 8.15 -24.74 36.80
CA PHE H 318 9.24 -24.33 35.90
C PHE H 318 10.21 -25.50 35.63
N ASN H 319 11.01 -25.38 34.56
CA ASN H 319 11.95 -26.45 34.18
C ASN H 319 12.96 -26.78 35.29
N ASP H 320 13.62 -25.76 35.83
CA ASP H 320 14.59 -25.96 36.93
C ASP H 320 14.40 -24.95 38.07
N ASP H 321 15.32 -25.03 39.03
CA ASP H 321 15.29 -24.20 40.25
C ASP H 321 15.66 -22.76 40.05
N GLY H 322 16.48 -22.53 39.00
CA GLY H 322 17.16 -21.24 38.74
C GLY H 322 16.37 -19.93 38.68
N PRO H 323 17.09 -18.83 38.53
CA PRO H 323 16.55 -17.49 38.48
C PRO H 323 15.28 -17.34 37.59
N ILE H 324 14.35 -16.51 38.03
CA ILE H 324 13.16 -16.21 37.26
C ILE H 324 13.11 -14.70 37.05
N LEU H 325 12.83 -14.28 35.81
CA LEU H 325 12.69 -12.86 35.50
C LEU H 325 11.24 -12.53 35.30
N PHE H 326 10.74 -11.62 36.10
CA PHE H 326 9.38 -11.21 35.93
C PHE H 326 9.34 -9.91 35.18
N ILE H 327 8.54 -9.86 34.11
CA ILE H 327 8.41 -8.68 33.25
C ILE H 327 7.31 -7.78 33.72
N HIS H 328 7.68 -6.72 34.42
CA HIS H 328 6.68 -5.82 34.94
C HIS H 328 6.15 -4.91 33.86
N THR H 329 4.97 -5.27 33.40
CA THR H 329 4.40 -4.65 32.22
C THR H 329 3.62 -3.39 32.54
N GLY H 330 3.56 -3.05 33.82
CA GLY H 330 2.93 -1.81 34.31
C GLY H 330 1.50 -1.97 34.79
N GLY H 331 0.65 -1.01 34.41
CA GLY H 331 -0.77 -1.11 34.70
C GLY H 331 -1.21 -0.54 36.02
N ALA H 332 -0.23 -0.10 36.81
CA ALA H 332 -0.50 0.44 38.15
C ALA H 332 -1.71 1.37 38.26
N PRO H 333 -1.91 2.31 37.32
CA PRO H 333 -2.98 3.28 37.48
C PRO H 333 -4.34 2.66 37.70
N ALA H 334 -4.50 1.43 37.19
CA ALA H 334 -5.76 0.69 37.30
C ALA H 334 -6.18 0.50 38.79
N LEU H 335 -5.21 0.61 39.70
CA LEU H 335 -5.45 0.45 41.13
C LEU H 335 -6.45 1.46 41.66
N PHE H 336 -6.29 2.70 41.24
CA PHE H 336 -7.18 3.77 41.65
C PHE H 336 -8.52 3.73 40.98
N ALA H 337 -8.63 2.96 39.91
CA ALA H 337 -9.89 2.77 39.20
C ALA H 337 -10.68 1.61 39.83
N TYR H 338 -9.97 0.55 40.20
CA TYR H 338 -10.59 -0.60 40.82
C TYR H 338 -10.86 -0.40 42.31
N HIS H 339 -10.51 0.76 42.85
CA HIS H 339 -10.31 0.91 44.28
C HIS H 339 -11.30 0.23 45.17
N PRO H 340 -12.34 0.94 45.53
CA PRO H 340 -13.32 0.34 46.42
C PRO H 340 -13.53 -1.12 46.07
N HIS H 341 -14.16 -1.38 44.93
CA HIS H 341 -14.57 -2.73 44.47
C HIS H 341 -15.13 -2.75 43.03
N VAL H 342 -15.45 -3.97 42.55
CA VAL H 342 -16.22 -4.25 41.31
C VAL H 342 -16.01 -3.21 40.22
P PO4 I . -19.55 -22.79 5.61
O1 PO4 I . -18.13 -22.43 6.07
O2 PO4 I . -19.68 -23.31 4.19
O3 PO4 I . -20.48 -21.64 5.88
O4 PO4 I . -20.03 -23.94 6.46
P PO4 J . -30.32 -44.19 -16.55
O1 PO4 J . -29.59 -43.96 -17.86
O2 PO4 J . -30.36 -42.90 -15.79
O3 PO4 J . -31.71 -44.68 -16.88
O4 PO4 J . -29.56 -45.22 -15.73
P PO4 K . -28.46 21.08 -40.79
O1 PO4 K . -28.23 22.55 -41.01
O2 PO4 K . -28.45 20.37 -42.13
O3 PO4 K . -29.83 20.91 -40.16
O4 PO4 K . -27.34 20.50 -39.93
P PO4 L . -1.72 13.86 -24.32
O1 PO4 L . -1.08 14.99 -25.09
O2 PO4 L . -0.92 12.58 -24.57
O3 PO4 L . -3.18 13.74 -24.77
O4 PO4 L . -1.61 14.18 -22.85
P PO4 M . 27.20 12.02 -8.90
O1 PO4 M . 28.60 12.46 -8.53
O2 PO4 M . 27.12 11.33 -10.26
O3 PO4 M . 26.18 13.15 -8.84
O4 PO4 M . 26.90 11.04 -7.83
P PO4 N . 55.35 6.77 5.88
O1 PO4 N . 56.38 7.87 6.03
O2 PO4 N . 55.70 5.88 4.72
O3 PO4 N . 53.98 7.38 5.66
O4 PO4 N . 55.34 5.95 7.15
P PO4 O . 4.31 16.18 51.11
O1 PO4 O . 5.33 17.27 50.88
O2 PO4 O . 4.43 15.10 50.05
O3 PO4 O . 2.89 16.73 51.06
O4 PO4 O . 4.65 15.57 52.45
P PO4 P . -5.41 -3.24 26.88
O1 PO4 P . -5.88 -2.78 25.51
O2 PO4 P . -4.53 -2.20 27.54
O3 PO4 P . -4.68 -4.55 26.75
O4 PO4 P . -6.66 -3.39 27.73
#